data_5W5F
#
_entry.id   5W5F
#
_cell.length_a   1
_cell.length_b   1
_cell.length_c   1
_cell.angle_alpha   90.00
_cell.angle_beta   90.00
_cell.angle_gamma   90.00
#
_symmetry.space_group_name_H-M   'P 1'
#
_entity_poly.entity_id   1
_entity_poly.type   'polypeptide(L)'
_entity_poly.pdbx_seq_one_letter_code
;MFVDDVTRAFESGDFARPNLFQVEISYLGQNFTFQCKATALPAGIVEKIPVGFMNRKINVAGDRTFDDWTVTVMNDEAHD
ARQKFVDWQSIAAGQGNEITGGKPAEYKKSAIVRQYARDAKTVTKEIEIKGLWPTNVGELQLDWDSNNEIQTFEVTLALD
YWE
;
_entity_poly.pdbx_strand_id   A,R,C,B,D,E,F,G,H,I,J,K,L,M,N,O,P,Q
#
# COMPACT_ATOMS: atom_id res chain seq x y z
N MET A 1 -0.67 -30.58 33.17
CA MET A 1 -1.25 -29.63 32.23
C MET A 1 -2.26 -28.75 32.95
N PHE A 2 -1.80 -27.56 33.32
CA PHE A 2 -2.59 -26.64 34.13
C PHE A 2 -2.38 -25.23 33.62
N VAL A 3 -3.23 -24.33 34.07
CA VAL A 3 -3.13 -22.94 33.63
C VAL A 3 -2.14 -22.18 34.50
N ASP A 4 -1.85 -22.72 35.68
CA ASP A 4 -0.80 -22.14 36.51
C ASP A 4 0.58 -22.65 36.14
N ASP A 5 0.67 -23.49 35.10
CA ASP A 5 1.94 -24.10 34.77
C ASP A 5 2.86 -23.11 34.06
N VAL A 6 2.28 -22.07 33.45
CA VAL A 6 3.09 -21.09 32.75
C VAL A 6 3.83 -20.19 33.74
N THR A 7 3.26 -20.01 34.94
CA THR A 7 3.95 -19.25 35.97
C THR A 7 5.13 -20.03 36.53
N ARG A 8 5.06 -21.36 36.46
CA ARG A 8 6.19 -22.17 36.87
C ARG A 8 7.34 -22.06 35.88
N ALA A 9 7.01 -21.78 34.61
CA ALA A 9 8.03 -21.73 33.57
C ALA A 9 8.93 -20.51 33.71
N PHE A 10 8.41 -19.45 34.31
CA PHE A 10 9.20 -18.23 34.45
C PHE A 10 9.74 -18.10 35.87
N GLU A 11 10.88 -17.42 36.00
CA GLU A 11 11.36 -17.07 37.32
C GLU A 11 10.48 -15.99 37.92
N SER A 12 10.23 -16.10 39.23
CA SER A 12 9.43 -15.16 40.04
C SER A 12 7.95 -15.13 39.64
N GLY A 13 7.53 -16.00 38.73
CA GLY A 13 6.13 -16.12 38.38
C GLY A 13 5.55 -14.92 37.67
N ASP A 14 6.39 -14.09 37.07
CA ASP A 14 5.94 -12.82 36.56
C ASP A 14 6.37 -12.68 35.11
N PHE A 15 5.78 -11.70 34.42
CA PHE A 15 6.05 -11.42 33.02
C PHE A 15 6.84 -10.14 32.92
N ALA A 16 7.74 -10.08 31.95
CA ALA A 16 8.41 -8.82 31.66
C ALA A 16 7.46 -7.90 30.90
N ARG A 17 7.57 -6.61 31.16
CA ARG A 17 6.66 -5.64 30.55
C ARG A 17 7.39 -4.82 29.49
N PRO A 18 6.66 -4.30 28.49
CA PRO A 18 7.32 -3.45 27.48
C PRO A 18 7.74 -2.10 28.01
N ASN A 19 7.12 -1.61 29.07
CA ASN A 19 7.68 -0.48 29.80
C ASN A 19 8.62 -1.02 30.87
N LEU A 20 8.97 -0.20 31.87
CA LEU A 20 9.85 -0.56 32.98
C LEU A 20 11.26 -0.87 32.49
N PHE A 21 11.74 -0.05 31.57
CA PHE A 21 13.13 -0.06 31.16
C PHE A 21 13.67 1.34 31.36
N GLN A 22 14.97 1.50 31.13
CA GLN A 22 15.62 2.80 31.24
C GLN A 22 16.96 2.71 30.54
N VAL A 23 17.20 3.62 29.60
CA VAL A 23 18.39 3.57 28.76
C VAL A 23 19.24 4.82 29.02
N GLU A 24 20.52 4.63 29.27
CA GLU A 24 21.42 5.74 29.53
C GLU A 24 22.58 5.72 28.55
N ILE A 25 23.05 6.90 28.19
CA ILE A 25 24.25 7.08 27.38
C ILE A 25 25.20 7.96 28.16
N SER A 26 26.42 7.47 28.37
CA SER A 26 27.39 8.20 29.19
C SER A 26 27.84 9.48 28.51
N TYR A 27 27.75 9.55 27.19
CA TYR A 27 28.11 10.76 26.48
C TYR A 27 27.05 11.83 26.67
N LEU A 28 25.79 11.44 26.76
CA LEU A 28 24.72 12.43 26.84
C LEU A 28 24.60 12.99 28.26
N GLY A 29 24.56 12.13 29.25
CA GLY A 29 24.49 12.57 30.63
C GLY A 29 23.35 11.89 31.40
N GLN A 30 23.32 12.19 32.70
CA GLN A 30 22.38 11.53 33.59
C GLN A 30 20.96 12.05 33.43
N ASN A 31 20.80 13.20 32.78
CA ASN A 31 19.47 13.74 32.60
C ASN A 31 18.81 13.21 31.33
N PHE A 32 19.61 12.67 30.40
CA PHE A 32 19.05 12.13 29.17
C PHE A 32 18.30 10.83 29.42
N THR A 33 18.67 10.12 30.48
CA THR A 33 18.10 8.78 30.67
C THR A 33 16.67 8.84 31.18
N PHE A 34 16.20 10.04 31.54
CA PHE A 34 14.79 10.23 31.83
C PHE A 34 14.04 10.69 30.60
N GLN A 35 14.77 11.04 29.55
CA GLN A 35 14.16 11.70 28.40
C GLN A 35 13.71 10.71 27.35
N CYS A 36 14.35 9.55 27.27
CA CYS A 36 14.06 8.62 26.20
C CYS A 36 12.75 7.89 26.44
N LYS A 37 11.76 8.17 25.59
CA LYS A 37 10.44 7.60 25.76
C LYS A 37 10.38 6.16 25.22
N ALA A 38 10.76 5.96 23.97
CA ALA A 38 10.55 4.69 23.32
C ALA A 38 11.73 4.34 22.42
N THR A 39 11.96 3.04 22.26
CA THR A 39 13.02 2.52 21.42
C THR A 39 12.72 1.08 21.07
N ALA A 40 13.73 0.40 20.52
CA ALA A 40 13.65 -1.03 20.25
C ALA A 40 14.99 -1.64 20.56
N LEU A 41 14.99 -2.92 20.93
CA LEU A 41 16.25 -3.61 21.07
C LEU A 41 16.75 -4.05 19.71
N PRO A 42 18.05 -3.99 19.45
CA PRO A 42 18.56 -4.34 18.13
C PRO A 42 18.51 -5.83 17.89
N ALA A 43 18.13 -6.22 16.68
CA ALA A 43 17.98 -7.61 16.34
C ALA A 43 19.33 -8.21 15.97
N GLY A 44 19.37 -9.54 15.91
CA GLY A 44 20.52 -10.25 15.42
C GLY A 44 20.22 -10.83 14.04
N ILE A 45 20.68 -10.13 13.01
CA ILE A 45 20.31 -10.44 11.64
C ILE A 45 21.43 -11.27 11.02
N VAL A 46 21.09 -12.48 10.58
CA VAL A 46 22.04 -13.33 9.87
C VAL A 46 21.39 -13.78 8.56
N GLU A 47 22.03 -13.45 7.45
CA GLU A 47 21.54 -13.84 6.15
C GLU A 47 21.73 -15.34 5.94
N LYS A 48 20.95 -15.91 5.02
CA LYS A 48 20.95 -17.33 4.76
C LYS A 48 21.60 -17.59 3.41
N ILE A 49 22.37 -18.69 3.31
CA ILE A 49 22.97 -19.12 2.06
C ILE A 49 22.25 -20.39 1.62
N PRO A 50 21.33 -20.33 0.68
CA PRO A 50 20.83 -21.56 0.06
C PRO A 50 21.79 -22.06 -1.00
N VAL A 51 22.13 -23.34 -0.94
CA VAL A 51 23.10 -23.94 -1.85
C VAL A 51 22.47 -25.16 -2.52
N GLY A 52 22.59 -25.22 -3.84
CA GLY A 52 21.98 -26.27 -4.62
C GLY A 52 22.84 -27.50 -4.69
N PHE A 53 22.28 -28.61 -4.22
CA PHE A 53 22.84 -29.94 -4.44
C PHE A 53 21.72 -30.85 -4.91
N MET A 54 21.67 -31.11 -6.22
CA MET A 54 20.84 -32.15 -6.83
C MET A 54 19.36 -31.91 -6.52
N ASN A 55 18.80 -30.85 -7.12
CA ASN A 55 17.37 -30.51 -7.10
C ASN A 55 16.91 -30.00 -5.75
N ARG A 56 17.78 -29.94 -4.75
CA ARG A 56 17.34 -29.55 -3.41
C ARG A 56 18.29 -28.52 -2.84
N LYS A 57 17.88 -27.93 -1.72
CA LYS A 57 18.65 -26.88 -1.06
C LYS A 57 18.84 -27.27 0.40
N ILE A 58 20.08 -27.24 0.86
CA ILE A 58 20.40 -27.24 2.28
C ILE A 58 20.83 -25.81 2.61
N ASN A 59 20.71 -25.43 3.87
CA ASN A 59 21.02 -24.07 4.24
C ASN A 59 22.18 -24.04 5.23
N VAL A 60 23.12 -23.11 5.00
CA VAL A 60 24.26 -22.93 5.88
C VAL A 60 24.23 -21.48 6.34
N ALA A 61 24.88 -21.22 7.47
CA ALA A 61 24.85 -19.88 8.05
C ALA A 61 25.66 -18.90 7.22
N GLY A 62 25.06 -17.76 6.93
CA GLY A 62 25.68 -16.75 6.12
C GLY A 62 26.56 -15.83 6.95
N ASP A 63 26.34 -14.54 6.79
CA ASP A 63 27.14 -13.53 7.46
C ASP A 63 26.27 -12.60 8.27
N ARG A 64 26.80 -12.14 9.40
CA ARG A 64 26.04 -11.30 10.31
C ARG A 64 26.03 -9.86 9.83
N THR A 65 24.85 -9.25 9.84
CA THR A 65 24.69 -7.83 9.66
C THR A 65 23.97 -7.29 10.89
N PHE A 66 23.98 -5.98 11.05
CA PHE A 66 23.36 -5.34 12.21
C PHE A 66 22.30 -4.34 11.75
N ASP A 67 21.10 -4.51 12.29
CA ASP A 67 20.01 -3.58 12.00
C ASP A 67 20.24 -2.28 12.74
N ASP A 68 19.64 -1.20 12.23
CA ASP A 68 19.84 0.11 12.81
C ASP A 68 19.03 0.24 14.09
N TRP A 69 19.48 1.11 14.98
CA TRP A 69 18.87 1.22 16.31
C TRP A 69 18.04 2.48 16.40
N THR A 70 16.73 2.32 16.53
CA THR A 70 15.80 3.44 16.46
C THR A 70 15.36 3.84 17.86
N VAL A 71 15.57 5.11 18.19
CA VAL A 71 15.27 5.66 19.50
C VAL A 71 14.46 6.94 19.29
N THR A 72 13.32 7.04 19.97
CA THR A 72 12.56 8.28 19.97
C THR A 72 12.44 8.82 21.39
N VAL A 73 12.76 10.11 21.54
CA VAL A 73 12.88 10.75 22.83
C VAL A 73 11.91 11.92 22.90
N MET A 74 11.72 12.43 24.11
CA MET A 74 10.94 13.64 24.30
C MET A 74 11.81 14.86 24.10
N ASN A 75 11.22 16.04 24.30
CA ASN A 75 11.91 17.29 24.05
C ASN A 75 11.44 18.33 25.05
N ASP A 76 12.38 19.03 25.66
CA ASP A 76 12.02 20.16 26.50
C ASP A 76 12.07 21.46 25.70
N GLU A 77 11.83 22.56 26.41
CA GLU A 77 11.65 23.86 25.77
C GLU A 77 12.95 24.37 25.19
N ALA A 78 14.07 24.16 25.89
CA ALA A 78 15.34 24.76 25.49
C ALA A 78 16.01 23.98 24.37
N HIS A 79 15.43 22.85 23.95
CA HIS A 79 15.91 21.99 22.86
C HIS A 79 17.31 21.44 23.08
N ASP A 80 17.78 21.32 24.32
CA ASP A 80 19.10 20.74 24.52
C ASP A 80 19.06 19.23 24.31
N ALA A 81 17.89 18.62 24.47
CA ALA A 81 17.77 17.19 24.24
C ALA A 81 17.94 16.86 22.76
N ARG A 82 17.64 17.81 21.88
CA ARG A 82 17.86 17.58 20.46
C ARG A 82 19.20 18.15 20.01
N GLN A 83 19.63 19.26 20.60
CA GLN A 83 20.90 19.87 20.23
C GLN A 83 22.08 18.97 20.58
N LYS A 84 21.94 18.19 21.65
CA LYS A 84 23.03 17.31 22.05
C LYS A 84 23.11 16.08 21.18
N PHE A 85 22.06 15.80 20.39
CA PHE A 85 22.24 14.85 19.30
C PHE A 85 22.91 15.50 18.11
N VAL A 86 22.57 16.75 17.81
CA VAL A 86 23.13 17.42 16.64
C VAL A 86 24.60 17.74 16.85
N ASP A 87 24.96 18.14 18.07
CA ASP A 87 26.37 18.38 18.38
C ASP A 87 27.15 17.08 18.34
N TRP A 88 26.54 15.98 18.77
CA TRP A 88 27.22 14.69 18.72
C TRP A 88 27.30 14.17 17.30
N GLN A 89 26.38 14.59 16.44
CA GLN A 89 26.42 14.16 15.05
C GLN A 89 27.29 15.09 14.22
N SER A 90 27.47 16.33 14.67
CA SER A 90 28.32 17.27 13.95
C SER A 90 29.79 16.98 14.17
N ILE A 91 30.12 16.17 15.19
CA ILE A 91 31.48 15.71 15.34
C ILE A 91 31.83 14.74 14.21
N ALA A 92 30.87 13.91 13.83
CA ALA A 92 31.10 12.94 12.76
C ALA A 92 31.21 13.63 11.41
N ALA A 93 30.13 14.29 10.97
CA ALA A 93 30.05 14.79 9.62
C ALA A 93 30.18 16.30 9.48
N GLY A 94 29.77 17.07 10.48
CA GLY A 94 29.90 18.51 10.40
C GLY A 94 28.75 19.16 9.65
N GLN A 95 28.40 20.36 10.10
CA GLN A 95 27.21 21.04 9.59
C GLN A 95 27.49 22.53 9.57
N GLY A 96 26.97 23.21 8.56
CA GLY A 96 27.16 24.64 8.42
C GLY A 96 27.89 24.99 7.15
N ASN A 97 28.27 26.26 7.06
CA ASN A 97 29.03 26.71 5.90
C ASN A 97 30.44 26.14 5.95
N GLU A 98 31.04 26.09 7.13
CA GLU A 98 32.34 25.45 7.26
C GLU A 98 32.17 23.94 7.22
N ILE A 99 33.22 23.26 6.77
CA ILE A 99 33.23 21.81 6.64
C ILE A 99 34.26 21.24 7.59
N THR A 100 33.88 20.19 8.32
CA THR A 100 34.76 19.53 9.26
C THR A 100 34.42 18.05 9.33
N GLY A 101 35.27 17.31 9.99
CA GLY A 101 35.04 15.89 10.20
C GLY A 101 35.50 15.47 11.58
N GLY A 102 35.49 14.18 11.80
CA GLY A 102 35.95 13.62 13.06
C GLY A 102 36.50 12.22 12.87
N LYS A 103 37.51 11.89 13.66
CA LYS A 103 38.05 10.56 13.63
C LYS A 103 37.10 9.59 14.32
N PRO A 104 37.06 8.33 13.89
CA PRO A 104 36.04 7.39 14.44
C PRO A 104 36.22 7.08 15.92
N ALA A 105 37.38 7.33 16.49
CA ALA A 105 37.50 7.18 17.94
C ALA A 105 36.91 8.37 18.67
N GLU A 106 36.55 9.44 17.93
CA GLU A 106 36.14 10.67 18.58
C GLU A 106 34.62 10.77 18.69
N TYR A 107 33.88 10.28 17.69
CA TYR A 107 32.43 10.43 17.72
C TYR A 107 31.68 9.15 18.04
N LYS A 108 32.30 7.99 17.87
CA LYS A 108 31.63 6.73 18.14
C LYS A 108 31.66 6.44 19.63
N LYS A 109 30.49 6.30 20.23
CA LYS A 109 30.37 6.11 21.67
C LYS A 109 29.62 4.83 21.96
N SER A 110 29.38 4.59 23.24
CA SER A 110 28.71 3.37 23.71
C SER A 110 27.47 3.74 24.49
N ALA A 111 26.59 2.76 24.70
CA ALA A 111 25.34 2.98 25.41
C ALA A 111 24.93 1.72 26.15
N ILE A 112 24.22 1.91 27.25
CA ILE A 112 23.72 0.82 28.09
C ILE A 112 22.23 1.00 28.22
N VAL A 113 21.47 0.01 27.75
CA VAL A 113 20.04 -0.08 27.96
C VAL A 113 19.79 -1.20 28.95
N ARG A 114 18.92 -0.96 29.92
CA ARG A 114 18.63 -1.95 30.94
C ARG A 114 17.13 -1.97 31.24
N GLN A 115 16.61 -3.18 31.46
CA GLN A 115 15.20 -3.39 31.76
C GLN A 115 15.06 -3.65 33.24
N TYR A 116 14.01 -3.11 33.84
CA TYR A 116 13.80 -3.32 35.26
C TYR A 116 12.79 -4.44 35.49
N ALA A 117 12.81 -4.99 36.70
CA ALA A 117 11.80 -5.96 37.09
C ALA A 117 10.57 -5.20 37.59
N ARG A 118 9.59 -5.94 38.11
CA ARG A 118 8.35 -5.33 38.57
C ARG A 118 8.59 -4.46 39.79
N ASP A 119 9.47 -4.91 40.68
CA ASP A 119 10.11 -3.98 41.59
C ASP A 119 10.98 -3.05 40.77
N ALA A 120 10.66 -1.76 40.81
CA ALA A 120 11.27 -0.81 39.87
C ALA A 120 12.73 -0.54 40.21
N LYS A 121 13.12 -0.77 41.46
CA LYS A 121 14.51 -0.54 41.86
C LYS A 121 15.43 -1.69 41.49
N THR A 122 14.90 -2.77 40.93
CA THR A 122 15.73 -3.91 40.59
C THR A 122 16.16 -3.84 39.13
N VAL A 123 17.43 -4.10 38.88
CA VAL A 123 17.96 -4.13 37.52
C VAL A 123 18.15 -5.59 37.13
N THR A 124 17.27 -6.10 36.26
CA THR A 124 17.27 -7.54 36.04
C THR A 124 18.12 -7.93 34.82
N LYS A 125 18.35 -7.00 33.90
CA LYS A 125 19.08 -7.31 32.68
C LYS A 125 19.68 -6.04 32.10
N GLU A 126 20.97 -6.07 31.80
CA GLU A 126 21.68 -4.97 31.18
C GLU A 126 22.16 -5.39 29.81
N ILE A 127 21.87 -4.59 28.80
CA ILE A 127 22.29 -4.86 27.43
C ILE A 127 23.16 -3.70 26.96
N GLU A 128 24.35 -4.02 26.49
CA GLU A 128 25.32 -3.01 26.08
C GLU A 128 25.43 -2.97 24.57
N ILE A 129 25.45 -1.76 24.02
CA ILE A 129 25.68 -1.55 22.60
C ILE A 129 26.98 -0.74 22.49
N LYS A 130 27.80 -1.12 21.53
CA LYS A 130 29.11 -0.51 21.34
C LYS A 130 29.19 0.17 19.98
N GLY A 131 29.96 1.24 19.93
CA GLY A 131 30.25 1.93 18.69
C GLY A 131 29.05 2.64 18.09
N LEU A 132 28.56 3.68 18.76
CA LEU A 132 27.32 4.32 18.36
C LEU A 132 27.58 5.71 17.82
N TRP A 133 26.92 6.05 16.72
CA TRP A 133 26.86 7.41 16.23
C TRP A 133 25.54 7.56 15.50
N PRO A 134 24.83 8.68 15.66
CA PRO A 134 23.49 8.80 15.11
C PRO A 134 23.50 8.93 13.60
N THR A 135 22.73 8.07 12.93
CA THR A 135 22.65 8.11 11.48
C THR A 135 21.87 9.34 11.03
N ASN A 136 20.61 9.46 11.46
CA ASN A 136 19.86 10.68 11.22
C ASN A 136 19.20 11.16 12.50
N VAL A 137 19.10 12.48 12.62
CA VAL A 137 18.53 13.12 13.79
C VAL A 137 17.48 14.11 13.30
N GLY A 138 16.27 13.98 13.80
CA GLY A 138 15.29 15.02 13.61
C GLY A 138 14.01 14.47 13.03
N GLU A 139 13.60 15.09 11.93
CA GLU A 139 12.22 15.08 11.45
C GLU A 139 11.28 15.40 12.61
N LEU A 140 11.40 16.63 13.11
CA LEU A 140 10.56 17.03 14.22
C LEU A 140 9.26 17.58 13.67
N GLN A 141 8.14 17.18 14.27
CA GLN A 141 6.83 17.57 13.79
C GLN A 141 6.28 18.63 14.74
N LEU A 142 5.94 19.80 14.18
CA LEU A 142 5.36 20.88 14.97
C LEU A 142 4.33 21.61 14.14
N ASP A 143 3.16 21.84 14.73
CA ASP A 143 2.01 22.37 14.01
C ASP A 143 1.07 23.06 14.98
N TRP A 144 0.26 23.98 14.46
CA TRP A 144 -0.75 24.63 15.28
C TRP A 144 -1.97 23.75 15.45
N ASP A 145 -2.08 22.70 14.65
CA ASP A 145 -3.30 21.91 14.69
C ASP A 145 -3.25 20.82 15.76
N SER A 146 -2.12 20.15 15.95
CA SER A 146 -2.02 19.17 17.02
C SER A 146 -1.96 19.89 18.35
N ASN A 147 -2.91 19.56 19.22
CA ASN A 147 -3.13 20.35 20.42
C ASN A 147 -2.62 19.67 21.68
N ASN A 148 -3.08 18.46 21.97
CA ASN A 148 -2.77 17.86 23.25
C ASN A 148 -1.56 16.96 23.21
N GLU A 149 -0.82 16.95 22.11
CA GLU A 149 0.29 16.03 21.98
C GLU A 149 1.52 16.59 22.68
N ILE A 150 2.53 15.73 22.83
CA ILE A 150 3.82 16.18 23.32
C ILE A 150 4.79 16.29 22.14
N GLN A 151 5.77 17.16 22.26
CA GLN A 151 6.75 17.36 21.20
C GLN A 151 7.84 16.31 21.31
N THR A 152 7.91 15.42 20.32
CA THR A 152 8.87 14.33 20.33
C THR A 152 9.43 14.12 18.93
N PHE A 153 10.51 13.35 18.86
CA PHE A 153 11.20 13.10 17.61
C PHE A 153 11.99 11.81 17.73
N GLU A 154 12.31 11.22 16.59
CA GLU A 154 12.97 9.92 16.53
C GLU A 154 14.32 10.06 15.86
N VAL A 155 15.32 9.40 16.44
CA VAL A 155 16.68 9.35 15.89
C VAL A 155 17.06 7.90 15.67
N THR A 156 17.95 7.66 14.73
CA THR A 156 18.48 6.32 14.47
C THR A 156 19.98 6.36 14.68
N LEU A 157 20.53 5.31 15.27
CA LEU A 157 21.92 5.32 15.71
C LEU A 157 22.62 4.08 15.17
N ALA A 158 23.61 4.28 14.31
CA ALA A 158 24.35 3.17 13.75
C ALA A 158 25.20 2.50 14.81
N LEU A 159 25.38 1.19 14.71
CA LEU A 159 26.09 0.46 15.74
C LEU A 159 27.00 -0.59 15.09
N ASP A 160 28.11 -0.89 15.76
CA ASP A 160 28.98 -1.94 15.25
C ASP A 160 28.55 -3.31 15.77
N TYR A 161 28.33 -3.44 17.08
CA TYR A 161 27.90 -4.70 17.66
C TYR A 161 27.23 -4.46 19.00
N TRP A 162 26.36 -5.37 19.43
CA TRP A 162 25.77 -5.31 20.75
C TRP A 162 25.95 -6.65 21.43
N GLU A 163 26.37 -6.62 22.69
CA GLU A 163 26.62 -7.84 23.43
C GLU A 163 25.32 -8.44 23.92
N MET B 1 21.43 -41.75 -1.78
CA MET B 1 21.10 -40.51 -2.47
C MET B 1 20.26 -39.63 -1.58
N PHE B 2 20.91 -38.67 -0.93
CA PHE B 2 20.28 -37.83 0.06
C PHE B 2 20.80 -36.41 -0.09
N VAL B 3 20.11 -35.47 0.56
CA VAL B 3 20.53 -34.08 0.46
C VAL B 3 21.58 -33.78 1.51
N ASP B 4 21.68 -34.62 2.54
CA ASP B 4 22.76 -34.49 3.50
C ASP B 4 24.03 -35.17 3.04
N ASP B 5 24.03 -35.74 1.83
CA ASP B 5 25.18 -36.52 1.38
C ASP B 5 26.31 -35.60 0.95
N VAL B 6 26.00 -34.36 0.60
CA VAL B 6 27.04 -33.43 0.17
C VAL B 6 27.87 -32.97 1.37
N THR B 7 27.26 -32.96 2.56
CA THR B 7 28.03 -32.61 3.75
C THR B 7 28.99 -33.74 4.13
N ARG B 8 28.66 -34.96 3.74
CA ARG B 8 29.57 -36.08 3.96
C ARG B 8 30.78 -35.97 3.04
N ALA B 9 30.60 -35.35 1.87
CA ALA B 9 31.67 -35.28 0.89
C ALA B 9 32.80 -34.35 1.34
N PHE B 10 32.46 -33.36 2.16
CA PHE B 10 33.47 -32.40 2.62
C PHE B 10 33.92 -32.73 4.03
N GLU B 11 35.15 -32.34 4.35
CA GLU B 11 35.61 -32.43 5.72
C GLU B 11 34.93 -31.35 6.54
N SER B 12 34.58 -31.70 7.79
CA SER B 12 33.92 -30.83 8.78
C SER B 12 32.51 -30.39 8.37
N GLY B 13 31.99 -30.94 7.28
CA GLY B 13 30.61 -30.66 6.88
C GLY B 13 30.33 -29.24 6.47
N ASP B 14 31.37 -28.50 6.09
CA ASP B 14 31.22 -27.06 5.90
C ASP B 14 31.77 -26.68 4.54
N PHE B 15 31.43 -25.47 4.11
CA PHE B 15 31.84 -24.95 2.81
C PHE B 15 32.88 -23.87 3.04
N ALA B 16 33.84 -23.77 2.12
CA ALA B 16 34.77 -22.65 2.16
C ALA B 16 34.09 -21.40 1.62
N ARG B 17 34.42 -20.26 2.20
CA ARG B 17 33.78 -19.01 1.82
C ARG B 17 34.72 -18.14 0.99
N PRO B 18 34.17 -17.25 0.14
CA PRO B 18 35.06 -16.36 -0.62
C PRO B 18 35.72 -15.29 0.23
N ASN B 19 35.13 -14.94 1.37
CA ASN B 19 35.86 -14.15 2.35
C ASN B 19 36.60 -15.11 3.28
N LEU B 20 37.03 -14.63 4.45
CA LEU B 20 37.75 -15.42 5.46
C LEU B 20 39.09 -15.90 4.94
N PHE B 21 39.79 -15.02 4.24
CA PHE B 21 41.18 -15.22 3.87
C PHE B 21 41.97 -14.05 4.42
N GLN B 22 43.29 -14.12 4.25
CA GLN B 22 44.17 -13.04 4.68
C GLN B 22 45.51 -13.25 4.01
N VAL B 23 45.99 -12.23 3.32
CA VAL B 23 47.21 -12.33 2.51
C VAL B 23 48.26 -11.38 3.07
N GLU B 24 49.46 -11.88 3.29
CA GLU B 24 50.55 -11.09 3.83
C GLU B 24 51.75 -11.13 2.89
N ILE B 25 52.47 -10.01 2.84
CA ILE B 25 53.72 -9.91 2.12
C ILE B 25 54.78 -9.46 3.11
N SER B 26 55.88 -10.23 3.21
CA SER B 26 56.90 -9.93 4.20
C SER B 26 57.64 -8.65 3.86
N TYR B 27 57.66 -8.27 2.58
CA TYR B 27 58.30 -7.02 2.20
C TYR B 27 57.48 -5.82 2.62
N LEU B 28 56.15 -5.95 2.58
CA LEU B 28 55.30 -4.80 2.89
C LEU B 28 55.21 -4.57 4.40
N GLY B 29 54.92 -5.62 5.16
CA GLY B 29 54.85 -5.51 6.60
C GLY B 29 53.55 -6.09 7.16
N GLN B 30 53.49 -6.09 8.49
CA GLN B 30 52.38 -6.74 9.18
C GLN B 30 51.11 -5.90 9.13
N ASN B 31 51.22 -4.63 8.77
CA ASN B 31 50.04 -3.78 8.70
C ASN B 31 49.38 -3.87 7.33
N PHE B 32 50.12 -4.33 6.32
CA PHE B 32 49.54 -4.43 4.99
C PHE B 32 48.54 -5.56 4.90
N THR B 33 48.68 -6.57 5.76
CA THR B 33 47.84 -7.76 5.62
C THR B 33 46.42 -7.51 6.10
N PHE B 34 46.17 -6.36 6.72
CA PHE B 34 44.81 -5.96 7.04
C PHE B 34 44.25 -5.08 5.93
N GLN B 35 45.12 -4.65 5.01
CA GLN B 35 44.73 -3.63 4.05
C GLN B 35 44.16 -4.22 2.77
N CYS B 36 44.56 -5.45 2.44
CA CYS B 36 44.16 -6.02 1.16
C CYS B 36 42.72 -6.50 1.20
N LYS B 37 41.87 -5.82 0.43
CA LYS B 37 40.45 -6.12 0.41
C LYS B 37 40.14 -7.35 -0.44
N ALA B 38 40.56 -7.33 -1.70
CA ALA B 38 40.14 -8.35 -2.64
C ALA B 38 41.28 -8.72 -3.57
N THR B 39 41.26 -9.96 -4.04
CA THR B 39 42.25 -10.48 -4.97
C THR B 39 41.68 -11.72 -5.65
N ALA B 40 42.56 -12.44 -6.33
CA ALA B 40 42.22 -13.71 -6.95
C ALA B 40 43.39 -14.66 -6.77
N LEU B 41 43.11 -15.95 -6.71
CA LEU B 41 44.19 -16.92 -6.72
C LEU B 41 44.69 -17.12 -8.15
N PRO B 42 45.99 -17.27 -8.35
CA PRO B 42 46.51 -17.40 -9.71
C PRO B 42 46.17 -18.76 -10.31
N ALA B 43 45.80 -18.75 -11.57
CA ALA B 43 45.40 -19.97 -12.24
C ALA B 43 46.62 -20.74 -12.72
N GLY B 44 46.40 -22.00 -13.11
CA GLY B 44 47.41 -22.80 -13.73
C GLY B 44 47.10 -22.97 -15.20
N ILE B 45 47.75 -22.18 -16.03
CA ILE B 45 47.43 -22.06 -17.45
C ILE B 45 48.40 -22.94 -18.23
N VAL B 46 47.85 -23.91 -18.96
CA VAL B 46 48.64 -24.76 -19.83
C VAL B 46 48.02 -24.74 -21.21
N GLU B 47 48.79 -24.32 -22.20
CA GLU B 47 48.31 -24.28 -23.57
C GLU B 47 48.21 -25.69 -24.13
N LYS B 48 47.41 -25.85 -25.17
CA LYS B 48 47.13 -27.15 -25.77
C LYS B 48 47.82 -27.23 -27.14
N ILE B 49 48.35 -28.40 -27.47
CA ILE B 49 48.93 -28.64 -28.80
C ILE B 49 48.00 -29.60 -29.53
N PRO B 50 47.18 -29.13 -30.45
CA PRO B 50 46.49 -30.04 -31.36
C PRO B 50 47.40 -30.48 -32.48
N VAL B 51 47.47 -31.78 -32.72
CA VAL B 51 48.36 -32.34 -33.73
C VAL B 51 47.54 -33.21 -34.69
N GLY B 52 47.74 -32.99 -35.99
CA GLY B 52 46.98 -33.67 -37.01
C GLY B 52 47.58 -35.01 -37.36
N PHE B 53 46.78 -36.05 -37.18
CA PHE B 53 47.07 -37.38 -37.70
C PHE B 53 45.83 -37.91 -38.40
N MET B 54 45.83 -37.84 -39.73
CA MET B 54 44.84 -38.50 -40.59
C MET B 54 43.41 -38.04 -40.26
N ASN B 55 43.13 -36.77 -40.60
CA ASN B 55 41.78 -36.16 -40.53
C ASN B 55 41.36 -35.89 -39.09
N ARG B 56 42.15 -36.23 -38.08
CA ARG B 56 41.71 -36.09 -36.71
C ARG B 56 42.80 -35.45 -35.89
N LYS B 57 42.44 -35.06 -34.67
CA LYS B 57 43.36 -34.39 -33.77
C LYS B 57 43.38 -35.12 -32.43
N ILE B 58 44.56 -35.47 -31.96
CA ILE B 58 44.77 -35.86 -30.58
C ILE B 58 45.45 -34.68 -29.90
N ASN B 59 45.33 -34.58 -28.59
CA ASN B 59 45.89 -33.43 -27.89
C ASN B 59 46.96 -33.88 -26.91
N VAL B 60 48.08 -33.15 -26.90
CA VAL B 60 49.16 -33.43 -25.98
C VAL B 60 49.40 -32.15 -25.17
N ALA B 61 50.01 -32.29 -24.01
CA ALA B 61 50.20 -31.16 -23.13
C ALA B 61 51.26 -30.21 -23.68
N GLY B 62 50.92 -28.93 -23.70
CA GLY B 62 51.79 -27.90 -24.23
C GLY B 62 52.76 -27.41 -23.19
N ASP B 63 52.81 -26.09 -23.03
CA ASP B 63 53.77 -25.47 -22.13
C ASP B 63 53.04 -24.59 -21.12
N ARG B 64 53.59 -24.53 -19.91
CA ARG B 64 52.95 -23.79 -18.84
C ARG B 64 53.25 -22.30 -18.97
N THR B 65 52.22 -21.48 -18.82
CA THR B 65 52.36 -20.05 -18.66
C THR B 65 51.69 -19.67 -17.35
N PHE B 66 51.95 -18.46 -16.88
CA PHE B 66 51.39 -17.99 -15.62
C PHE B 66 50.59 -16.73 -15.84
N ASP B 67 49.34 -16.75 -15.37
CA ASP B 67 48.49 -15.57 -15.45
C ASP B 67 48.93 -14.55 -14.41
N ASP B 68 48.59 -13.29 -14.66
CA ASP B 68 49.01 -12.22 -13.78
C ASP B 68 48.16 -12.23 -12.52
N TRP B 69 48.71 -11.70 -11.42
CA TRP B 69 48.05 -11.77 -10.13
C TRP B 69 47.49 -10.42 -9.75
N THR B 70 46.16 -10.32 -9.68
CA THR B 70 45.49 -9.05 -9.51
C THR B 70 45.03 -8.90 -8.06
N VAL B 71 45.47 -7.81 -7.43
CA VAL B 71 45.21 -7.53 -6.03
C VAL B 71 44.68 -6.10 -5.93
N THR B 72 43.55 -5.92 -5.27
CA THR B 72 43.05 -4.58 -4.99
C THR B 72 42.94 -4.37 -3.49
N VAL B 73 43.50 -3.25 -3.03
CA VAL B 73 43.66 -2.98 -1.61
C VAL B 73 42.94 -1.67 -1.28
N MET B 74 42.79 -1.42 0.01
CA MET B 74 42.25 -0.16 0.48
C MET B 74 43.36 0.87 0.60
N ASN B 75 43.01 2.07 1.05
CA ASN B 75 43.95 3.17 1.14
C ASN B 75 43.64 4.02 2.34
N ASP B 76 44.65 4.35 3.12
CA ASP B 76 44.47 5.30 4.19
C ASP B 76 44.83 6.70 3.74
N GLU B 77 44.77 7.64 4.69
CA GLU B 77 44.90 9.05 4.37
C GLU B 77 46.32 9.41 3.95
N ALA B 78 47.31 8.80 4.60
CA ALA B 78 48.70 9.20 4.38
C ALA B 78 49.28 8.58 3.12
N HIS B 79 48.51 7.73 2.43
CA HIS B 79 48.88 7.06 1.18
C HIS B 79 50.12 6.18 1.28
N ASP B 80 50.47 5.69 2.47
CA ASP B 80 51.64 4.81 2.55
C ASP B 80 51.32 3.44 1.98
N ALA B 81 50.03 3.06 1.97
CA ALA B 81 49.64 1.79 1.40
C ALA B 81 49.84 1.78 -0.11
N ARG B 82 49.80 2.95 -0.74
CA ARG B 82 50.06 3.02 -2.18
C ARG B 82 51.51 3.37 -2.46
N GLN B 83 52.12 4.21 -1.61
CA GLN B 83 53.52 4.60 -1.79
C GLN B 83 54.45 3.41 -1.65
N LYS B 84 54.10 2.46 -0.80
CA LYS B 84 54.96 1.30 -0.61
C LYS B 84 54.84 0.31 -1.75
N PHE B 85 53.82 0.46 -2.60
CA PHE B 85 53.86 -0.23 -3.89
C PHE B 85 54.75 0.51 -4.87
N VAL B 86 54.68 1.85 -4.87
CA VAL B 86 55.43 2.64 -5.83
C VAL B 86 56.92 2.58 -5.52
N ASP B 87 57.27 2.60 -4.24
CA ASP B 87 58.68 2.46 -3.86
C ASP B 87 59.19 1.06 -4.19
N TRP B 88 58.34 0.06 -4.05
CA TRP B 88 58.75 -1.30 -4.40
C TRP B 88 58.82 -1.49 -5.90
N GLN B 89 58.06 -0.69 -6.64
CA GLN B 89 58.10 -0.79 -8.10
C GLN B 89 59.20 0.10 -8.67
N SER B 90 59.59 1.14 -7.93
CA SER B 90 60.66 2.02 -8.39
C SER B 90 62.03 1.38 -8.22
N ILE B 91 62.12 0.31 -7.41
CA ILE B 91 63.36 -0.45 -7.36
C ILE B 91 63.57 -1.18 -8.68
N ALA B 92 62.49 -1.69 -9.27
CA ALA B 92 62.60 -2.40 -10.53
C ALA B 92 62.92 -1.44 -11.67
N ALA B 93 62.03 -0.50 -11.96
CA ALA B 93 62.14 0.31 -13.16
C ALA B 93 62.59 1.74 -12.92
N GLY B 94 62.27 2.33 -11.78
CA GLY B 94 62.70 3.69 -11.51
C GLY B 94 61.76 4.72 -12.10
N GLN B 95 61.62 5.83 -11.38
CA GLN B 95 60.64 6.85 -11.73
C GLN B 95 61.22 8.21 -11.39
N GLY B 96 60.89 9.20 -12.21
CA GLY B 96 61.38 10.55 -12.00
C GLY B 96 62.25 11.03 -13.13
N ASN B 97 62.88 12.17 -12.91
CA ASN B 97 63.80 12.70 -13.91
C ASN B 97 65.06 11.85 -13.98
N GLU B 98 65.55 11.41 -12.84
CA GLU B 98 66.68 10.50 -12.84
C GLU B 98 66.22 9.10 -13.25
N ILE B 99 67.14 8.34 -13.83
CA ILE B 99 66.87 7.00 -14.30
C ILE B 99 67.70 6.01 -13.49
N THR B 100 67.07 4.93 -13.06
CA THR B 100 67.73 3.90 -12.28
C THR B 100 67.09 2.55 -12.58
N GLY B 101 67.74 1.51 -12.09
CA GLY B 101 67.21 0.16 -12.24
C GLY B 101 67.48 -0.65 -11.00
N GLY B 102 67.19 -1.93 -11.09
CA GLY B 102 67.45 -2.86 -9.99
C GLY B 102 67.72 -4.25 -10.50
N LYS B 103 68.58 -4.95 -9.80
CA LYS B 103 68.85 -6.34 -10.15
C LYS B 103 67.68 -7.21 -9.73
N PRO B 104 67.41 -8.30 -10.45
CA PRO B 104 66.21 -9.09 -10.16
C PRO B 104 66.20 -9.78 -8.80
N ALA B 105 67.36 -9.92 -8.15
CA ALA B 105 67.35 -10.42 -6.79
C ALA B 105 66.95 -9.33 -5.80
N GLU B 106 66.87 -8.08 -6.26
CA GLU B 106 66.67 -6.97 -5.34
C GLU B 106 65.19 -6.58 -5.24
N TYR B 107 64.45 -6.66 -6.34
CA TYR B 107 63.06 -6.22 -6.31
C TYR B 107 62.05 -7.35 -6.32
N LYS B 108 62.43 -8.54 -6.75
CA LYS B 108 61.50 -9.66 -6.81
C LYS B 108 61.37 -10.28 -5.42
N LYS B 109 60.16 -10.31 -4.89
CA LYS B 109 59.91 -10.80 -3.55
C LYS B 109 58.89 -11.93 -3.59
N SER B 110 58.51 -12.41 -2.41
CA SER B 110 57.60 -13.52 -2.26
C SER B 110 56.40 -13.09 -1.44
N ALA B 111 55.34 -13.88 -1.49
CA ALA B 111 54.11 -13.58 -0.77
C ALA B 111 53.41 -14.86 -0.35
N ILE B 112 52.68 -14.79 0.75
CA ILE B 112 51.91 -15.90 1.28
C ILE B 112 50.47 -15.46 1.43
N VAL B 113 49.57 -16.12 0.71
CA VAL B 113 48.13 -15.94 0.88
C VAL B 113 47.61 -17.20 1.57
N ARG B 114 46.73 -17.01 2.55
CA ARG B 114 46.18 -18.12 3.30
C ARG B 114 44.70 -17.90 3.57
N GLN B 115 43.94 -18.98 3.47
CA GLN B 115 42.49 -18.95 3.68
C GLN B 115 42.20 -19.51 5.06
N TYR B 116 41.24 -18.92 5.75
CA TYR B 116 40.90 -19.41 7.08
C TYR B 116 39.68 -20.31 7.01
N ALA B 117 39.50 -21.11 8.05
CA ALA B 117 38.29 -21.92 8.18
C ALA B 117 37.20 -21.05 8.82
N ARG B 118 36.06 -21.66 9.13
CA ARG B 118 34.95 -20.92 9.71
C ARG B 118 35.27 -20.44 11.11
N ASP B 119 35.98 -21.25 11.87
CA ASP B 119 36.73 -20.73 13.00
C ASP B 119 37.83 -19.83 12.43
N ALA B 120 37.78 -18.54 12.78
CA ALA B 120 38.61 -17.56 12.11
C ALA B 120 40.08 -17.69 12.53
N LYS B 121 40.32 -18.28 13.69
CA LYS B 121 41.70 -18.44 14.16
C LYS B 121 42.39 -19.64 13.54
N THR B 122 41.70 -20.43 12.73
CA THR B 122 42.30 -21.61 12.13
C THR B 122 42.84 -21.29 10.75
N VAL B 123 44.05 -21.75 10.46
CA VAL B 123 44.65 -21.58 9.14
C VAL B 123 44.57 -22.91 8.42
N THR B 124 43.67 -23.01 7.44
CA THR B 124 43.40 -24.33 6.87
C THR B 124 44.22 -24.60 5.62
N LYS B 125 44.70 -23.55 4.95
CA LYS B 125 45.44 -23.71 3.70
C LYS B 125 46.31 -22.50 3.46
N GLU B 126 47.59 -22.73 3.18
CA GLU B 126 48.55 -21.68 2.86
C GLU B 126 49.02 -21.88 1.43
N ILE B 127 48.97 -20.81 0.64
CA ILE B 127 49.42 -20.83 -0.75
C ILE B 127 50.53 -19.82 -0.91
N GLU B 128 51.66 -20.26 -1.42
CA GLU B 128 52.84 -19.42 -1.55
C GLU B 128 53.05 -19.05 -3.02
N ILE B 129 53.36 -17.78 -3.24
CA ILE B 129 53.72 -17.29 -4.57
C ILE B 129 55.15 -16.78 -4.46
N LYS B 130 55.96 -17.09 -5.48
CA LYS B 130 57.36 -16.74 -5.48
C LYS B 130 57.66 -15.80 -6.64
N GLY B 131 58.64 -14.94 -6.42
CA GLY B 131 59.15 -14.05 -7.46
C GLY B 131 58.16 -12.98 -7.88
N LEU B 132 57.85 -12.05 -6.99
CA LEU B 132 56.78 -11.09 -7.25
C LEU B 132 57.36 -9.70 -7.43
N TRP B 133 56.86 -8.97 -8.43
CA TRP B 133 57.10 -7.56 -8.57
C TRP B 133 55.89 -6.96 -9.27
N PRO B 134 55.42 -5.80 -8.86
CA PRO B 134 54.15 -5.28 -9.39
C PRO B 134 54.30 -4.79 -10.83
N THR B 135 53.42 -5.30 -11.69
CA THR B 135 53.45 -4.90 -13.09
C THR B 135 52.96 -3.46 -13.25
N ASN B 136 51.74 -3.18 -12.81
CA ASN B 136 51.27 -1.81 -12.77
C ASN B 136 50.62 -1.52 -11.44
N VAL B 137 50.79 -0.28 -10.98
CA VAL B 137 50.27 0.19 -9.71
C VAL B 137 49.48 1.46 -9.96
N GLY B 138 48.23 1.47 -9.53
CA GLY B 138 47.51 2.72 -9.49
C GLY B 138 46.17 2.60 -10.20
N GLU B 139 45.97 3.53 -11.13
CA GLU B 139 44.66 3.92 -11.63
C GLU B 139 43.73 4.16 -10.44
N LEU B 140 44.05 5.17 -9.66
CA LEU B 140 43.24 5.49 -8.50
C LEU B 140 42.11 6.41 -8.92
N GLN B 141 40.91 6.13 -8.45
CA GLN B 141 39.74 6.88 -8.84
C GLN B 141 39.34 7.78 -7.69
N LEU B 142 39.29 9.09 -7.95
CA LEU B 142 38.89 10.05 -6.94
C LEU B 142 38.07 11.17 -7.59
N ASP B 143 36.93 11.50 -6.97
CA ASP B 143 35.96 12.40 -7.56
C ASP B 143 35.12 13.03 -6.47
N TRP B 144 34.56 14.20 -6.78
CA TRP B 144 33.64 14.85 -5.83
C TRP B 144 32.26 14.22 -5.90
N ASP B 145 31.99 13.43 -6.93
CA ASP B 145 30.64 12.93 -7.10
C ASP B 145 30.40 11.65 -6.33
N SER B 146 31.36 10.72 -6.29
CA SER B 146 31.19 9.52 -5.49
C SER B 146 31.29 9.88 -4.02
N ASN B 147 30.25 9.56 -3.27
CA ASN B 147 30.11 10.08 -1.92
C ASN B 147 30.39 9.04 -0.85
N ASN B 148 29.67 7.92 -0.88
CA ASN B 148 29.77 6.99 0.24
C ASN B 148 30.78 5.88 -0.01
N GLU B 149 31.57 5.98 -1.05
CA GLU B 149 32.48 4.90 -1.39
C GLU B 149 33.75 5.01 -0.57
N ILE B 150 34.55 3.95 -0.59
CA ILE B 150 35.87 3.99 0.01
C ILE B 150 36.91 4.16 -1.10
N GLN B 151 38.04 4.75 -0.74
CA GLN B 151 39.11 4.98 -1.70
C GLN B 151 39.96 3.73 -1.83
N THR B 152 39.91 3.11 -3.01
CA THR B 152 40.63 1.86 -3.25
C THR B 152 41.24 1.88 -4.65
N PHE B 153 42.14 0.92 -4.88
CA PHE B 153 42.85 0.82 -6.14
C PHE B 153 43.35 -0.59 -6.32
N GLU B 154 43.63 -0.95 -7.57
CA GLU B 154 44.00 -2.31 -7.93
C GLU B 154 45.41 -2.32 -8.51
N VAL B 155 46.22 -3.29 -8.10
CA VAL B 155 47.57 -3.48 -8.62
C VAL B 155 47.67 -4.90 -9.16
N THR B 156 48.54 -5.10 -10.13
CA THR B 156 48.81 -6.42 -10.69
C THR B 156 50.27 -6.74 -10.46
N LEU B 157 50.56 -7.99 -10.12
CA LEU B 157 51.88 -8.38 -9.68
C LEU B 157 52.35 -9.58 -10.49
N ALA B 158 53.43 -9.41 -11.25
CA ALA B 158 53.97 -10.48 -12.06
C ALA B 158 54.60 -11.54 -11.16
N LEU B 159 54.51 -12.80 -11.57
CA LEU B 159 54.99 -13.89 -10.74
C LEU B 159 55.70 -14.92 -11.60
N ASP B 160 56.70 -15.59 -11.02
CA ASP B 160 57.36 -16.67 -11.73
C ASP B 160 56.64 -17.98 -11.57
N TYR B 161 56.31 -18.37 -10.34
CA TYR B 161 55.59 -19.61 -10.09
C TYR B 161 54.89 -19.55 -8.74
N TRP B 162 53.84 -20.33 -8.57
CA TRP B 162 53.18 -20.45 -7.28
C TRP B 162 53.03 -21.93 -6.93
N GLU B 163 53.36 -22.27 -5.70
CA GLU B 163 53.32 -23.66 -5.27
C GLU B 163 51.89 -24.07 -4.96
N MET C 1 -24.25 -15.97 65.82
CA MET C 1 -25.04 -15.42 64.72
C MET C 1 -26.19 -14.61 65.27
N PHE C 2 -25.99 -13.29 65.32
CA PHE C 2 -26.93 -12.39 65.95
C PHE C 2 -27.03 -11.13 65.11
N VAL C 3 -28.06 -10.33 65.39
CA VAL C 3 -28.24 -9.11 64.63
C VAL C 3 -27.44 -7.97 65.24
N ASP C 4 -27.02 -8.14 66.49
CA ASP C 4 -26.11 -7.19 67.11
C ASP C 4 -24.66 -7.48 66.78
N ASP C 5 -24.40 -8.50 65.96
CA ASP C 5 -23.04 -8.91 65.70
C ASP C 5 -22.36 -7.96 64.72
N VAL C 6 -23.15 -7.24 63.92
CA VAL C 6 -22.57 -6.31 62.96
C VAL C 6 -22.03 -5.06 63.67
N THR C 7 -22.61 -4.72 64.82
CA THR C 7 -22.08 -3.60 65.59
C THR C 7 -20.76 -3.98 66.25
N ARG C 8 -20.54 -5.27 66.50
CA ARG C 8 -19.26 -5.72 67.03
C ARG C 8 -18.18 -5.62 65.95
N ALA C 9 -18.57 -5.72 64.68
CA ALA C 9 -17.60 -5.73 63.60
C ALA C 9 -16.97 -4.35 63.39
N PHE C 10 -17.69 -3.30 63.76
CA PHE C 10 -17.18 -1.95 63.56
C PHE C 10 -16.66 -1.39 64.87
N GLU C 11 -15.70 -0.48 64.78
CA GLU C 11 -15.27 0.28 65.94
C GLU C 11 -16.36 1.27 66.33
N SER C 12 -16.56 1.43 67.63
CA SER C 12 -17.53 2.36 68.25
C SER C 12 -18.99 1.99 67.95
N GLY C 13 -19.22 0.86 67.30
CA GLY C 13 -20.58 0.38 67.07
C GLY C 13 -21.41 1.23 66.14
N ASP C 14 -20.75 2.03 65.31
CA ASP C 14 -21.48 3.04 64.54
C ASP C 14 -21.11 2.91 63.07
N PHE C 15 -21.90 3.55 62.22
CA PHE C 15 -21.71 3.53 60.78
C PHE C 15 -21.21 4.88 60.33
N ALA C 16 -20.35 4.89 59.32
CA ALA C 16 -19.96 6.15 58.70
C ALA C 16 -21.08 6.65 57.81
N ARG C 17 -21.26 7.96 57.76
CA ARG C 17 -22.35 8.55 57.00
C ARG C 17 -21.84 9.22 55.72
N PRO C 18 -22.67 9.33 54.68
CA PRO C 18 -22.21 10.02 53.46
C PRO C 18 -22.07 11.51 53.64
N ASN C 19 -22.76 12.10 54.59
CA ASN C 19 -22.46 13.46 55.00
C ASN C 19 -21.40 13.40 56.11
N LEU C 20 -21.23 14.49 56.85
CA LEU C 20 -20.27 14.60 57.97
C LEU C 20 -18.84 14.46 57.48
N PHE C 21 -18.54 15.11 56.36
CA PHE C 21 -17.19 15.29 55.88
C PHE C 21 -16.95 16.78 55.72
N GLN C 22 -15.72 17.14 55.38
CA GLN C 22 -15.36 18.52 55.14
C GLN C 22 -14.04 18.55 54.40
N VAL C 23 -14.00 19.22 53.25
CA VAL C 23 -12.84 19.21 52.38
C VAL C 23 -12.29 20.62 52.28
N GLU C 24 -10.97 20.77 52.48
CA GLU C 24 -10.32 22.06 52.42
C GLU C 24 -9.21 22.04 51.40
N ILE C 25 -9.00 23.18 50.75
CA ILE C 25 -7.87 23.39 49.85
C ILE C 25 -7.12 24.60 50.34
N SER C 26 -5.81 24.43 50.57
CA SER C 26 -5.01 25.52 51.15
C SER C 26 -4.84 26.66 50.16
N TYR C 27 -4.96 26.38 48.86
CA TYR C 27 -4.88 27.45 47.87
C TYR C 27 -6.13 28.29 47.87
N LEU C 28 -7.29 27.69 48.13
CA LEU C 28 -8.54 28.43 48.06
C LEU C 28 -8.75 29.28 49.29
N GLY C 29 -8.61 28.69 50.47
CA GLY C 29 -8.75 29.42 51.71
C GLY C 29 -9.71 28.75 52.67
N GLN C 30 -9.80 29.34 53.87
CA GLN C 30 -10.55 28.73 54.96
C GLN C 30 -12.05 28.90 54.77
N ASN C 31 -12.45 29.80 53.87
CA ASN C 31 -13.88 30.01 53.65
C ASN C 31 -14.41 29.07 52.59
N PHE C 32 -13.53 28.49 51.76
CA PHE C 32 -13.99 27.57 50.73
C PHE C 32 -14.45 26.26 51.32
N THR C 33 -13.93 25.90 52.49
CA THR C 33 -14.20 24.56 53.03
C THR C 33 -15.61 24.46 53.59
N PHE C 34 -16.31 25.59 53.69
CA PHE C 34 -17.73 25.55 54.03
C PHE C 34 -18.57 25.54 52.76
N GLN C 35 -17.94 25.77 51.61
CA GLN C 35 -18.69 26.00 50.39
C GLN C 35 -18.93 24.71 49.63
N CYS C 36 -18.06 23.72 49.79
CA CYS C 36 -18.16 22.51 48.98
C CYS C 36 -19.29 21.62 49.47
N LYS C 37 -20.33 21.50 48.64
CA LYS C 37 -21.50 20.71 49.01
C LYS C 37 -21.26 19.21 48.83
N ALA C 38 -20.87 18.80 47.64
CA ALA C 38 -20.81 17.38 47.33
C ALA C 38 -19.59 17.08 46.46
N THR C 39 -19.10 15.85 46.59
CA THR C 39 -17.96 15.37 45.83
C THR C 39 -17.96 13.85 45.85
N ALA C 40 -16.84 13.28 45.42
CA ALA C 40 -16.62 11.85 45.47
C ALA C 40 -15.17 11.60 45.84
N LEU C 41 -14.90 10.48 46.50
CA LEU C 41 -13.52 10.11 46.73
C LEU C 41 -12.96 9.46 45.47
N PRO C 42 -11.70 9.72 45.13
CA PRO C 42 -11.14 9.17 43.89
C PRO C 42 -10.89 7.68 44.02
N ALA C 43 -11.20 6.96 42.95
CA ALA C 43 -11.05 5.52 42.96
C ALA C 43 -9.62 5.13 42.66
N GLY C 44 -9.30 3.86 42.90
CA GLY C 44 -8.03 3.30 42.52
C GLY C 44 -8.22 2.36 41.35
N ILE C 45 -7.92 2.86 40.15
CA ILE C 45 -8.23 2.17 38.91
C ILE C 45 -6.98 1.45 38.44
N VAL C 46 -7.06 0.13 38.31
CA VAL C 46 -5.97 -0.67 37.77
C VAL C 46 -6.52 -1.53 36.64
N GLU C 47 -5.97 -1.37 35.45
CA GLU C 47 -6.40 -2.15 34.31
C GLU C 47 -5.90 -3.58 34.44
N LYS C 48 -6.55 -4.49 33.73
CA LYS C 48 -6.24 -5.91 33.81
C LYS C 48 -5.56 -6.36 32.52
N ILE C 49 -4.59 -7.26 32.63
CA ILE C 49 -3.94 -7.85 31.47
C ILE C 49 -4.38 -9.31 31.39
N PRO C 50 -5.30 -9.67 30.53
CA PRO C 50 -5.54 -11.08 30.24
C PRO C 50 -4.50 -11.63 29.27
N VAL C 51 -3.90 -12.76 29.61
CA VAL C 51 -2.84 -13.35 28.80
C VAL C 51 -3.21 -14.79 28.47
N GLY C 52 -3.09 -15.15 27.20
CA GLY C 52 -3.49 -16.45 26.73
C GLY C 52 -2.38 -17.47 26.89
N PHE C 53 -2.69 -18.52 27.65
CA PHE C 53 -1.87 -19.72 27.71
C PHE C 53 -2.77 -20.92 27.53
N MET C 54 -2.78 -21.50 26.33
CA MET C 54 -3.39 -22.79 26.03
C MET C 54 -4.88 -22.80 26.36
N ASN C 55 -5.66 -22.04 25.57
CA ASN C 55 -7.13 -22.02 25.59
C ASN C 55 -7.67 -21.28 26.83
N ARG C 56 -6.82 -20.81 27.73
CA ARG C 56 -7.32 -20.22 28.96
C ARG C 56 -6.60 -18.91 29.22
N LYS C 57 -7.10 -18.16 30.18
CA LYS C 57 -6.57 -16.85 30.54
C LYS C 57 -6.27 -16.82 32.03
N ILE C 58 -5.07 -16.44 32.39
CA ILE C 58 -4.74 -16.02 33.75
C ILE C 58 -4.62 -14.51 33.71
N ASN C 59 -4.80 -13.87 34.85
CA ASN C 59 -4.77 -12.41 34.88
C ASN C 59 -3.63 -11.92 35.75
N VAL C 60 -2.92 -10.91 35.25
CA VAL C 60 -1.82 -10.29 35.99
C VAL C 60 -2.15 -8.82 36.11
N ALA C 61 -1.55 -8.16 37.10
CA ALA C 61 -1.87 -6.76 37.36
C ALA C 61 -1.29 -5.87 36.27
N GLY C 62 -2.11 -4.97 35.76
CA GLY C 62 -1.73 -4.07 34.70
C GLY C 62 -1.06 -2.83 35.23
N ASP C 63 -1.55 -1.68 34.79
CA ASP C 63 -0.96 -0.41 35.15
C ASP C 63 -2.00 0.50 35.79
N ARG C 64 -1.56 1.31 36.73
CA ARG C 64 -2.47 2.18 37.47
C ARG C 64 -2.79 3.42 36.66
N THR C 65 -4.07 3.77 36.61
CA THR C 65 -4.53 5.04 36.11
C THR C 65 -5.33 5.71 37.21
N PHE C 66 -5.59 7.00 37.07
CA PHE C 66 -6.32 7.76 38.08
C PHE C 66 -7.57 8.38 37.48
N ASP C 67 -8.71 8.11 38.11
CA ASP C 67 -9.96 8.70 37.68
C ASP C 67 -10.01 10.17 38.08
N ASP C 68 -10.82 10.93 37.36
CA ASP C 68 -10.89 12.36 37.61
C ASP C 68 -11.70 12.63 38.88
N TRP C 69 -11.43 13.77 39.52
CA TRP C 69 -12.03 14.07 40.81
C TRP C 69 -13.11 15.13 40.65
N THR C 70 -14.35 14.75 40.90
CA THR C 70 -15.50 15.60 40.62
C THR C 70 -16.00 16.22 41.91
N VAL C 71 -16.06 17.55 41.92
CA VAL C 71 -16.45 18.34 43.09
C VAL C 71 -17.51 19.34 42.65
N THR C 72 -18.64 19.37 43.35
CA THR C 72 -19.64 20.39 43.10
C THR C 72 -19.86 21.22 44.36
N VAL C 73 -19.81 22.54 44.19
CA VAL C 73 -19.81 23.49 45.30
C VAL C 73 -21.00 24.42 45.14
N MET C 74 -21.28 25.17 46.20
CA MET C 74 -22.30 26.20 46.17
C MET C 74 -21.70 27.49 45.62
N ASN C 75 -22.53 28.53 45.57
CA ASN C 75 -22.11 29.80 45.00
C ASN C 75 -22.78 30.93 45.76
N ASP C 76 -22.00 31.94 46.14
CA ASP C 76 -22.59 33.14 46.70
C ASP C 76 -22.82 34.19 45.62
N GLU C 77 -23.27 35.35 46.07
CA GLU C 77 -23.72 36.39 45.15
C GLU C 77 -22.56 37.01 44.38
N ALA C 78 -21.43 37.20 45.05
CA ALA C 78 -20.31 37.92 44.44
C ALA C 78 -19.51 37.06 43.49
N HIS C 79 -19.85 35.76 43.38
CA HIS C 79 -19.21 34.78 42.50
C HIS C 79 -17.72 34.59 42.75
N ASP C 80 -17.22 34.87 43.95
CA ASP C 80 -15.81 34.64 44.21
C ASP C 80 -15.52 33.15 44.36
N ALA C 81 -16.55 32.36 44.74
CA ALA C 81 -16.37 30.93 44.85
C ALA C 81 -16.14 30.28 43.49
N ARG C 82 -16.65 30.92 42.42
CA ARG C 82 -16.41 30.41 41.08
C ARG C 82 -15.22 31.10 40.43
N GLN C 83 -15.03 32.39 40.71
CA GLN C 83 -13.92 33.14 40.13
C GLN C 83 -12.58 32.60 40.61
N LYS C 84 -12.53 32.09 41.84
CA LYS C 84 -11.27 31.58 42.36
C LYS C 84 -10.95 30.20 41.79
N PHE C 85 -11.92 29.55 41.16
CA PHE C 85 -11.57 28.41 40.31
C PHE C 85 -11.05 28.88 38.97
N VAL C 86 -11.65 29.93 38.41
CA VAL C 86 -11.28 30.39 37.08
C VAL C 86 -9.90 31.04 37.12
N ASP C 87 -9.61 31.78 38.18
CA ASP C 87 -8.28 32.36 38.34
C ASP C 87 -7.24 31.28 38.55
N TRP C 88 -7.61 30.22 39.27
CA TRP C 88 -6.67 29.12 39.49
C TRP C 88 -6.50 28.30 38.22
N GLN C 89 -7.49 28.30 37.35
CA GLN C 89 -7.38 27.57 36.10
C GLN C 89 -6.75 28.43 35.02
N SER C 90 -6.82 29.75 35.16
CA SER C 90 -6.20 30.63 34.18
C SER C 90 -4.69 30.71 34.37
N ILE C 91 -4.19 30.26 35.53
CA ILE C 91 -2.76 30.12 35.70
C ILE C 91 -2.24 29.01 34.81
N ALA C 92 -3.00 27.93 34.70
CA ALA C 92 -2.58 26.81 33.86
C ALA C 92 -2.64 27.15 32.38
N ALA C 93 -3.83 27.45 31.88
CA ALA C 93 -4.04 27.58 30.45
C ALA C 93 -4.23 29.01 29.97
N GLY C 94 -4.79 29.90 30.77
CA GLY C 94 -4.96 31.27 30.35
C GLY C 94 -6.22 31.48 29.53
N GLN C 95 -6.82 32.65 29.71
CA GLN C 95 -8.12 32.94 29.14
C GLN C 95 -8.16 34.41 28.76
N GLY C 96 -8.83 34.70 27.65
CA GLY C 96 -8.95 36.07 27.17
C GLY C 96 -8.34 36.24 25.80
N ASN C 97 -8.23 37.50 25.39
CA ASN C 97 -7.58 37.80 24.12
C ASN C 97 -6.09 37.55 24.21
N GLU C 98 -5.47 37.91 25.33
CA GLU C 98 -4.07 37.59 25.53
C GLU C 98 -3.92 36.12 25.85
N ILE C 99 -2.76 35.58 25.51
CA ILE C 99 -2.44 34.17 25.72
C ILE C 99 -1.30 34.06 26.72
N THR C 100 -1.45 33.17 27.68
CA THR C 100 -0.43 32.95 28.69
C THR C 100 -0.46 31.49 29.13
N GLY C 101 0.55 31.12 29.90
CA GLY C 101 0.62 29.77 30.45
C GLY C 101 1.17 29.80 31.84
N GLY C 102 1.43 28.62 32.37
CA GLY C 102 2.03 28.49 33.69
C GLY C 102 2.84 27.23 33.80
N LYS C 103 3.91 27.30 34.59
CA LYS C 103 4.72 26.14 34.82
C LYS C 103 4.00 25.20 35.79
N PRO C 104 4.23 23.88 35.66
CA PRO C 104 3.44 22.94 36.48
C PRO C 104 3.68 23.02 37.97
N ALA C 105 4.78 23.64 38.40
CA ALA C 105 4.95 23.87 39.83
C ALA C 105 4.12 25.06 40.30
N GLU C 106 3.55 25.82 39.36
CA GLU C 106 2.89 27.06 39.73
C GLU C 106 1.38 26.88 39.90
N TYR C 107 0.75 26.03 39.10
CA TYR C 107 -0.69 25.88 39.18
C TYR C 107 -1.15 24.59 39.83
N LYS C 108 -0.31 23.57 39.91
CA LYS C 108 -0.70 22.30 40.50
C LYS C 108 -0.59 22.40 42.01
N LYS C 109 -1.70 22.18 42.70
CA LYS C 109 -1.75 22.32 44.15
C LYS C 109 -2.21 21.01 44.78
N SER C 110 -2.38 21.05 46.10
CA SER C 110 -2.76 19.88 46.87
C SER C 110 -4.05 20.16 47.62
N ALA C 111 -4.70 19.11 48.11
CA ALA C 111 -5.96 19.23 48.82
C ALA C 111 -6.09 18.13 49.87
N ILE C 112 -6.81 18.45 50.94
CA ILE C 112 -7.06 17.51 52.02
C ILE C 112 -8.56 17.41 52.22
N VAL C 113 -9.09 16.20 52.02
CA VAL C 113 -10.48 15.89 52.34
C VAL C 113 -10.47 15.00 53.59
N ARG C 114 -11.37 15.29 54.53
CA ARG C 114 -11.43 14.55 55.77
C ARG C 114 -12.87 14.29 56.15
N GLN C 115 -13.13 13.11 56.67
CA GLN C 115 -14.46 12.70 57.10
C GLN C 115 -14.53 12.78 58.62
N TYR C 116 -15.66 13.22 59.14
CA TYR C 116 -15.81 13.32 60.58
C TYR C 116 -16.54 12.10 61.12
N ALA C 117 -16.41 11.88 62.42
CA ALA C 117 -17.18 10.85 63.10
C ALA C 117 -18.53 11.44 63.48
N ARG C 118 -19.33 10.67 64.21
CA ARG C 118 -20.67 11.12 64.59
C ARG C 118 -20.60 12.29 65.56
N ASP C 119 -19.63 12.25 66.48
CA ASP C 119 -19.20 13.48 67.11
C ASP C 119 -18.55 14.34 66.03
N ALA C 120 -19.13 15.52 65.79
CA ALA C 120 -18.75 16.30 64.62
C ALA C 120 -17.37 16.94 64.80
N LYS C 121 -16.92 17.10 66.04
CA LYS C 121 -15.62 17.70 66.28
C LYS C 121 -14.48 16.70 66.14
N THR C 122 -14.77 15.43 65.88
CA THR C 122 -13.73 14.43 65.77
C THR C 122 -13.34 14.23 64.31
N VAL C 123 -12.04 14.19 64.05
CA VAL C 123 -11.53 13.93 62.69
C VAL C 123 -11.04 12.49 62.65
N THR C 124 -11.81 11.62 61.98
CA THR C 124 -11.51 10.20 62.10
C THR C 124 -10.61 9.71 60.96
N LYS C 125 -10.60 10.41 59.83
CA LYS C 125 -9.84 9.97 58.67
C LYS C 125 -9.53 11.17 57.79
N GLU C 126 -8.26 11.31 57.42
CA GLU C 126 -7.80 12.36 56.51
C GLU C 126 -7.26 11.71 55.24
N ILE C 127 -7.72 12.18 54.10
CA ILE C 127 -7.28 11.68 52.80
C ILE C 127 -6.68 12.83 52.03
N GLU C 128 -5.44 12.66 51.56
CA GLU C 128 -4.72 13.71 50.88
C GLU C 128 -4.64 13.40 49.39
N ILE C 129 -4.87 14.43 48.58
CA ILE C 129 -4.71 14.33 47.14
C ILE C 129 -3.62 15.33 46.76
N LYS C 130 -2.75 14.90 45.86
CA LYS C 130 -1.60 15.70 45.46
C LYS C 130 -1.69 16.03 43.98
N GLY C 131 -1.14 17.19 43.62
CA GLY C 131 -1.03 17.61 42.24
C GLY C 131 -2.36 17.89 41.58
N LEU C 132 -3.05 18.94 42.01
CA LEU C 132 -4.41 19.19 41.55
C LEU C 132 -4.44 20.44 40.69
N TRP C 133 -5.18 20.38 39.58
CA TRP C 133 -5.53 21.54 38.78
C TRP C 133 -6.86 21.24 38.12
N PRO C 134 -7.77 22.19 38.07
CA PRO C 134 -9.13 21.90 37.59
C PRO C 134 -9.16 21.67 36.09
N THR C 135 -9.75 20.53 35.69
CA THR C 135 -9.85 20.20 34.28
C THR C 135 -10.88 21.10 33.61
N ASN C 136 -12.12 21.08 34.08
CA ASN C 136 -13.10 22.03 33.60
C ASN C 136 -13.85 22.66 34.77
N VAL C 137 -14.22 23.91 34.60
CA VAL C 137 -14.90 24.70 35.60
C VAL C 137 -16.14 25.31 34.98
N GLY C 138 -17.29 25.05 35.57
CA GLY C 138 -18.47 25.80 35.19
C GLY C 138 -19.61 24.88 34.84
N GLU C 139 -20.15 25.13 33.65
CA GLU C 139 -21.51 24.71 33.28
C GLU C 139 -22.48 25.12 34.38
N LEU C 140 -22.61 26.42 34.58
CA LEU C 140 -23.51 26.90 35.61
C LEU C 140 -24.90 27.03 35.03
N GLN C 141 -25.89 26.59 35.77
CA GLN C 141 -27.28 26.57 35.30
C GLN C 141 -28.03 27.68 36.01
N LEU C 142 -28.60 28.60 35.22
CA LEU C 142 -29.38 29.70 35.76
C LEU C 142 -30.57 29.99 34.85
N ASP C 143 -31.75 30.11 35.45
CA ASP C 143 -32.99 30.20 34.70
C ASP C 143 -34.04 30.91 35.53
N TRP C 144 -35.04 31.50 34.85
CA TRP C 144 -36.15 32.11 35.57
C TRP C 144 -37.15 31.07 36.03
N ASP C 145 -37.05 29.86 35.50
CA ASP C 145 -38.08 28.88 35.80
C ASP C 145 -37.79 28.11 37.08
N SER C 146 -36.54 27.74 37.35
CA SER C 146 -36.21 27.08 38.61
C SER C 146 -36.30 28.10 39.74
N ASN C 147 -37.14 27.81 40.71
CA ASN C 147 -37.51 28.81 41.71
C ASN C 147 -36.84 28.56 43.06
N ASN C 148 -37.05 27.40 43.65
CA ASN C 148 -36.60 27.20 45.01
C ASN C 148 -35.22 26.57 45.11
N GLU C 149 -34.51 26.46 44.00
CA GLU C 149 -33.23 25.77 44.02
C GLU C 149 -32.14 26.71 44.48
N ILE C 150 -30.98 26.14 44.77
CA ILE C 150 -29.80 26.94 45.06
C ILE C 150 -28.90 26.96 43.82
N GLN C 151 -28.12 28.01 43.68
CA GLN C 151 -27.22 28.15 42.54
C GLN C 151 -25.93 27.39 42.83
N THR C 152 -25.68 26.33 42.07
CA THR C 152 -24.53 25.48 42.27
C THR C 152 -23.93 25.06 40.93
N PHE C 153 -22.73 24.52 40.98
CA PHE C 153 -22.01 24.12 39.78
C PHE C 153 -20.97 23.09 40.15
N GLU C 154 -20.54 22.32 39.16
CA GLU C 154 -19.64 21.20 39.36
C GLU C 154 -18.34 21.44 38.60
N VAL C 155 -17.21 21.15 39.25
CA VAL C 155 -15.90 21.25 38.64
C VAL C 155 -15.21 19.90 38.75
N THR C 156 -14.31 19.62 37.84
CA THR C 156 -13.51 18.39 37.86
C THR C 156 -12.05 18.78 37.95
N LEU C 157 -11.29 18.04 38.74
CA LEU C 157 -9.92 18.43 39.08
C LEU C 157 -8.99 17.26 38.80
N ALA C 158 -8.07 17.45 37.85
CA ALA C 158 -7.12 16.41 37.53
C ALA C 158 -6.13 16.20 38.66
N LEU C 159 -5.69 14.97 38.87
CA LEU C 159 -4.82 14.66 39.98
C LEU C 159 -3.73 13.70 39.55
N ASP C 160 -2.56 13.80 40.18
CA ASP C 160 -1.50 12.85 39.90
C ASP C 160 -1.64 11.59 40.74
N TYR C 161 -1.79 11.74 42.05
CA TYR C 161 -1.95 10.60 42.94
C TYR C 161 -2.63 11.01 44.22
N TRP C 162 -3.28 10.08 44.90
CA TRP C 162 -3.86 10.33 46.21
C TRP C 162 -3.40 9.26 47.18
N GLU C 163 -2.99 9.67 48.36
CA GLU C 163 -2.47 8.74 49.35
C GLU C 163 -3.61 8.03 50.06
N MET D 1 -4.21 -33.22 -32.92
CA MET D 1 -3.57 -31.97 -32.51
C MET D 1 -4.10 -31.55 -31.15
N PHE D 2 -3.32 -31.86 -30.12
CA PHE D 2 -3.74 -31.65 -28.75
C PHE D 2 -2.55 -31.16 -27.95
N VAL D 3 -2.83 -30.65 -26.75
CA VAL D 3 -1.75 -30.14 -25.92
C VAL D 3 -1.14 -31.26 -25.09
N ASP D 4 -1.86 -32.37 -24.97
CA ASP D 4 -1.30 -33.55 -24.34
C ASP D 4 -0.49 -34.40 -25.30
N ASP D 5 -0.37 -33.95 -26.55
CA ASP D 5 0.28 -34.77 -27.56
C ASP D 5 1.80 -34.74 -27.39
N VAL D 6 2.32 -33.70 -26.75
CA VAL D 6 3.77 -33.61 -26.55
C VAL D 6 4.23 -34.60 -25.49
N THR D 7 3.35 -34.95 -24.54
CA THR D 7 3.70 -35.98 -23.56
C THR D 7 3.72 -37.36 -24.20
N ARG D 8 2.98 -37.54 -25.28
CA ARG D 8 3.03 -38.80 -26.00
C ARG D 8 4.35 -38.93 -26.76
N ALA D 9 4.95 -37.80 -27.12
CA ALA D 9 6.17 -37.83 -27.92
C ALA D 9 7.37 -38.30 -27.10
N PHE D 10 7.33 -38.11 -25.80
CA PHE D 10 8.44 -38.50 -24.95
C PHE D 10 8.13 -39.80 -24.23
N GLU D 11 9.18 -40.55 -23.91
CA GLU D 11 9.01 -41.71 -23.05
C GLU D 11 8.74 -41.24 -21.62
N SER D 12 7.83 -41.96 -20.94
CA SER D 12 7.43 -41.72 -19.54
C SER D 12 6.69 -40.40 -19.35
N GLY D 13 6.41 -39.68 -20.43
CA GLY D 13 5.60 -38.46 -20.33
C GLY D 13 6.27 -37.32 -19.60
N ASP D 14 7.60 -37.35 -19.50
CA ASP D 14 8.29 -36.42 -18.63
C ASP D 14 9.40 -35.73 -19.41
N PHE D 15 9.91 -34.65 -18.84
CA PHE D 15 10.96 -33.85 -19.45
C PHE D 15 12.25 -34.07 -18.69
N ALA D 16 13.37 -34.05 -19.40
CA ALA D 16 14.65 -34.07 -18.73
C ALA D 16 14.96 -32.70 -18.16
N ARG D 17 15.61 -32.66 -17.00
CA ARG D 17 15.88 -31.41 -16.33
C ARG D 17 17.36 -31.04 -16.44
N PRO D 18 17.69 -29.74 -16.35
CA PRO D 18 19.12 -29.37 -16.40
C PRO D 18 19.88 -29.74 -15.15
N ASN D 19 19.21 -29.90 -14.03
CA ASN D 19 19.82 -30.53 -12.88
C ASN D 19 19.58 -32.04 -12.97
N LEU D 20 19.75 -32.77 -11.87
CA LEU D 20 19.54 -34.23 -11.79
C LEU D 20 20.53 -34.97 -12.67
N PHE D 21 21.78 -34.52 -12.65
CA PHE D 21 22.89 -35.25 -13.24
C PHE D 21 23.92 -35.48 -12.15
N GLN D 22 24.97 -36.21 -12.49
CA GLN D 22 26.06 -36.48 -11.56
C GLN D 22 27.23 -36.99 -12.36
N VAL D 23 28.39 -36.34 -12.21
CA VAL D 23 29.56 -36.65 -13.02
C VAL D 23 30.68 -37.15 -12.11
N GLU D 24 31.27 -38.28 -12.46
CA GLU D 24 32.34 -38.87 -11.67
C GLU D 24 33.59 -39.04 -12.53
N ILE D 25 34.74 -38.89 -11.89
CA ILE D 25 36.03 -39.17 -12.50
C ILE D 25 36.74 -40.18 -11.62
N SER D 26 37.15 -41.31 -12.22
CA SER D 26 37.76 -42.38 -11.46
C SER D 26 39.13 -41.98 -10.92
N TYR D 27 39.79 -41.02 -11.56
CA TYR D 27 41.07 -40.54 -11.07
C TYR D 27 40.88 -39.69 -9.82
N LEU D 28 39.80 -38.93 -9.76
CA LEU D 28 39.62 -38.01 -8.64
C LEU D 28 39.14 -38.75 -7.40
N GLY D 29 38.10 -39.56 -7.53
CA GLY D 29 37.59 -40.34 -6.43
C GLY D 29 36.09 -40.17 -6.25
N GLN D 30 35.56 -40.94 -5.29
CA GLN D 30 34.12 -41.02 -5.10
C GLN D 30 33.58 -39.79 -4.39
N ASN D 31 34.46 -38.99 -3.79
CA ASN D 31 34.00 -37.80 -3.10
C ASN D 31 33.93 -36.60 -4.04
N PHE D 32 34.62 -36.67 -5.18
CA PHE D 32 34.59 -35.56 -6.12
C PHE D 32 33.25 -35.47 -6.84
N THR D 33 32.53 -36.59 -6.93
CA THR D 33 31.32 -36.60 -7.74
C THR D 33 30.17 -35.90 -7.04
N PHE D 34 30.34 -35.54 -5.77
CA PHE D 34 29.38 -34.69 -5.09
C PHE D 34 29.80 -33.24 -5.19
N GLN D 35 31.02 -32.99 -5.66
CA GLN D 35 31.58 -31.65 -5.60
C GLN D 35 31.28 -30.84 -6.84
N CYS D 36 31.08 -31.50 -7.97
CA CYS D 36 30.91 -30.77 -9.23
C CYS D 36 29.54 -30.15 -9.34
N LYS D 37 29.50 -28.82 -9.30
CA LYS D 37 28.23 -28.09 -9.33
C LYS D 37 27.67 -28.00 -10.75
N ALA D 38 28.45 -27.48 -11.68
CA ALA D 38 27.93 -27.18 -13.00
C ALA D 38 28.95 -27.49 -14.07
N THR D 39 28.46 -27.83 -15.26
CA THR D 39 29.29 -28.15 -16.41
C THR D 39 28.47 -28.00 -17.68
N ALA D 40 29.01 -28.51 -18.76
CA ALA D 40 28.31 -28.56 -20.04
C ALA D 40 28.67 -29.87 -20.72
N LEU D 41 27.76 -30.39 -21.54
CA LEU D 41 28.11 -31.53 -22.35
C LEU D 41 28.90 -31.07 -23.57
N PRO D 42 29.91 -31.83 -24.00
CA PRO D 42 30.72 -31.37 -25.13
C PRO D 42 29.96 -31.50 -26.44
N ALA D 43 30.13 -30.51 -27.29
CA ALA D 43 29.43 -30.47 -28.56
C ALA D 43 30.15 -31.31 -29.59
N GLY D 44 29.46 -31.59 -30.70
CA GLY D 44 30.06 -32.24 -31.83
C GLY D 44 30.25 -31.24 -32.95
N ILE D 45 31.48 -30.73 -33.08
CA ILE D 45 31.78 -29.62 -33.96
C ILE D 45 32.35 -30.18 -35.26
N VAL D 46 31.68 -29.90 -36.37
CA VAL D 46 32.17 -30.28 -37.70
C VAL D 46 32.18 -29.06 -38.57
N GLU D 47 33.36 -28.71 -39.09
CA GLU D 47 33.49 -27.56 -39.97
C GLU D 47 32.87 -27.89 -41.33
N LYS D 48 32.53 -26.84 -42.07
CA LYS D 48 31.86 -26.97 -43.37
C LYS D 48 32.84 -26.60 -44.47
N ILE D 49 32.77 -27.32 -45.59
CA ILE D 49 33.55 -26.99 -46.78
C ILE D 49 32.61 -26.47 -47.84
N PRO D 50 32.53 -25.16 -48.05
CA PRO D 50 31.83 -24.65 -49.24
C PRO D 50 32.73 -24.75 -50.47
N VAL D 51 32.20 -25.31 -51.56
CA VAL D 51 32.96 -25.53 -52.77
C VAL D 51 32.21 -24.88 -53.94
N GLY D 52 32.93 -24.10 -54.74
CA GLY D 52 32.36 -23.37 -55.83
C GLY D 52 32.25 -24.20 -57.09
N PHE D 53 31.03 -24.36 -57.57
CA PHE D 53 30.76 -24.88 -58.90
C PHE D 53 29.76 -23.97 -59.59
N MET D 54 30.26 -23.13 -60.49
CA MET D 54 29.45 -22.34 -61.43
C MET D 54 28.47 -21.43 -60.68
N ASN D 55 29.01 -20.41 -60.02
CA ASN D 55 28.26 -19.32 -59.37
C ASN D 55 27.56 -19.79 -58.08
N ARG D 56 27.64 -21.07 -57.73
CA ARG D 56 26.87 -21.55 -56.59
C ARG D 56 27.77 -22.40 -55.71
N LYS D 57 27.27 -22.72 -54.53
CA LYS D 57 28.01 -23.48 -53.53
C LYS D 57 27.17 -24.68 -53.10
N ILE D 58 27.75 -25.86 -53.16
CA ILE D 58 27.22 -27.03 -52.47
C ILE D 58 28.13 -27.26 -51.28
N ASN D 59 27.62 -27.93 -50.25
CA ASN D 59 28.40 -28.11 -49.04
C ASN D 59 28.65 -29.59 -48.79
N VAL D 60 29.89 -29.91 -48.42
CA VAL D 60 30.29 -31.28 -48.10
C VAL D 60 30.84 -31.24 -46.69
N ALA D 61 30.83 -32.42 -46.04
CA ALA D 61 31.25 -32.49 -44.65
C ALA D 61 32.76 -32.31 -44.54
N GLY D 62 33.16 -31.45 -43.62
CA GLY D 62 34.55 -31.13 -43.40
C GLY D 62 35.21 -32.11 -42.45
N ASP D 63 35.87 -31.57 -41.43
CA ASP D 63 36.61 -32.39 -40.50
C ASP D 63 36.16 -32.11 -39.08
N ARG D 64 36.17 -33.14 -38.24
CA ARG D 64 35.68 -33.03 -36.88
C ARG D 64 36.72 -32.38 -35.99
N THR D 65 36.30 -31.41 -35.19
CA THR D 65 37.09 -30.87 -34.10
C THR D 65 36.30 -31.06 -32.82
N PHE D 66 36.96 -30.90 -31.68
CA PHE D 66 36.32 -31.09 -30.38
C PHE D 66 36.42 -29.82 -29.56
N ASP D 67 35.28 -29.35 -29.08
CA ASP D 67 35.25 -28.19 -28.22
C ASP D 67 35.74 -28.56 -26.82
N ASP D 68 36.22 -27.56 -26.10
CA ASP D 68 36.79 -27.81 -24.78
C ASP D 68 35.68 -28.06 -23.77
N TRP D 69 35.98 -28.78 -22.71
CA TRP D 69 34.98 -29.21 -21.75
C TRP D 69 35.11 -28.41 -20.47
N THR D 70 34.10 -27.59 -20.18
CA THR D 70 34.17 -26.63 -19.09
C THR D 70 33.38 -27.16 -17.89
N VAL D 71 34.06 -27.27 -16.76
CA VAL D 71 33.50 -27.81 -15.52
C VAL D 71 33.80 -26.82 -14.39
N THR D 72 32.77 -26.43 -13.65
CA THR D 72 32.97 -25.62 -12.46
C THR D 72 32.47 -26.36 -11.23
N VAL D 73 33.32 -26.42 -10.21
CA VAL D 73 33.09 -27.23 -9.03
C VAL D 73 33.08 -26.33 -7.80
N MET D 74 32.62 -26.89 -6.69
CA MET D 74 32.70 -26.21 -5.41
C MET D 74 34.06 -26.43 -4.77
N ASN D 75 34.23 -25.88 -3.57
CA ASN D 75 35.51 -25.96 -2.88
C ASN D 75 35.27 -26.06 -1.39
N ASP D 76 35.96 -26.99 -0.74
CA ASP D 76 35.93 -27.05 0.71
C ASP D 76 37.09 -26.28 1.30
N GLU D 77 37.19 -26.33 2.62
CA GLU D 77 38.15 -25.51 3.36
C GLU D 77 39.57 -25.94 3.12
N ALA D 78 39.81 -27.26 3.03
CA ALA D 78 41.17 -27.77 2.96
C ALA D 78 41.75 -27.67 1.55
N HIS D 79 40.96 -27.22 0.58
CA HIS D 79 41.35 -27.02 -0.82
C HIS D 79 41.83 -28.28 -1.51
N ASP D 80 41.43 -29.47 -1.06
CA ASP D 80 41.85 -30.67 -1.76
C ASP D 80 41.09 -30.84 -3.08
N ALA D 81 39.90 -30.23 -3.16
CA ALA D 81 39.14 -30.29 -4.40
C ALA D 81 39.82 -29.51 -5.52
N ARG D 82 40.62 -28.50 -5.15
CA ARG D 82 41.37 -27.75 -6.15
C ARG D 82 42.79 -28.30 -6.31
N GLN D 83 43.39 -28.75 -5.21
CA GLN D 83 44.75 -29.30 -5.25
C GLN D 83 44.82 -30.56 -6.10
N LYS D 84 43.74 -31.34 -6.11
CA LYS D 84 43.75 -32.57 -6.88
C LYS D 84 43.56 -32.31 -8.36
N PHE D 85 43.13 -31.10 -8.73
CA PHE D 85 43.27 -30.69 -10.12
C PHE D 85 44.69 -30.26 -10.42
N VAL D 86 45.33 -29.54 -9.49
CA VAL D 86 46.66 -29.02 -9.73
C VAL D 86 47.68 -30.14 -9.75
N ASP D 87 47.52 -31.13 -8.87
CA ASP D 87 48.41 -32.29 -8.89
C ASP D 87 48.20 -33.11 -10.16
N TRP D 88 46.96 -33.19 -10.63
CA TRP D 88 46.69 -33.91 -11.88
C TRP D 88 47.19 -33.14 -13.08
N GLN D 89 47.28 -31.82 -12.96
CA GLN D 89 47.77 -31.02 -14.07
C GLN D 89 49.29 -30.89 -14.00
N SER D 90 49.87 -31.06 -12.82
CA SER D 90 51.32 -30.97 -12.69
C SER D 90 52.00 -32.24 -13.18
N ILE D 91 51.23 -33.33 -13.36
CA ILE D 91 51.78 -34.50 -14.01
C ILE D 91 52.04 -34.20 -15.48
N ALA D 92 51.14 -33.44 -16.10
CA ALA D 92 51.31 -33.10 -17.51
C ALA D 92 52.46 -32.13 -17.71
N ALA D 93 52.35 -30.93 -17.15
CA ALA D 93 53.28 -29.86 -17.46
C ALA D 93 54.28 -29.55 -16.35
N GLY D 94 53.94 -29.75 -15.10
CA GLY D 94 54.87 -29.48 -14.02
C GLY D 94 54.88 -28.02 -13.61
N GLN D 95 55.09 -27.81 -12.31
CA GLN D 95 54.98 -26.48 -11.72
C GLN D 95 56.01 -26.36 -10.61
N GLY D 96 56.56 -25.16 -10.48
CA GLY D 96 57.55 -24.90 -9.46
C GLY D 96 58.88 -24.48 -10.06
N ASN D 97 59.90 -24.43 -9.19
CA ASN D 97 61.24 -24.12 -9.66
C ASN D 97 61.80 -25.28 -10.46
N GLU D 98 61.56 -26.50 -10.02
CA GLU D 98 61.97 -27.65 -10.81
C GLU D 98 61.04 -27.82 -12.00
N ILE D 99 61.55 -28.43 -13.05
CA ILE D 99 60.82 -28.65 -14.28
C ILE D 99 60.67 -30.16 -14.49
N THR D 100 59.47 -30.58 -14.85
CA THR D 100 59.18 -31.99 -15.10
C THR D 100 58.09 -32.10 -16.15
N GLY D 101 57.88 -33.31 -16.61
CA GLY D 101 56.83 -33.59 -17.58
C GLY D 101 56.19 -34.93 -17.29
N GLY D 102 55.33 -35.34 -18.20
CA GLY D 102 54.67 -36.63 -18.09
C GLY D 102 54.34 -37.19 -19.45
N LYS D 103 54.38 -38.50 -19.56
CA LYS D 103 54.02 -39.15 -20.79
C LYS D 103 52.49 -39.14 -20.93
N PRO D 104 51.98 -39.10 -22.17
CA PRO D 104 50.52 -38.94 -22.34
C PRO D 104 49.70 -40.11 -21.85
N ALA D 105 50.30 -41.28 -21.64
CA ALA D 105 49.55 -42.36 -21.01
C ALA D 105 49.45 -42.15 -19.51
N GLU D 106 50.19 -41.19 -18.96
CA GLU D 106 50.29 -41.06 -17.51
C GLU D 106 49.31 -40.03 -16.97
N TYR D 107 49.07 -38.95 -17.71
CA TYR D 107 48.20 -37.88 -17.20
C TYR D 107 46.83 -37.83 -17.85
N LYS D 108 46.65 -38.41 -19.03
CA LYS D 108 45.38 -38.38 -19.72
C LYS D 108 44.47 -39.46 -19.15
N LYS D 109 43.32 -39.04 -18.62
CA LYS D 109 42.40 -39.96 -17.98
C LYS D 109 41.04 -39.89 -18.65
N SER D 110 40.08 -40.61 -18.08
CA SER D 110 38.74 -40.72 -18.62
C SER D 110 37.74 -40.27 -17.58
N ALA D 111 36.52 -39.99 -18.02
CA ALA D 111 35.46 -39.52 -17.13
C ALA D 111 34.10 -39.99 -17.63
N ILE D 112 33.18 -40.17 -16.70
CA ILE D 112 31.83 -40.59 -16.98
C ILE D 112 30.88 -39.58 -16.38
N VAL D 113 30.09 -38.93 -17.23
CA VAL D 113 28.99 -38.06 -16.80
C VAL D 113 27.70 -38.79 -17.10
N ARG D 114 26.76 -38.76 -16.16
CA ARG D 114 25.49 -39.44 -16.32
C ARG D 114 24.36 -38.58 -15.79
N GLN D 115 23.23 -38.61 -16.49
CA GLN D 115 22.06 -37.83 -16.12
C GLN D 115 21.05 -38.79 -15.49
N TYR D 116 20.36 -38.32 -14.46
CA TYR D 116 19.37 -39.15 -13.81
C TYR D 116 17.97 -38.83 -14.32
N ALA D 117 17.05 -39.76 -14.11
CA ALA D 117 15.65 -39.50 -14.40
C ALA D 117 15.02 -38.80 -13.20
N ARG D 118 13.70 -38.59 -13.26
CA ARG D 118 13.01 -37.88 -12.19
C ARG D 118 13.02 -38.68 -10.90
N ASP D 119 12.89 -39.99 -11.01
CA ASP D 119 13.35 -40.87 -9.95
C ASP D 119 14.86 -40.75 -9.87
N ALA D 120 15.36 -40.27 -8.73
CA ALA D 120 16.76 -39.88 -8.65
C ALA D 120 17.69 -41.09 -8.64
N LYS D 121 17.16 -42.25 -8.25
CA LYS D 121 18.00 -43.45 -8.21
C LYS D 121 18.13 -44.12 -9.57
N THR D 122 17.47 -43.59 -10.60
CA THR D 122 17.54 -44.20 -11.91
C THR D 122 18.60 -43.53 -12.76
N VAL D 123 19.42 -44.33 -13.44
CA VAL D 123 20.44 -43.81 -14.34
C VAL D 123 19.96 -44.00 -15.77
N THR D 124 19.54 -42.91 -16.41
CA THR D 124 18.85 -43.06 -17.68
C THR D 124 19.80 -42.93 -18.87
N LYS D 125 20.95 -42.29 -18.69
CA LYS D 125 21.88 -42.07 -19.78
C LYS D 125 23.28 -41.84 -19.23
N GLU D 126 24.25 -42.57 -19.77
CA GLU D 126 25.65 -42.43 -19.40
C GLU D 126 26.43 -41.95 -20.62
N ILE D 127 27.23 -40.90 -20.44
CA ILE D 127 28.04 -40.34 -21.50
C ILE D 127 29.50 -40.41 -21.06
N GLU D 128 30.34 -41.02 -21.89
CA GLU D 128 31.74 -41.23 -21.55
C GLU D 128 32.60 -40.28 -22.37
N ILE D 129 33.58 -39.69 -21.70
CA ILE D 129 34.58 -38.86 -22.35
C ILE D 129 35.93 -39.54 -22.12
N LYS D 130 36.75 -39.57 -23.16
CA LYS D 130 38.04 -40.24 -23.11
C LYS D 130 39.16 -39.25 -23.33
N GLY D 131 40.30 -39.54 -22.70
CA GLY D 131 41.52 -38.78 -22.89
C GLY D 131 41.44 -37.37 -22.33
N LEU D 132 41.37 -37.25 -21.01
CA LEU D 132 41.12 -35.95 -20.40
C LEU D 132 42.36 -35.49 -19.64
N TRP D 133 42.69 -34.21 -19.78
CA TRP D 133 43.67 -33.55 -18.94
C TRP D 133 43.27 -32.09 -18.87
N PRO D 134 43.36 -31.45 -17.70
CA PRO D 134 42.84 -30.10 -17.56
C PRO D 134 43.71 -29.07 -18.26
N THR D 135 43.07 -28.26 -19.11
CA THR D 135 43.79 -27.23 -19.83
C THR D 135 44.21 -26.11 -18.90
N ASN D 136 43.24 -25.48 -18.22
CA ASN D 136 43.57 -24.52 -17.19
C ASN D 136 42.74 -24.78 -15.94
N VAL D 137 43.35 -24.52 -14.79
CA VAL D 137 42.73 -24.75 -13.50
C VAL D 137 42.87 -23.47 -12.69
N GLY D 138 41.75 -22.96 -12.22
CA GLY D 138 41.80 -21.91 -11.22
C GLY D 138 40.96 -20.72 -11.63
N GLU D 139 41.62 -19.56 -11.63
CA GLU D 139 40.96 -18.26 -11.53
C GLU D 139 39.95 -18.29 -10.40
N LEU D 140 40.44 -18.45 -9.19
CA LEU D 140 39.56 -18.50 -8.04
C LEU D 140 39.31 -17.08 -7.57
N GLN D 141 38.06 -16.78 -7.26
CA GLN D 141 37.67 -15.43 -6.85
C GLN D 141 37.42 -15.43 -5.36
N LEU D 142 38.14 -14.59 -4.63
CA LEU D 142 37.97 -14.46 -3.19
C LEU D 142 38.14 -13.01 -2.78
N ASP D 143 37.20 -12.51 -1.97
CA ASP D 143 37.13 -11.10 -1.64
C ASP D 143 36.41 -10.93 -0.30
N TRP D 144 36.68 -9.80 0.36
CA TRP D 144 35.97 -9.49 1.58
C TRP D 144 34.59 -8.92 1.30
N ASP D 145 34.34 -8.54 0.05
CA ASP D 145 33.09 -7.86 -0.23
C ASP D 145 31.96 -8.83 -0.54
N SER D 146 32.22 -9.91 -1.28
CA SER D 146 31.18 -10.90 -1.51
C SER D 146 30.93 -11.68 -0.23
N ASN D 147 29.69 -11.65 0.22
CA ASN D 147 29.37 -12.12 1.56
C ASN D 147 28.67 -13.48 1.56
N ASN D 148 27.54 -13.59 0.88
CA ASN D 148 26.74 -14.80 1.01
C ASN D 148 27.04 -15.83 -0.06
N GLU D 149 28.08 -15.62 -0.85
CA GLU D 149 28.35 -16.53 -1.95
C GLU D 149 29.10 -17.75 -1.46
N ILE D 150 29.19 -18.76 -2.31
CA ILE D 150 30.03 -19.91 -2.04
C ILE D 150 31.32 -19.79 -2.84
N GLN D 151 32.38 -20.40 -2.33
CA GLN D 151 33.68 -20.35 -3.00
C GLN D 151 33.74 -21.43 -4.07
N THR D 152 33.79 -21.00 -5.33
CA THR D 152 33.79 -21.92 -6.46
C THR D 152 34.77 -21.45 -7.52
N PHE D 153 35.07 -22.33 -8.46
CA PHE D 153 36.02 -22.05 -9.53
C PHE D 153 35.74 -22.97 -10.70
N GLU D 154 36.21 -22.57 -11.88
CA GLU D 154 35.93 -23.27 -13.11
C GLU D 154 37.23 -23.77 -13.72
N VAL D 155 37.21 -25.01 -14.20
CA VAL D 155 38.34 -25.62 -14.89
C VAL D 155 37.89 -26.07 -16.26
N THR D 156 38.81 -26.13 -17.21
CA THR D 156 38.53 -26.62 -18.56
C THR D 156 39.43 -27.81 -18.82
N LEU D 157 38.88 -28.83 -19.47
CA LEU D 157 39.56 -30.12 -19.60
C LEU D 157 39.59 -30.51 -21.06
N ALA D 158 40.80 -30.61 -21.63
CA ALA D 158 40.95 -31.01 -23.02
C ALA D 158 40.57 -32.47 -23.20
N LEU D 159 40.00 -32.81 -24.34
CA LEU D 159 39.52 -34.16 -24.57
C LEU D 159 39.85 -34.60 -25.98
N ASP D 160 40.07 -35.90 -26.16
CA ASP D 160 40.28 -36.42 -27.51
C ASP D 160 38.98 -36.74 -28.20
N TYR D 161 38.09 -37.48 -27.54
CA TYR D 161 36.80 -37.83 -28.13
C TYR D 161 35.81 -38.20 -27.03
N TRP D 162 34.52 -38.05 -27.31
CA TRP D 162 33.49 -38.49 -26.38
C TRP D 162 32.50 -39.35 -27.14
N GLU D 163 32.13 -40.48 -26.55
CA GLU D 163 31.23 -41.42 -27.20
C GLU D 163 29.79 -40.94 -27.06
N MET E 1 -28.09 -35.20 2.59
CA MET E 1 -27.72 -33.78 2.66
C MET E 1 -28.30 -33.16 3.91
N PHE E 2 -27.47 -33.06 4.93
CA PHE E 2 -27.89 -32.61 6.24
C PHE E 2 -26.82 -31.71 6.82
N VAL E 3 -27.18 -30.99 7.90
CA VAL E 3 -26.23 -30.09 8.51
C VAL E 3 -25.38 -30.84 9.53
N ASP E 4 -25.84 -32.01 9.96
CA ASP E 4 -25.03 -32.86 10.81
C ASP E 4 -24.08 -33.73 10.01
N ASP E 5 -24.07 -33.59 8.69
CA ASP E 5 -23.28 -34.47 7.85
C ASP E 5 -21.80 -34.10 7.91
N VAL E 6 -21.51 -32.85 8.27
CA VAL E 6 -20.10 -32.42 8.34
C VAL E 6 -19.43 -33.02 9.57
N THR E 7 -20.20 -33.31 10.63
CA THR E 7 -19.63 -33.96 11.78
C THR E 7 -19.31 -35.42 11.49
N ARG E 8 -20.03 -36.02 10.54
CA ARG E 8 -19.72 -37.37 10.12
C ARG E 8 -18.42 -37.41 9.33
N ALA E 9 -18.07 -36.30 8.66
CA ALA E 9 -16.88 -36.27 7.82
C ALA E 9 -15.61 -36.29 8.64
N PHE E 10 -15.67 -35.79 9.87
CA PHE E 10 -14.47 -35.74 10.71
C PHE E 10 -14.49 -36.87 11.74
N GLU E 11 -13.30 -37.29 12.16
CA GLU E 11 -13.21 -38.21 13.27
C GLU E 11 -13.55 -37.49 14.55
N SER E 12 -14.27 -38.19 15.45
CA SER E 12 -14.69 -37.71 16.77
C SER E 12 -15.68 -36.54 16.71
N GLY E 13 -16.14 -36.18 15.51
CA GLY E 13 -17.17 -35.17 15.37
C GLY E 13 -16.75 -33.78 15.77
N ASP E 14 -15.46 -33.51 15.79
CA ASP E 14 -14.97 -32.27 16.37
C ASP E 14 -14.04 -31.58 15.38
N PHE E 15 -13.76 -30.32 15.64
CA PHE E 15 -12.92 -29.49 14.80
C PHE E 15 -11.59 -29.26 15.51
N ALA E 16 -10.51 -29.18 14.75
CA ALA E 16 -9.25 -28.78 15.31
C ALA E 16 -9.23 -27.28 15.53
N ARG E 17 -8.58 -26.85 16.60
CA ARG E 17 -8.57 -25.44 16.94
C ARG E 17 -7.21 -24.81 16.65
N PRO E 18 -7.15 -23.49 16.41
CA PRO E 18 -5.84 -22.86 16.18
C PRO E 18 -5.00 -22.76 17.43
N ASN E 19 -5.60 -22.78 18.61
CA ASN E 19 -4.85 -22.97 19.83
C ASN E 19 -4.77 -24.49 20.10
N LEU E 20 -4.43 -24.87 21.33
CA LEU E 20 -4.32 -26.28 21.76
C LEU E 20 -3.22 -27.00 21.00
N PHE E 21 -2.09 -26.32 20.85
CA PHE E 21 -0.86 -26.92 20.36
C PHE E 21 0.21 -26.67 21.40
N GLN E 22 1.39 -27.24 21.18
CA GLN E 22 2.53 -27.05 22.07
C GLN E 22 3.77 -27.49 21.32
N VAL E 23 4.76 -26.61 21.25
CA VAL E 23 5.96 -26.85 20.46
C VAL E 23 7.17 -26.88 21.38
N GLU E 24 8.00 -27.92 21.26
CA GLU E 24 9.17 -28.06 22.10
C GLU E 24 10.41 -28.19 21.23
N ILE E 25 11.52 -27.66 21.73
CA ILE E 25 12.83 -27.81 21.11
C ILE E 25 13.75 -28.43 22.15
N SER E 26 14.38 -29.54 21.80
CA SER E 26 15.21 -30.26 22.76
C SER E 26 16.47 -29.47 23.10
N TYR E 27 16.90 -28.59 22.20
CA TYR E 27 18.06 -27.76 22.49
C TYR E 27 17.72 -26.68 23.51
N LEU E 28 16.50 -26.16 23.47
CA LEU E 28 16.15 -25.06 24.36
C LEU E 28 15.86 -25.56 25.76
N GLY E 29 15.01 -26.57 25.89
CA GLY E 29 14.70 -27.15 27.18
C GLY E 29 13.20 -27.25 27.41
N GLN E 30 12.86 -27.86 28.54
CA GLN E 30 11.47 -28.17 28.85
C GLN E 30 10.69 -26.95 29.28
N ASN E 31 11.40 -25.87 29.63
CA ASN E 31 10.70 -24.66 30.06
C ASN E 31 10.36 -23.77 28.88
N PHE E 32 11.04 -23.97 27.74
CA PHE E 32 10.76 -23.15 26.56
C PHE E 32 9.41 -23.51 25.94
N THR E 33 8.95 -24.73 26.16
CA THR E 33 7.75 -25.19 25.45
C THR E 33 6.49 -24.58 26.05
N PHE E 34 6.61 -23.90 27.19
CA PHE E 34 5.51 -23.12 27.72
C PHE E 34 5.60 -21.68 27.25
N GLN E 35 6.73 -21.31 26.65
CA GLN E 35 7.00 -19.91 26.38
C GLN E 35 6.51 -19.50 25.00
N CYS E 36 6.43 -20.44 24.06
CA CYS E 36 6.10 -20.08 22.68
C CYS E 36 4.62 -19.79 22.53
N LYS E 37 4.30 -18.53 22.26
CA LYS E 37 2.91 -18.11 22.15
C LYS E 37 2.31 -18.48 20.79
N ALA E 38 2.95 -18.05 19.71
CA ALA E 38 2.36 -18.18 18.39
C ALA E 38 3.42 -18.53 17.36
N THR E 39 2.98 -19.24 16.32
CA THR E 39 3.84 -19.64 15.22
C THR E 39 2.98 -19.98 14.02
N ALA E 40 3.61 -20.60 13.03
CA ALA E 40 2.91 -21.11 11.86
C ALA E 40 3.52 -22.45 11.47
N LEU E 41 2.74 -23.31 10.86
CA LEU E 41 3.31 -24.53 10.32
C LEU E 41 3.96 -24.23 8.97
N PRO E 42 5.10 -24.85 8.67
CA PRO E 42 5.78 -24.52 7.41
C PRO E 42 5.05 -25.11 6.22
N ALA E 43 4.99 -24.33 5.15
CA ALA E 43 4.27 -24.75 3.96
C ALA E 43 5.14 -25.65 3.10
N GLY E 44 4.51 -26.31 2.14
CA GLY E 44 5.21 -27.08 1.14
C GLY E 44 5.17 -26.36 -0.19
N ILE E 45 6.25 -25.66 -0.51
CA ILE E 45 6.30 -24.76 -1.64
C ILE E 45 6.95 -25.48 -2.81
N VAL E 46 6.22 -25.62 -3.91
CA VAL E 46 6.77 -26.22 -5.13
C VAL E 46 6.50 -25.25 -6.27
N GLU E 47 7.56 -24.81 -6.93
CA GLU E 47 7.43 -23.91 -8.06
C GLU E 47 6.88 -24.66 -9.27
N LYS E 48 6.31 -23.91 -10.21
CA LYS E 48 5.67 -24.49 -11.39
C LYS E 48 6.52 -24.21 -12.62
N ILE E 49 6.59 -25.16 -13.53
CA ILE E 49 7.27 -24.99 -14.81
C ILE E 49 6.21 -24.93 -15.90
N PRO E 50 5.86 -23.77 -16.40
CA PRO E 50 5.05 -23.70 -17.63
C PRO E 50 5.92 -23.91 -18.86
N VAL E 51 5.50 -24.81 -19.74
CA VAL E 51 6.27 -25.15 -20.93
C VAL E 51 5.39 -24.98 -22.16
N GLY E 52 5.92 -24.28 -23.16
CA GLY E 52 5.18 -23.96 -24.35
C GLY E 52 5.24 -25.08 -25.38
N PHE E 53 4.06 -25.59 -25.73
CA PHE E 53 3.89 -26.47 -26.87
C PHE E 53 2.71 -25.96 -27.69
N MET E 54 3.01 -25.27 -28.79
CA MET E 54 2.03 -24.92 -29.83
C MET E 54 0.90 -24.08 -29.25
N ASN E 55 1.22 -22.84 -28.88
CA ASN E 55 0.26 -21.79 -28.44
C ASN E 55 -0.30 -22.08 -27.05
N ARG E 56 0.06 -23.19 -26.41
CA ARG E 56 -0.57 -23.53 -25.15
C ARG E 56 0.50 -23.93 -24.15
N LYS E 57 0.09 -24.06 -22.90
CA LYS E 57 1.00 -24.40 -21.81
C LYS E 57 0.43 -25.60 -21.06
N ILE E 58 1.26 -26.62 -20.88
CA ILE E 58 0.99 -27.66 -19.90
C ILE E 58 1.95 -27.42 -18.75
N ASN E 59 1.61 -27.91 -17.57
CA ASN E 59 2.43 -27.63 -16.40
C ASN E 59 3.00 -28.92 -15.83
N VAL E 60 4.28 -28.89 -15.49
CA VAL E 60 4.96 -30.03 -14.88
C VAL E 60 5.52 -29.55 -13.55
N ALA E 61 5.76 -30.51 -12.65
CA ALA E 61 6.21 -30.16 -11.31
C ALA E 61 7.65 -29.66 -11.35
N GLY E 62 7.88 -28.54 -10.68
CA GLY E 62 9.18 -27.91 -10.64
C GLY E 62 10.03 -28.47 -9.53
N ASP E 63 10.58 -27.59 -8.72
CA ASP E 63 11.50 -27.98 -7.66
C ASP E 63 11.01 -27.47 -6.33
N ARG E 64 11.27 -28.25 -5.28
CA ARG E 64 10.78 -27.91 -3.95
C ARG E 64 11.69 -26.87 -3.30
N THR E 65 11.08 -25.84 -2.71
CA THR E 65 11.76 -24.91 -1.84
C THR E 65 11.05 -24.95 -0.50
N PHE E 66 11.67 -24.39 0.52
CA PHE E 66 11.10 -24.37 1.87
C PHE E 66 10.94 -22.95 2.37
N ASP E 67 9.74 -22.62 2.80
CA ASP E 67 9.47 -21.32 3.37
C ASP E 67 10.06 -21.23 4.78
N ASP E 68 10.33 -20.02 5.22
CA ASP E 68 10.96 -19.83 6.52
C ASP E 68 9.94 -20.04 7.63
N TRP E 69 10.42 -20.41 8.80
CA TRP E 69 9.53 -20.79 9.90
C TRP E 69 9.52 -19.69 10.96
N THR E 70 8.36 -19.05 11.11
CA THR E 70 8.24 -17.87 11.95
C THR E 70 7.61 -18.24 13.29
N VAL E 71 8.31 -17.93 14.37
CA VAL E 71 7.90 -18.25 15.73
C VAL E 71 8.00 -16.99 16.56
N THR E 72 6.92 -16.66 17.26
CA THR E 72 6.97 -15.56 18.22
C THR E 72 6.65 -16.07 19.62
N VAL E 73 7.51 -15.70 20.57
CA VAL E 73 7.48 -16.24 21.92
C VAL E 73 7.30 -15.08 22.90
N MET E 74 7.00 -15.45 24.15
CA MET E 74 6.93 -14.47 25.22
C MET E 74 8.32 -14.25 25.80
N ASN E 75 8.40 -13.41 26.83
CA ASN E 75 9.68 -13.05 27.42
C ASN E 75 9.49 -12.85 28.91
N ASP E 76 10.37 -13.44 29.71
CA ASP E 76 10.37 -13.14 31.13
C ASP E 76 11.36 -12.03 31.45
N GLU E 77 11.49 -11.76 32.75
CA GLU E 77 12.25 -10.61 33.20
C GLU E 77 13.75 -10.79 32.97
N ALA E 78 14.24 -12.00 33.18
CA ALA E 78 15.69 -12.23 33.13
C ALA E 78 16.21 -12.36 31.71
N HIS E 79 15.32 -12.33 30.72
CA HIS E 79 15.64 -12.40 29.28
C HIS E 79 16.36 -13.66 28.87
N ASP E 80 16.24 -14.76 29.62
CA ASP E 80 16.89 -15.99 29.18
C ASP E 80 16.15 -16.61 28.00
N ALA E 81 14.87 -16.30 27.86
CA ALA E 81 14.11 -16.81 26.72
C ALA E 81 14.60 -16.19 25.41
N ARG E 82 15.17 -14.99 25.47
CA ARG E 82 15.74 -14.37 24.28
C ARG E 82 17.23 -14.64 24.16
N GLN E 83 17.93 -14.69 25.30
CA GLN E 83 19.37 -14.93 25.28
C GLN E 83 19.69 -16.32 24.75
N LYS E 84 18.80 -17.28 25.00
CA LYS E 84 19.07 -18.64 24.54
C LYS E 84 18.79 -18.78 23.05
N PHE E 85 18.12 -17.81 22.44
CA PHE E 85 18.15 -17.73 20.98
C PHE E 85 19.43 -17.10 20.49
N VAL E 86 19.92 -16.07 21.20
CA VAL E 86 21.10 -15.36 20.74
C VAL E 86 22.34 -16.22 20.92
N ASP E 87 22.41 -16.98 22.01
CA ASP E 87 23.51 -17.91 22.20
C ASP E 87 23.47 -19.03 21.18
N TRP E 88 22.28 -19.48 20.82
CA TRP E 88 22.15 -20.52 19.80
C TRP E 88 22.44 -19.97 18.42
N GLN E 89 22.25 -18.67 18.22
CA GLN E 89 22.54 -18.07 16.93
C GLN E 89 24.00 -17.63 16.86
N SER E 90 24.62 -17.39 18.02
CA SER E 90 26.03 -16.99 18.03
C SER E 90 26.94 -18.18 17.79
N ILE E 91 26.42 -19.40 17.92
CA ILE E 91 27.20 -20.56 17.52
C ILE E 91 27.37 -20.57 16.01
N ALA E 92 26.32 -20.19 15.29
CA ALA E 92 26.39 -20.17 13.84
C ALA E 92 27.30 -19.06 13.33
N ALA E 93 26.95 -17.81 13.62
CA ALA E 93 27.63 -16.67 13.01
C ALA E 93 28.56 -15.91 13.93
N GLY E 94 28.29 -15.88 15.23
CA GLY E 94 29.16 -15.17 16.15
C GLY E 94 28.87 -13.69 16.21
N GLN E 95 29.05 -13.13 17.41
CA GLN E 95 28.67 -11.75 17.67
C GLN E 95 29.66 -11.15 18.65
N GLY E 96 29.95 -9.87 18.47
CA GLY E 96 30.88 -9.17 19.33
C GLY E 96 32.09 -8.68 18.57
N ASN E 97 33.07 -8.20 19.33
CA ASN E 97 34.31 -7.75 18.72
C ASN E 97 35.10 -8.92 18.16
N GLU E 98 35.13 -10.04 18.89
CA GLU E 98 35.75 -11.24 18.37
C GLU E 98 34.86 -11.88 17.32
N ILE E 99 35.48 -12.58 16.40
CA ILE E 99 34.80 -13.25 15.31
C ILE E 99 34.96 -14.76 15.46
N THR E 100 33.87 -15.49 15.30
CA THR E 100 33.88 -16.93 15.40
C THR E 100 32.83 -17.52 14.47
N GLY E 101 32.87 -18.83 14.31
CA GLY E 101 31.89 -19.53 13.52
C GLY E 101 31.54 -20.85 14.15
N GLY E 102 30.77 -21.64 13.42
CA GLY E 102 30.41 -22.97 13.87
C GLY E 102 30.18 -23.90 12.70
N LYS E 103 30.51 -25.17 12.90
CA LYS E 103 30.27 -26.15 11.87
C LYS E 103 28.77 -26.48 11.83
N PRO E 104 28.24 -26.85 10.66
CA PRO E 104 26.78 -27.03 10.54
C PRO E 104 26.22 -28.18 11.36
N ALA E 105 27.05 -29.12 11.79
CA ALA E 105 26.56 -30.15 12.70
C ALA E 105 26.46 -29.62 14.12
N GLU E 106 26.99 -28.42 14.37
CA GLU E 106 27.08 -27.93 15.74
C GLU E 106 25.91 -27.02 16.09
N TYR E 107 25.43 -26.21 15.14
CA TYR E 107 24.37 -25.26 15.46
C TYR E 107 23.01 -25.64 14.90
N LYS E 108 22.95 -26.51 13.90
CA LYS E 108 21.68 -26.91 13.30
C LYS E 108 21.02 -27.98 14.17
N LYS E 109 19.83 -27.70 14.66
CA LYS E 109 19.12 -28.59 15.56
C LYS E 109 17.77 -28.96 14.99
N SER E 110 17.01 -29.71 15.76
CA SER E 110 15.70 -30.21 15.35
C SER E 110 14.64 -29.72 16.33
N ALA E 111 13.38 -29.82 15.91
CA ALA E 111 12.27 -29.37 16.73
C ALA E 111 11.04 -30.21 16.45
N ILE E 112 10.20 -30.35 17.47
CA ILE E 112 8.94 -31.10 17.38
C ILE E 112 7.81 -30.18 17.79
N VAL E 113 6.89 -29.92 16.86
CA VAL E 113 5.65 -29.22 17.16
C VAL E 113 4.52 -30.24 17.12
N ARG E 114 3.62 -30.17 18.08
CA ARG E 114 2.53 -31.11 18.18
C ARG E 114 1.24 -30.40 18.57
N GLN E 115 0.14 -30.82 17.97
CA GLN E 115 -1.17 -30.24 18.22
C GLN E 115 -1.95 -31.19 19.12
N TYR E 116 -2.71 -30.64 20.06
CA TYR E 116 -3.47 -31.48 20.95
C TYR E 116 -4.91 -31.58 20.47
N ALA E 117 -5.62 -32.59 20.95
CA ALA E 117 -7.05 -32.69 20.70
C ALA E 117 -7.79 -31.87 21.73
N ARG E 118 -9.12 -31.96 21.73
CA ARG E 118 -9.93 -31.16 22.65
C ARG E 118 -9.73 -31.62 24.08
N ASP E 119 -9.59 -32.91 24.29
CA ASP E 119 -8.94 -33.39 25.49
C ASP E 119 -7.48 -32.95 25.43
N ALA E 120 -7.07 -32.12 26.40
CA ALA E 120 -5.79 -31.44 26.30
C ALA E 120 -4.63 -32.41 26.53
N LYS E 121 -4.89 -33.53 27.21
CA LYS E 121 -3.82 -34.49 27.47
C LYS E 121 -3.57 -35.42 26.29
N THR E 122 -4.35 -35.30 25.22
CA THR E 122 -4.17 -36.19 24.08
C THR E 122 -3.28 -35.52 23.04
N VAL E 123 -2.32 -36.29 22.50
CA VAL E 123 -1.46 -35.80 21.44
C VAL E 123 -1.91 -36.42 20.14
N THR E 124 -2.55 -35.63 19.29
CA THR E 124 -3.22 -36.22 18.12
C THR E 124 -2.34 -36.20 16.88
N LYS E 125 -1.35 -35.31 16.83
CA LYS E 125 -0.50 -35.17 15.66
C LYS E 125 0.82 -34.54 16.05
N GLU E 126 1.92 -35.17 15.63
CA GLU E 126 3.27 -34.66 15.86
C GLU E 126 3.91 -34.34 14.52
N ILE E 127 4.46 -33.14 14.40
CA ILE E 127 5.13 -32.70 13.19
C ILE E 127 6.57 -32.36 13.53
N GLU E 128 7.50 -32.97 12.81
CA GLU E 128 8.92 -32.80 13.09
C GLU E 128 9.55 -31.93 12.02
N ILE E 129 10.40 -31.01 12.47
CA ILE E 129 11.19 -30.18 11.57
C ILE E 129 12.65 -30.49 11.87
N LYS E 130 13.44 -30.61 10.82
CA LYS E 130 14.84 -30.97 10.94
C LYS E 130 15.73 -29.86 10.42
N GLY E 131 16.91 -29.76 11.02
CA GLY E 131 17.93 -28.82 10.58
C GLY E 131 17.58 -27.38 10.80
N LEU E 132 17.49 -26.95 12.06
CA LEU E 132 16.99 -25.62 12.38
C LEU E 132 18.11 -24.76 12.91
N TRP E 133 18.17 -23.51 12.46
CA TRP E 133 19.00 -22.48 13.06
C TRP E 133 18.29 -21.15 12.81
N PRO E 134 18.27 -20.26 13.80
CA PRO E 134 17.47 -19.03 13.66
C PRO E 134 18.09 -18.05 12.67
N THR E 135 17.28 -17.63 11.71
CA THR E 135 17.75 -16.67 10.72
C THR E 135 17.94 -15.29 11.35
N ASN E 136 16.88 -14.74 11.91
CA ASN E 136 17.01 -13.50 12.68
C ASN E 136 16.28 -13.63 14.00
N VAL E 137 16.84 -12.98 15.02
CA VAL E 137 16.31 -13.00 16.37
C VAL E 137 16.18 -11.58 16.84
N GLY E 138 14.98 -11.20 17.26
CA GLY E 138 14.84 -9.95 17.98
C GLY E 138 13.74 -9.09 17.35
N GLU E 139 14.14 -7.86 17.05
CA GLU E 139 13.23 -6.74 16.89
C GLU E 139 12.26 -6.69 18.06
N LEU E 140 12.80 -6.45 19.24
CA LEU E 140 11.96 -6.40 20.43
C LEU E 140 11.43 -4.99 20.57
N GLN E 141 10.14 -4.88 20.89
CA GLN E 141 9.49 -3.60 20.99
C GLN E 141 9.27 -3.28 22.46
N LEU E 142 9.81 -2.15 22.92
CA LEU E 142 9.63 -1.73 24.30
C LEU E 142 9.50 -0.21 24.35
N ASP E 143 8.50 0.27 25.09
CA ASP E 143 8.12 1.67 25.09
C ASP E 143 7.41 2.01 26.39
N TRP E 144 7.45 3.29 26.75
CA TRP E 144 6.70 3.74 27.92
C TRP E 144 5.23 3.93 27.60
N ASP E 145 4.89 3.95 26.32
CA ASP E 145 3.51 4.27 25.98
C ASP E 145 2.61 3.05 25.98
N SER E 146 3.08 1.90 25.49
CA SER E 146 2.28 0.69 25.55
C SER E 146 2.21 0.21 27.00
N ASN E 147 1.00 0.09 27.52
CA ASN E 147 0.81 -0.10 28.95
C ASN E 147 0.41 -1.52 29.31
N ASN E 148 -0.67 -2.03 28.75
CA ASN E 148 -1.20 -3.30 29.20
C ASN E 148 -0.70 -4.47 28.39
N GLU E 149 0.26 -4.26 27.50
CA GLU E 149 0.69 -5.33 26.63
C GLU E 149 1.69 -6.22 27.34
N ILE E 150 1.98 -7.36 26.74
CA ILE E 150 3.05 -8.22 27.22
C ILE E 150 4.27 -8.04 26.32
N GLN E 151 5.45 -8.28 26.88
CA GLN E 151 6.69 -8.13 26.14
C GLN E 151 6.95 -9.40 25.34
N THR E 152 6.91 -9.30 24.02
CA THR E 152 7.08 -10.43 23.14
C THR E 152 7.92 -10.05 21.93
N PHE E 153 8.38 -11.05 21.21
CA PHE E 153 9.23 -10.84 20.04
C PHE E 153 9.14 -12.06 19.14
N GLU E 154 9.50 -11.86 17.87
CA GLU E 154 9.35 -12.88 16.85
C GLU E 154 10.72 -13.25 16.29
N VAL E 155 10.95 -14.54 16.10
CA VAL E 155 12.18 -15.05 15.51
C VAL E 155 11.80 -15.91 14.31
N THR E 156 12.71 -15.99 13.34
CA THR E 156 12.51 -16.84 12.17
C THR E 156 13.63 -17.86 12.14
N LEU E 157 13.31 -19.09 11.76
CA LEU E 157 14.24 -20.20 11.90
C LEU E 157 14.34 -20.93 10.56
N ALA E 158 15.52 -20.92 9.96
CA ALA E 158 15.73 -21.60 8.70
C ALA E 158 15.67 -23.10 8.88
N LEU E 159 15.15 -23.82 7.89
CA LEU E 159 14.98 -25.25 8.01
C LEU E 159 15.37 -25.94 6.72
N ASP E 160 15.86 -27.17 6.83
CA ASP E 160 16.15 -27.95 5.63
C ASP E 160 14.94 -28.68 5.12
N TYR E 161 14.23 -29.41 5.98
CA TYR E 161 13.04 -30.14 5.59
C TYR E 161 12.17 -30.42 6.79
N TRP E 162 10.88 -30.61 6.59
CA TRP E 162 9.97 -31.01 7.65
C TRP E 162 9.17 -32.22 7.18
N GLU E 163 9.07 -33.22 8.05
CA GLU E 163 8.37 -34.45 7.70
C GLU E 163 6.87 -34.25 7.81
N MET F 1 -50.42 -33.23 39.09
CA MET F 1 -50.37 -31.80 38.80
C MET F 1 -51.04 -31.03 39.91
N PHE F 2 -50.23 -30.50 40.82
CA PHE F 2 -50.72 -29.84 42.02
C PHE F 2 -49.85 -28.63 42.30
N VAL F 3 -50.34 -27.78 43.20
CA VAL F 3 -49.59 -26.57 43.52
C VAL F 3 -48.59 -26.87 44.62
N ASP F 4 -48.78 -27.97 45.34
CA ASP F 4 -47.80 -28.41 46.32
C ASP F 4 -46.70 -29.24 45.68
N ASP F 5 -46.74 -29.42 44.36
CA ASP F 5 -45.79 -30.31 43.71
C ASP F 5 -44.43 -29.65 43.58
N VAL F 6 -44.39 -28.31 43.61
CA VAL F 6 -43.11 -27.61 43.49
C VAL F 6 -42.31 -27.74 44.78
N THR F 7 -42.99 -27.91 45.92
CA THR F 7 -42.27 -28.14 47.16
C THR F 7 -41.66 -29.53 47.20
N ARG F 8 -42.25 -30.46 46.46
CA ARG F 8 -41.67 -31.80 46.34
C ARG F 8 -40.40 -31.76 45.50
N ALA F 9 -40.30 -30.80 44.58
CA ALA F 9 -39.17 -30.74 43.68
C ALA F 9 -37.90 -30.31 44.39
N PHE F 10 -38.04 -29.54 45.48
CA PHE F 10 -36.88 -29.05 46.20
C PHE F 10 -36.64 -29.88 47.46
N GLU F 11 -35.39 -29.95 47.88
CA GLU F 11 -35.08 -30.53 49.18
C GLU F 11 -35.54 -29.59 50.28
N SER F 12 -36.08 -30.18 51.35
CA SER F 12 -36.57 -29.49 52.56
C SER F 12 -37.80 -28.60 52.28
N GLY F 13 -38.34 -28.64 51.07
CA GLY F 13 -39.57 -27.93 50.76
C GLY F 13 -39.44 -26.41 50.80
N ASP F 14 -38.23 -25.90 50.66
CA ASP F 14 -38.00 -24.49 50.91
C ASP F 14 -37.25 -23.88 49.73
N PHE F 15 -37.24 -22.56 49.67
CA PHE F 15 -36.60 -21.81 48.60
C PHE F 15 -35.35 -21.17 49.15
N ALA F 16 -34.32 -21.06 48.31
CA ALA F 16 -33.15 -20.29 48.69
C ALA F 16 -33.45 -18.81 48.55
N ARG F 17 -32.89 -18.00 49.44
CA ARG F 17 -33.17 -16.57 49.45
C ARG F 17 -31.98 -15.78 48.93
N PRO F 18 -32.20 -14.57 48.38
CA PRO F 18 -31.05 -13.77 47.93
C PRO F 18 -30.23 -13.20 49.06
N ASN F 19 -30.81 -13.05 50.24
CA ASN F 19 -30.01 -12.80 51.43
C ASN F 19 -29.61 -14.14 52.03
N LEU F 20 -29.17 -14.15 53.30
CA LEU F 20 -28.77 -15.36 54.03
C LEU F 20 -27.54 -16.00 53.40
N PHE F 21 -26.59 -15.17 53.01
CA PHE F 21 -25.26 -15.62 52.61
C PHE F 21 -24.26 -14.91 53.49
N GLN F 22 -22.99 -15.27 53.32
CA GLN F 22 -21.90 -14.63 54.06
C GLN F 22 -20.60 -14.99 53.37
N VAL F 23 -19.82 -13.97 53.02
CA VAL F 23 -18.61 -14.15 52.24
C VAL F 23 -17.41 -13.72 53.06
N GLU F 24 -16.39 -14.57 53.13
CA GLU F 24 -15.19 -14.27 53.90
C GLU F 24 -13.97 -14.35 53.00
N ILE F 25 -12.98 -13.51 53.29
CA ILE F 25 -11.68 -13.54 52.64
C ILE F 25 -10.64 -13.68 53.74
N SER F 26 -9.80 -14.70 53.61
CA SER F 26 -8.81 -14.99 54.66
C SER F 26 -7.74 -13.90 54.73
N TYR F 27 -7.53 -13.19 53.62
CA TYR F 27 -6.56 -12.11 53.63
C TYR F 27 -7.10 -10.91 54.39
N LEU F 28 -8.41 -10.66 54.30
CA LEU F 28 -8.97 -9.47 54.93
C LEU F 28 -9.14 -9.67 56.43
N GLY F 29 -9.73 -10.76 56.85
CA GLY F 29 -9.91 -11.06 58.25
C GLY F 29 -11.34 -11.41 58.60
N GLN F 30 -11.53 -11.78 59.87
CA GLN F 30 -12.82 -12.28 60.33
C GLN F 30 -13.83 -11.15 60.51
N ASN F 31 -13.37 -9.92 60.55
CA ASN F 31 -14.29 -8.80 60.72
C ASN F 31 -14.83 -8.31 59.39
N PHE F 32 -14.14 -8.64 58.29
CA PHE F 32 -14.61 -8.20 56.98
C PHE F 32 -15.86 -8.96 56.55
N THR F 33 -16.05 -10.16 57.07
CA THR F 33 -17.14 -11.00 56.57
C THR F 33 -18.49 -10.54 57.10
N PHE F 34 -18.49 -9.60 58.03
CA PHE F 34 -19.73 -8.95 58.43
C PHE F 34 -19.95 -7.68 57.63
N GLN F 35 -18.93 -7.24 56.90
CA GLN F 35 -18.97 -5.93 56.29
C GLN F 35 -19.56 -5.97 54.88
N CYS F 36 -19.45 -7.10 54.20
CA CYS F 36 -19.86 -7.16 52.80
C CYS F 36 -21.38 -7.22 52.68
N LYS F 37 -21.95 -6.16 52.15
CA LYS F 37 -23.41 -6.07 52.03
C LYS F 37 -23.93 -6.86 50.84
N ALA F 38 -23.42 -6.58 49.65
CA ALA F 38 -23.99 -7.16 48.44
C ALA F 38 -22.90 -7.53 47.46
N THR F 39 -23.20 -8.53 46.64
CA THR F 39 -22.28 -9.02 45.61
C THR F 39 -23.07 -9.80 44.58
N ALA F 40 -22.34 -10.51 43.72
CA ALA F 40 -22.94 -11.40 42.75
C ALA F 40 -22.06 -12.64 42.65
N LEU F 41 -22.65 -13.77 42.31
CA LEU F 41 -21.85 -14.94 42.03
C LEU F 41 -21.31 -14.86 40.62
N PRO F 42 -20.06 -15.28 40.38
CA PRO F 42 -19.48 -15.14 39.05
C PRO F 42 -20.10 -16.14 38.07
N ALA F 43 -20.34 -15.67 36.86
CA ALA F 43 -20.96 -16.50 35.85
C ALA F 43 -19.94 -17.39 35.17
N GLY F 44 -20.43 -18.38 34.44
CA GLY F 44 -19.59 -19.21 33.60
C GLY F 44 -19.81 -18.86 32.15
N ILE F 45 -18.91 -18.06 31.60
CA ILE F 45 -19.06 -17.47 30.28
C ILE F 45 -18.29 -18.31 29.29
N VAL F 46 -18.99 -18.85 28.29
CA VAL F 46 -18.36 -19.60 27.21
C VAL F 46 -18.84 -19.02 25.90
N GLU F 47 -17.90 -18.54 25.08
CA GLU F 47 -18.23 -17.99 23.78
C GLU F 47 -18.63 -19.10 22.83
N LYS F 48 -19.37 -18.74 21.78
CA LYS F 48 -19.89 -19.69 20.81
C LYS F 48 -19.13 -19.55 19.50
N ILE F 49 -18.89 -20.68 18.82
CA ILE F 49 -18.27 -20.67 17.50
C ILE F 49 -19.33 -21.11 16.50
N PRO F 50 -19.93 -20.19 15.76
CA PRO F 50 -20.75 -20.59 14.61
C PRO F 50 -19.88 -20.91 13.41
N VAL F 51 -20.11 -22.06 12.79
CA VAL F 51 -19.31 -22.52 11.67
C VAL F 51 -20.22 -22.83 10.49
N GLY F 52 -19.87 -22.31 9.33
CA GLY F 52 -20.68 -22.43 8.14
C GLY F 52 -20.41 -23.73 7.41
N PHE F 53 -21.45 -24.54 7.27
CA PHE F 53 -21.45 -25.68 6.36
C PHE F 53 -22.73 -25.64 5.54
N MET F 54 -22.60 -25.20 4.28
CA MET F 54 -23.63 -25.31 3.26
C MET F 54 -24.92 -24.60 3.70
N ASN F 55 -24.86 -23.26 3.75
CA ASN F 55 -26.00 -22.35 3.99
C ASN F 55 -26.47 -22.40 5.44
N ARG F 56 -25.89 -23.22 6.30
CA ARG F 56 -26.40 -23.37 7.65
C ARG F 56 -25.25 -23.30 8.64
N LYS F 57 -25.61 -23.20 9.91
CA LYS F 57 -24.64 -23.07 10.99
C LYS F 57 -24.92 -24.14 12.03
N ILE F 58 -23.91 -24.90 12.39
CA ILE F 58 -23.92 -25.72 13.61
C ILE F 58 -23.02 -25.00 14.60
N ASN F 59 -23.24 -25.25 15.88
CA ASN F 59 -22.47 -24.54 16.89
C ASN F 59 -21.64 -25.52 17.71
N VAL F 60 -20.38 -25.15 17.95
CA VAL F 60 -19.47 -25.95 18.76
C VAL F 60 -19.01 -25.06 19.91
N ALA F 61 -18.56 -25.70 20.98
CA ALA F 61 -18.16 -24.95 22.17
C ALA F 61 -16.86 -24.19 21.93
N GLY F 62 -16.87 -22.92 22.30
CA GLY F 62 -15.73 -22.05 22.11
C GLY F 62 -14.75 -22.16 23.26
N ASP F 63 -14.39 -21.01 23.80
CA ASP F 63 -13.40 -20.93 24.86
C ASP F 63 -13.96 -20.22 26.07
N ARG F 64 -13.53 -20.66 27.25
CA ARG F 64 -14.06 -20.11 28.48
C ARG F 64 -13.39 -18.79 28.82
N THR F 65 -14.19 -17.80 29.18
CA THR F 65 -13.70 -16.57 29.77
C THR F 65 -14.38 -16.41 31.13
N PHE F 66 -13.87 -15.51 31.95
CA PHE F 66 -14.40 -15.29 33.28
C PHE F 66 -14.84 -13.85 33.45
N ASP F 67 -16.08 -13.67 33.87
CA ASP F 67 -16.61 -12.34 34.14
C ASP F 67 -16.03 -11.81 35.44
N ASP F 68 -16.01 -10.49 35.57
CA ASP F 68 -15.41 -9.87 36.74
C ASP F 68 -16.35 -10.01 37.93
N TRP F 69 -15.80 -9.98 39.13
CA TRP F 69 -16.55 -10.25 40.34
C TRP F 69 -16.79 -8.96 41.11
N THR F 70 -18.05 -8.53 41.19
CA THR F 70 -18.41 -7.24 41.73
C THR F 70 -18.92 -7.40 43.15
N VAL F 71 -18.29 -6.70 44.09
CA VAL F 71 -18.61 -6.76 45.50
C VAL F 71 -18.75 -5.34 46.02
N THR F 72 -19.86 -5.06 46.69
CA THR F 72 -20.04 -3.78 47.36
C THR F 72 -20.22 -3.99 48.85
N VAL F 73 -19.44 -3.24 49.64
CA VAL F 73 -19.34 -3.43 51.07
C VAL F 73 -19.73 -2.13 51.77
N MET F 74 -19.95 -2.23 53.08
CA MET F 74 -20.19 -1.05 53.89
C MET F 74 -18.87 -0.43 54.32
N ASN F 75 -18.95 0.63 55.11
CA ASN F 75 -17.77 1.37 55.52
C ASN F 75 -17.98 1.90 56.93
N ASP F 76 -16.98 1.70 57.79
CA ASP F 76 -17.02 2.33 59.09
C ASP F 76 -16.28 3.65 59.07
N GLU F 77 -16.19 4.26 60.26
CA GLU F 77 -15.68 5.61 60.39
C GLU F 77 -14.19 5.68 60.10
N ALA F 78 -13.44 4.68 60.56
CA ALA F 78 -11.98 4.74 60.48
C ALA F 78 -11.47 4.38 59.09
N HIS F 79 -12.36 3.99 58.17
CA HIS F 79 -12.06 3.64 56.79
C HIS F 79 -11.09 2.48 56.63
N ASP F 80 -10.97 1.59 57.61
CA ASP F 80 -10.08 0.46 57.44
C ASP F 80 -10.68 -0.57 56.49
N ALA F 81 -12.01 -0.57 56.36
CA ALA F 81 -12.66 -1.48 55.42
C ALA F 81 -12.33 -1.11 53.97
N ARG F 82 -12.03 0.16 53.73
CA ARG F 82 -11.63 0.57 52.38
C ARG F 82 -10.11 0.59 52.24
N GLN F 83 -9.39 0.96 53.30
CA GLN F 83 -7.94 1.01 53.25
C GLN F 83 -7.34 -0.37 53.04
N LYS F 84 -8.00 -1.41 53.56
CA LYS F 84 -7.47 -2.75 53.41
C LYS F 84 -7.73 -3.31 52.02
N PHE F 85 -8.60 -2.66 51.24
CA PHE F 85 -8.61 -2.93 49.81
C PHE F 85 -7.49 -2.20 49.11
N VAL F 86 -7.22 -0.96 49.51
CA VAL F 86 -6.22 -0.15 48.83
C VAL F 86 -4.83 -0.68 49.12
N ASP F 87 -4.59 -1.13 50.36
CA ASP F 87 -3.31 -1.74 50.69
C ASP F 87 -3.13 -3.06 49.96
N TRP F 88 -4.22 -3.81 49.79
CA TRP F 88 -4.13 -5.06 49.06
C TRP F 88 -3.98 -4.82 47.56
N GLN F 89 -4.45 -3.67 47.08
CA GLN F 89 -4.31 -3.36 45.67
C GLN F 89 -2.97 -2.66 45.41
N SER F 90 -2.40 -2.02 46.43
CA SER F 90 -1.11 -1.37 46.26
C SER F 90 0.03 -2.37 46.24
N ILE F 91 -0.21 -3.60 46.69
CA ILE F 91 0.79 -4.65 46.52
C ILE F 91 0.92 -4.99 45.05
N ALA F 92 -0.19 -5.01 44.33
CA ALA F 92 -0.15 -5.33 42.90
C ALA F 92 0.51 -4.22 42.10
N ALA F 93 -0.10 -3.04 42.11
CA ALA F 93 0.32 -1.97 41.21
C ALA F 93 1.07 -0.83 41.87
N GLY F 94 0.82 -0.53 43.13
CA GLY F 94 1.54 0.52 43.80
C GLY F 94 0.94 1.90 43.53
N GLN F 95 1.02 2.75 44.55
CA GLN F 95 0.37 4.04 44.51
C GLN F 95 1.23 5.05 45.26
N GLY F 96 1.24 6.27 44.76
CA GLY F 96 2.02 7.33 45.37
C GLY F 96 3.07 7.88 44.43
N ASN F 97 3.95 8.70 45.00
CA ASN F 97 5.05 9.23 44.22
C ASN F 97 6.07 8.14 43.91
N GLU F 98 6.33 7.27 44.87
CA GLU F 98 7.20 6.13 44.60
C GLU F 98 6.44 5.08 43.79
N ILE F 99 7.19 4.31 43.02
CA ILE F 99 6.63 3.28 42.16
C ILE F 99 7.12 1.92 42.65
N THR F 100 6.20 0.96 42.74
CA THR F 100 6.52 -0.38 43.17
C THR F 100 5.60 -1.37 42.48
N GLY F 101 5.91 -2.65 42.64
CA GLY F 101 5.09 -3.70 42.09
C GLY F 101 5.04 -4.88 43.04
N GLY F 102 4.44 -5.96 42.56
CA GLY F 102 4.37 -7.19 43.33
C GLY F 102 4.32 -8.39 42.42
N LYS F 103 4.91 -9.48 42.90
CA LYS F 103 4.87 -10.72 42.15
C LYS F 103 3.47 -11.33 42.28
N PRO F 104 3.01 -12.07 41.27
CA PRO F 104 1.62 -12.56 41.29
C PRO F 104 1.33 -13.58 42.39
N ALA F 105 2.35 -14.20 42.97
CA ALA F 105 2.10 -15.04 44.13
C ALA F 105 1.91 -14.22 45.39
N GLU F 106 2.18 -12.92 45.32
CA GLU F 106 2.18 -12.10 46.53
C GLU F 106 0.85 -11.38 46.73
N TYR F 107 0.20 -10.95 45.65
CA TYR F 107 -1.03 -10.18 45.80
C TYR F 107 -2.29 -10.95 45.44
N LYS F 108 -2.18 -12.03 44.68
CA LYS F 108 -3.35 -12.80 44.28
C LYS F 108 -3.75 -13.73 45.42
N LYS F 109 -4.97 -13.59 45.90
CA LYS F 109 -5.45 -14.36 47.03
C LYS F 109 -6.71 -15.12 46.64
N SER F 110 -7.29 -15.80 47.62
CA SER F 110 -8.47 -16.64 47.43
C SER F 110 -9.59 -16.15 48.33
N ALA F 111 -10.81 -16.59 48.04
CA ALA F 111 -11.98 -16.19 48.80
C ALA F 111 -13.01 -17.31 48.80
N ILE F 112 -13.79 -17.36 49.88
CA ILE F 112 -14.86 -18.34 50.04
C ILE F 112 -16.15 -17.59 50.30
N VAL F 113 -17.12 -17.76 49.41
CA VAL F 113 -18.47 -17.27 49.61
C VAL F 113 -19.36 -18.48 49.88
N ARG F 114 -20.24 -18.35 50.87
CA ARG F 114 -21.12 -19.45 51.24
C ARG F 114 -22.51 -18.93 51.54
N GLN F 115 -23.51 -19.70 51.13
CA GLN F 115 -24.91 -19.34 51.33
C GLN F 115 -25.45 -20.18 52.47
N TYR F 116 -26.29 -19.58 53.30
CA TYR F 116 -26.86 -20.32 54.42
C TYR F 116 -28.26 -20.81 54.07
N ALA F 117 -28.73 -21.80 54.82
CA ALA F 117 -30.10 -22.26 54.69
C ALA F 117 -30.98 -21.36 55.55
N ARG F 118 -32.27 -21.71 55.65
CA ARG F 118 -33.21 -20.90 56.41
C ARG F 118 -32.90 -20.94 57.89
N ASP F 119 -32.49 -22.10 58.39
CA ASP F 119 -31.73 -22.13 59.62
C ASP F 119 -30.40 -21.43 59.37
N ALA F 120 -30.16 -20.33 60.08
CA ALA F 120 -29.04 -19.45 59.74
C ALA F 120 -27.70 -20.09 60.12
N LYS F 121 -27.71 -21.03 61.06
CA LYS F 121 -26.47 -21.67 61.46
C LYS F 121 -26.04 -22.78 60.52
N THR F 122 -26.84 -23.10 59.51
CA THR F 122 -26.50 -24.17 58.60
C THR F 122 -25.78 -23.62 57.37
N VAL F 123 -24.70 -24.28 56.97
CA VAL F 123 -23.97 -23.91 55.77
C VAL F 123 -24.31 -24.90 54.68
N THR F 124 -25.12 -24.48 53.70
CA THR F 124 -25.65 -25.46 52.77
C THR F 124 -24.82 -25.56 51.51
N LYS F 125 -24.04 -24.53 51.17
CA LYS F 125 -23.26 -24.51 49.94
C LYS F 125 -22.09 -23.55 50.09
N GLU F 126 -20.90 -24.03 49.76
CA GLU F 126 -19.68 -23.23 49.78
C GLU F 126 -19.15 -23.11 48.36
N ILE F 127 -18.85 -21.90 47.93
CA ILE F 127 -18.32 -21.64 46.60
C ILE F 127 -16.97 -20.95 46.76
N GLU F 128 -15.94 -21.51 46.14
CA GLU F 128 -14.59 -21.01 46.28
C GLU F 128 -14.16 -20.31 45.00
N ILE F 129 -13.53 -19.16 45.17
CA ILE F 129 -12.94 -18.42 44.05
C ILE F 129 -11.44 -18.35 44.32
N LYS F 130 -10.66 -18.56 43.27
CA LYS F 130 -9.22 -18.61 43.38
C LYS F 130 -8.59 -17.49 42.57
N GLY F 131 -7.44 -17.02 43.04
CA GLY F 131 -6.66 -16.04 42.32
C GLY F 131 -7.30 -14.67 42.23
N LEU F 132 -7.45 -13.98 43.35
CA LEU F 132 -8.21 -12.75 43.38
C LEU F 132 -7.30 -11.56 43.63
N TRP F 133 -7.52 -10.48 42.89
CA TRP F 133 -6.91 -9.19 43.18
C TRP F 133 -7.88 -8.13 42.68
N PRO F 134 -8.08 -7.05 43.42
CA PRO F 134 -9.11 -6.08 43.06
C PRO F 134 -8.73 -5.26 41.84
N THR F 135 -9.63 -5.25 40.84
CA THR F 135 -9.38 -4.49 39.63
C THR F 135 -9.48 -3.00 39.90
N ASN F 136 -10.63 -2.54 40.39
CA ASN F 136 -10.74 -1.16 40.84
C ASN F 136 -11.41 -1.10 42.20
N VAL F 137 -10.98 -0.13 42.99
CA VAL F 137 -11.47 0.07 44.35
C VAL F 137 -11.89 1.51 44.48
N GLY F 138 -13.13 1.73 44.88
CA GLY F 138 -13.53 3.06 45.29
C GLY F 138 -14.78 3.50 44.56
N GLU F 139 -14.66 4.69 43.95
CA GLU F 139 -15.79 5.53 43.58
C GLU F 139 -16.73 5.66 44.78
N LEU F 140 -16.23 6.28 45.84
CA LEU F 140 -17.04 6.45 47.03
C LEU F 140 -17.86 7.71 46.88
N GLN F 141 -19.13 7.64 47.24
CA GLN F 141 -20.05 8.77 47.08
C GLN F 141 -20.30 9.36 48.45
N LEU F 142 -20.00 10.65 48.59
CA LEU F 142 -20.24 11.37 49.84
C LEU F 142 -20.69 12.79 49.55
N ASP F 143 -21.76 13.21 50.23
CA ASP F 143 -22.42 14.47 49.91
C ASP F 143 -23.17 14.96 51.15
N TRP F 144 -23.40 16.28 51.20
CA TRP F 144 -24.20 16.84 52.27
C TRP F 144 -25.68 16.64 52.02
N ASP F 145 -26.05 16.28 50.79
CA ASP F 145 -27.46 16.23 50.47
C ASP F 145 -28.08 14.89 50.81
N SER F 146 -27.39 13.78 50.58
CA SER F 146 -27.92 12.48 50.99
C SER F 146 -27.86 12.37 52.50
N ASN F 147 -29.01 12.14 53.11
CA ASN F 147 -29.14 12.26 54.55
C ASN F 147 -29.22 10.92 55.25
N ASN F 148 -30.19 10.09 54.90
CA ASN F 148 -30.43 8.89 55.68
C ASN F 148 -29.71 7.67 55.13
N GLU F 149 -28.83 7.85 54.16
CA GLU F 149 -28.19 6.71 53.53
C GLU F 149 -27.01 6.24 54.36
N ILE F 150 -26.50 5.06 54.03
CA ILE F 150 -25.26 4.58 54.62
C ILE F 150 -24.13 4.78 53.63
N GLN F 151 -22.92 4.92 54.15
CA GLN F 151 -21.75 5.13 53.32
C GLN F 151 -21.23 3.79 52.83
N THR F 152 -21.32 3.56 51.52
CA THR F 152 -20.92 2.30 50.92
C THR F 152 -20.21 2.54 49.60
N PHE F 153 -19.56 1.50 49.10
CA PHE F 153 -18.79 1.59 47.87
C PHE F 153 -18.64 0.20 47.28
N GLU F 154 -18.35 0.15 45.99
CA GLU F 154 -18.30 -1.10 45.25
C GLU F 154 -16.89 -1.30 44.70
N VAL F 155 -16.38 -2.53 44.81
CA VAL F 155 -15.09 -2.91 44.27
C VAL F 155 -15.30 -4.09 43.33
N THR F 156 -14.41 -4.23 42.35
CA THR F 156 -14.44 -5.36 41.43
C THR F 156 -13.13 -6.11 41.55
N LEU F 157 -13.19 -7.43 41.51
CA LEU F 157 -12.05 -8.27 41.83
C LEU F 157 -11.82 -9.27 40.70
N ALA F 158 -10.68 -9.16 40.04
CA ALA F 158 -10.35 -10.07 38.95
C ALA F 158 -10.09 -11.47 39.50
N LEU F 159 -10.45 -12.49 38.73
CA LEU F 159 -10.33 -13.86 39.20
C LEU F 159 -9.82 -14.74 38.08
N ASP F 160 -9.08 -15.79 38.45
CA ASP F 160 -8.65 -16.75 37.44
C ASP F 160 -9.70 -17.82 37.20
N TYR F 161 -10.21 -18.44 38.25
CA TYR F 161 -11.24 -19.46 38.11
C TYR F 161 -12.00 -19.62 39.41
N TRP F 162 -13.24 -20.11 39.34
CA TRP F 162 -14.02 -20.41 40.52
C TRP F 162 -14.56 -21.83 40.41
N GLU F 163 -14.43 -22.59 41.48
CA GLU F 163 -14.85 -23.98 41.47
C GLU F 163 -16.36 -24.07 41.64
N MET G 1 -8.83 5.67 -45.77
CA MET G 1 -7.84 5.66 -44.71
C MET G 1 -8.51 5.37 -43.38
N PHE G 2 -8.42 4.12 -42.96
CA PHE G 2 -9.12 3.65 -41.78
C PHE G 2 -8.22 2.68 -41.03
N VAL G 3 -8.61 2.38 -39.79
CA VAL G 3 -7.80 1.48 -38.99
C VAL G 3 -8.19 0.04 -39.26
N ASP G 4 -9.36 -0.17 -39.84
CA ASP G 4 -9.76 -1.50 -40.28
C ASP G 4 -9.23 -1.83 -41.66
N ASP G 5 -8.46 -0.93 -42.26
CA ASP G 5 -8.01 -1.13 -43.63
C ASP G 5 -6.88 -2.14 -43.70
N VAL G 6 -6.17 -2.33 -42.58
CA VAL G 6 -5.06 -3.27 -42.57
C VAL G 6 -5.58 -4.70 -42.56
N THR G 7 -6.79 -4.92 -42.02
CA THR G 7 -7.39 -6.25 -42.07
C THR G 7 -7.86 -6.58 -43.47
N ARG G 8 -8.15 -5.56 -44.27
CA ARG G 8 -8.51 -5.79 -45.66
C ARG G 8 -7.28 -6.21 -46.46
N ALA G 9 -6.09 -5.78 -46.03
CA ALA G 9 -4.87 -6.05 -46.78
C ALA G 9 -4.48 -7.52 -46.69
N PHE G 10 -4.86 -8.19 -45.62
CA PHE G 10 -4.50 -9.58 -45.44
C PHE G 10 -5.67 -10.50 -45.77
N GLU G 11 -5.35 -11.71 -46.20
CA GLU G 11 -6.38 -12.72 -46.36
C GLU G 11 -6.86 -13.18 -45.00
N SER G 12 -8.17 -13.42 -44.88
CA SER G 12 -8.86 -13.89 -43.67
C SER G 12 -8.82 -12.89 -42.52
N GLY G 13 -8.30 -11.70 -42.75
CA GLY G 13 -8.32 -10.64 -41.74
C GLY G 13 -7.47 -10.91 -40.53
N ASP G 14 -6.49 -11.80 -40.64
CA ASP G 14 -5.77 -12.27 -39.48
C ASP G 14 -4.27 -12.12 -39.71
N PHE G 15 -3.52 -12.23 -38.62
CA PHE G 15 -2.07 -12.09 -38.65
C PHE G 15 -1.45 -13.46 -38.43
N ALA G 16 -0.31 -13.71 -39.07
CA ALA G 16 0.44 -14.91 -38.78
C ALA G 16 1.19 -14.75 -37.46
N ARG G 17 1.30 -15.83 -36.71
CA ARG G 17 1.93 -15.76 -35.40
C ARG G 17 3.31 -16.41 -35.42
N PRO G 18 4.21 -16.01 -34.52
CA PRO G 18 5.53 -16.66 -34.48
C PRO G 18 5.48 -18.07 -33.95
N ASN G 19 4.49 -18.42 -33.17
CA ASN G 19 4.24 -19.82 -32.86
C ASN G 19 3.30 -20.37 -33.94
N LEU G 20 2.67 -21.53 -33.69
CA LEU G 20 1.72 -22.19 -34.60
C LEU G 20 2.42 -22.64 -35.89
N PHE G 21 3.62 -23.19 -35.72
CA PHE G 21 4.32 -23.87 -36.79
C PHE G 21 4.62 -25.27 -36.30
N GLN G 22 5.17 -26.08 -37.20
CA GLN G 22 5.57 -27.45 -36.86
C GLN G 22 6.51 -27.94 -37.95
N VAL G 23 7.68 -28.41 -37.55
CA VAL G 23 8.73 -28.79 -38.50
C VAL G 23 9.02 -30.28 -38.33
N GLU G 24 9.03 -31.00 -39.45
CA GLU G 24 9.28 -32.43 -39.43
C GLU G 24 10.46 -32.77 -40.32
N ILE G 25 11.22 -33.78 -39.93
CA ILE G 25 12.30 -34.33 -40.73
C ILE G 25 12.01 -35.82 -40.90
N SER G 26 11.97 -36.28 -42.15
CA SER G 26 11.61 -37.66 -42.44
C SER G 26 12.70 -38.62 -41.95
N TYR G 27 13.94 -38.14 -41.84
CA TYR G 27 15.00 -38.99 -41.33
C TYR G 27 14.87 -39.19 -39.83
N LEU G 28 14.39 -38.18 -39.12
CA LEU G 28 14.33 -38.29 -37.66
C LEU G 28 13.13 -39.12 -37.22
N GLY G 29 11.95 -38.82 -37.74
CA GLY G 29 10.76 -39.57 -37.42
C GLY G 29 9.61 -38.67 -36.98
N GLN G 30 8.47 -39.33 -36.76
CA GLN G 30 7.23 -38.60 -36.48
C GLN G 30 7.20 -38.07 -35.05
N ASN G 31 8.08 -38.57 -34.19
CA ASN G 31 8.10 -38.11 -32.82
C ASN G 31 8.98 -36.88 -32.65
N PHE G 32 9.89 -36.65 -33.60
CA PHE G 32 10.78 -35.50 -33.51
C PHE G 32 10.02 -34.20 -33.77
N THR G 33 8.92 -34.27 -34.52
CA THR G 33 8.26 -33.04 -34.94
C THR G 33 7.48 -32.41 -33.80
N PHE G 34 7.35 -33.12 -32.68
CA PHE G 34 6.80 -32.50 -31.47
C PHE G 34 7.91 -31.95 -30.60
N GLN G 35 9.16 -32.28 -30.92
CA GLN G 35 10.27 -31.99 -30.03
C GLN G 35 10.89 -30.63 -30.32
N CYS G 36 10.79 -30.15 -31.55
CA CYS G 36 11.48 -28.93 -31.91
C CYS G 36 10.76 -27.71 -31.38
N LYS G 37 11.41 -27.03 -30.43
CA LYS G 37 10.80 -25.87 -29.79
C LYS G 37 10.90 -24.62 -30.65
N ALA G 38 12.11 -24.26 -31.07
CA ALA G 38 12.33 -22.99 -31.73
C ALA G 38 13.35 -23.13 -32.85
N THR G 39 13.20 -22.28 -33.86
CA THR G 39 14.10 -22.25 -35.00
C THR G 39 13.97 -20.90 -35.70
N ALA G 40 14.53 -20.82 -36.90
CA ALA G 40 14.41 -19.65 -37.75
C ALA G 40 14.25 -20.12 -39.18
N LEU G 41 13.56 -19.34 -39.99
CA LEU G 41 13.52 -19.65 -41.41
C LEU G 41 14.81 -19.14 -42.07
N PRO G 42 15.36 -19.88 -43.03
CA PRO G 42 16.63 -19.47 -43.63
C PRO G 42 16.43 -18.28 -44.55
N ALA G 43 17.38 -17.35 -44.49
CA ALA G 43 17.30 -16.14 -45.28
C ALA G 43 17.79 -16.38 -46.69
N GLY G 44 17.50 -15.43 -47.58
CA GLY G 44 18.04 -15.44 -48.91
C GLY G 44 19.10 -14.36 -49.04
N ILE G 45 20.35 -14.77 -48.95
CA ILE G 45 21.48 -13.85 -48.85
C ILE G 45 22.08 -13.71 -50.24
N VAL G 46 22.11 -12.48 -50.75
CA VAL G 46 22.76 -12.18 -52.02
C VAL G 46 23.71 -11.02 -51.79
N GLU G 47 24.99 -11.25 -52.08
CA GLU G 47 25.99 -10.20 -51.94
C GLU G 47 25.84 -9.17 -53.04
N LYS G 48 26.36 -7.98 -52.81
CA LYS G 48 26.23 -6.86 -53.73
C LYS G 48 27.57 -6.58 -54.39
N ILE G 49 27.55 -6.23 -55.68
CA ILE G 49 28.75 -5.83 -56.40
C ILE G 49 28.66 -4.34 -56.67
N PRO G 50 29.34 -3.49 -55.91
CA PRO G 50 29.48 -2.09 -56.32
C PRO G 50 30.56 -1.93 -57.37
N VAL G 51 30.24 -1.24 -58.45
CA VAL G 51 31.15 -1.08 -59.57
C VAL G 51 31.31 0.41 -59.87
N GLY G 52 32.56 0.86 -60.00
CA GLY G 52 32.88 2.24 -60.19
C GLY G 52 32.80 2.65 -61.64
N PHE G 53 31.94 3.61 -61.93
CA PHE G 53 31.93 4.31 -63.20
C PHE G 53 31.87 5.81 -62.93
N MET G 54 33.01 6.48 -63.06
CA MET G 54 33.12 7.94 -63.07
C MET G 54 32.55 8.55 -61.79
N ASN G 55 33.27 8.34 -60.68
CA ASN G 55 33.02 8.94 -59.36
C ASN G 55 31.77 8.36 -58.69
N ARG G 56 31.06 7.44 -59.32
CA ARG G 56 29.81 6.97 -58.74
C ARG G 56 29.76 5.46 -58.81
N LYS G 57 28.78 4.88 -58.13
CA LYS G 57 28.61 3.44 -58.05
C LYS G 57 27.19 3.09 -58.45
N ILE G 58 27.05 2.17 -59.39
CA ILE G 58 25.79 1.47 -59.63
C ILE G 58 25.96 0.08 -59.05
N ASN G 59 24.85 -0.57 -58.72
CA ASN G 59 24.94 -1.87 -58.09
C ASN G 59 24.29 -2.93 -58.97
N VAL G 60 24.96 -4.07 -59.10
CA VAL G 60 24.45 -5.20 -59.86
C VAL G 60 24.39 -6.38 -58.91
N ALA G 61 23.56 -7.37 -59.25
CA ALA G 61 23.36 -8.50 -58.37
C ALA G 61 24.59 -9.41 -58.37
N GLY G 62 25.02 -9.76 -57.17
CA GLY G 62 26.19 -10.59 -56.98
C GLY G 62 25.86 -12.07 -57.07
N ASP G 63 26.30 -12.82 -56.07
CA ASP G 63 26.13 -14.25 -56.05
C ASP G 63 25.41 -14.69 -54.79
N ARG G 64 24.60 -15.72 -54.92
CA ARG G 64 23.80 -16.19 -53.80
C ARG G 64 24.63 -17.05 -52.86
N THR G 65 24.51 -16.79 -51.56
CA THR G 65 25.02 -17.66 -50.53
C THR G 65 23.86 -18.04 -49.64
N PHE G 66 24.06 -19.05 -48.80
CA PHE G 66 23.00 -19.54 -47.92
C PHE G 66 23.44 -19.46 -46.48
N ASP G 67 22.62 -18.83 -45.65
CA ASP G 67 22.90 -18.73 -44.23
C ASP G 67 22.60 -20.08 -43.56
N ASP G 68 23.23 -20.30 -42.43
CA ASP G 68 23.08 -21.57 -41.74
C ASP G 68 21.73 -21.63 -41.04
N TRP G 69 21.22 -22.84 -40.83
CA TRP G 69 19.87 -23.02 -40.30
C TRP G 69 19.94 -23.46 -38.85
N THR G 70 19.47 -22.62 -37.95
CA THR G 70 19.63 -22.83 -36.52
C THR G 70 18.33 -23.34 -35.93
N VAL G 71 18.40 -24.50 -35.28
CA VAL G 71 17.25 -25.18 -34.69
C VAL G 71 17.59 -25.55 -33.26
N THR G 72 16.73 -25.18 -32.33
CA THR G 72 16.88 -25.61 -30.95
C THR G 72 15.68 -26.42 -30.52
N VAL G 73 15.95 -27.60 -29.94
CA VAL G 73 14.93 -28.58 -29.63
C VAL G 73 14.96 -28.86 -28.13
N MET G 74 13.92 -29.55 -27.67
CA MET G 74 13.87 -30.02 -26.30
C MET G 74 14.60 -31.36 -26.17
N ASN G 75 14.59 -31.92 -24.98
CA ASN G 75 15.32 -33.15 -24.70
C ASN G 75 14.55 -33.96 -23.68
N ASP G 76 14.37 -35.25 -23.95
CA ASP G 76 13.81 -36.13 -22.95
C ASP G 76 14.91 -36.81 -22.15
N GLU G 77 14.48 -37.71 -21.27
CA GLU G 77 15.39 -38.31 -20.31
C GLU G 77 16.37 -39.26 -20.96
N ALA G 78 15.91 -40.02 -21.96
CA ALA G 78 16.73 -41.07 -22.55
C ALA G 78 17.74 -40.53 -23.56
N HIS G 79 17.69 -39.22 -23.83
CA HIS G 79 18.59 -38.51 -24.75
C HIS G 79 18.56 -39.02 -26.17
N ASP G 80 17.48 -39.65 -26.61
CA ASP G 80 17.43 -40.10 -28.00
C ASP G 80 17.22 -38.92 -28.95
N ALA G 81 16.63 -37.83 -28.44
CA ALA G 81 16.44 -36.64 -29.26
C ALA G 81 17.77 -35.98 -29.59
N ARG G 82 18.79 -36.19 -28.75
CA ARG G 82 20.11 -35.66 -29.06
C ARG G 82 20.99 -36.70 -29.72
N GLN G 83 20.84 -37.97 -29.34
CA GLN G 83 21.64 -39.04 -29.93
C GLN G 83 21.33 -39.21 -31.41
N LYS G 84 20.09 -38.95 -31.81
CA LYS G 84 19.73 -39.12 -33.21
C LYS G 84 20.23 -37.96 -34.05
N PHE G 85 20.67 -36.86 -33.43
CA PHE G 85 21.48 -35.90 -34.16
C PHE G 85 22.92 -36.36 -34.26
N VAL G 86 23.44 -36.95 -33.19
CA VAL G 86 24.85 -37.35 -33.18
C VAL G 86 25.07 -38.53 -34.11
N ASP G 87 24.13 -39.47 -34.14
CA ASP G 87 24.21 -40.59 -35.06
C ASP G 87 24.09 -40.11 -36.50
N TRP G 88 23.25 -39.11 -36.74
CA TRP G 88 23.11 -38.57 -38.09
C TRP G 88 24.32 -37.74 -38.48
N GLN G 89 25.02 -37.18 -37.49
CA GLN G 89 26.21 -36.42 -37.79
C GLN G 89 27.44 -37.31 -37.86
N SER G 90 27.39 -38.48 -37.20
CA SER G 90 28.52 -39.40 -37.26
C SER G 90 28.57 -40.15 -38.58
N ILE G 91 27.47 -40.13 -39.34
CA ILE G 91 27.52 -40.66 -40.69
C ILE G 91 28.40 -39.78 -41.56
N ALA G 92 28.32 -38.47 -41.36
CA ALA G 92 29.12 -37.54 -42.16
C ALA G 92 30.58 -37.63 -41.78
N ALA G 93 30.92 -37.30 -40.54
CA ALA G 93 32.31 -37.14 -40.14
C ALA G 93 32.86 -38.25 -39.28
N GLY G 94 32.05 -38.92 -38.48
CA GLY G 94 32.53 -40.00 -37.65
C GLY G 94 33.15 -39.52 -36.35
N GLN G 95 32.96 -40.33 -35.31
CA GLN G 95 33.35 -39.93 -33.97
C GLN G 95 33.82 -41.17 -33.23
N GLY G 96 34.83 -40.99 -32.37
CA GLY G 96 35.39 -42.08 -31.61
C GLY G 96 36.84 -42.32 -31.92
N ASN G 97 37.35 -43.44 -31.41
CA ASN G 97 38.73 -43.81 -31.70
C ASN G 97 38.86 -44.25 -33.14
N GLU G 98 37.87 -45.00 -33.65
CA GLU G 98 37.87 -45.35 -35.06
C GLU G 98 37.48 -44.15 -35.90
N ILE G 99 37.95 -44.14 -37.12
CA ILE G 99 37.69 -43.05 -38.07
C ILE G 99 36.88 -43.59 -39.23
N THR G 100 35.84 -42.87 -39.62
CA THR G 100 34.98 -43.25 -40.72
C THR G 100 34.45 -42.00 -41.40
N GLY G 101 33.81 -42.21 -42.55
CA GLY G 101 33.20 -41.13 -43.28
C GLY G 101 31.90 -41.58 -43.91
N GLY G 102 31.34 -40.72 -44.73
CA GLY G 102 30.12 -41.04 -45.44
C GLY G 102 30.05 -40.30 -46.76
N LYS G 103 29.45 -40.93 -47.75
CA LYS G 103 29.26 -40.29 -49.03
C LYS G 103 28.14 -39.26 -48.91
N PRO G 104 28.19 -38.18 -49.69
CA PRO G 104 27.20 -37.10 -49.52
C PRO G 104 25.77 -37.49 -49.85
N ALA G 105 25.56 -38.57 -50.59
CA ALA G 105 24.20 -39.04 -50.79
C ALA G 105 23.69 -39.80 -49.56
N GLU G 106 24.58 -40.09 -48.61
CA GLU G 106 24.20 -40.96 -47.51
C GLU G 106 23.79 -40.16 -46.28
N TYR G 107 24.42 -39.02 -46.02
CA TYR G 107 24.12 -38.27 -44.81
C TYR G 107 23.30 -37.00 -45.06
N LYS G 108 23.28 -36.49 -46.28
CA LYS G 108 22.55 -35.27 -46.58
C LYS G 108 21.08 -35.60 -46.79
N LYS G 109 20.21 -35.02 -45.98
CA LYS G 109 18.79 -35.31 -46.02
C LYS G 109 18.00 -34.03 -46.27
N SER G 110 16.68 -34.16 -46.24
CA SER G 110 15.76 -33.06 -46.52
C SER G 110 14.85 -32.85 -45.32
N ALA G 111 14.20 -31.70 -45.29
CA ALA G 111 13.30 -31.34 -44.19
C ALA G 111 12.18 -30.46 -44.68
N ILE G 112 11.04 -30.57 -44.02
CA ILE G 112 9.86 -29.77 -44.34
C ILE G 112 9.42 -29.04 -43.08
N VAL G 113 9.45 -27.72 -43.13
CA VAL G 113 8.89 -26.87 -42.08
C VAL G 113 7.60 -26.26 -42.62
N ARG G 114 6.55 -26.25 -41.80
CA ARG G 114 5.27 -25.72 -42.22
C ARG G 114 4.64 -24.91 -41.09
N GLN G 115 4.00 -23.82 -41.46
CA GLN G 115 3.35 -22.93 -40.51
C GLN G 115 1.86 -23.17 -40.58
N TYR G 116 1.19 -23.15 -39.43
CA TYR G 116 -0.23 -23.36 -39.41
C TYR G 116 -0.98 -22.03 -39.36
N ALA G 117 -2.25 -22.08 -39.73
CA ALA G 117 -3.12 -20.91 -39.58
C ALA G 117 -3.65 -20.89 -38.16
N ARG G 118 -4.56 -19.95 -37.88
CA ARG G 118 -5.12 -19.81 -36.53
C ARG G 118 -5.97 -21.01 -36.17
N ASP G 119 -6.72 -21.53 -37.13
CA ASP G 119 -7.19 -22.89 -37.03
C ASP G 119 -5.97 -23.81 -37.10
N ALA G 120 -5.73 -24.56 -36.04
CA ALA G 120 -4.47 -25.26 -35.89
C ALA G 120 -4.38 -26.45 -36.84
N LYS G 121 -5.52 -26.97 -37.29
CA LYS G 121 -5.51 -28.10 -38.21
C LYS G 121 -5.27 -27.70 -39.65
N THR G 122 -5.15 -26.40 -39.94
CA THR G 122 -4.95 -25.95 -41.30
C THR G 122 -3.46 -25.76 -41.57
N VAL G 123 -3.00 -26.25 -42.72
CA VAL G 123 -1.62 -26.06 -43.15
C VAL G 123 -1.59 -24.99 -44.22
N THR G 124 -1.13 -23.79 -43.87
CA THR G 124 -1.29 -22.67 -44.80
C THR G 124 -0.07 -22.47 -45.68
N LYS G 125 1.10 -22.95 -45.26
CA LYS G 125 2.33 -22.75 -46.01
C LYS G 125 3.34 -23.82 -45.65
N GLU G 126 3.91 -24.46 -46.66
CA GLU G 126 4.94 -25.47 -46.49
C GLU G 126 6.23 -24.97 -47.14
N ILE G 127 7.33 -25.02 -46.39
CA ILE G 127 8.63 -24.60 -46.88
C ILE G 127 9.58 -25.78 -46.80
N GLU G 128 10.21 -26.10 -47.92
CA GLU G 128 11.08 -27.26 -48.02
C GLU G 128 12.53 -26.82 -48.06
N ILE G 129 13.36 -27.52 -47.30
CA ILE G 129 14.80 -27.32 -47.34
C ILE G 129 15.42 -28.63 -47.81
N LYS G 130 16.40 -28.50 -48.69
CA LYS G 130 17.05 -29.67 -49.29
C LYS G 130 18.51 -29.72 -48.91
N GLY G 131 19.03 -30.94 -48.82
CA GLY G 131 20.44 -31.18 -48.58
C GLY G 131 20.91 -30.77 -47.21
N LEU G 132 20.45 -31.46 -46.17
CA LEU G 132 20.71 -31.02 -44.81
C LEU G 132 21.65 -32.00 -44.11
N TRP G 133 22.62 -31.46 -43.38
CA TRP G 133 23.42 -32.23 -42.46
C TRP G 133 23.85 -31.29 -41.34
N PRO G 134 23.83 -31.74 -40.09
CA PRO G 134 24.07 -30.81 -38.98
C PRO G 134 25.53 -30.39 -38.89
N THR G 135 25.74 -29.08 -38.86
CA THR G 135 27.09 -28.55 -38.74
C THR G 135 27.67 -28.81 -37.37
N ASN G 136 27.01 -28.30 -36.33
CA ASN G 136 27.39 -28.65 -34.97
C ASN G 136 26.17 -29.04 -34.15
N VAL G 137 26.38 -29.97 -33.24
CA VAL G 137 25.32 -30.51 -32.38
C VAL G 137 25.80 -30.42 -30.96
N GLY G 138 25.02 -29.77 -30.11
CA GLY G 138 25.26 -29.87 -28.69
C GLY G 138 25.35 -28.49 -28.06
N GLU G 139 26.47 -28.31 -27.33
CA GLU G 139 26.60 -27.31 -26.29
C GLU G 139 25.39 -27.39 -25.36
N LEU G 140 25.26 -28.51 -24.67
CA LEU G 140 24.14 -28.69 -23.78
C LEU G 140 24.51 -28.11 -22.42
N GLN G 141 23.58 -27.39 -21.83
CA GLN G 141 23.83 -26.70 -20.56
C GLN G 141 23.10 -27.46 -19.46
N LEU G 142 23.86 -27.91 -18.46
CA LEU G 142 23.28 -28.61 -17.33
C LEU G 142 24.00 -28.23 -16.05
N ASP G 143 23.25 -27.90 -15.01
CA ASP G 143 23.80 -27.34 -13.79
C ASP G 143 22.86 -27.62 -12.63
N TRP G 144 23.42 -27.62 -11.42
CA TRP G 144 22.59 -27.77 -10.23
C TRP G 144 21.91 -26.46 -9.86
N ASP G 145 22.35 -25.35 -10.44
CA ASP G 145 21.83 -24.08 -10.01
C ASP G 145 20.55 -23.69 -10.75
N SER G 146 20.46 -23.95 -12.05
CA SER G 146 19.22 -23.68 -12.76
C SER G 146 18.17 -24.70 -12.35
N ASN G 147 17.06 -24.21 -11.84
CA ASN G 147 16.09 -25.07 -11.17
C ASN G 147 14.84 -25.32 -12.01
N ASN G 148 14.14 -24.27 -12.42
CA ASN G 148 12.85 -24.48 -13.06
C ASN G 148 12.93 -24.54 -14.56
N GLU G 149 14.13 -24.59 -15.13
CA GLU G 149 14.26 -24.55 -16.57
C GLU G 149 14.04 -25.93 -17.16
N ILE G 150 13.90 -25.98 -18.49
CA ILE G 150 13.85 -27.24 -19.20
C ILE G 150 15.21 -27.48 -19.86
N GLN G 151 15.55 -28.74 -20.06
CA GLN G 151 16.82 -29.10 -20.67
C GLN G 151 16.68 -29.04 -22.18
N THR G 152 17.39 -28.10 -22.80
CA THR G 152 17.32 -27.88 -24.23
C THR G 152 18.70 -27.59 -24.79
N PHE G 153 18.80 -27.64 -26.12
CA PHE G 153 20.07 -27.43 -26.81
C PHE G 153 19.79 -27.02 -28.24
N GLU G 154 20.77 -26.39 -28.86
CA GLU G 154 20.63 -25.82 -30.19
C GLU G 154 21.60 -26.51 -31.14
N VAL G 155 21.12 -26.83 -32.33
CA VAL G 155 21.93 -27.42 -33.39
C VAL G 155 21.83 -26.53 -34.62
N THR G 156 22.86 -26.55 -35.46
CA THR G 156 22.86 -25.81 -36.71
C THR G 156 23.04 -26.81 -37.85
N LEU G 157 22.32 -26.59 -38.94
CA LEU G 157 22.23 -27.58 -40.00
C LEU G 157 22.56 -26.92 -41.33
N ALA G 158 23.65 -27.36 -41.96
CA ALA G 158 24.06 -26.80 -43.25
C ALA G 158 23.07 -27.21 -44.33
N LEU G 159 22.84 -26.33 -45.30
CA LEU G 159 21.86 -26.60 -46.33
C LEU G 159 22.39 -26.17 -47.68
N ASP G 160 21.95 -26.84 -48.74
CA ASP G 160 22.33 -26.43 -50.08
C ASP G 160 21.38 -25.37 -50.62
N TYR G 161 20.08 -25.60 -50.55
CA TYR G 161 19.10 -24.64 -51.03
C TYR G 161 17.75 -24.88 -50.37
N TRP G 162 16.92 -23.86 -50.29
CA TRP G 162 15.56 -24.01 -49.80
C TRP G 162 14.60 -23.38 -50.80
N GLU G 163 13.53 -24.10 -51.11
CA GLU G 163 12.57 -23.63 -52.09
C GLU G 163 11.65 -22.59 -51.48
N MET H 1 -41.03 -2.32 -18.66
CA MET H 1 -40.05 -1.86 -17.70
C MET H 1 -40.62 -1.95 -16.30
N PHE H 2 -40.27 -3.03 -15.60
CA PHE H 2 -40.83 -3.33 -14.31
C PHE H 2 -39.74 -3.89 -13.41
N VAL H 3 -40.03 -3.95 -12.12
CA VAL H 3 -39.03 -4.45 -11.19
C VAL H 3 -39.12 -5.97 -11.08
N ASP H 4 -40.23 -6.54 -11.52
CA ASP H 4 -40.34 -7.99 -11.61
C ASP H 4 -39.77 -8.52 -12.90
N ASP H 5 -39.22 -7.65 -13.76
CA ASP H 5 -38.76 -8.08 -15.07
C ASP H 5 -37.45 -8.83 -14.96
N VAL H 6 -36.69 -8.59 -13.89
CA VAL H 6 -35.40 -9.27 -13.72
C VAL H 6 -35.62 -10.74 -13.35
N THR H 7 -36.73 -11.05 -12.70
CA THR H 7 -37.04 -12.44 -12.39
C THR H 7 -37.45 -13.19 -13.65
N ARG H 8 -37.97 -12.48 -14.65
CA ARG H 8 -38.27 -13.10 -15.93
C ARG H 8 -37.00 -13.44 -16.69
N ALA H 9 -35.93 -12.69 -16.44
CA ALA H 9 -34.69 -12.89 -17.18
C ALA H 9 -33.99 -14.18 -16.78
N PHE H 10 -34.21 -14.63 -15.55
CA PHE H 10 -33.56 -15.84 -15.08
C PHE H 10 -34.51 -17.02 -15.12
N GLU H 11 -33.96 -18.21 -15.28
CA GLU H 11 -34.75 -19.42 -15.13
C GLU H 11 -35.10 -19.62 -13.66
N SER H 12 -36.33 -20.08 -13.42
CA SER H 12 -36.88 -20.39 -12.09
C SER H 12 -37.04 -19.15 -11.20
N GLY H 13 -36.78 -17.96 -11.74
CA GLY H 13 -37.02 -16.72 -11.00
C GLY H 13 -36.11 -16.51 -9.82
N ASP H 14 -34.96 -17.18 -9.79
CA ASP H 14 -34.15 -17.21 -8.59
C ASP H 14 -32.72 -16.83 -8.95
N PHE H 15 -31.95 -16.51 -7.91
CA PHE H 15 -30.56 -16.10 -8.06
C PHE H 15 -29.67 -17.22 -7.58
N ALA H 16 -28.51 -17.38 -8.21
CA ALA H 16 -27.51 -18.30 -7.70
C ALA H 16 -26.80 -17.67 -6.51
N ARG H 17 -26.45 -18.49 -5.54
CA ARG H 17 -25.84 -17.99 -4.32
C ARG H 17 -24.35 -18.33 -4.28
N PRO H 18 -23.53 -17.54 -3.56
CA PRO H 18 -22.11 -17.89 -3.45
C PRO H 18 -21.84 -19.11 -2.60
N ASN H 19 -22.74 -19.46 -1.70
CA ASN H 19 -22.68 -20.77 -1.07
C ASN H 19 -23.49 -21.73 -1.93
N LEU H 20 -23.86 -22.89 -1.37
CA LEU H 20 -24.66 -23.93 -2.04
C LEU H 20 -23.89 -24.53 -3.22
N PHE H 21 -22.61 -24.77 -3.02
CA PHE H 21 -21.80 -25.54 -3.95
C PHE H 21 -21.20 -26.69 -3.16
N GLN H 22 -20.50 -27.57 -3.87
CA GLN H 22 -19.82 -28.70 -3.27
C GLN H 22 -18.82 -29.24 -4.26
N VAL H 23 -17.56 -29.35 -3.84
CA VAL H 23 -16.47 -29.72 -4.73
C VAL H 23 -15.87 -31.05 -4.25
N GLU H 24 -15.72 -32.00 -5.16
CA GLU H 24 -15.17 -33.30 -4.84
C GLU H 24 -13.97 -33.59 -5.70
N ILE H 25 -13.00 -34.30 -5.12
CA ILE H 25 -11.84 -34.81 -5.85
C ILE H 25 -11.81 -36.31 -5.65
N SER H 26 -11.76 -37.05 -6.76
CA SER H 26 -11.83 -38.51 -6.69
C SER H 26 -10.55 -39.09 -6.06
N TYR H 27 -9.45 -38.36 -6.15
CA TYR H 27 -8.22 -38.81 -5.52
C TYR H 27 -8.28 -38.68 -4.01
N LEU H 28 -8.96 -37.64 -3.51
CA LEU H 28 -8.98 -37.41 -2.08
C LEU H 28 -9.96 -38.33 -1.38
N GLY H 29 -11.18 -38.41 -1.88
CA GLY H 29 -12.19 -39.29 -1.31
C GLY H 29 -13.49 -38.56 -1.03
N GLN H 30 -14.47 -39.37 -0.59
CA GLN H 30 -15.83 -38.86 -0.40
C GLN H 30 -15.95 -38.02 0.86
N ASN H 31 -14.97 -38.11 1.75
CA ASN H 31 -15.04 -37.33 2.98
C ASN H 31 -14.42 -35.95 2.80
N PHE H 32 -13.60 -35.78 1.76
CA PHE H 32 -12.98 -34.48 1.53
C PHE H 32 -13.99 -33.47 1.02
N THR H 33 -15.06 -33.94 0.39
CA THR H 33 -15.98 -33.00 -0.26
C THR H 33 -16.86 -32.28 0.75
N PHE H 34 -16.82 -32.71 2.01
CA PHE H 34 -17.47 -31.95 3.07
C PHE H 34 -16.49 -30.99 3.72
N GLN H 35 -15.20 -31.13 3.40
CA GLN H 35 -14.16 -30.42 4.13
C GLN H 35 -13.86 -29.08 3.50
N CYS H 36 -14.06 -28.94 2.19
CA CYS H 36 -13.65 -27.72 1.51
C CYS H 36 -14.60 -26.58 1.79
N LYS H 37 -14.11 -25.57 2.51
CA LYS H 37 -14.94 -24.44 2.90
C LYS H 37 -15.12 -23.44 1.77
N ALA H 38 -14.01 -22.96 1.21
CA ALA H 38 -14.09 -21.86 0.25
C ALA H 38 -13.07 -22.06 -0.86
N THR H 39 -13.41 -21.52 -2.03
CA THR H 39 -12.55 -21.58 -3.21
C THR H 39 -12.97 -20.50 -4.19
N ALA H 40 -12.46 -20.60 -5.41
CA ALA H 40 -12.85 -19.72 -6.49
C ALA H 40 -12.92 -20.55 -7.76
N LEU H 41 -13.77 -20.13 -8.69
CA LEU H 41 -13.76 -20.77 -10.00
C LEU H 41 -12.62 -20.19 -10.83
N PRO H 42 -11.94 -21.02 -11.62
CA PRO H 42 -10.80 -20.52 -12.39
C PRO H 42 -11.26 -19.64 -13.55
N ALA H 43 -10.52 -18.56 -13.76
CA ALA H 43 -10.88 -17.61 -14.80
C ALA H 43 -10.35 -18.08 -16.15
N GLY H 44 -10.85 -17.45 -17.21
CA GLY H 44 -10.35 -17.67 -18.54
C GLY H 44 -9.54 -16.46 -18.99
N ILE H 45 -8.22 -16.57 -18.88
CA ILE H 45 -7.31 -15.46 -19.08
C ILE H 45 -6.77 -15.52 -20.49
N VAL H 46 -7.02 -14.48 -21.27
CA VAL H 46 -6.47 -14.37 -22.63
C VAL H 46 -5.77 -13.02 -22.73
N GLU H 47 -4.48 -13.04 -23.04
CA GLU H 47 -3.73 -11.82 -23.21
C GLU H 47 -4.11 -11.14 -24.51
N LYS H 48 -3.85 -9.84 -24.59
CA LYS H 48 -4.22 -9.02 -25.74
C LYS H 48 -2.98 -8.66 -26.53
N ILE H 49 -3.10 -8.63 -27.86
CA ILE H 49 -2.02 -8.18 -28.73
C ILE H 49 -2.43 -6.84 -29.34
N PRO H 50 -1.93 -5.74 -28.84
CA PRO H 50 -2.10 -4.47 -29.56
C PRO H 50 -1.09 -4.35 -30.69
N VAL H 51 -1.56 -4.02 -31.89
CA VAL H 51 -0.72 -3.94 -33.07
C VAL H 51 -0.88 -2.57 -33.71
N GLY H 52 0.24 -1.93 -34.02
CA GLY H 52 0.25 -0.59 -34.54
C GLY H 52 0.08 -0.57 -36.05
N PHE H 53 -0.97 0.10 -36.50
CA PHE H 53 -1.16 0.45 -37.89
C PHE H 53 -1.53 1.92 -37.97
N MET H 54 -0.55 2.76 -38.32
CA MET H 54 -0.76 4.17 -38.68
C MET H 54 -1.42 4.94 -37.54
N ASN H 55 -0.66 5.15 -36.46
CA ASN H 55 -1.02 6.00 -35.31
C ASN H 55 -2.10 5.35 -34.44
N ARG H 56 -2.62 4.19 -34.79
CA ARG H 56 -3.73 3.62 -34.04
C ARG H 56 -3.45 2.15 -33.76
N LYS H 57 -4.29 1.58 -32.90
CA LYS H 57 -4.14 0.20 -32.48
C LYS H 57 -5.46 -0.52 -32.69
N ILE H 58 -5.41 -1.66 -33.38
CA ILE H 58 -6.50 -2.62 -33.37
C ILE H 58 -6.04 -3.78 -32.50
N ASN H 59 -6.97 -4.53 -31.96
CA ASN H 59 -6.60 -5.60 -31.04
C ASN H 59 -7.02 -6.95 -31.60
N VAL H 60 -6.13 -7.93 -31.50
CA VAL H 60 -6.40 -9.28 -31.96
C VAL H 60 -6.19 -10.20 -30.75
N ALA H 61 -6.81 -11.37 -30.80
CA ALA H 61 -6.74 -12.28 -29.67
C ALA H 61 -5.37 -12.89 -29.54
N GLY H 62 -4.84 -12.86 -28.32
CA GLY H 62 -3.52 -13.36 -28.03
C GLY H 62 -3.53 -14.84 -27.75
N ASP H 63 -2.92 -15.22 -26.63
CA ASP H 63 -2.80 -16.63 -26.27
C ASP H 63 -3.38 -16.88 -24.90
N ARG H 64 -3.96 -18.06 -24.73
CA ARG H 64 -4.62 -18.40 -23.48
C ARG H 64 -3.62 -18.82 -22.43
N THR H 65 -3.77 -18.28 -21.22
CA THR H 65 -3.07 -18.75 -20.04
C THR H 65 -4.12 -19.15 -19.02
N PHE H 66 -3.70 -19.86 -17.99
CA PHE H 66 -4.61 -20.33 -16.95
C PHE H 66 -4.18 -19.82 -15.59
N ASP H 67 -5.10 -19.18 -14.89
CA ASP H 67 -4.83 -18.70 -13.54
C ASP H 67 -4.83 -19.86 -12.57
N ASP H 68 -4.14 -19.68 -11.45
CA ASP H 68 -4.01 -20.76 -10.48
C ASP H 68 -5.32 -20.91 -9.70
N TRP H 69 -5.55 -22.11 -9.19
CA TRP H 69 -6.83 -22.43 -8.55
C TRP H 69 -6.65 -22.50 -7.04
N THR H 70 -7.27 -21.56 -6.34
CA THR H 70 -7.05 -21.39 -4.91
C THR H 70 -8.20 -22.00 -4.13
N VAL H 71 -7.88 -22.92 -3.23
CA VAL H 71 -8.85 -23.66 -2.44
C VAL H 71 -8.42 -23.60 -0.98
N THR H 72 -9.33 -23.20 -0.11
CA THR H 72 -9.07 -23.24 1.32
C THR H 72 -10.07 -24.15 2.01
N VAL H 73 -9.55 -25.07 2.83
CA VAL H 73 -10.33 -26.14 3.42
C VAL H 73 -10.22 -26.04 4.94
N MET H 74 -11.08 -26.79 5.62
CA MET H 74 -11.00 -26.91 7.06
C MET H 74 -10.02 -28.01 7.44
N ASN H 75 -9.88 -28.25 8.74
CA ASN H 75 -8.92 -29.21 9.24
C ASN H 75 -9.48 -29.90 10.47
N ASP H 76 -9.39 -31.21 10.51
CA ASP H 76 -9.73 -31.93 11.73
C ASP H 76 -8.50 -32.15 12.59
N GLU H 77 -8.71 -32.89 13.68
CA GLU H 77 -7.68 -33.05 14.70
C GLU H 77 -6.53 -33.90 14.22
N ALA H 78 -6.84 -34.96 13.46
CA ALA H 78 -5.82 -35.93 13.08
C ALA H 78 -4.97 -35.45 11.91
N HIS H 79 -5.30 -34.28 11.34
CA HIS H 79 -4.58 -33.64 10.23
C HIS H 79 -4.52 -34.48 8.97
N ASP H 80 -5.45 -35.41 8.75
CA ASP H 80 -5.42 -36.17 7.51
C ASP H 80 -5.90 -35.32 6.34
N ALA H 81 -6.69 -34.29 6.62
CA ALA H 81 -7.14 -33.40 5.55
C ALA H 81 -5.98 -32.59 4.98
N ARG H 82 -4.94 -32.36 5.79
CA ARG H 82 -3.76 -31.67 5.29
C ARG H 82 -2.69 -32.65 4.82
N GLN H 83 -2.56 -33.79 5.51
CA GLN H 83 -1.56 -34.80 5.13
C GLN H 83 -1.85 -35.36 3.75
N LYS H 84 -3.11 -35.46 3.39
CA LYS H 84 -3.45 -36.03 2.08
C LYS H 84 -3.22 -35.03 0.96
N PHE H 85 -3.02 -33.76 1.29
CA PHE H 85 -2.45 -32.85 0.30
C PHE H 85 -0.94 -33.02 0.22
N VAL H 86 -0.28 -33.23 1.35
CA VAL H 86 1.18 -33.31 1.37
C VAL H 86 1.63 -34.62 0.74
N ASP H 87 0.90 -35.70 0.98
CA ASP H 87 1.21 -36.97 0.33
C ASP H 87 0.96 -36.89 -1.17
N TRP H 88 -0.07 -36.16 -1.57
CA TRP H 88 -0.34 -36.00 -2.99
C TRP H 88 0.66 -35.06 -3.64
N GLN H 89 1.25 -34.16 -2.86
CA GLN H 89 2.25 -33.26 -3.41
C GLN H 89 3.63 -33.88 -3.34
N SER H 90 3.83 -34.83 -2.43
CA SER H 90 5.14 -35.49 -2.34
C SER H 90 5.32 -36.52 -3.45
N ILE H 91 4.24 -36.90 -4.13
CA ILE H 91 4.38 -37.72 -5.32
C ILE H 91 5.04 -36.92 -6.43
N ALA H 92 4.68 -35.64 -6.54
CA ALA H 92 5.26 -34.79 -7.56
C ALA H 92 6.72 -34.48 -7.28
N ALA H 93 6.98 -33.81 -6.17
CA ALA H 93 8.31 -33.28 -5.92
C ALA H 93 9.11 -34.02 -4.86
N GLY H 94 8.46 -34.61 -3.86
CA GLY H 94 9.17 -35.35 -2.85
C GLY H 94 9.70 -34.45 -1.73
N GLN H 95 9.70 -35.00 -0.53
CA GLN H 95 10.01 -34.24 0.67
C GLN H 95 10.76 -35.14 1.64
N GLY H 96 11.71 -34.55 2.36
CA GLY H 96 12.49 -35.29 3.32
C GLY H 96 13.96 -35.31 2.97
N ASN H 97 14.70 -36.13 3.70
CA ASN H 97 16.12 -36.29 3.42
C ASN H 97 16.32 -37.02 2.10
N GLU H 98 15.52 -38.05 1.85
CA GLU H 98 15.57 -38.73 0.57
C GLU H 98 14.91 -37.87 -0.49
N ILE H 99 15.35 -38.06 -1.73
CA ILE H 99 14.86 -37.30 -2.87
C ILE H 99 14.17 -38.26 -3.83
N THR H 100 12.99 -37.87 -4.29
CA THR H 100 12.21 -38.68 -5.23
C THR H 100 11.42 -37.77 -6.15
N GLY H 101 10.84 -38.37 -7.16
CA GLY H 101 9.98 -37.63 -8.09
C GLY H 101 8.81 -38.48 -8.50
N GLY H 102 8.07 -37.98 -9.47
CA GLY H 102 6.93 -38.70 -10.02
C GLY H 102 6.69 -38.32 -11.46
N LYS H 103 6.22 -39.29 -12.23
CA LYS H 103 5.88 -39.02 -13.61
C LYS H 103 4.56 -38.24 -13.66
N PRO H 104 4.37 -37.39 -14.67
CA PRO H 104 3.18 -36.53 -14.69
C PRO H 104 1.87 -37.26 -14.83
N ALA H 105 1.89 -38.51 -15.28
CA ALA H 105 0.65 -39.29 -15.28
C ALA H 105 0.33 -39.81 -13.89
N GLU H 106 1.28 -39.69 -12.95
CA GLU H 106 1.11 -40.32 -11.65
C GLU H 106 0.55 -39.35 -10.61
N TYR H 107 0.92 -38.07 -10.67
CA TYR H 107 0.48 -37.13 -9.66
C TYR H 107 -0.58 -36.16 -10.14
N LYS H 108 -0.73 -35.96 -11.44
CA LYS H 108 -1.71 -35.02 -11.96
C LYS H 108 -3.07 -35.69 -11.99
N LYS H 109 -4.04 -35.12 -11.29
CA LYS H 109 -5.36 -35.69 -11.17
C LYS H 109 -6.41 -34.69 -11.66
N SER H 110 -7.67 -35.09 -11.52
CA SER H 110 -8.79 -34.29 -11.98
C SER H 110 -9.72 -33.99 -10.81
N ALA H 111 -10.61 -33.01 -11.00
CA ALA H 111 -11.54 -32.60 -9.96
C ALA H 111 -12.83 -32.10 -10.58
N ILE H 112 -13.92 -32.27 -9.83
CA ILE H 112 -15.24 -31.83 -10.26
C ILE H 112 -15.80 -30.92 -9.17
N VAL H 113 -16.06 -29.67 -9.53
CA VAL H 113 -16.77 -28.73 -8.67
C VAL H 113 -18.16 -28.53 -9.26
N ARG H 114 -19.17 -28.54 -8.39
CA ARG H 114 -20.55 -28.41 -8.84
C ARG H 114 -21.32 -27.50 -7.90
N GLN H 115 -22.18 -26.67 -8.47
CA GLN H 115 -22.99 -25.73 -7.71
C GLN H 115 -24.40 -26.28 -7.63
N TYR H 116 -25.04 -26.12 -6.47
CA TYR H 116 -26.40 -26.61 -6.31
C TYR H 116 -27.40 -25.49 -6.53
N ALA H 117 -28.64 -25.87 -6.79
CA ALA H 117 -29.73 -24.90 -6.86
C ALA H 117 -30.24 -24.65 -5.44
N ARG H 118 -31.33 -23.87 -5.34
CA ARG H 118 -31.87 -23.53 -4.03
C ARG H 118 -32.45 -24.75 -3.34
N ASP H 119 -33.08 -25.63 -4.11
CA ASP H 119 -33.25 -26.99 -3.67
C ASP H 119 -31.87 -27.63 -3.60
N ALA H 120 -31.46 -28.04 -2.40
CA ALA H 120 -30.07 -28.42 -2.18
C ALA H 120 -29.75 -29.76 -2.83
N LYS H 121 -30.77 -30.58 -3.08
CA LYS H 121 -30.53 -31.88 -3.70
C LYS H 121 -30.39 -31.80 -5.22
N THR H 122 -30.56 -30.61 -5.80
CA THR H 122 -30.47 -30.47 -7.24
C THR H 122 -29.07 -30.05 -7.65
N VAL H 123 -28.53 -30.70 -8.68
CA VAL H 123 -27.22 -30.34 -9.22
C VAL H 123 -27.44 -29.58 -10.51
N THR H 124 -27.23 -28.26 -10.49
CA THR H 124 -27.64 -27.46 -11.63
C THR H 124 -26.51 -27.24 -12.61
N LYS H 125 -25.26 -27.35 -12.17
CA LYS H 125 -24.11 -27.09 -13.03
C LYS H 125 -22.89 -27.82 -12.49
N GLU H 126 -22.22 -28.55 -13.36
CA GLU H 126 -20.98 -29.26 -13.02
C GLU H 126 -19.84 -28.67 -13.85
N ILE H 127 -18.75 -28.33 -13.19
CA ILE H 127 -17.57 -27.78 -13.83
C ILE H 127 -16.40 -28.69 -13.55
N GLU H 128 -15.72 -29.13 -14.60
CA GLU H 128 -14.63 -30.09 -14.47
C GLU H 128 -13.32 -29.39 -14.72
N ILE H 129 -12.32 -29.70 -13.88
CA ILE H 129 -10.97 -29.22 -14.04
C ILE H 129 -10.10 -30.46 -14.24
N LYS H 130 -9.17 -30.36 -15.19
CA LYS H 130 -8.31 -31.47 -15.54
C LYS H 130 -6.86 -31.14 -15.25
N GLY H 131 -6.09 -32.16 -14.92
CA GLY H 131 -4.66 -32.05 -14.73
C GLY H 131 -4.27 -31.23 -13.52
N LEU H 132 -4.55 -31.73 -12.32
CA LEU H 132 -4.37 -30.93 -11.10
C LEU H 132 -3.24 -31.51 -10.28
N TRP H 133 -2.40 -30.62 -9.75
CA TRP H 133 -1.44 -30.98 -8.73
C TRP H 133 -1.20 -29.72 -7.89
N PRO H 134 -1.11 -29.86 -6.57
CA PRO H 134 -1.05 -28.66 -5.72
C PRO H 134 0.29 -27.94 -5.83
N THR H 135 0.22 -26.65 -6.11
CA THR H 135 1.43 -25.84 -6.22
C THR H 135 2.06 -25.64 -4.85
N ASN H 136 1.32 -25.05 -3.93
CA ASN H 136 1.79 -24.97 -2.54
C ASN H 136 0.69 -25.39 -1.59
N VAL H 137 1.10 -26.01 -0.49
CA VAL H 137 0.20 -26.53 0.52
C VAL H 137 0.66 -26.01 1.86
N GLY H 138 -0.22 -25.34 2.59
CA GLY H 138 0.05 -25.05 3.97
C GLY H 138 -0.14 -23.58 4.26
N GLU H 139 0.92 -23.00 4.84
CA GLU H 139 0.85 -21.77 5.63
C GLU H 139 -0.30 -21.87 6.61
N LEU H 140 -0.17 -22.80 7.55
CA LEU H 140 -1.23 -22.97 8.55
C LEU H 140 -0.96 -22.02 9.70
N GLN H 141 -2.02 -21.37 10.16
CA GLN H 141 -1.90 -20.37 11.21
C GLN H 141 -2.44 -20.98 12.51
N LEU H 142 -1.59 -21.02 13.53
CA LEU H 142 -1.99 -21.53 14.83
C LEU H 142 -1.34 -20.70 15.94
N ASP H 143 -2.13 -20.30 16.92
CA ASP H 143 -1.70 -19.36 17.94
C ASP H 143 -2.54 -19.54 19.19
N TRP H 144 -1.98 -19.13 20.33
CA TRP H 144 -2.74 -19.16 21.57
C TRP H 144 -3.68 -17.96 21.67
N ASP H 145 -3.49 -16.96 20.82
CA ASP H 145 -4.27 -15.75 20.98
C ASP H 145 -5.61 -15.82 20.25
N SER H 146 -5.67 -16.40 19.05
CA SER H 146 -6.94 -16.57 18.37
C SER H 146 -7.74 -17.64 19.08
N ASN H 147 -8.94 -17.29 19.54
CA ASN H 147 -9.68 -18.13 20.44
C ASN H 147 -10.86 -18.82 19.77
N ASN H 148 -11.77 -18.07 19.17
CA ASN H 148 -13.00 -18.67 18.69
C ASN H 148 -12.92 -19.08 17.23
N GLU H 149 -11.76 -19.03 16.62
CA GLU H 149 -11.65 -19.30 15.20
C GLU H 149 -11.58 -20.80 14.96
N ILE H 150 -11.74 -21.19 13.70
CA ILE H 150 -11.52 -22.57 13.30
C ILE H 150 -10.16 -22.69 12.63
N GLN H 151 -9.55 -23.87 12.71
CA GLN H 151 -8.25 -24.10 12.12
C GLN H 151 -8.41 -24.42 10.64
N THR H 152 -7.93 -23.54 9.78
CA THR H 152 -8.07 -23.69 8.34
C THR H 152 -6.79 -23.27 7.63
N PHE H 153 -6.69 -23.62 6.37
CA PHE H 153 -5.51 -23.33 5.56
C PHE H 153 -5.89 -23.34 4.10
N GLU H 154 -5.07 -22.69 3.29
CA GLU H 154 -5.35 -22.50 1.87
C GLU H 154 -4.27 -23.18 1.05
N VAL H 155 -4.68 -23.87 -0.01
CA VAL H 155 -3.78 -24.52 -0.95
C VAL H 155 -4.09 -24.00 -2.35
N THR H 156 -3.09 -24.01 -3.22
CA THR H 156 -3.27 -23.61 -4.61
C THR H 156 -2.90 -24.79 -5.48
N LEU H 157 -3.66 -25.00 -6.56
CA LEU H 157 -3.55 -26.21 -7.35
C LEU H 157 -3.39 -25.84 -8.82
N ALA H 158 -2.24 -26.18 -9.39
CA ALA H 158 -1.98 -25.88 -10.80
C ALA H 158 -2.87 -26.73 -11.69
N LEU H 159 -3.29 -26.17 -12.81
CA LEU H 159 -4.21 -26.87 -13.69
C LEU H 159 -3.81 -26.67 -15.14
N ASP H 160 -4.10 -27.67 -15.97
CA ASP H 160 -3.84 -27.52 -17.41
C ASP H 160 -4.99 -26.83 -18.11
N TYR H 161 -6.22 -27.30 -17.91
CA TYR H 161 -7.39 -26.70 -18.53
C TYR H 161 -8.64 -27.05 -17.75
N TRP H 162 -9.67 -26.23 -17.85
CA TRP H 162 -10.96 -26.52 -17.26
C TRP H 162 -12.05 -26.36 -18.31
N GLU H 163 -12.95 -27.33 -18.37
CA GLU H 163 -13.99 -27.32 -19.37
C GLU H 163 -15.11 -26.37 -18.97
N MET I 1 -70.32 -9.78 11.68
CA MET I 1 -69.44 -8.92 12.45
C MET I 1 -69.96 -8.78 13.86
N PHE I 2 -69.38 -9.56 14.77
CA PHE I 2 -69.84 -9.65 16.13
C PHE I 2 -68.64 -9.75 17.05
N VAL I 3 -68.89 -9.55 18.34
CA VAL I 3 -67.79 -9.60 19.30
C VAL I 3 -67.56 -11.02 19.76
N ASP I 4 -68.54 -11.91 19.54
CA ASP I 4 -68.34 -13.32 19.80
C ASP I 4 -67.69 -14.03 18.63
N ASP I 5 -67.35 -13.30 17.56
CA ASP I 5 -66.84 -13.93 16.36
C ASP I 5 -65.38 -14.35 16.55
N VAL I 6 -64.67 -13.71 17.48
CA VAL I 6 -63.27 -14.06 17.71
C VAL I 6 -63.17 -15.41 18.42
N THR I 7 -64.19 -15.77 19.21
CA THR I 7 -64.18 -17.08 19.85
C THR I 7 -64.44 -18.18 18.83
N ARG I 8 -65.12 -17.84 17.73
CA ARG I 8 -65.32 -18.81 16.66
C ARG I 8 -64.02 -19.06 15.92
N ALA I 9 -63.12 -18.06 15.91
CA ALA I 9 -61.87 -18.18 15.15
C ALA I 9 -60.92 -19.18 15.80
N PHE I 10 -61.01 -19.36 17.11
CA PHE I 10 -60.12 -20.25 17.81
C PHE I 10 -60.80 -21.58 18.10
N GLU I 11 -60.00 -22.64 18.19
CA GLU I 11 -60.52 -23.90 18.67
C GLU I 11 -60.79 -23.81 20.16
N SER I 12 -61.89 -24.44 20.59
CA SER I 12 -62.35 -24.52 21.98
C SER I 12 -62.75 -23.16 22.57
N GLY I 13 -62.76 -22.11 21.75
CA GLY I 13 -63.23 -20.80 22.19
C GLY I 13 -62.37 -20.14 23.24
N ASP I 14 -61.11 -20.54 23.34
CA ASP I 14 -60.29 -20.10 24.46
C ASP I 14 -58.99 -19.53 23.93
N PHE I 15 -58.27 -18.84 24.80
CA PHE I 15 -57.01 -18.20 24.46
C PHE I 15 -55.88 -18.97 25.14
N ALA I 16 -54.73 -19.04 24.48
CA ALA I 16 -53.56 -19.59 25.12
C ALA I 16 -52.97 -18.57 26.08
N ARG I 17 -52.43 -19.04 27.20
CA ARG I 17 -51.92 -18.14 28.22
C ARG I 17 -50.39 -18.16 28.24
N PRO I 18 -49.76 -17.07 28.71
CA PRO I 18 -48.28 -17.09 28.79
C PRO I 18 -47.75 -18.00 29.88
N ASN I 19 -48.54 -18.29 30.90
CA ASN I 19 -48.19 -19.37 31.81
C ASN I 19 -48.80 -20.66 31.26
N LEU I 20 -48.91 -21.69 32.10
CA LEU I 20 -49.48 -23.00 31.73
C LEU I 20 -48.63 -23.69 30.67
N PHE I 21 -47.32 -23.62 30.84
CA PHE I 21 -46.38 -24.41 30.07
C PHE I 21 -45.54 -25.20 31.05
N GLN I 22 -44.67 -26.06 30.52
CA GLN I 22 -43.76 -26.85 31.33
C GLN I 22 -42.69 -27.40 30.42
N VAL I 23 -41.43 -27.15 30.77
CA VAL I 23 -40.30 -27.51 29.92
C VAL I 23 -39.42 -28.52 30.65
N GLU I 24 -39.10 -29.61 29.98
CA GLU I 24 -38.28 -30.66 30.57
C GLU I 24 -37.05 -30.92 29.71
N ILE I 25 -35.95 -31.25 30.37
CA ILE I 25 -34.72 -31.68 29.71
C ILE I 25 -34.37 -33.05 30.25
N SER I 26 -34.19 -34.01 29.35
CA SER I 26 -33.95 -35.39 29.76
C SER I 26 -32.58 -35.53 30.41
N TYR I 27 -31.64 -34.63 30.08
CA TYR I 27 -30.33 -34.67 30.72
C TYR I 27 -30.40 -34.19 32.15
N LEU I 28 -31.26 -33.22 32.43
CA LEU I 28 -31.31 -32.66 33.78
C LEU I 28 -32.07 -33.56 34.73
N GLY I 29 -33.26 -34.01 34.35
CA GLY I 29 -34.05 -34.90 35.17
C GLY I 29 -35.46 -34.41 35.37
N GLN I 30 -36.24 -35.26 36.05
CA GLN I 30 -37.67 -35.00 36.20
C GLN I 30 -37.95 -33.93 37.24
N ASN I 31 -36.96 -33.60 38.06
CA ASN I 31 -37.16 -32.58 39.08
C ASN I 31 -36.86 -31.19 38.54
N PHE I 32 -36.10 -31.11 37.44
CA PHE I 32 -35.77 -29.81 36.86
C PHE I 32 -36.99 -29.17 36.20
N THR I 33 -37.95 -29.98 35.77
CA THR I 33 -39.05 -29.44 34.98
C THR I 33 -40.05 -28.69 35.86
N PHE I 34 -39.90 -28.78 37.17
CA PHE I 34 -40.67 -27.94 38.07
C PHE I 34 -39.91 -26.68 38.41
N GLN I 35 -38.63 -26.63 38.05
CA GLN I 35 -37.75 -25.56 38.52
C GLN I 35 -37.75 -24.37 37.57
N CYS I 36 -38.01 -24.60 36.29
CA CYS I 36 -37.86 -23.54 35.31
C CYS I 36 -39.03 -22.57 35.39
N LYS I 37 -38.75 -21.34 35.82
CA LYS I 37 -39.79 -20.34 35.99
C LYS I 37 -40.19 -19.70 34.67
N ALA I 38 -39.22 -19.15 33.94
CA ALA I 38 -39.53 -18.36 32.76
C ALA I 38 -38.54 -18.62 31.66
N THR I 39 -38.99 -18.46 30.43
CA THR I 39 -38.17 -18.63 29.24
C THR I 39 -38.82 -17.92 28.06
N ALA I 40 -38.32 -18.20 26.88
CA ALA I 40 -38.90 -17.71 25.64
C ALA I 40 -38.82 -18.81 24.60
N LEU I 41 -39.75 -18.82 23.67
CA LEU I 41 -39.64 -19.73 22.55
C LEU I 41 -38.66 -19.16 21.52
N PRO I 42 -37.83 -20.00 20.90
CA PRO I 42 -36.83 -19.48 19.96
C PRO I 42 -37.49 -19.02 18.67
N ALA I 43 -37.00 -17.90 18.15
CA ALA I 43 -37.56 -17.31 16.96
C ALA I 43 -36.98 -17.99 15.72
N GLY I 44 -37.62 -17.74 14.58
CA GLY I 44 -37.10 -18.17 13.30
C GLY I 44 -36.57 -16.97 12.54
N ILE I 45 -35.26 -16.79 12.58
CA ILE I 45 -34.61 -15.59 12.06
C ILE I 45 -34.10 -15.88 10.67
N VAL I 46 -34.56 -15.14 9.68
CA VAL I 46 -34.07 -15.24 8.32
C VAL I 46 -33.68 -13.85 7.85
N GLU I 47 -32.42 -13.69 7.47
CA GLU I 47 -31.94 -12.42 6.97
C GLU I 47 -32.49 -12.16 5.57
N LYS I 48 -32.50 -10.89 5.17
CA LYS I 48 -33.06 -10.48 3.90
C LYS I 48 -31.94 -10.06 2.96
N ILE I 49 -32.08 -10.39 1.68
CA ILE I 49 -31.14 -9.96 0.65
C ILE I 49 -31.83 -8.91 -0.22
N PRO I 50 -31.57 -7.63 -0.03
CA PRO I 50 -32.01 -6.65 -1.02
C PRO I 50 -31.07 -6.60 -2.20
N VAL I 51 -31.62 -6.67 -3.41
CA VAL I 51 -30.84 -6.72 -4.64
C VAL I 51 -31.30 -5.60 -5.56
N GLY I 52 -30.34 -4.84 -6.08
CA GLY I 52 -30.62 -3.69 -6.91
C GLY I 52 -30.81 -4.08 -8.36
N PHE I 53 -32.00 -3.76 -8.88
CA PHE I 53 -32.27 -3.79 -10.31
C PHE I 53 -32.95 -2.50 -10.70
N MET I 54 -32.17 -1.58 -11.30
CA MET I 54 -32.68 -0.38 -11.97
C MET I 54 -33.47 0.50 -10.99
N ASN I 55 -32.75 1.10 -10.04
CA ASN I 55 -33.26 2.12 -9.10
C ASN I 55 -34.17 1.50 -8.03
N ARG I 56 -34.44 0.21 -8.07
CA ARG I 56 -35.38 -0.38 -7.13
C ARG I 56 -34.81 -1.64 -6.54
N LYS I 57 -35.48 -2.14 -5.51
CA LYS I 57 -35.04 -3.32 -4.78
C LYS I 57 -36.18 -4.33 -4.74
N ILE I 58 -35.91 -5.56 -5.15
CA ILE I 58 -36.77 -6.70 -4.85
C ILE I 58 -36.06 -7.48 -3.77
N ASN I 59 -36.80 -8.27 -3.00
CA ASN I 59 -36.20 -8.98 -1.89
C ASN I 59 -36.34 -10.49 -2.09
N VAL I 60 -35.25 -11.21 -1.82
CA VAL I 60 -35.24 -12.66 -1.93
C VAL I 60 -34.83 -13.19 -0.57
N ALA I 61 -35.18 -14.44 -0.30
CA ALA I 61 -34.91 -15.02 1.01
C ALA I 61 -33.42 -15.29 1.19
N GLY I 62 -32.90 -14.87 2.32
CA GLY I 62 -31.50 -15.00 2.64
C GLY I 62 -31.19 -16.35 3.26
N ASP I 63 -30.51 -16.31 4.39
CA ASP I 63 -30.07 -17.53 5.06
C ASP I 63 -30.57 -17.56 6.49
N ARG I 64 -30.88 -18.75 6.96
CA ARG I 64 -31.44 -18.90 8.29
C ARG I 64 -30.35 -18.85 9.35
N THR I 65 -30.59 -18.08 10.40
CA THR I 65 -29.78 -18.10 11.61
C THR I 65 -30.70 -18.44 12.76
N PHE I 66 -30.13 -18.78 13.90
CA PHE I 66 -30.91 -19.16 15.08
C PHE I 66 -30.56 -18.25 16.25
N ASP I 67 -31.59 -17.67 16.84
CA ASP I 67 -31.41 -16.83 18.01
C ASP I 67 -31.14 -17.70 19.23
N ASP I 68 -30.49 -17.12 20.23
CA ASP I 68 -30.13 -17.88 21.41
C ASP I 68 -31.35 -18.10 22.30
N TRP I 69 -31.31 -19.16 23.09
CA TRP I 69 -32.48 -19.57 23.87
C TRP I 69 -32.27 -19.23 25.34
N THR I 70 -33.06 -18.30 25.85
CA THR I 70 -32.86 -17.74 27.18
C THR I 70 -33.85 -18.37 28.15
N VAL I 71 -33.31 -18.97 29.22
CA VAL I 71 -34.09 -19.68 30.23
C VAL I 71 -33.67 -19.17 31.59
N THR I 72 -34.62 -18.75 32.41
CA THR I 72 -34.33 -18.40 33.79
C THR I 72 -35.10 -19.31 34.74
N VAL I 73 -34.38 -19.87 35.71
CA VAL I 73 -34.91 -20.90 36.59
C VAL I 73 -34.80 -20.42 38.02
N MET I 74 -35.48 -21.14 38.92
CA MET I 74 -35.35 -20.90 40.34
C MET I 74 -34.15 -21.64 40.89
N ASN I 75 -33.95 -21.54 42.20
CA ASN I 75 -32.79 -22.13 42.85
C ASN I 75 -33.18 -22.58 44.24
N ASP I 76 -32.79 -23.81 44.58
CA ASP I 76 -32.97 -24.27 45.94
C ASP I 76 -31.70 -24.03 46.75
N GLU I 77 -31.74 -24.50 48.00
CA GLU I 77 -30.68 -24.19 48.96
C GLU I 77 -29.38 -24.90 48.61
N ALA I 78 -29.47 -26.15 48.13
CA ALA I 78 -28.28 -26.96 47.92
C ALA I 78 -27.57 -26.61 46.62
N HIS I 79 -28.14 -25.71 45.82
CA HIS I 79 -27.60 -25.23 44.55
C HIS I 79 -27.38 -26.32 43.50
N ASP I 80 -28.10 -27.43 43.58
CA ASP I 80 -27.93 -28.45 42.55
C ASP I 80 -28.59 -28.03 41.25
N ALA I 81 -29.58 -27.13 41.33
CA ALA I 81 -30.23 -26.63 40.13
C ALA I 81 -29.28 -25.77 39.31
N ARG I 82 -28.30 -25.15 39.97
CA ARG I 82 -27.30 -24.38 39.24
C ARG I 82 -26.06 -25.21 38.94
N GLN I 83 -25.68 -26.10 39.86
CA GLN I 83 -24.49 -26.94 39.67
C GLN I 83 -24.67 -27.88 38.47
N LYS I 84 -25.90 -28.32 38.23
CA LYS I 84 -26.13 -29.24 37.12
C LYS I 84 -26.13 -28.51 35.79
N PHE I 85 -26.20 -27.18 35.80
CA PHE I 85 -25.85 -26.44 34.58
C PHE I 85 -24.34 -26.32 34.45
N VAL I 86 -23.64 -26.10 35.55
CA VAL I 86 -22.20 -25.90 35.49
C VAL I 86 -21.48 -27.20 35.14
N ASP I 87 -21.97 -28.31 35.68
CA ASP I 87 -21.41 -29.61 35.33
C ASP I 87 -21.69 -29.95 33.88
N TRP I 88 -22.86 -29.56 33.38
CA TRP I 88 -23.18 -29.80 31.98
C TRP I 88 -22.42 -28.88 31.07
N GLN I 89 -22.01 -27.71 31.58
CA GLN I 89 -21.24 -26.79 30.76
C GLN I 89 -19.75 -27.09 30.88
N SER I 90 -19.34 -27.73 31.97
CA SER I 90 -17.93 -28.08 32.14
C SER I 90 -17.55 -29.28 31.27
N ILE I 91 -18.54 -30.02 30.78
CA ILE I 91 -18.25 -31.06 29.80
C ILE I 91 -17.79 -30.43 28.50
N ALA I 92 -18.41 -29.32 28.12
CA ALA I 92 -18.05 -28.64 26.89
C ALA I 92 -16.68 -27.99 27.00
N ALA I 93 -16.54 -27.02 27.89
CA ALA I 93 -15.34 -26.19 27.93
C ALA I 93 -14.40 -26.48 29.07
N GLY I 94 -14.89 -26.94 30.22
CA GLY I 94 -14.02 -27.25 31.33
C GLY I 94 -13.68 -26.02 32.17
N GLN I 95 -13.53 -26.25 33.47
CA GLN I 95 -13.37 -25.17 34.43
C GLN I 95 -12.44 -25.64 35.53
N GLY I 96 -11.62 -24.72 36.02
CA GLY I 96 -10.68 -25.03 37.07
C GLY I 96 -9.26 -24.83 36.64
N ASN I 97 -8.34 -25.30 37.50
CA ASN I 97 -6.93 -25.23 37.15
C ASN I 97 -6.60 -26.21 36.04
N GLU I 98 -7.18 -27.40 36.09
CA GLU I 98 -6.99 -28.34 35.00
C GLU I 98 -7.83 -27.92 33.81
N ILE I 99 -7.38 -28.30 32.62
CA ILE I 99 -8.05 -27.96 31.38
C ILE I 99 -8.54 -29.26 30.73
N THR I 100 -9.78 -29.23 30.25
CA THR I 100 -10.39 -30.37 29.59
C THR I 100 -11.38 -29.89 28.54
N GLY I 101 -11.84 -30.82 27.74
CA GLY I 101 -12.83 -30.52 26.72
C GLY I 101 -13.82 -31.66 26.59
N GLY I 102 -14.67 -31.56 25.60
CA GLY I 102 -15.63 -32.60 25.31
C GLY I 102 -15.97 -32.64 23.83
N LYS I 103 -16.24 -33.84 23.34
CA LYS I 103 -16.65 -33.99 21.97
C LYS I 103 -18.10 -33.53 21.83
N PRO I 104 -18.48 -33.00 20.65
CA PRO I 104 -19.84 -32.43 20.52
C PRO I 104 -20.96 -33.43 20.64
N ALA I 105 -20.69 -34.72 20.49
CA ALA I 105 -21.74 -35.69 20.75
C ALA I 105 -21.92 -35.92 22.25
N GLU I 106 -21.01 -35.39 23.07
CA GLU I 106 -21.01 -35.71 24.49
C GLU I 106 -21.74 -34.65 25.30
N TYR I 107 -21.64 -33.38 24.93
CA TYR I 107 -22.26 -32.33 25.72
C TYR I 107 -23.51 -31.73 25.10
N LYS I 108 -23.73 -31.89 23.80
CA LYS I 108 -24.89 -31.32 23.15
C LYS I 108 -26.07 -32.24 23.36
N LYS I 109 -27.13 -31.70 23.97
CA LYS I 109 -28.31 -32.49 24.31
C LYS I 109 -29.54 -31.88 23.68
N SER I 110 -30.68 -32.47 23.99
CA SER I 110 -31.97 -32.06 23.43
C SER I 110 -32.91 -31.67 24.56
N ALA I 111 -33.99 -30.96 24.21
CA ALA I 111 -34.96 -30.51 25.18
C ALA I 111 -36.35 -30.45 24.55
N ILE I 112 -37.36 -30.65 25.39
CA ILE I 112 -38.75 -30.59 24.97
C ILE I 112 -39.47 -29.58 25.85
N VAL I 113 -39.99 -28.53 25.22
CA VAL I 113 -40.87 -27.58 25.89
C VAL I 113 -42.29 -27.81 25.36
N ARG I 114 -43.26 -27.81 26.28
CA ARG I 114 -44.64 -28.06 25.91
C ARG I 114 -45.56 -27.13 26.65
N GLN I 115 -46.59 -26.65 25.98
CA GLN I 115 -47.57 -25.74 26.54
C GLN I 115 -48.83 -26.53 26.85
N TYR I 116 -49.47 -26.22 27.97
CA TYR I 116 -50.69 -26.92 28.33
C TYR I 116 -51.91 -26.11 27.93
N ALA I 117 -53.05 -26.78 27.85
CA ALA I 117 -54.31 -26.09 27.63
C ALA I 117 -54.85 -25.62 28.98
N ARG I 118 -56.06 -25.08 28.98
CA ARG I 118 -56.65 -24.54 30.20
C ARG I 118 -56.95 -25.66 31.19
N ASP I 119 -57.39 -26.80 30.69
CA ASP I 119 -57.26 -28.03 31.45
C ASP I 119 -55.77 -28.33 31.57
N ALA I 120 -55.27 -28.35 32.80
CA ALA I 120 -53.82 -28.38 33.01
C ALA I 120 -53.23 -29.74 32.67
N LYS I 121 -54.06 -30.79 32.69
CA LYS I 121 -53.56 -32.12 32.36
C LYS I 121 -53.48 -32.39 30.87
N THR I 122 -53.90 -31.43 30.05
CA THR I 122 -53.88 -31.64 28.61
C THR I 122 -52.60 -31.05 28.02
N VAL I 123 -51.95 -31.80 27.14
CA VAL I 123 -50.76 -31.33 26.44
C VAL I 123 -51.15 -30.97 25.02
N THR I 124 -51.23 -29.67 24.73
CA THR I 124 -51.82 -29.26 23.46
C THR I 124 -50.77 -29.06 22.37
N LYS I 125 -49.52 -28.82 22.75
CA LYS I 125 -48.47 -28.54 21.78
C LYS I 125 -47.11 -28.86 22.38
N GLU I 126 -46.31 -29.63 21.66
CA GLU I 126 -44.95 -29.97 22.06
C GLU I 126 -43.98 -29.39 21.05
N ILE I 127 -42.97 -28.68 21.55
CA ILE I 127 -41.95 -28.08 20.71
C ILE I 127 -40.60 -28.64 21.12
N GLU I 128 -39.86 -29.19 20.15
CA GLU I 128 -38.60 -29.84 20.43
C GLU I 128 -37.46 -28.97 19.94
N ILE I 129 -36.42 -28.87 20.77
CA ILE I 129 -35.20 -28.18 20.39
C ILE I 129 -34.08 -29.22 20.43
N LYS I 130 -33.21 -29.16 19.44
CA LYS I 130 -32.14 -30.14 19.29
C LYS I 130 -30.79 -29.45 19.39
N GLY I 131 -29.81 -30.21 19.91
CA GLY I 131 -28.44 -29.76 19.97
C GLY I 131 -28.21 -28.61 20.93
N LEU I 132 -28.37 -28.85 22.22
CA LEU I 132 -28.34 -27.77 23.20
C LEU I 132 -27.10 -27.89 24.06
N TRP I 133 -26.44 -26.75 24.32
CA TRP I 133 -25.41 -26.65 25.33
C TRP I 133 -25.44 -25.22 25.83
N PRO I 134 -25.29 -24.99 27.12
CA PRO I 134 -25.48 -23.64 27.67
C PRO I 134 -24.32 -22.72 27.32
N THR I 135 -24.67 -21.57 26.74
CA THR I 135 -23.66 -20.58 26.36
C THR I 135 -23.06 -19.94 27.60
N ASN I 136 -23.89 -19.30 28.42
CA ASN I 136 -23.43 -18.80 29.70
C ASN I 136 -24.39 -19.19 30.81
N VAL I 137 -23.84 -19.44 31.98
CA VAL I 137 -24.60 -19.86 33.15
C VAL I 137 -24.23 -18.95 34.29
N GLY I 138 -25.23 -18.32 34.90
CA GLY I 138 -24.99 -17.65 36.16
C GLY I 138 -25.48 -16.22 36.11
N GLU I 139 -24.56 -15.32 36.48
CA GLU I 139 -24.87 -13.97 36.94
C GLU I 139 -25.96 -14.07 38.01
N LEU I 140 -25.63 -14.69 39.13
CA LEU I 140 -26.60 -14.83 40.20
C LEU I 140 -26.53 -13.60 41.08
N GLN I 141 -27.68 -13.08 41.45
CA GLN I 141 -27.76 -11.86 42.23
C GLN I 141 -28.13 -12.23 43.66
N LEU I 142 -27.29 -11.84 44.61
CA LEU I 142 -27.54 -12.09 46.03
C LEU I 142 -27.06 -10.92 46.86
N ASP I 143 -27.91 -10.45 47.77
CA ASP I 143 -27.67 -9.22 48.50
C ASP I 143 -28.42 -9.26 49.82
N TRP I 144 -27.95 -8.48 50.79
CA TRP I 144 -28.66 -8.36 52.06
C TRP I 144 -29.82 -7.40 51.94
N ASP I 145 -29.87 -6.61 50.87
CA ASP I 145 -30.88 -5.58 50.79
C ASP I 145 -32.19 -6.09 50.19
N SER I 146 -32.13 -6.94 49.18
CA SER I 146 -33.36 -7.52 48.63
C SER I 146 -33.91 -8.54 49.63
N ASN I 147 -35.14 -8.32 50.06
CA ASN I 147 -35.68 -9.05 51.19
C ASN I 147 -36.69 -10.11 50.77
N ASN I 148 -37.75 -9.73 50.08
CA ASN I 148 -38.83 -10.67 49.84
C ASN I 148 -38.70 -11.39 48.52
N GLU I 149 -37.58 -11.24 47.83
CA GLU I 149 -37.45 -11.83 46.51
C GLU I 149 -37.06 -13.30 46.62
N ILE I 150 -37.16 -14.01 45.50
CA ILE I 150 -36.66 -15.36 45.42
C ILE I 150 -35.31 -15.36 44.71
N GLN I 151 -34.48 -16.35 45.01
CA GLN I 151 -33.16 -16.44 44.41
C GLN I 151 -33.28 -17.14 43.06
N THR I 152 -33.01 -16.41 41.98
CA THR I 152 -33.14 -16.94 40.63
C THR I 152 -31.99 -16.45 39.77
N PHE I 153 -31.84 -17.08 38.60
CA PHE I 153 -30.77 -16.75 37.69
C PHE I 153 -31.16 -17.19 36.29
N GLU I 154 -30.50 -16.60 35.29
CA GLU I 154 -30.84 -16.83 33.90
C GLU I 154 -29.66 -17.45 33.18
N VAL I 155 -29.94 -18.45 32.34
CA VAL I 155 -28.93 -19.11 31.52
C VAL I 155 -29.37 -19.01 30.07
N THR I 156 -28.41 -19.04 29.16
CA THR I 156 -28.69 -19.03 27.73
C THR I 156 -28.10 -20.29 27.13
N LEU I 157 -28.81 -20.89 26.19
CA LEU I 157 -28.46 -22.21 25.69
C LEU I 157 -28.41 -22.17 24.18
N ALA I 158 -27.22 -22.41 23.62
CA ALA I 158 -27.06 -22.41 22.17
C ALA I 158 -27.77 -23.62 21.56
N LEU I 159 -28.31 -23.45 20.36
CA LEU I 159 -29.08 -24.51 19.73
C LEU I 159 -28.75 -24.59 18.26
N ASP I 160 -28.85 -25.79 17.70
CA ASP I 160 -28.64 -25.95 16.26
C ASP I 160 -29.92 -25.69 15.49
N TYR I 161 -31.03 -26.34 15.89
CA TYR I 161 -32.31 -26.15 15.22
C TYR I 161 -33.44 -26.54 16.14
N TRP I 162 -34.63 -25.99 15.92
CA TRP I 162 -35.81 -26.39 16.65
C TRP I 162 -36.92 -26.71 15.66
N GLU I 163 -37.60 -27.82 15.89
CA GLU I 163 -38.65 -28.26 14.98
C GLU I 163 -39.93 -27.49 15.24
N MET J 1 12.17 36.05 -27.49
CA MET J 1 12.57 34.79 -26.87
C MET J 1 11.43 34.25 -26.03
N PHE J 2 10.70 33.30 -26.61
CA PHE J 2 9.50 32.78 -26.01
C PHE J 2 9.44 31.29 -26.26
N VAL J 3 8.55 30.61 -25.53
CA VAL J 3 8.44 29.17 -25.69
C VAL J 3 7.47 28.84 -26.83
N ASP J 4 6.65 29.82 -27.22
CA ASP J 4 5.81 29.64 -28.40
C ASP J 4 6.55 29.98 -29.68
N ASP J 5 7.83 30.34 -29.58
CA ASP J 5 8.55 30.80 -30.76
C ASP J 5 8.94 29.63 -31.65
N VAL J 6 9.00 28.42 -31.08
CA VAL J 6 9.38 27.26 -31.89
C VAL J 6 8.22 26.85 -32.80
N THR J 7 6.98 27.14 -32.39
CA THR J 7 5.84 26.86 -33.26
C THR J 7 5.80 27.84 -34.43
N ARG J 8 6.38 29.02 -34.26
CA ARG J 8 6.48 29.97 -35.36
C ARG J 8 7.50 29.49 -36.38
N ALA J 9 8.50 28.72 -35.93
CA ALA J 9 9.57 28.29 -36.82
C ALA J 9 9.09 27.25 -37.82
N PHE J 10 8.06 26.49 -37.47
CA PHE J 10 7.56 25.45 -38.35
C PHE J 10 6.29 25.90 -39.06
N GLU J 11 6.06 25.36 -40.25
CA GLU J 11 4.80 25.58 -40.92
C GLU J 11 3.71 24.79 -40.20
N SER J 12 2.53 25.41 -40.10
CA SER J 12 1.31 24.85 -39.49
C SER J 12 1.46 24.64 -37.97
N GLY J 13 2.56 25.07 -37.38
CA GLY J 13 2.73 25.01 -35.93
C GLY J 13 2.83 23.61 -35.37
N ASP J 14 3.18 22.64 -36.20
CA ASP J 14 3.08 21.24 -35.78
C ASP J 14 4.40 20.55 -36.05
N PHE J 15 4.56 19.37 -35.45
CA PHE J 15 5.76 18.58 -35.57
C PHE J 15 5.46 17.37 -36.45
N ALA J 16 6.45 16.94 -37.23
CA ALA J 16 6.32 15.68 -37.95
C ALA J 16 6.52 14.52 -37.00
N ARG J 17 5.78 13.44 -37.22
CA ARG J 17 5.84 12.29 -36.33
C ARG J 17 6.60 11.14 -36.97
N PRO J 18 7.19 10.24 -36.18
CA PRO J 18 7.87 9.08 -36.77
C PRO J 18 6.92 8.06 -37.36
N ASN J 19 5.68 8.02 -36.91
CA ASN J 19 4.65 7.28 -37.63
C ASN J 19 4.01 8.23 -38.65
N LEU J 20 2.84 7.87 -39.18
CA LEU J 20 2.09 8.67 -40.16
C LEU J 20 2.86 8.80 -41.48
N PHE J 21 3.45 7.68 -41.90
CA PHE J 21 4.02 7.56 -43.23
C PHE J 21 3.36 6.36 -43.89
N GLN J 22 3.68 6.15 -45.16
CA GLN J 22 3.17 5.02 -45.91
C GLN J 22 4.02 4.86 -47.15
N VAL J 23 4.56 3.65 -47.35
CA VAL J 23 5.51 3.39 -48.43
C VAL J 23 4.91 2.37 -49.38
N GLU J 24 4.94 2.67 -50.67
CA GLU J 24 4.39 1.78 -51.68
C GLU J 24 5.46 1.43 -52.70
N ILE J 25 5.38 0.21 -53.22
CA ILE J 25 6.22 -0.24 -54.32
C ILE J 25 5.30 -0.72 -55.43
N SER J 26 5.47 -0.16 -56.62
CA SER J 26 4.58 -0.48 -57.73
C SER J 26 4.76 -1.92 -58.20
N TYR J 27 5.93 -2.50 -57.95
CA TYR J 27 6.15 -3.90 -58.31
C TYR J 27 5.40 -4.83 -57.37
N LEU J 28 5.30 -4.46 -56.09
CA LEU J 28 4.68 -5.36 -55.14
C LEU J 28 3.17 -5.32 -55.23
N GLY J 29 2.59 -4.12 -55.23
CA GLY J 29 1.15 -3.98 -55.37
C GLY J 29 0.56 -3.08 -54.28
N GLN J 30 -0.75 -2.85 -54.42
CA GLN J 30 -1.44 -1.90 -53.55
C GLN J 30 -1.69 -2.47 -52.17
N ASN J 31 -1.56 -3.79 -52.02
CA ASN J 31 -1.80 -4.39 -50.72
C ASN J 31 -0.52 -4.42 -49.88
N PHE J 32 0.64 -4.28 -50.52
CA PHE J 32 1.89 -4.28 -49.77
C PHE J 32 2.06 -3.01 -48.96
N THR J 33 1.43 -1.92 -49.39
CA THR J 33 1.70 -0.64 -48.77
C THR J 33 1.01 -0.53 -47.41
N PHE J 34 0.15 -1.49 -47.08
CA PHE J 34 -0.39 -1.58 -45.73
C PHE J 34 0.45 -2.50 -44.87
N GLN J 35 1.37 -3.23 -45.50
CA GLN J 35 2.07 -4.31 -44.81
C GLN J 35 3.35 -3.82 -44.16
N CYS J 36 3.97 -2.78 -44.70
CA CYS J 36 5.27 -2.35 -44.21
C CYS J 36 5.15 -1.62 -42.89
N LYS J 37 5.67 -2.24 -41.83
CA LYS J 37 5.57 -1.67 -40.49
C LYS J 37 6.60 -0.58 -40.26
N ALA J 38 7.88 -0.88 -40.47
CA ALA J 38 8.93 0.04 -40.09
C ALA J 38 10.05 0.02 -41.13
N THR J 39 10.73 1.16 -41.24
CA THR J 39 11.85 1.32 -42.15
C THR J 39 12.69 2.50 -41.70
N ALA J 40 13.59 2.93 -42.57
CA ALA J 40 14.40 4.12 -42.35
C ALA J 40 14.54 4.84 -43.68
N LEU J 41 14.70 6.15 -43.63
CA LEU J 41 15.02 6.89 -44.84
C LEU J 41 16.50 6.76 -45.13
N PRO J 42 16.89 6.63 -46.40
CA PRO J 42 18.30 6.42 -46.72
C PRO J 42 19.09 7.71 -46.52
N ALA J 43 20.28 7.56 -45.97
CA ALA J 43 21.13 8.71 -45.68
C ALA J 43 21.88 9.14 -46.92
N GLY J 44 22.46 10.33 -46.86
CA GLY J 44 23.35 10.82 -47.88
C GLY J 44 24.78 10.80 -47.37
N ILE J 45 25.51 9.76 -47.76
CA ILE J 45 26.83 9.48 -47.22
C ILE J 45 27.88 10.02 -48.17
N VAL J 46 28.70 10.95 -47.70
CA VAL J 46 29.81 11.48 -48.48
C VAL J 46 31.08 11.35 -47.65
N GLU J 47 32.06 10.62 -48.19
CA GLU J 47 33.33 10.45 -47.50
C GLU J 47 34.13 11.75 -47.55
N LYS J 48 35.07 11.89 -46.63
CA LYS J 48 35.88 13.10 -46.50
C LYS J 48 37.30 12.81 -46.96
N ILE J 49 37.91 13.79 -47.62
CA ILE J 49 39.31 13.70 -48.03
C ILE J 49 40.11 14.69 -47.18
N PRO J 50 40.81 14.24 -46.15
CA PRO J 50 41.78 15.10 -45.49
C PRO J 50 43.08 15.16 -46.27
N VAL J 51 43.57 16.36 -46.52
CA VAL J 51 44.77 16.58 -47.34
C VAL J 51 45.76 17.41 -46.53
N GLY J 52 47.01 16.95 -46.49
CA GLY J 52 48.04 17.57 -45.71
C GLY J 52 48.72 18.71 -46.46
N PHE J 53 48.63 19.90 -45.88
CA PHE J 53 49.43 21.04 -46.31
C PHE J 53 50.06 21.67 -45.07
N MET J 54 51.35 21.39 -44.85
CA MET J 54 52.18 22.08 -43.87
C MET J 54 51.61 21.95 -42.46
N ASN J 55 51.66 20.73 -41.92
CA ASN J 55 51.32 20.40 -40.53
C ASN J 55 49.81 20.45 -40.28
N ARG J 56 49.00 20.81 -41.26
CA ARG J 56 47.57 20.98 -41.01
C ARG J 56 46.78 20.28 -42.10
N LYS J 57 45.48 20.17 -41.88
CA LYS J 57 44.58 19.49 -42.78
C LYS J 57 43.43 20.43 -43.13
N ILE J 58 43.17 20.62 -44.42
CA ILE J 58 41.92 21.18 -44.89
C ILE J 58 41.13 20.02 -45.46
N ASN J 59 39.81 20.17 -45.53
CA ASN J 59 38.98 19.06 -45.99
C ASN J 59 38.24 19.45 -47.26
N VAL J 60 38.22 18.55 -48.23
CA VAL J 60 37.51 18.75 -49.49
C VAL J 60 36.51 17.60 -49.61
N ALA J 61 35.48 17.82 -50.41
CA ALA J 61 34.43 16.83 -50.55
C ALA J 61 34.91 15.62 -51.33
N GLY J 62 34.64 14.45 -50.79
CA GLY J 62 35.06 13.20 -51.38
C GLY J 62 34.08 12.70 -52.42
N ASP J 63 33.68 11.45 -52.27
CA ASP J 63 32.80 10.81 -53.24
C ASP J 63 31.56 10.26 -52.54
N ARG J 64 30.45 10.30 -53.24
CA ARG J 64 29.18 9.88 -52.66
C ARG J 64 29.06 8.36 -52.69
N THR J 65 28.63 7.79 -51.57
CA THR J 65 28.22 6.40 -51.50
C THR J 65 26.79 6.38 -50.98
N PHE J 66 26.13 5.25 -51.11
CA PHE J 66 24.76 5.10 -50.68
C PHE J 66 24.63 3.99 -49.64
N ASP J 67 24.02 4.31 -48.51
CA ASP J 67 23.78 3.34 -47.48
C ASP J 67 22.63 2.43 -47.89
N ASP J 68 22.60 1.23 -47.32
CA ASP J 68 21.58 0.27 -47.69
C ASP J 68 20.25 0.64 -47.05
N TRP J 69 19.16 0.21 -47.66
CA TRP J 69 17.83 0.62 -47.23
C TRP J 69 17.13 -0.52 -46.52
N THR J 70 16.90 -0.36 -45.23
CA THR J 70 16.40 -1.43 -44.37
C THR J 70 14.91 -1.25 -44.14
N VAL J 71 14.14 -2.29 -44.48
CA VAL J 71 12.68 -2.28 -44.38
C VAL J 71 12.26 -3.54 -43.65
N THR J 72 11.45 -3.39 -42.62
CA THR J 72 10.85 -4.55 -41.95
C THR J 72 9.34 -4.49 -42.05
N VAL J 73 8.75 -5.60 -42.48
CA VAL J 73 7.33 -5.67 -42.81
C VAL J 73 6.68 -6.73 -41.93
N MET J 74 5.35 -6.73 -41.94
CA MET J 74 4.59 -7.78 -41.27
C MET J 74 4.42 -8.97 -42.21
N ASN J 75 3.71 -9.98 -41.73
CA ASN J 75 3.53 -11.21 -42.49
C ASN J 75 2.15 -11.78 -42.22
N ASP J 76 1.45 -12.16 -43.28
CA ASP J 76 0.20 -12.87 -43.10
C ASP J 76 0.43 -14.37 -43.16
N GLU J 77 -0.68 -15.11 -43.09
CA GLU J 77 -0.63 -16.56 -42.93
C GLU J 77 -0.12 -17.24 -44.19
N ALA J 78 -0.52 -16.73 -45.36
CA ALA J 78 -0.21 -17.41 -46.61
C ALA J 78 1.21 -17.13 -47.09
N HIS J 79 1.95 -16.27 -46.38
CA HIS J 79 3.34 -15.91 -46.66
C HIS J 79 3.55 -15.29 -48.03
N ASP J 80 2.54 -14.67 -48.63
CA ASP J 80 2.77 -14.03 -49.92
C ASP J 80 3.53 -12.73 -49.75
N ALA J 81 3.46 -12.13 -48.55
CA ALA J 81 4.21 -10.91 -48.29
C ALA J 81 5.72 -11.18 -48.26
N ARG J 82 6.10 -12.42 -47.94
CA ARG J 82 7.51 -12.77 -47.97
C ARG J 82 7.90 -13.43 -49.28
N GLN J 83 6.99 -14.22 -49.86
CA GLN J 83 7.26 -14.90 -51.13
C GLN J 83 7.46 -13.90 -52.26
N LYS J 84 6.77 -12.77 -52.20
CA LYS J 84 6.90 -11.79 -53.26
C LYS J 84 8.20 -10.99 -53.13
N PHE J 85 8.87 -11.07 -51.98
CA PHE J 85 10.26 -10.63 -51.95
C PHE J 85 11.18 -11.68 -52.53
N VAL J 86 10.91 -12.95 -52.25
CA VAL J 86 11.80 -14.02 -52.71
C VAL J 86 11.69 -14.20 -54.21
N ASP J 87 10.47 -14.07 -54.75
CA ASP J 87 10.30 -14.14 -56.20
C ASP J 87 10.95 -12.94 -56.88
N TRP J 88 10.89 -11.78 -56.24
CA TRP J 88 11.54 -10.60 -56.80
C TRP J 88 13.05 -10.69 -56.68
N GLN J 89 13.53 -11.43 -55.68
CA GLN J 89 14.97 -11.59 -55.53
C GLN J 89 15.49 -12.75 -56.36
N SER J 90 14.61 -13.70 -56.69
CA SER J 90 15.03 -14.84 -57.52
C SER J 90 15.15 -14.45 -58.98
N ILE J 91 14.59 -13.30 -59.36
CA ILE J 91 14.82 -12.78 -60.70
C ILE J 91 16.27 -12.34 -60.82
N ALA J 92 16.81 -11.74 -59.77
CA ALA J 92 18.19 -11.28 -59.81
C ALA J 92 19.16 -12.45 -59.79
N ALA J 93 19.16 -13.24 -58.73
CA ALA J 93 20.18 -14.24 -58.52
C ALA J 93 19.73 -15.68 -58.75
N GLY J 94 18.47 -16.00 -58.52
CA GLY J 94 18.00 -17.35 -58.75
C GLY J 94 18.27 -18.27 -57.57
N GLN J 95 17.34 -19.21 -57.36
CA GLN J 95 17.37 -20.06 -56.19
C GLN J 95 16.84 -21.43 -56.58
N GLY J 96 17.42 -22.46 -55.98
CA GLY J 96 17.02 -23.83 -56.26
C GLY J 96 18.15 -24.64 -56.85
N ASN J 97 17.78 -25.83 -57.32
CA ASN J 97 18.76 -26.68 -57.97
C ASN J 97 19.15 -26.11 -59.32
N GLU J 98 18.18 -25.58 -60.06
CA GLU J 98 18.49 -24.91 -61.31
C GLU J 98 19.09 -23.55 -61.03
N ILE J 99 19.90 -23.08 -61.96
CA ILE J 99 20.60 -21.80 -61.84
C ILE J 99 20.09 -20.87 -62.94
N THR J 100 19.80 -19.64 -62.57
CA THR J 100 19.31 -18.64 -63.50
C THR J 100 19.78 -17.26 -63.06
N GLY J 101 19.59 -16.29 -63.93
CA GLY J 101 19.92 -14.91 -63.62
C GLY J 101 18.90 -13.98 -64.21
N GLY J 102 19.20 -12.70 -64.12
CA GLY J 102 18.34 -11.68 -64.69
C GLY J 102 19.13 -10.46 -65.09
N LYS J 103 18.68 -9.82 -66.17
CA LYS J 103 19.31 -8.59 -66.60
C LYS J 103 18.93 -7.46 -65.66
N PRO J 104 19.80 -6.46 -65.48
CA PRO J 104 19.52 -5.42 -64.47
C PRO J 104 18.32 -4.54 -64.79
N ALA J 105 17.87 -4.51 -66.04
CA ALA J 105 16.63 -3.80 -66.32
C ALA J 105 15.42 -4.61 -65.90
N GLU J 106 15.62 -5.89 -65.55
CA GLU J 106 14.49 -6.77 -65.31
C GLU J 106 14.14 -6.86 -63.82
N TYR J 107 15.14 -6.82 -62.94
CA TYR J 107 14.85 -6.98 -61.52
C TYR J 107 14.95 -5.70 -60.71
N LYS J 108 15.63 -4.67 -61.22
CA LYS J 108 15.80 -3.43 -60.49
C LYS J 108 14.56 -2.58 -60.68
N LYS J 109 13.90 -2.23 -59.58
CA LYS J 109 12.65 -1.49 -59.62
C LYS J 109 12.78 -0.21 -58.81
N SER J 110 11.68 0.51 -58.72
CA SER J 110 11.63 1.80 -58.03
C SER J 110 10.60 1.74 -56.91
N ALA J 111 10.68 2.70 -55.99
CA ALA J 111 9.77 2.76 -54.85
C ALA J 111 9.53 4.21 -54.45
N ILE J 112 8.35 4.45 -53.90
CA ILE J 112 7.95 5.76 -53.41
C ILE J 112 7.54 5.63 -51.95
N VAL J 113 8.26 6.33 -51.08
CA VAL J 113 7.90 6.45 -49.68
C VAL J 113 7.40 7.88 -49.46
N ARG J 114 6.31 8.03 -48.74
CA ARG J 114 5.72 9.33 -48.49
C ARG J 114 5.25 9.44 -47.05
N GLN J 115 5.45 10.62 -46.47
CA GLN J 115 5.06 10.89 -45.09
C GLN J 115 3.79 11.72 -45.12
N TYR J 116 2.88 11.44 -44.19
CA TYR J 116 1.64 12.19 -44.13
C TYR J 116 1.74 13.30 -43.08
N ALA J 117 0.86 14.27 -43.20
CA ALA J 117 0.74 15.30 -42.17
C ALA J 117 -0.19 14.77 -41.07
N ARG J 118 -0.51 15.63 -40.10
CA ARG J 118 -1.34 15.22 -38.98
C ARG J 118 -2.76 14.92 -39.43
N ASP J 119 -3.27 15.70 -40.38
CA ASP J 119 -4.37 15.23 -41.19
C ASP J 119 -3.86 14.07 -42.02
N ALA J 120 -4.45 12.89 -41.81
CA ALA J 120 -3.88 11.67 -42.37
C ALA J 120 -4.08 11.59 -43.88
N LYS J 121 -5.08 12.31 -44.40
CA LYS J 121 -5.34 12.28 -45.83
C LYS J 121 -4.43 13.21 -46.61
N THR J 122 -3.57 13.96 -45.94
CA THR J 122 -2.70 14.90 -46.64
C THR J 122 -1.34 14.25 -46.89
N VAL J 123 -0.84 14.43 -48.11
CA VAL J 123 0.49 13.93 -48.46
C VAL J 123 1.44 15.11 -48.49
N THR J 124 2.31 15.23 -47.49
CA THR J 124 3.08 16.45 -47.35
C THR J 124 4.45 16.35 -48.01
N LYS J 125 4.96 15.14 -48.20
CA LYS J 125 6.29 14.94 -48.76
C LYS J 125 6.40 13.57 -49.37
N GLU J 126 6.88 13.50 -50.61
CA GLU J 126 7.11 12.26 -51.32
C GLU J 126 8.59 12.12 -51.60
N ILE J 127 9.16 10.97 -51.26
CA ILE J 127 10.56 10.67 -51.48
C ILE J 127 10.66 9.45 -52.37
N GLU J 128 11.39 9.58 -53.48
CA GLU J 128 11.50 8.52 -54.46
C GLU J 128 12.88 7.89 -54.38
N ILE J 129 12.89 6.56 -54.44
CA ILE J 129 14.13 5.80 -54.52
C ILE J 129 14.11 5.05 -55.84
N LYS J 130 15.25 5.04 -56.51
CA LYS J 130 15.36 4.43 -57.83
C LYS J 130 16.34 3.27 -57.79
N GLY J 131 16.08 2.28 -58.64
CA GLY J 131 16.98 1.16 -58.83
C GLY J 131 17.07 0.25 -57.62
N LEU J 132 16.00 -0.46 -57.30
CA LEU J 132 15.94 -1.23 -56.06
C LEU J 132 15.92 -2.71 -56.37
N TRP J 133 16.69 -3.48 -55.61
CA TRP J 133 16.60 -4.93 -55.59
C TRP J 133 17.02 -5.38 -54.21
N PRO J 134 16.34 -6.35 -53.62
CA PRO J 134 16.61 -6.72 -52.22
C PRO J 134 17.94 -7.44 -52.06
N THR J 135 18.77 -6.93 -51.16
CA THR J 135 20.06 -7.55 -50.90
C THR J 135 19.88 -8.87 -50.18
N ASN J 136 19.26 -8.84 -49.00
CA ASN J 136 18.90 -10.07 -48.32
C ASN J 136 17.46 -10.02 -47.85
N VAL J 137 16.82 -11.17 -47.87
CA VAL J 137 15.42 -11.32 -47.48
C VAL J 137 15.32 -12.44 -46.47
N GLY J 138 14.76 -12.14 -45.32
CA GLY J 138 14.39 -13.20 -44.40
C GLY J 138 14.95 -12.95 -43.03
N GLU J 139 15.66 -13.97 -42.53
CA GLU J 139 15.91 -14.18 -41.11
C GLU J 139 14.59 -14.04 -40.35
N LEU J 140 13.68 -14.95 -40.61
CA LEU J 140 12.39 -14.91 -39.95
C LEU J 140 12.50 -15.66 -38.63
N GLN J 141 11.95 -15.08 -37.58
CA GLN J 141 12.05 -15.65 -36.25
C GLN J 141 10.70 -16.27 -35.88
N LEU J 142 10.70 -17.56 -35.59
CA LEU J 142 9.49 -18.26 -35.18
C LEU J 142 9.80 -19.28 -34.11
N ASP J 143 9.01 -19.28 -33.04
CA ASP J 143 9.30 -20.08 -31.86
C ASP J 143 8.01 -20.34 -31.10
N TRP J 144 8.02 -21.42 -30.31
CA TRP J 144 6.88 -21.72 -29.46
C TRP J 144 6.88 -20.85 -28.21
N ASP J 145 8.02 -20.21 -27.92
CA ASP J 145 8.11 -19.50 -26.66
C ASP J 145 7.57 -18.08 -26.75
N SER J 146 7.83 -17.37 -27.84
CA SER J 146 7.26 -16.04 -28.00
C SER J 146 5.76 -16.17 -28.27
N ASN J 147 4.96 -15.54 -27.41
CA ASN J 147 3.54 -15.79 -27.39
C ASN J 147 2.73 -14.65 -28.00
N ASN J 148 2.87 -13.44 -27.48
CA ASN J 148 1.98 -12.37 -27.90
C ASN J 148 2.54 -11.54 -29.02
N GLU J 149 3.65 -11.95 -29.62
CA GLU J 149 4.28 -11.13 -30.64
C GLU J 149 3.61 -11.35 -31.98
N ILE J 150 3.94 -10.48 -32.93
CA ILE J 150 3.50 -10.66 -34.30
C ILE J 150 4.67 -11.21 -35.12
N GLN J 151 4.35 -11.94 -36.18
CA GLN J 151 5.38 -12.52 -37.03
C GLN J 151 5.84 -11.49 -38.05
N THR J 152 7.10 -11.07 -37.93
CA THR J 152 7.65 -10.05 -38.80
C THR J 152 9.08 -10.40 -39.18
N PHE J 153 9.60 -9.68 -40.18
CA PHE J 153 10.93 -9.93 -40.69
C PHE J 153 11.44 -8.69 -41.38
N GLU J 154 12.76 -8.60 -41.52
CA GLU J 154 13.41 -7.41 -42.07
C GLU J 154 14.14 -7.77 -43.35
N VAL J 155 14.02 -6.92 -44.36
CA VAL J 155 14.73 -7.07 -45.62
C VAL J 155 15.53 -5.81 -45.87
N THR J 156 16.62 -5.94 -46.62
CA THR J 156 17.45 -4.80 -46.99
C THR J 156 17.47 -4.73 -48.52
N LEU J 157 17.41 -3.52 -49.06
CA LEU J 157 17.21 -3.32 -50.48
C LEU J 157 18.28 -2.38 -51.01
N ALA J 158 19.12 -2.88 -51.90
CA ALA J 158 20.17 -2.07 -52.50
C ALA J 158 19.57 -1.02 -53.41
N LEU J 159 20.20 0.15 -53.47
CA LEU J 159 19.66 1.25 -54.25
C LEU J 159 20.77 1.97 -54.98
N ASP J 160 20.45 2.53 -56.15
CA ASP J 160 21.43 3.32 -56.87
C ASP J 160 21.44 4.77 -56.39
N TYR J 161 20.28 5.40 -56.33
CA TYR J 161 20.17 6.78 -55.88
C TYR J 161 18.76 7.08 -55.40
N TRP J 162 18.62 8.06 -54.52
CA TRP J 162 17.30 8.52 -54.09
C TRP J 162 17.23 10.03 -54.25
N GLU J 163 16.13 10.51 -54.81
CA GLU J 163 15.98 11.92 -55.06
C GLU J 163 15.58 12.65 -53.78
N MET K 1 -26.58 35.21 -9.37
CA MET K 1 -25.92 34.25 -8.49
C MET K 1 -26.91 33.70 -7.48
N PHE K 2 -27.44 32.52 -7.78
CA PHE K 2 -28.49 31.93 -6.99
C PHE K 2 -28.24 30.44 -6.88
N VAL K 3 -28.96 29.79 -5.97
CA VAL K 3 -28.77 28.36 -5.79
C VAL K 3 -29.65 27.59 -6.74
N ASP K 4 -30.67 28.25 -7.30
CA ASP K 4 -31.47 27.64 -8.35
C ASP K 4 -30.85 27.80 -9.72
N ASP K 5 -29.66 28.42 -9.80
CA ASP K 5 -29.06 28.72 -11.09
C ASP K 5 -28.46 27.47 -11.70
N VAL K 6 -28.12 26.48 -10.88
CA VAL K 6 -27.53 25.25 -11.40
C VAL K 6 -28.59 24.41 -12.12
N THR K 7 -29.86 24.53 -11.72
CA THR K 7 -30.92 23.83 -12.42
C THR K 7 -31.18 24.46 -13.78
N ARG K 8 -30.86 25.75 -13.93
CA ARG K 8 -30.99 26.40 -15.23
C ARG K 8 -29.90 25.91 -16.17
N ALA K 9 -28.76 25.49 -15.62
CA ALA K 9 -27.62 25.07 -16.45
C ALA K 9 -27.89 23.75 -17.14
N PHE K 10 -28.73 22.91 -16.56
CA PHE K 10 -29.02 21.61 -17.14
C PHE K 10 -30.35 21.61 -17.87
N GLU K 11 -30.48 20.77 -18.87
CA GLU K 11 -31.78 20.55 -19.50
C GLU K 11 -32.67 19.78 -18.54
N SER K 12 -33.96 20.14 -18.51
CA SER K 12 -35.02 19.52 -17.70
C SER K 12 -34.81 19.70 -16.20
N GLY K 13 -33.81 20.48 -15.79
CA GLY K 13 -33.61 20.80 -14.39
C GLY K 13 -33.21 19.63 -13.52
N ASP K 14 -32.68 18.58 -14.12
CA ASP K 14 -32.48 17.33 -13.39
C ASP K 14 -31.04 16.88 -13.57
N PHE K 15 -30.64 15.93 -12.72
CA PHE K 15 -29.29 15.39 -12.73
C PHE K 15 -29.34 13.98 -13.28
N ALA K 16 -28.30 13.58 -14.00
CA ALA K 16 -28.18 12.19 -14.41
C ALA K 16 -27.73 11.35 -13.21
N ARG K 17 -28.22 10.12 -13.14
CA ARG K 17 -27.90 9.25 -12.01
C ARG K 17 -26.94 8.15 -12.41
N PRO K 18 -26.16 7.62 -11.47
CA PRO K 18 -25.26 6.51 -11.82
C PRO K 18 -25.99 5.21 -12.09
N ASN K 19 -27.19 5.03 -11.57
CA ASN K 19 -28.04 3.95 -12.04
C ASN K 19 -28.87 4.48 -13.20
N LEU K 20 -29.95 3.77 -13.56
CA LEU K 20 -30.88 4.14 -14.64
C LEU K 20 -30.17 4.10 -16.00
N PHE K 21 -29.36 3.06 -16.20
CA PHE K 21 -28.80 2.74 -17.48
C PHE K 21 -29.20 1.31 -17.81
N GLN K 22 -28.86 0.88 -19.01
CA GLN K 22 -29.13 -0.49 -19.45
C GLN K 22 -28.28 -0.77 -20.67
N VAL K 23 -27.50 -1.85 -20.62
CA VAL K 23 -26.53 -2.17 -21.65
C VAL K 23 -26.91 -3.49 -22.30
N GLU K 24 -26.96 -3.52 -23.63
CA GLU K 24 -27.33 -4.71 -24.37
C GLU K 24 -26.24 -5.08 -25.35
N ILE K 25 -26.06 -6.37 -25.56
CA ILE K 25 -25.15 -6.90 -26.57
C ILE K 25 -25.98 -7.81 -27.48
N SER K 26 -25.93 -7.54 -28.78
CA SER K 26 -26.76 -8.28 -29.73
C SER K 26 -26.29 -9.73 -29.85
N TYR K 27 -25.02 -9.98 -29.56
CA TYR K 27 -24.52 -11.35 -29.59
C TYR K 27 -25.03 -12.16 -28.42
N LEU K 28 -25.20 -11.51 -27.25
CA LEU K 28 -25.60 -12.26 -26.07
C LEU K 28 -27.09 -12.55 -26.08
N GLY K 29 -27.91 -11.54 -26.33
CA GLY K 29 -29.35 -11.71 -26.40
C GLY K 29 -30.09 -10.72 -25.52
N GLN K 30 -31.42 -10.80 -25.62
CA GLN K 30 -32.28 -9.82 -24.96
C GLN K 30 -32.39 -10.09 -23.47
N ASN K 31 -31.99 -11.27 -23.02
CA ASN K 31 -32.07 -11.58 -21.60
C ASN K 31 -30.82 -11.15 -20.87
N PHE K 32 -29.72 -10.93 -21.59
CA PHE K 32 -28.48 -10.52 -20.95
C PHE K 32 -28.56 -9.07 -20.47
N THR K 33 -29.42 -8.27 -21.10
CA THR K 33 -29.42 -6.85 -20.81
C THR K 33 -30.10 -6.56 -19.47
N PHE K 34 -30.72 -7.56 -18.87
CA PHE K 34 -31.22 -7.42 -17.50
C PHE K 34 -30.19 -7.93 -16.51
N GLN K 35 -29.15 -8.59 -17.01
CA GLN K 35 -28.23 -9.30 -16.14
C GLN K 35 -27.06 -8.43 -15.70
N CYS K 36 -26.70 -7.44 -16.51
CA CYS K 36 -25.51 -6.66 -16.21
C CYS K 36 -25.76 -5.67 -15.10
N LYS K 37 -25.11 -5.90 -13.96
CA LYS K 37 -25.31 -5.06 -12.79
C LYS K 37 -24.52 -3.76 -12.88
N ALA K 38 -23.21 -3.84 -13.10
CA ALA K 38 -22.37 -2.67 -13.01
C ALA K 38 -21.29 -2.71 -14.08
N THR K 39 -20.86 -1.52 -14.49
CA THR K 39 -19.81 -1.36 -15.48
C THR K 39 -19.23 0.04 -15.38
N ALA K 40 -18.46 0.42 -16.38
CA ALA K 40 -17.91 1.76 -16.50
C ALA K 40 -17.95 2.15 -17.96
N LEU K 41 -18.06 3.45 -18.23
CA LEU K 41 -17.92 3.92 -19.59
C LEU K 41 -16.45 4.01 -19.94
N PRO K 42 -16.06 3.67 -21.16
CA PRO K 42 -14.64 3.68 -21.51
C PRO K 42 -14.14 5.10 -21.67
N ALA K 43 -12.93 5.33 -21.18
CA ALA K 43 -12.34 6.66 -21.22
C ALA K 43 -11.71 6.93 -22.57
N GLY K 44 -11.39 8.19 -22.82
CA GLY K 44 -10.64 8.59 -23.99
C GLY K 44 -9.24 8.97 -23.58
N ILE K 45 -8.31 8.05 -23.76
CA ILE K 45 -6.94 8.17 -23.25
C ILE K 45 -6.05 8.66 -24.38
N VAL K 46 -5.43 9.82 -24.19
CA VAL K 46 -4.47 10.36 -25.13
C VAL K 46 -3.20 10.69 -24.38
N GLU K 47 -2.09 10.07 -24.79
CA GLU K 47 -0.80 10.34 -24.17
C GLU K 47 -0.30 11.71 -24.57
N LYS K 48 0.62 12.25 -23.77
CA LYS K 48 1.14 13.59 -23.97
C LYS K 48 2.58 13.49 -24.45
N ILE K 49 2.97 14.39 -25.36
CA ILE K 49 4.36 14.48 -25.82
C ILE K 49 4.94 15.78 -25.27
N PRO K 50 5.73 15.74 -24.21
CA PRO K 50 6.52 16.92 -23.83
C PRO K 50 7.75 17.05 -24.70
N VAL K 51 7.98 18.23 -25.26
CA VAL K 51 9.10 18.48 -26.16
C VAL K 51 9.90 19.66 -25.64
N GLY K 52 11.23 19.48 -25.57
CA GLY K 52 12.11 20.47 -25.03
C GLY K 52 12.51 21.50 -26.05
N PHE K 53 12.19 22.75 -25.78
CA PHE K 53 12.73 23.90 -26.50
C PHE K 53 13.24 24.91 -25.49
N MET K 54 14.56 24.96 -25.29
CA MET K 54 15.24 26.01 -24.55
C MET K 54 14.72 26.12 -23.12
N ASN K 55 15.05 25.10 -22.31
CA ASN K 55 14.79 25.05 -20.86
C ASN K 55 13.31 24.86 -20.54
N ARG K 56 12.43 24.80 -21.52
CA ARG K 56 11.01 24.74 -21.23
C ARG K 56 10.36 23.66 -22.07
N LYS K 57 9.11 23.35 -21.74
CA LYS K 57 8.36 22.30 -22.41
C LYS K 57 7.04 22.88 -22.90
N ILE K 58 6.73 22.69 -24.16
CA ILE K 58 5.38 22.86 -24.68
C ILE K 58 4.84 21.47 -24.93
N ASN K 59 3.52 21.32 -24.92
CA ASN K 59 2.94 20.00 -25.07
C ASN K 59 2.11 19.91 -26.34
N VAL K 60 2.27 18.81 -27.07
CA VAL K 60 1.52 18.56 -28.28
C VAL K 60 0.78 17.25 -28.08
N ALA K 61 -0.29 17.05 -28.86
CA ALA K 61 -1.11 15.87 -28.68
C ALA K 61 -0.39 14.63 -29.19
N GLY K 62 -0.40 13.59 -28.37
CA GLY K 62 0.26 12.34 -28.69
C GLY K 62 -0.61 11.43 -29.51
N ASP K 63 -0.74 10.19 -29.06
CA ASP K 63 -1.47 9.18 -29.79
C ASP K 63 -2.56 8.58 -28.90
N ARG K 64 -3.67 8.23 -29.52
CA ARG K 64 -4.81 7.71 -28.78
C ARG K 64 -4.62 6.23 -28.45
N THR K 65 -4.89 5.88 -27.20
CA THR K 65 -5.00 4.49 -26.78
C THR K 65 -6.38 4.31 -26.18
N PHE K 66 -6.79 3.06 -25.99
CA PHE K 66 -8.11 2.76 -25.46
C PHE K 66 -7.99 1.93 -24.20
N ASP K 67 -8.62 2.39 -23.13
CA ASP K 67 -8.64 1.66 -21.89
C ASP K 67 -9.59 0.47 -21.99
N ASP K 68 -9.36 -0.53 -21.16
CA ASP K 68 -10.16 -1.74 -21.23
C ASP K 68 -11.53 -1.50 -20.61
N TRP K 69 -12.51 -2.27 -21.04
CA TRP K 69 -13.89 -2.06 -20.63
C TRP K 69 -14.32 -3.11 -19.62
N THR K 70 -14.57 -2.69 -18.40
CA THR K 70 -14.82 -3.59 -17.29
C THR K 70 -16.31 -3.67 -17.01
N VAL K 71 -16.85 -4.88 -17.05
CA VAL K 71 -18.27 -5.15 -16.87
C VAL K 71 -18.41 -6.26 -15.83
N THR K 72 -19.23 -6.03 -14.82
CA THR K 72 -19.55 -7.08 -13.86
C THR K 72 -21.05 -7.35 -13.87
N VAL K 73 -21.40 -8.63 -14.00
CA VAL K 73 -22.78 -9.06 -14.20
C VAL K 73 -23.18 -9.99 -13.07
N MET K 74 -24.48 -10.26 -12.99
CA MET K 74 -25.00 -11.25 -12.06
C MET K 74 -24.92 -12.63 -12.68
N ASN K 75 -25.40 -13.62 -11.94
CA ASN K 75 -25.32 -15.01 -12.37
C ASN K 75 -26.55 -15.76 -11.89
N ASP K 76 -27.18 -16.51 -12.78
CA ASP K 76 -28.24 -17.40 -12.36
C ASP K 76 -27.70 -18.79 -12.08
N GLU K 77 -28.63 -19.70 -11.77
CA GLU K 77 -28.28 -21.03 -11.29
C GLU K 77 -27.65 -21.87 -12.39
N ALA K 78 -28.16 -21.75 -13.62
CA ALA K 78 -27.74 -22.64 -14.69
C ALA K 78 -26.41 -22.21 -15.31
N HIS K 79 -25.86 -21.07 -14.86
CA HIS K 79 -24.59 -20.51 -15.31
C HIS K 79 -24.52 -20.21 -16.80
N ASP K 80 -25.65 -19.98 -17.46
CA ASP K 80 -25.59 -19.63 -18.87
C ASP K 80 -25.09 -18.20 -19.06
N ALA K 81 -25.28 -17.36 -18.04
CA ALA K 81 -24.79 -15.98 -18.12
C ALA K 81 -23.27 -15.94 -18.12
N ARG K 82 -22.63 -16.95 -17.53
CA ARG K 82 -21.18 -17.01 -17.57
C ARG K 82 -20.68 -17.88 -18.72
N GLN K 83 -21.41 -18.95 -19.04
CA GLN K 83 -21.02 -19.84 -20.13
C GLN K 83 -21.05 -19.14 -21.48
N LYS K 84 -21.96 -18.17 -21.63
CA LYS K 84 -22.06 -17.47 -22.90
C LYS K 84 -20.97 -16.43 -23.05
N PHE K 85 -20.26 -16.10 -21.95
CA PHE K 85 -19.00 -15.39 -22.11
C PHE K 85 -17.88 -16.35 -22.50
N VAL K 86 -17.88 -17.55 -21.91
CA VAL K 86 -16.79 -18.48 -22.15
C VAL K 86 -16.88 -19.04 -23.57
N ASP K 87 -18.10 -19.30 -24.04
CA ASP K 87 -18.29 -19.74 -25.42
C ASP K 87 -17.91 -18.64 -26.39
N TRP K 88 -18.19 -17.39 -26.04
CA TRP K 88 -17.82 -16.28 -26.91
C TRP K 88 -16.32 -16.02 -26.86
N GLN K 89 -15.68 -16.39 -25.76
CA GLN K 89 -14.24 -16.21 -25.66
C GLN K 89 -13.49 -17.42 -26.23
N SER K 90 -14.16 -18.58 -26.27
CA SER K 90 -13.52 -19.77 -26.84
C SER K 90 -13.51 -19.73 -28.36
N ILE K 91 -14.32 -18.84 -28.95
CA ILE K 91 -14.21 -18.62 -30.39
C ILE K 91 -12.89 -17.95 -30.72
N ALA K 92 -12.47 -17.01 -29.86
CA ALA K 92 -11.22 -16.31 -30.08
C ALA K 92 -10.02 -17.22 -29.86
N ALA K 93 -9.84 -17.72 -28.64
CA ALA K 93 -8.62 -18.42 -28.27
C ALA K 93 -8.77 -19.92 -28.14
N GLY K 94 -9.93 -20.42 -27.76
CA GLY K 94 -10.11 -21.86 -27.64
C GLY K 94 -9.64 -22.39 -26.30
N GLN K 95 -10.35 -23.41 -25.83
CA GLN K 95 -10.13 -23.94 -24.48
C GLN K 95 -10.36 -25.43 -24.51
N GLY K 96 -9.56 -26.16 -23.73
CA GLY K 96 -9.68 -27.60 -23.65
C GLY K 96 -8.42 -28.29 -24.11
N ASN K 97 -8.53 -29.61 -24.26
CA ASN K 97 -7.40 -30.38 -24.77
C ASN K 97 -7.16 -30.08 -26.23
N GLU K 98 -8.24 -29.95 -27.01
CA GLU K 98 -8.09 -29.56 -28.40
C GLU K 98 -7.78 -28.07 -28.47
N ILE K 99 -7.09 -27.69 -29.54
CA ILE K 99 -6.68 -26.31 -29.77
C ILE K 99 -7.39 -25.80 -31.02
N THR K 100 -7.94 -24.59 -30.93
CA THR K 100 -8.62 -23.96 -32.04
C THR K 100 -8.45 -22.45 -31.95
N GLY K 101 -8.86 -21.78 -33.02
CA GLY K 101 -8.81 -20.33 -33.05
C GLY K 101 -10.03 -19.79 -33.78
N GLY K 102 -9.99 -18.49 -34.01
CA GLY K 102 -11.06 -17.83 -34.75
C GLY K 102 -10.54 -16.61 -35.48
N LYS K 103 -11.14 -16.35 -36.63
CA LYS K 103 -10.78 -15.17 -37.39
C LYS K 103 -11.38 -13.93 -36.71
N PRO K 104 -10.72 -12.77 -36.82
CA PRO K 104 -11.21 -11.59 -36.07
C PRO K 104 -12.56 -11.08 -36.50
N ALA K 105 -13.04 -11.45 -37.70
CA ALA K 105 -14.40 -11.09 -38.06
C ALA K 105 -15.41 -12.01 -37.38
N GLU K 106 -14.94 -13.09 -36.75
CA GLU K 106 -15.86 -14.10 -36.25
C GLU K 106 -16.17 -13.88 -34.77
N TYR K 107 -15.19 -13.44 -33.98
CA TYR K 107 -15.40 -13.30 -32.54
C TYR K 107 -15.56 -11.87 -32.07
N LYS K 108 -15.12 -10.88 -32.84
CA LYS K 108 -15.21 -9.49 -32.43
C LYS K 108 -16.60 -8.98 -32.74
N LYS K 109 -17.31 -8.53 -31.71
CA LYS K 109 -18.68 -8.07 -31.84
C LYS K 109 -18.80 -6.64 -31.36
N SER K 110 -20.04 -6.15 -31.36
CA SER K 110 -20.34 -4.78 -30.99
C SER K 110 -21.32 -4.77 -29.83
N ALA K 111 -21.44 -3.61 -29.17
CA ALA K 111 -22.32 -3.47 -28.02
C ALA K 111 -22.86 -2.05 -27.95
N ILE K 112 -24.06 -1.92 -27.39
CA ILE K 112 -24.71 -0.63 -27.19
C ILE K 112 -25.06 -0.49 -25.73
N VAL K 113 -24.49 0.52 -25.09
CA VAL K 113 -24.86 0.91 -23.73
C VAL K 113 -25.64 2.21 -23.83
N ARG K 114 -26.73 2.31 -23.09
CA ARG K 114 -27.58 3.49 -23.12
C ARG K 114 -28.04 3.85 -21.72
N GLN K 115 -28.09 5.14 -21.43
CA GLN K 115 -28.50 5.66 -20.14
C GLN K 115 -29.92 6.19 -20.27
N TYR K 116 -30.73 5.96 -19.25
CA TYR K 116 -32.10 6.44 -19.29
C TYR K 116 -32.22 7.76 -18.54
N ALA K 117 -33.29 8.48 -18.82
CA ALA K 117 -33.61 9.68 -18.05
C ALA K 117 -34.39 9.26 -16.81
N ARG K 118 -34.87 10.25 -16.05
CA ARG K 118 -35.58 9.97 -14.81
C ARG K 118 -36.91 9.28 -15.09
N ASP K 119 -37.59 9.70 -16.14
CA ASP K 119 -38.58 8.83 -16.76
C ASP K 119 -37.85 7.62 -17.33
N ALA K 120 -38.18 6.44 -16.81
CA ALA K 120 -37.36 5.26 -17.11
C ALA K 120 -37.57 4.78 -18.54
N LYS K 121 -38.70 5.14 -19.15
CA LYS K 121 -38.96 4.71 -20.52
C LYS K 121 -38.29 5.60 -21.55
N THR K 122 -37.60 6.65 -21.12
CA THR K 122 -36.95 7.54 -22.07
C THR K 122 -35.49 7.14 -22.26
N VAL K 123 -35.04 7.10 -23.51
CA VAL K 123 -33.65 6.82 -23.82
C VAL K 123 -32.97 8.12 -24.20
N THR K 124 -32.13 8.64 -23.29
CA THR K 124 -31.63 10.00 -23.49
C THR K 124 -30.28 10.01 -24.20
N LYS K 125 -29.53 8.92 -24.13
CA LYS K 125 -28.19 8.87 -24.71
C LYS K 125 -27.80 7.43 -24.99
N GLU K 126 -27.35 7.17 -26.21
CA GLU K 126 -26.87 5.87 -26.63
C GLU K 126 -25.40 5.96 -26.96
N ILE K 127 -24.60 5.06 -26.40
CA ILE K 127 -23.16 5.01 -26.64
C ILE K 127 -22.82 3.66 -27.23
N GLU K 128 -22.15 3.67 -28.38
CA GLU K 128 -21.84 2.44 -29.09
C GLU K 128 -20.36 2.13 -28.95
N ILE K 129 -20.06 0.86 -28.70
CA ILE K 129 -18.69 0.37 -28.67
C ILE K 129 -18.58 -0.66 -29.78
N LYS K 130 -17.47 -0.62 -30.51
CA LYS K 130 -17.25 -1.49 -31.65
C LYS K 130 -16.04 -2.37 -31.40
N GLY K 131 -16.10 -3.57 -31.98
CA GLY K 131 -14.99 -4.50 -31.96
C GLY K 131 -14.69 -5.06 -30.59
N LEU K 132 -15.60 -5.87 -30.04
CA LEU K 132 -15.47 -6.31 -28.66
C LEU K 132 -15.18 -7.80 -28.60
N TRP K 133 -14.26 -8.18 -27.74
CA TRP K 133 -14.05 -9.58 -27.38
C TRP K 133 -13.51 -9.59 -25.95
N PRO K 134 -13.97 -10.51 -25.12
CA PRO K 134 -13.62 -10.46 -23.69
C PRO K 134 -12.17 -10.85 -23.46
N THR K 135 -11.45 -9.98 -22.75
CA THR K 135 -10.05 -10.24 -22.44
C THR K 135 -9.93 -11.36 -21.41
N ASN K 136 -10.53 -11.18 -20.24
CA ASN K 136 -10.62 -12.25 -19.27
C ASN K 136 -12.03 -12.37 -18.73
N VAL K 137 -12.42 -13.61 -18.45
CA VAL K 137 -13.75 -13.94 -17.95
C VAL K 137 -13.58 -14.77 -16.70
N GLY K 138 -14.19 -14.32 -15.61
CA GLY K 138 -14.32 -15.19 -14.46
C GLY K 138 -13.80 -14.50 -13.21
N GLU K 139 -12.89 -15.22 -12.54
CA GLU K 139 -12.58 -15.02 -11.13
C GLU K 139 -13.88 -14.97 -10.34
N LEU K 140 -14.60 -16.08 -10.33
CA LEU K 140 -15.86 -16.14 -9.60
C LEU K 140 -15.56 -16.50 -8.16
N GLN K 141 -16.22 -15.82 -7.24
CA GLN K 141 -15.98 -16.02 -5.82
C GLN K 141 -17.16 -16.78 -5.25
N LEU K 142 -16.89 -17.94 -4.65
CA LEU K 142 -17.92 -18.74 -4.02
C LEU K 142 -17.38 -19.40 -2.76
N ASP K 143 -18.15 -19.30 -1.68
CA ASP K 143 -17.68 -19.71 -0.36
C ASP K 143 -18.87 -20.04 0.52
N TRP K 144 -18.62 -20.87 1.54
CA TRP K 144 -19.67 -21.17 2.51
C TRP K 144 -19.83 -20.06 3.52
N ASP K 145 -18.86 -19.15 3.58
CA ASP K 145 -18.90 -18.16 4.64
C ASP K 145 -19.72 -16.93 4.25
N SER K 146 -19.63 -16.47 3.01
CA SER K 146 -20.48 -15.36 2.58
C SER K 146 -21.91 -15.84 2.45
N ASN K 147 -22.81 -15.21 3.18
CA ASN K 147 -24.15 -15.73 3.35
C ASN K 147 -25.19 -14.95 2.55
N ASN K 148 -25.30 -13.65 2.75
CA ASN K 148 -26.40 -12.90 2.16
C ASN K 148 -26.04 -12.27 0.83
N GLU K 149 -24.88 -12.59 0.28
CA GLU K 149 -24.44 -11.93 -0.94
C GLU K 149 -25.08 -12.59 -2.15
N ILE K 150 -24.95 -11.92 -3.29
CA ILE K 150 -25.35 -12.53 -4.55
C ILE K 150 -24.11 -13.01 -5.29
N GLN K 151 -24.28 -14.01 -6.14
CA GLN K 151 -23.17 -14.57 -6.89
C GLN K 151 -22.95 -13.74 -8.15
N THR K 152 -21.81 -13.07 -8.21
CA THR K 152 -21.49 -12.19 -9.32
C THR K 152 -20.03 -12.33 -9.70
N PHE K 153 -19.68 -11.79 -10.87
CA PHE K 153 -18.33 -11.88 -11.38
C PHE K 153 -18.11 -10.76 -12.39
N GLU K 154 -16.84 -10.45 -12.63
CA GLU K 154 -16.47 -9.32 -13.47
C GLU K 154 -15.69 -9.82 -14.68
N VAL K 155 -15.99 -9.28 -15.84
CA VAL K 155 -15.28 -9.59 -17.08
C VAL K 155 -14.77 -8.28 -17.67
N THR K 156 -13.69 -8.38 -18.43
CA THR K 156 -13.13 -7.22 -19.12
C THR K 156 -13.14 -7.52 -20.61
N LEU K 157 -13.46 -6.50 -21.41
CA LEU K 157 -13.72 -6.69 -22.83
C LEU K 157 -12.88 -5.72 -23.63
N ALA K 158 -11.97 -6.25 -24.44
CA ALA K 158 -11.11 -5.41 -25.27
C ALA K 158 -11.93 -4.75 -26.37
N LEU K 159 -11.56 -3.52 -26.73
CA LEU K 159 -12.34 -2.78 -27.71
C LEU K 159 -11.40 -2.05 -28.66
N ASP K 160 -11.85 -1.87 -29.90
CA ASP K 160 -11.07 -1.09 -30.85
C ASP K 160 -11.36 0.40 -30.73
N TYR K 161 -12.63 0.78 -30.74
CA TYR K 161 -13.01 2.19 -30.61
C TYR K 161 -14.44 2.30 -30.12
N TRP K 162 -14.78 3.41 -29.49
CA TRP K 162 -16.16 3.69 -29.09
C TRP K 162 -16.54 5.08 -29.59
N GLU K 163 -17.72 5.17 -30.18
CA GLU K 163 -18.18 6.43 -30.75
C GLU K 163 -18.70 7.34 -29.65
N MET L 1 -64.00 30.98 11.00
CA MET L 1 -63.14 30.41 12.01
C MET L 1 -63.97 29.93 13.19
N PHE L 2 -64.23 28.64 13.21
CA PHE L 2 -65.13 28.04 14.19
C PHE L 2 -64.57 26.70 14.62
N VAL L 3 -65.12 26.17 15.70
CA VAL L 3 -64.63 24.90 16.21
C VAL L 3 -65.35 23.75 15.51
N ASP L 4 -66.49 24.03 14.88
CA ASP L 4 -67.15 23.04 14.07
C ASP L 4 -66.60 23.00 12.66
N ASP L 5 -65.58 23.80 12.36
CA ASP L 5 -65.08 23.90 11.00
C ASP L 5 -64.23 22.68 10.65
N VAL L 6 -63.68 22.01 11.66
CA VAL L 6 -62.86 20.83 11.39
C VAL L 6 -63.72 19.65 10.96
N THR L 7 -64.97 19.62 11.40
CA THR L 7 -65.88 18.56 10.95
C THR L 7 -66.29 18.78 9.50
N ARG L 8 -66.25 20.03 9.05
CA ARG L 8 -66.53 20.31 7.64
C ARG L 8 -65.38 19.83 6.77
N ALA L 9 -64.16 19.79 7.33
CA ALA L 9 -62.99 19.43 6.54
C ALA L 9 -62.98 17.95 6.19
N PHE L 10 -63.61 17.13 7.02
CA PHE L 10 -63.62 15.69 6.77
C PHE L 10 -64.95 15.26 6.15
N GLU L 11 -64.91 14.19 5.39
CA GLU L 11 -66.14 13.57 4.92
C GLU L 11 -66.82 12.88 6.08
N SER L 12 -68.16 12.98 6.10
CA SER L 12 -69.05 12.37 7.10
C SER L 12 -68.86 12.94 8.51
N GLY L 13 -68.04 13.99 8.66
CA GLY L 13 -67.90 14.67 9.93
C GLY L 13 -67.25 13.85 11.02
N ASP L 14 -66.51 12.81 10.65
CA ASP L 14 -66.04 11.85 11.63
C ASP L 14 -64.54 11.66 11.47
N PHE L 15 -63.93 11.05 12.48
CA PHE L 15 -62.50 10.80 12.51
C PHE L 15 -62.26 9.31 12.31
N ALA L 16 -61.17 8.97 11.64
CA ALA L 16 -60.76 7.58 11.56
C ALA L 16 -60.12 7.16 12.87
N ARG L 17 -60.34 5.91 13.26
CA ARG L 17 -59.84 5.43 14.54
C ARG L 17 -58.67 4.48 14.34
N PRO L 18 -57.77 4.36 15.33
CA PRO L 18 -56.67 3.40 15.19
C PRO L 18 -57.10 1.95 15.27
N ASN L 19 -58.23 1.67 15.90
CA ASN L 19 -58.84 0.36 15.76
C ASN L 19 -59.78 0.40 14.56
N LEU L 20 -60.70 -0.56 14.45
CA LEU L 20 -61.69 -0.65 13.37
C LEU L 20 -61.02 -0.89 12.03
N PHE L 21 -60.02 -1.76 12.02
CA PHE L 21 -59.42 -2.26 10.80
C PHE L 21 -59.52 -3.77 10.84
N GLN L 22 -59.10 -4.41 9.76
CA GLN L 22 -59.09 -5.86 9.67
C GLN L 22 -58.21 -6.25 8.50
N VAL L 23 -57.23 -7.11 8.75
CA VAL L 23 -56.23 -7.46 7.74
C VAL L 23 -56.33 -8.96 7.45
N GLU L 24 -56.40 -9.30 6.17
CA GLU L 24 -56.52 -10.70 5.76
C GLU L 24 -55.39 -11.05 4.81
N ILE L 25 -54.94 -12.30 4.89
CA ILE L 25 -53.97 -12.86 3.97
C ILE L 25 -54.59 -14.11 3.37
N SER L 26 -54.63 -14.16 2.04
CA SER L 26 -55.29 -15.26 1.35
C SER L 26 -54.53 -16.56 1.53
N TYR L 27 -53.23 -16.48 1.79
CA TYR L 27 -52.45 -17.68 2.03
C TYR L 27 -52.76 -18.27 3.40
N LEU L 28 -53.04 -17.42 4.38
CA LEU L 28 -53.26 -17.93 5.73
C LEU L 28 -54.66 -18.50 5.89
N GLY L 29 -55.67 -17.76 5.48
CA GLY L 29 -57.04 -18.24 5.55
C GLY L 29 -57.96 -17.24 6.21
N GLN L 30 -59.24 -17.60 6.22
CA GLN L 30 -60.28 -16.69 6.69
C GLN L 30 -60.31 -16.60 8.21
N ASN L 31 -59.66 -17.54 8.89
CA ASN L 31 -59.65 -17.51 10.34
C ASN L 31 -58.50 -16.66 10.88
N PHE L 32 -57.49 -16.42 10.05
CA PHE L 32 -56.36 -15.61 10.50
C PHE L 32 -56.73 -14.14 10.63
N THR L 33 -57.75 -13.70 9.89
CA THR L 33 -58.05 -12.28 9.84
C THR L 33 -58.75 -11.82 11.11
N PHE L 34 -59.14 -12.75 11.98
CA PHE L 34 -59.63 -12.40 13.30
C PHE L 34 -58.50 -12.43 14.31
N GLN L 35 -57.35 -12.97 13.91
CA GLN L 35 -56.29 -13.24 14.86
C GLN L 35 -55.33 -12.08 15.02
N CYS L 36 -55.19 -11.26 13.97
CA CYS L 36 -54.19 -10.21 14.00
C CYS L 36 -54.62 -9.05 14.87
N LYS L 37 -53.92 -8.86 15.98
CA LYS L 37 -54.27 -7.82 16.94
C LYS L 37 -53.78 -6.45 16.49
N ALA L 38 -52.49 -6.32 16.21
CA ALA L 38 -51.91 -5.02 15.97
C ALA L 38 -50.87 -5.09 14.88
N THR L 39 -50.71 -3.98 14.16
CA THR L 39 -49.74 -3.85 13.09
C THR L 39 -49.46 -2.39 12.83
N ALA L 40 -48.80 -2.11 11.72
CA ALA L 40 -48.56 -0.75 11.26
C ALA L 40 -48.70 -0.73 9.75
N LEU L 41 -49.09 0.40 9.20
CA LEU L 41 -49.08 0.54 7.75
C LEU L 41 -47.67 0.85 7.29
N PRO L 42 -47.22 0.30 6.16
CA PRO L 42 -45.85 0.53 5.73
C PRO L 42 -45.66 1.94 5.21
N ALA L 43 -44.53 2.52 5.55
CA ALA L 43 -44.23 3.89 5.17
C ALA L 43 -43.69 3.94 3.75
N GLY L 44 -43.65 5.14 3.19
CA GLY L 44 -43.02 5.39 1.92
C GLY L 44 -41.72 6.13 2.13
N ILE L 45 -40.62 5.40 2.11
CA ILE L 45 -39.31 5.93 2.48
C ILE L 45 -38.56 6.30 1.21
N VAL L 46 -38.20 7.57 1.09
CA VAL L 46 -37.39 8.05 -0.02
C VAL L 46 -36.19 8.80 0.55
N GLU L 47 -35.00 8.33 0.23
CA GLU L 47 -33.78 8.98 0.68
C GLU L 47 -33.59 10.30 -0.06
N LYS L 48 -32.80 11.19 0.53
CA LYS L 48 -32.57 12.52 -0.01
C LYS L 48 -31.14 12.61 -0.55
N ILE L 49 -30.98 13.32 -1.67
CA ILE L 49 -29.64 13.58 -2.23
C ILE L 49 -29.34 15.06 -2.04
N PRO L 50 -28.54 15.43 -1.06
CA PRO L 50 -28.02 16.81 -1.01
C PRO L 50 -26.85 16.97 -1.97
N VAL L 51 -26.88 18.00 -2.79
CA VAL L 51 -25.86 18.24 -3.80
C VAL L 51 -25.33 19.65 -3.63
N GLY L 52 -23.99 19.76 -3.61
CA GLY L 52 -23.32 21.02 -3.36
C GLY L 52 -23.17 21.82 -4.63
N PHE L 53 -23.74 23.02 -4.63
CA PHE L 53 -23.47 24.04 -5.63
C PHE L 53 -23.18 25.35 -4.92
N MET L 54 -21.90 25.70 -4.83
CA MET L 54 -21.44 27.03 -4.41
C MET L 54 -21.95 27.37 -3.00
N ASN L 55 -21.39 26.66 -2.00
CA ASN L 55 -21.61 26.91 -0.56
C ASN L 55 -23.01 26.51 -0.11
N ARG L 56 -23.87 26.04 -0.99
CA ARG L 56 -25.25 25.76 -0.60
C ARG L 56 -25.66 24.40 -1.12
N LYS L 57 -26.81 23.94 -0.66
CA LYS L 57 -27.34 22.62 -1.01
C LYS L 57 -28.75 22.79 -1.51
N ILE L 58 -29.04 22.24 -2.69
CA ILE L 58 -30.40 22.01 -3.14
C ILE L 58 -30.64 20.52 -3.01
N ASN L 59 -31.90 20.11 -2.90
CA ASN L 59 -32.19 18.71 -2.68
C ASN L 59 -33.00 18.15 -3.85
N VAL L 60 -32.62 16.97 -4.30
CA VAL L 60 -33.33 16.28 -5.38
C VAL L 60 -33.77 14.93 -4.83
N ALA L 61 -34.78 14.35 -5.46
CA ALA L 61 -35.33 13.09 -4.96
C ALA L 61 -34.38 11.94 -5.22
N GLY L 62 -34.15 11.15 -4.19
CA GLY L 62 -33.24 10.03 -4.25
C GLY L 62 -33.91 8.79 -4.77
N ASP L 63 -33.77 7.70 -4.04
CA ASP L 63 -34.29 6.41 -4.45
C ASP L 63 -35.20 5.83 -3.39
N ARG L 64 -36.23 5.12 -3.83
CA ARG L 64 -37.22 4.59 -2.92
C ARG L 64 -36.71 3.31 -2.26
N THR L 65 -36.87 3.21 -0.96
CA THR L 65 -36.68 1.97 -0.22
C THR L 65 -37.99 1.66 0.49
N PHE L 66 -38.13 0.45 0.99
CA PHE L 66 -39.33 0.02 1.67
C PHE L 66 -39.02 -0.44 3.08
N ASP L 67 -39.73 0.13 4.04
CA ASP L 67 -39.56 -0.28 5.43
C ASP L 67 -40.24 -1.62 5.67
N ASP L 68 -39.79 -2.33 6.69
CA ASP L 68 -40.30 -3.65 6.96
C ASP L 68 -41.70 -3.55 7.60
N TRP L 69 -42.50 -4.59 7.43
CA TRP L 69 -43.89 -4.56 7.86
C TRP L 69 -44.06 -5.41 9.11
N THR L 70 -44.38 -4.75 10.23
CA THR L 70 -44.41 -5.40 11.52
C THR L 70 -45.85 -5.70 11.92
N VAL L 71 -46.13 -6.98 12.19
CA VAL L 71 -47.45 -7.47 12.53
C VAL L 71 -47.34 -8.31 13.79
N THR L 72 -48.16 -8.00 14.78
CA THR L 72 -48.24 -8.84 15.97
C THR L 72 -49.64 -9.40 16.13
N VAL L 73 -49.72 -10.72 16.33
CA VAL L 73 -50.98 -11.46 16.32
C VAL L 73 -51.15 -12.14 17.66
N MET L 74 -52.37 -12.64 17.89
CA MET L 74 -52.65 -13.45 19.06
C MET L 74 -52.29 -14.91 18.77
N ASN L 75 -52.54 -15.77 19.76
CA ASN L 75 -52.17 -17.18 19.65
C ASN L 75 -53.21 -18.02 20.38
N ASP L 76 -53.67 -19.07 19.72
CA ASP L 76 -54.52 -20.03 20.40
C ASP L 76 -53.70 -21.17 20.97
N GLU L 77 -54.41 -22.15 21.54
CA GLU L 77 -53.76 -23.22 22.29
C GLU L 77 -53.00 -24.16 21.37
N ALA L 78 -53.55 -24.45 20.20
CA ALA L 78 -52.95 -25.47 19.33
C ALA L 78 -51.77 -24.93 18.55
N HIS L 79 -51.46 -23.64 18.67
CA HIS L 79 -50.33 -22.96 18.03
C HIS L 79 -50.37 -23.00 16.51
N ASP L 80 -51.53 -23.19 15.89
CA ASP L 80 -51.56 -23.17 14.43
C ASP L 80 -51.39 -21.76 13.89
N ALA L 81 -51.73 -20.75 14.69
CA ALA L 81 -51.54 -19.37 14.26
C ALA L 81 -50.07 -19.03 14.15
N ARG L 82 -49.22 -19.71 14.91
CA ARG L 82 -47.79 -19.49 14.79
C ARG L 82 -47.14 -20.49 13.84
N GLN L 83 -47.63 -21.74 13.83
CA GLN L 83 -47.08 -22.76 12.96
C GLN L 83 -47.27 -22.42 11.49
N LYS L 84 -48.37 -21.73 11.18
CA LYS L 84 -48.63 -21.38 9.79
C LYS L 84 -47.79 -20.20 9.33
N PHE L 85 -47.16 -19.49 10.27
CA PHE L 85 -46.07 -18.61 9.86
C PHE L 85 -44.79 -19.38 9.64
N VAL L 86 -44.52 -20.37 10.49
CA VAL L 86 -43.27 -21.11 10.39
C VAL L 86 -43.26 -21.99 9.15
N ASP L 87 -44.40 -22.60 8.83
CA ASP L 87 -44.51 -23.39 7.61
C ASP L 87 -44.39 -22.50 6.39
N TRP L 88 -44.93 -21.29 6.45
CA TRP L 88 -44.82 -20.35 5.34
C TRP L 88 -43.41 -19.80 5.22
N GLN L 89 -42.68 -19.76 6.33
CA GLN L 89 -41.31 -19.28 6.29
C GLN L 89 -40.34 -20.42 5.97
N SER L 90 -40.74 -21.66 6.24
CA SER L 90 -39.88 -22.79 5.93
C SER L 90 -39.90 -23.12 4.44
N ILE L 91 -40.88 -22.59 3.71
CA ILE L 91 -40.84 -22.71 2.26
C ILE L 91 -39.70 -21.88 1.70
N ALA L 92 -39.48 -20.70 2.28
CA ALA L 92 -38.41 -19.83 1.82
C ALA L 92 -37.04 -20.40 2.16
N ALA L 93 -36.74 -20.54 3.45
CA ALA L 93 -35.40 -20.86 3.89
C ALA L 93 -35.22 -22.29 4.38
N GLY L 94 -36.24 -22.92 4.95
CA GLY L 94 -36.12 -24.28 5.41
C GLY L 94 -35.51 -24.38 6.80
N GLN L 95 -35.98 -25.37 7.55
CA GLN L 95 -35.63 -25.50 8.95
C GLN L 95 -35.55 -26.98 9.29
N GLY L 96 -34.61 -27.31 10.16
CA GLY L 96 -34.42 -28.69 10.57
C GLY L 96 -33.04 -29.20 10.21
N ASN L 97 -32.86 -30.51 10.38
CA ASN L 97 -31.61 -31.13 10.00
C ASN L 97 -31.46 -31.16 8.48
N GLU L 98 -32.55 -31.44 7.77
CA GLU L 98 -32.51 -31.37 6.33
C GLU L 98 -32.53 -29.92 5.88
N ILE L 99 -31.96 -29.67 4.71
CA ILE L 99 -31.86 -28.33 4.14
C ILE L 99 -32.67 -28.28 2.86
N THR L 100 -33.46 -27.23 2.71
CA THR L 100 -34.28 -27.03 1.53
C THR L 100 -34.44 -25.55 1.24
N GLY L 101 -34.99 -25.25 0.09
CA GLY L 101 -35.25 -23.87 -0.28
C GLY L 101 -36.56 -23.77 -1.03
N GLY L 102 -36.82 -22.60 -1.56
CA GLY L 102 -38.01 -22.36 -2.36
C GLY L 102 -37.77 -21.28 -3.39
N LYS L 103 -38.43 -21.43 -4.53
CA LYS L 103 -38.34 -20.41 -5.56
C LYS L 103 -39.18 -19.20 -5.15
N PRO L 104 -38.79 -18.00 -5.57
CA PRO L 104 -39.49 -16.79 -5.09
C PRO L 104 -40.94 -16.68 -5.53
N ALA L 105 -41.34 -17.41 -6.57
CA ALA L 105 -42.76 -17.43 -6.92
C ALA L 105 -43.54 -18.35 -5.98
N GLU L 106 -42.84 -19.12 -5.15
CA GLU L 106 -43.52 -20.14 -4.36
C GLU L 106 -43.83 -19.66 -2.95
N TYR L 107 -42.96 -18.84 -2.36
CA TYR L 107 -43.18 -18.41 -0.98
C TYR L 107 -43.62 -16.96 -0.85
N LYS L 108 -43.41 -16.13 -1.85
CA LYS L 108 -43.79 -14.73 -1.77
C LYS L 108 -45.27 -14.60 -2.10
N LYS L 109 -46.04 -14.06 -1.15
CA LYS L 109 -47.48 -13.94 -1.29
C LYS L 109 -47.89 -12.49 -1.16
N SER L 110 -49.20 -12.27 -1.19
CA SER L 110 -49.79 -10.93 -1.12
C SER L 110 -50.73 -10.85 0.07
N ALA L 111 -51.07 -9.62 0.44
CA ALA L 111 -51.95 -9.38 1.59
C ALA L 111 -52.77 -8.12 1.36
N ILE L 112 -53.95 -8.10 1.96
CA ILE L 112 -54.86 -6.97 1.88
C ILE L 112 -55.22 -6.55 3.30
N VAL L 113 -54.86 -5.32 3.65
CA VAL L 113 -55.28 -4.70 4.90
C VAL L 113 -56.32 -3.64 4.55
N ARG L 114 -57.40 -3.60 5.33
CA ARG L 114 -58.48 -2.65 5.08
C ARG L 114 -58.98 -2.07 6.38
N GLN L 115 -59.30 -0.78 6.36
CA GLN L 115 -59.78 -0.07 7.53
C GLN L 115 -61.29 0.12 7.37
N TYR L 116 -62.02 -0.01 8.46
CA TYR L 116 -63.46 0.15 8.40
C TYR L 116 -63.84 1.56 8.84
N ALA L 117 -65.05 1.97 8.47
CA ALA L 117 -65.61 3.22 8.96
C ALA L 117 -66.25 2.97 10.32
N ARG L 118 -66.92 4.00 10.85
CA ARG L 118 -67.53 3.88 12.18
C ARG L 118 -68.69 2.90 12.15
N ASP L 119 -69.46 2.90 11.06
CA ASP L 119 -70.25 1.73 10.74
C ASP L 119 -69.29 0.59 10.41
N ALA L 120 -69.35 -0.48 11.22
CA ALA L 120 -68.32 -1.50 11.15
C ALA L 120 -68.44 -2.34 9.89
N LYS L 121 -69.63 -2.38 9.29
CA LYS L 121 -69.82 -3.17 8.08
C LYS L 121 -69.36 -2.44 6.83
N THR L 122 -68.90 -1.20 6.94
CA THR L 122 -68.48 -0.45 5.78
C THR L 122 -66.97 -0.58 5.59
N VAL L 123 -66.54 -0.82 4.36
CA VAL L 123 -65.12 -0.89 4.02
C VAL L 123 -64.74 0.40 3.32
N THR L 124 -64.02 1.28 4.02
CA THR L 124 -63.83 2.62 3.48
C THR L 124 -62.52 2.74 2.70
N LYS L 125 -61.55 1.87 2.97
CA LYS L 125 -60.25 1.95 2.32
C LYS L 125 -59.57 0.59 2.36
N GLU L 126 -59.09 0.14 1.20
CA GLU L 126 -58.35 -1.10 1.07
C GLU L 126 -56.93 -0.79 0.62
N ILE L 127 -55.95 -1.35 1.33
CA ILE L 127 -54.55 -1.16 1.01
C ILE L 127 -53.94 -2.52 0.73
N GLU L 128 -53.31 -2.66 -0.42
CA GLU L 128 -52.75 -3.93 -0.85
C GLU L 128 -51.24 -3.89 -0.75
N ILE L 129 -50.67 -4.98 -0.24
CA ILE L 129 -49.22 -5.16 -0.19
C ILE L 129 -48.91 -6.39 -1.02
N LYS L 130 -47.85 -6.29 -1.81
CA LYS L 130 -47.47 -7.35 -2.74
C LYS L 130 -46.10 -7.90 -2.38
N GLY L 131 -45.92 -9.18 -2.65
CA GLY L 131 -44.63 -9.83 -2.49
C GLY L 131 -44.20 -9.97 -1.05
N LEU L 132 -44.90 -10.79 -0.27
CA LEU L 132 -44.67 -10.85 1.17
C LEU L 132 -44.07 -12.19 1.54
N TRP L 133 -43.06 -12.17 2.42
CA TRP L 133 -42.55 -13.36 3.07
C TRP L 133 -42.01 -12.92 4.42
N PRO L 134 -42.25 -13.68 5.48
CA PRO L 134 -41.89 -13.22 6.82
C PRO L 134 -40.38 -13.23 7.05
N THR L 135 -39.85 -12.09 7.48
CA THR L 135 -38.43 -11.99 7.75
C THR L 135 -38.06 -12.78 9.00
N ASN L 136 -38.67 -12.44 10.13
CA ASN L 136 -38.50 -13.24 11.33
C ASN L 136 -39.85 -13.52 11.97
N VAL L 137 -39.97 -14.70 12.57
CA VAL L 137 -41.19 -15.16 13.21
C VAL L 137 -40.83 -15.61 14.62
N GLY L 138 -41.49 -15.05 15.60
CA GLY L 138 -41.42 -15.61 16.93
C GLY L 138 -41.04 -14.57 17.95
N GLU L 139 -39.98 -14.89 18.70
CA GLU L 139 -39.71 -14.30 20.01
C GLU L 139 -40.97 -14.33 20.85
N LEU L 140 -41.43 -15.53 21.17
CA LEU L 140 -42.64 -15.66 21.96
C LEU L 140 -42.26 -15.61 23.43
N GLN L 141 -43.02 -14.87 24.21
CA GLN L 141 -42.72 -14.66 25.61
C GLN L 141 -43.71 -15.49 26.44
N LEU L 142 -43.19 -16.39 27.26
CA LEU L 142 -44.02 -17.21 28.12
C LEU L 142 -43.32 -17.42 29.47
N ASP L 143 -44.08 -17.22 30.55
CA ASP L 143 -43.51 -17.20 31.89
C ASP L 143 -44.59 -17.54 32.90
N TRP L 144 -44.16 -18.03 34.07
CA TRP L 144 -45.10 -18.30 35.14
C TRP L 144 -45.47 -17.02 35.88
N ASP L 145 -44.72 -15.95 35.66
CA ASP L 145 -44.95 -14.76 36.45
C ASP L 145 -46.01 -13.86 35.85
N SER L 146 -46.05 -13.70 34.54
CA SER L 146 -47.11 -12.92 33.92
C SER L 146 -48.42 -13.69 33.99
N ASN L 147 -49.42 -13.10 34.62
CA ASN L 147 -50.62 -13.83 34.99
C ASN L 147 -51.81 -13.50 34.10
N ASN L 148 -52.19 -12.23 34.01
CA ASN L 148 -53.43 -11.90 33.34
C ASN L 148 -53.23 -11.54 31.88
N GLU L 149 -52.04 -11.73 31.34
CA GLU L 149 -51.78 -11.31 29.97
C GLU L 149 -52.28 -12.36 28.99
N ILE L 150 -52.31 -11.98 27.72
CA ILE L 150 -52.60 -12.93 26.67
C ILE L 150 -51.30 -13.32 25.97
N GLN L 151 -51.27 -14.51 25.41
CA GLN L 151 -50.07 -15.00 24.73
C GLN L 151 -50.06 -14.47 23.29
N THR L 152 -49.08 -13.62 23.00
CA THR L 152 -48.97 -12.98 21.70
C THR L 152 -47.52 -12.92 21.26
N PHE L 153 -47.31 -12.62 19.98
CA PHE L 153 -45.99 -12.56 19.41
C PHE L 153 -46.03 -11.68 18.16
N GLU L 154 -44.86 -11.20 17.77
CA GLU L 154 -44.75 -10.25 16.67
C GLU L 154 -43.90 -10.86 15.57
N VAL L 155 -44.33 -10.69 14.33
CA VAL L 155 -43.60 -11.13 13.15
C VAL L 155 -43.38 -9.93 12.24
N THR L 156 -42.31 -9.99 11.45
CA THR L 156 -42.02 -8.95 10.48
C THR L 156 -42.00 -9.58 9.10
N LEU L 157 -42.54 -8.89 8.11
CA LEU L 157 -42.77 -9.46 6.79
C LEU L 157 -42.17 -8.56 5.74
N ALA L 158 -41.18 -9.06 5.01
CA ALA L 158 -40.53 -8.29 3.96
C ALA L 158 -41.49 -8.10 2.79
N LEU L 159 -41.41 -6.95 2.13
CA LEU L 159 -42.33 -6.64 1.06
C LEU L 159 -41.59 -5.98 -0.10
N ASP L 160 -42.09 -6.19 -1.31
CA ASP L 160 -41.50 -5.52 -2.47
C ASP L 160 -42.10 -4.15 -2.67
N TYR L 161 -43.42 -4.04 -2.68
CA TYR L 161 -44.09 -2.75 -2.86
C TYR L 161 -45.51 -2.82 -2.32
N TRP L 162 -46.07 -1.67 -1.94
CA TRP L 162 -47.46 -1.60 -1.54
C TRP L 162 -48.14 -0.48 -2.31
N GLU L 163 -49.32 -0.78 -2.83
CA GLU L 163 -50.04 0.19 -3.63
C GLU L 163 -50.73 1.22 -2.75
N MET M 1 37.89 27.48 3.63
CA MET M 1 37.34 26.23 3.16
C MET M 1 35.87 26.14 3.53
N PHE M 2 35.01 26.46 2.58
CA PHE M 2 33.58 26.56 2.80
C PHE M 2 32.85 25.99 1.60
N VAL M 3 31.56 25.76 1.78
CA VAL M 3 30.78 25.20 0.69
C VAL M 3 30.26 26.30 -0.22
N ASP M 4 30.26 27.53 0.28
CA ASP M 4 29.93 28.67 -0.56
C ASP M 4 31.13 29.17 -1.34
N ASP M 5 32.28 28.52 -1.19
CA ASP M 5 33.49 29.02 -1.81
C ASP M 5 33.51 28.74 -3.31
N VAL M 6 32.74 27.74 -3.75
CA VAL M 6 32.70 27.41 -5.16
C VAL M 6 31.91 28.46 -5.94
N THR M 7 30.96 29.12 -5.28
CA THR M 7 30.23 30.20 -5.93
C THR M 7 31.11 31.43 -6.10
N ARG M 8 32.12 31.57 -5.23
CA ARG M 8 33.07 32.66 -5.39
C ARG M 8 33.98 32.42 -6.58
N ALA M 9 34.21 31.15 -6.93
CA ALA M 9 35.12 30.81 -8.00
C ALA M 9 34.57 31.19 -9.36
N PHE M 10 33.25 31.22 -9.49
CA PHE M 10 32.64 31.53 -10.77
C PHE M 10 32.14 32.97 -10.79
N GLU M 11 32.09 33.55 -11.98
CA GLU M 11 31.45 34.85 -12.13
C GLU M 11 29.94 34.68 -12.01
N SER M 12 29.30 35.65 -11.36
CA SER M 12 27.85 35.73 -11.13
C SER M 12 27.32 34.62 -10.23
N GLY M 13 28.20 33.80 -9.66
CA GLY M 13 27.78 32.79 -8.70
C GLY M 13 26.93 31.68 -9.27
N ASP M 14 27.00 31.47 -10.58
CA ASP M 14 26.05 30.58 -11.24
C ASP M 14 26.82 29.58 -12.08
N PHE M 15 26.11 28.52 -12.49
CA PHE M 15 26.69 27.45 -13.29
C PHE M 15 26.14 27.56 -14.70
N ALA M 16 26.96 27.21 -15.68
CA ALA M 16 26.47 27.10 -17.04
C ALA M 16 25.68 25.81 -17.19
N ARG M 17 24.63 25.83 -18.00
CA ARG M 17 23.77 24.68 -18.16
C ARG M 17 23.97 24.02 -19.52
N PRO M 18 23.69 22.72 -19.65
CA PRO M 18 23.84 22.09 -20.97
C PRO M 18 22.77 22.50 -21.96
N ASN M 19 21.63 22.97 -21.50
CA ASN M 19 20.70 23.65 -22.38
C ASN M 19 21.06 25.15 -22.37
N LEU M 20 20.14 26.00 -22.83
CA LEU M 20 20.32 27.46 -22.87
C LEU M 20 21.44 27.86 -23.83
N PHE M 21 21.47 27.20 -24.98
CA PHE M 21 22.32 27.59 -26.08
C PHE M 21 21.42 27.79 -27.29
N GLN M 22 22.01 28.26 -28.39
CA GLN M 22 21.29 28.46 -29.63
C GLN M 22 22.31 28.60 -30.74
N VAL M 23 22.18 27.79 -31.78
CA VAL M 23 23.16 27.72 -32.86
C VAL M 23 22.50 28.15 -34.16
N GLU M 24 23.13 29.07 -34.88
CA GLU M 24 22.59 29.57 -36.13
C GLU M 24 23.61 29.37 -37.24
N ILE M 25 23.10 29.10 -38.45
CA ILE M 25 23.90 29.03 -39.65
C ILE M 25 23.33 30.02 -40.64
N SER M 26 24.17 30.93 -41.14
CA SER M 26 23.70 31.99 -42.03
C SER M 26 23.25 31.43 -43.37
N TYR M 27 23.79 30.27 -43.75
CA TYR M 27 23.36 29.65 -45.00
C TYR M 27 21.96 29.05 -44.88
N LEU M 28 21.63 28.53 -43.70
CA LEU M 28 20.34 27.87 -43.55
C LEU M 28 19.21 28.88 -43.38
N GLY M 29 19.38 29.84 -42.48
CA GLY M 29 18.38 30.86 -42.28
C GLY M 29 18.01 31.02 -40.82
N GLN M 30 17.16 32.02 -40.58
CA GLN M 30 16.81 32.40 -39.21
C GLN M 30 15.82 31.43 -38.59
N ASN M 31 15.19 30.59 -39.40
CA ASN M 31 14.24 29.63 -38.87
C ASN M 31 14.92 28.34 -38.46
N PHE M 32 16.12 28.08 -38.97
CA PHE M 32 16.83 26.86 -38.61
C PHE M 32 17.35 26.92 -37.19
N THR M 33 17.57 28.11 -36.66
CA THR M 33 18.22 28.22 -35.35
C THR M 33 17.26 27.87 -34.22
N PHE M 34 15.98 27.70 -34.53
CA PHE M 34 15.03 27.17 -33.55
C PHE M 34 14.91 25.66 -33.70
N GLN M 35 15.47 25.11 -34.79
CA GLN M 35 15.21 23.73 -35.12
C GLN M 35 16.23 22.79 -34.50
N CYS M 36 17.45 23.28 -34.24
CA CYS M 36 18.51 22.40 -33.79
C CYS M 36 18.33 22.04 -32.32
N LYS M 37 18.04 20.77 -32.07
CA LYS M 37 17.78 20.30 -30.71
C LYS M 37 19.08 20.09 -29.94
N ALA M 38 19.99 19.28 -30.47
CA ALA M 38 21.16 18.87 -29.70
C ALA M 38 22.38 18.80 -30.61
N THR M 39 23.54 19.03 -30.00
CA THR M 39 24.82 18.98 -30.68
C THR M 39 25.93 18.79 -29.66
N ALA M 40 27.16 18.99 -30.12
CA ALA M 40 28.32 18.97 -29.25
C ALA M 40 29.28 20.05 -29.71
N LEU M 41 30.06 20.59 -28.79
CA LEU M 41 31.11 21.50 -29.19
C LEU M 41 32.31 20.71 -29.69
N PRO M 42 32.98 21.18 -30.74
CA PRO M 42 34.09 20.40 -31.29
C PRO M 42 35.30 20.45 -30.37
N ALA M 43 35.97 19.31 -30.25
CA ALA M 43 37.12 19.20 -29.37
C ALA M 43 38.37 19.71 -30.06
N GLY M 44 39.42 19.92 -29.26
CA GLY M 44 40.72 20.25 -29.78
C GLY M 44 41.65 19.06 -29.63
N ILE M 45 41.82 18.32 -30.72
CA ILE M 45 42.51 17.04 -30.71
C ILE M 45 43.94 17.26 -31.16
N VAL M 46 44.90 16.93 -30.29
CA VAL M 46 46.31 17.00 -30.63
C VAL M 46 46.94 15.66 -30.30
N GLU M 47 47.51 15.01 -31.32
CA GLU M 47 48.18 13.73 -31.12
C GLU M 47 49.49 13.93 -30.37
N LYS M 48 49.98 12.86 -29.76
CA LYS M 48 51.17 12.91 -28.93
C LYS M 48 52.30 12.18 -29.65
N ILE M 49 53.53 12.70 -29.53
CA ILE M 49 54.71 12.04 -30.07
C ILE M 49 55.53 11.54 -28.90
N PRO M 50 55.49 10.25 -28.58
CA PRO M 50 56.47 9.70 -27.64
C PRO M 50 57.78 9.42 -28.33
N VAL M 51 58.88 9.88 -27.75
CA VAL M 51 60.21 9.74 -28.34
C VAL M 51 61.13 9.08 -27.33
N GLY M 52 61.85 8.05 -27.79
CA GLY M 52 62.71 7.26 -26.94
C GLY M 52 64.07 7.88 -26.79
N PHE M 53 64.43 8.18 -25.55
CA PHE M 53 65.79 8.53 -25.17
C PHE M 53 66.18 7.72 -23.94
N MET M 54 66.95 6.65 -24.16
CA MET M 54 67.62 5.89 -23.10
C MET M 54 66.60 5.33 -22.10
N ASN M 55 65.82 4.34 -22.57
CA ASN M 55 64.89 3.54 -21.75
C ASN M 55 63.66 4.33 -21.34
N ARG M 56 63.55 5.61 -21.68
CA ARG M 56 62.44 6.42 -21.19
C ARG M 56 61.85 7.21 -22.34
N LYS M 57 60.70 7.81 -22.07
CA LYS M 57 59.96 8.58 -23.07
C LYS M 57 59.68 9.96 -22.51
N ILE M 58 60.03 10.99 -23.27
CA ILE M 58 59.51 12.33 -23.05
C ILE M 58 58.50 12.58 -24.15
N ASN M 59 57.56 13.49 -23.92
CA ASN M 59 56.52 13.73 -24.88
C ASN M 59 56.58 15.15 -25.42
N VAL M 60 56.43 15.29 -26.73
CA VAL M 60 56.43 16.58 -27.39
C VAL M 60 55.10 16.69 -28.13
N ALA M 61 54.69 17.92 -28.41
CA ALA M 61 53.41 18.15 -29.04
C ALA M 61 53.43 17.72 -30.50
N GLY M 62 52.43 16.95 -30.89
CA GLY M 62 52.32 16.42 -32.23
C GLY M 62 51.66 17.40 -33.17
N ASP M 63 50.65 16.93 -33.88
CA ASP M 63 49.96 17.72 -34.88
C ASP M 63 48.48 17.77 -34.60
N ARG M 64 47.87 18.91 -34.91
CA ARG M 64 46.47 19.11 -34.63
C ARG M 64 45.59 18.44 -35.67
N THR M 65 44.58 17.73 -35.22
CA THR M 65 43.50 17.23 -36.07
C THR M 65 42.20 17.78 -35.51
N PHE M 66 41.14 17.68 -36.30
CA PHE M 66 39.84 18.20 -35.91
C PHE M 66 38.80 17.08 -35.92
N ASP M 67 38.10 16.92 -34.81
CA ASP M 67 37.04 15.94 -34.72
C ASP M 67 35.82 16.44 -35.47
N ASP M 68 34.98 15.51 -35.88
CA ASP M 68 33.81 15.86 -36.68
C ASP M 68 32.74 16.48 -35.77
N TRP M 69 31.88 17.29 -36.37
CA TRP M 69 30.90 18.06 -35.60
C TRP M 69 29.52 17.46 -35.78
N THR M 70 28.96 16.91 -34.71
CA THR M 70 27.72 16.16 -34.78
C THR M 70 26.57 17.01 -34.29
N VAL M 71 25.55 17.17 -35.13
CA VAL M 71 24.39 18.00 -34.87
C VAL M 71 23.15 17.18 -35.16
N THR M 72 22.22 17.12 -34.21
CA THR M 72 20.93 16.50 -34.46
C THR M 72 19.82 17.51 -34.27
N VAL M 73 18.93 17.57 -35.26
CA VAL M 73 17.90 18.60 -35.35
C VAL M 73 16.54 17.93 -35.37
N MET M 74 15.50 18.74 -35.19
CA MET M 74 14.13 18.28 -35.34
C MET M 74 13.72 18.34 -36.80
N ASN M 75 12.46 17.98 -37.06
CA ASN M 75 11.96 17.92 -38.43
C ASN M 75 10.50 18.31 -38.44
N ASP M 76 10.13 19.20 -39.36
CA ASP M 76 8.72 19.49 -39.55
C ASP M 76 8.14 18.61 -40.65
N GLU M 77 6.87 18.88 -40.97
CA GLU M 77 6.11 18.02 -41.86
C GLU M 77 6.60 18.14 -43.29
N ALA M 78 6.95 19.35 -43.72
CA ALA M 78 7.29 19.57 -45.12
C ALA M 78 8.70 19.14 -45.47
N HIS M 79 9.48 18.69 -44.47
CA HIS M 79 10.85 18.19 -44.60
C HIS M 79 11.82 19.20 -45.18
N ASP M 80 11.56 20.51 -45.05
CA ASP M 80 12.52 21.48 -45.55
C ASP M 80 13.74 21.56 -44.64
N ALA M 81 13.57 21.18 -43.37
CA ALA M 81 14.70 21.18 -42.45
C ALA M 81 15.71 20.10 -42.81
N ARG M 82 15.26 19.05 -43.49
CA ARG M 82 16.18 18.01 -43.94
C ARG M 82 16.60 18.25 -45.38
N GLN M 83 15.69 18.77 -46.22
CA GLN M 83 16.00 19.02 -47.62
C GLN M 83 17.07 20.09 -47.77
N LYS M 84 17.10 21.05 -46.85
CA LYS M 84 18.08 22.12 -46.94
C LYS M 84 19.46 21.65 -46.48
N PHE M 85 19.54 20.49 -45.82
CA PHE M 85 20.84 19.85 -45.68
C PHE M 85 21.21 19.11 -46.95
N VAL M 86 20.24 18.46 -47.58
CA VAL M 86 20.55 17.65 -48.77
C VAL M 86 20.90 18.54 -49.95
N ASP M 87 20.21 19.68 -50.08
CA ASP M 87 20.55 20.63 -51.13
C ASP M 87 21.91 21.24 -50.88
N TRP M 88 22.25 21.49 -49.61
CA TRP M 88 23.57 22.03 -49.28
C TRP M 88 24.65 20.99 -49.46
N GLN M 89 24.29 19.71 -49.33
CA GLN M 89 25.28 18.65 -49.52
C GLN M 89 25.37 18.26 -50.99
N SER M 90 24.31 18.52 -51.77
CA SER M 90 24.34 18.18 -53.18
C SER M 90 25.15 19.20 -53.98
N ILE M 91 25.44 20.36 -53.38
CA ILE M 91 26.37 21.29 -54.02
C ILE M 91 27.77 20.71 -54.00
N ALA M 92 28.12 20.04 -52.90
CA ALA M 92 29.46 19.45 -52.79
C ALA M 92 29.61 18.25 -53.72
N ALA M 93 28.80 17.21 -53.50
CA ALA M 93 29.01 15.94 -54.20
C ALA M 93 28.00 15.63 -55.28
N GLY M 94 26.77 16.10 -55.17
CA GLY M 94 25.79 15.84 -56.20
C GLY M 94 25.10 14.50 -56.03
N GLN M 95 23.83 14.46 -56.40
CA GLN M 95 23.00 13.30 -56.16
C GLN M 95 22.01 13.17 -57.30
N GLY M 96 21.72 11.92 -57.67
CA GLY M 96 20.80 11.65 -58.75
C GLY M 96 21.46 10.91 -59.89
N ASN M 97 20.72 10.81 -60.99
CA ASN M 97 21.27 10.18 -62.18
C ASN M 97 22.35 11.05 -62.81
N GLU M 98 22.12 12.36 -62.83
CA GLU M 98 23.15 13.27 -63.30
C GLU M 98 24.23 13.42 -62.24
N ILE M 99 25.44 13.72 -62.70
CA ILE M 99 26.60 13.88 -61.83
C ILE M 99 27.07 15.32 -61.90
N THR M 100 27.35 15.91 -60.73
CA THR M 100 27.82 17.27 -60.65
C THR M 100 28.74 17.41 -59.45
N GLY M 101 29.40 18.56 -59.37
CA GLY M 101 30.26 18.86 -58.25
C GLY M 101 30.16 20.32 -57.88
N GLY M 102 31.02 20.73 -56.97
CA GLY M 102 31.08 22.13 -56.56
C GLY M 102 32.48 22.50 -56.12
N LYS M 103 32.83 23.75 -56.38
CA LYS M 103 34.11 24.26 -55.94
C LYS M 103 34.07 24.50 -54.43
N PRO M 104 35.21 24.35 -53.73
CA PRO M 104 35.18 24.44 -52.26
C PRO M 104 34.81 25.81 -51.72
N ALA M 105 34.90 26.87 -52.53
CA ALA M 105 34.40 28.15 -52.06
C ALA M 105 32.88 28.23 -52.17
N GLU M 106 32.26 27.24 -52.81
CA GLU M 106 30.84 27.34 -53.10
C GLU M 106 30.00 26.61 -52.06
N TYR M 107 30.49 25.49 -51.53
CA TYR M 107 29.68 24.71 -50.60
C TYR M 107 30.15 24.81 -49.16
N LYS M 108 31.39 25.22 -48.91
CA LYS M 108 31.90 25.31 -47.54
C LYS M 108 31.44 26.62 -46.93
N LYS M 109 30.71 26.52 -45.82
CA LYS M 109 30.14 27.69 -45.17
C LYS M 109 30.62 27.76 -43.73
N SER M 110 30.10 28.75 -43.01
CA SER M 110 30.48 29.01 -41.62
C SER M 110 29.26 28.93 -40.74
N ALA M 111 29.49 28.81 -39.42
CA ALA M 111 28.42 28.70 -38.45
C ALA M 111 28.83 29.34 -37.13
N ILE M 112 27.84 29.85 -36.41
CA ILE M 112 28.04 30.46 -35.11
C ILE M 112 27.15 29.76 -34.10
N VAL M 113 27.76 29.14 -33.10
CA VAL M 113 27.04 28.57 -31.96
C VAL M 113 27.33 29.47 -30.76
N ARG M 114 26.28 29.77 -30.00
CA ARG M 114 26.42 30.65 -28.85
C ARG M 114 25.60 30.12 -27.68
N GLN M 115 26.16 30.24 -26.48
CA GLN M 115 25.51 29.77 -25.26
C GLN M 115 24.96 30.99 -24.53
N TYR M 116 23.78 30.83 -23.94
CA TYR M 116 23.19 31.94 -23.21
C TYR M 116 23.47 31.80 -21.73
N ALA M 117 23.32 32.91 -21.01
CA ALA M 117 23.39 32.87 -19.55
C ALA M 117 22.02 32.51 -19.01
N ARG M 118 21.88 32.55 -17.68
CA ARG M 118 20.62 32.17 -17.05
C ARG M 118 19.52 33.16 -17.39
N ASP M 119 19.86 34.44 -17.45
CA ASP M 119 19.04 35.37 -18.21
C ASP M 119 19.13 34.97 -19.67
N ALA M 120 17.98 34.61 -20.26
CA ALA M 120 17.99 33.98 -21.57
C ALA M 120 18.32 34.97 -22.67
N LYS M 121 18.10 36.27 -22.41
CA LYS M 121 18.38 37.28 -23.42
C LYS M 121 19.85 37.68 -23.45
N THR M 122 20.68 37.12 -22.56
CA THR M 122 22.08 37.49 -22.54
C THR M 122 22.90 36.48 -23.35
N VAL M 123 23.82 37.00 -24.17
CA VAL M 123 24.71 36.16 -24.94
C VAL M 123 26.08 36.19 -24.28
N THR M 124 26.46 35.10 -23.60
CA THR M 124 27.64 35.17 -22.76
C THR M 124 28.89 34.68 -23.49
N LYS M 125 28.73 33.87 -24.53
CA LYS M 125 29.86 33.30 -25.24
C LYS M 125 29.45 32.91 -26.64
N GLU M 126 30.23 33.34 -27.63
CA GLU M 126 30.01 33.00 -29.03
C GLU M 126 31.19 32.19 -29.53
N ILE M 127 30.92 31.05 -30.15
CA ILE M 127 31.95 30.19 -30.71
C ILE M 127 31.70 30.05 -32.19
N GLU M 128 32.73 30.34 -32.99
CA GLU M 128 32.60 30.33 -34.44
C GLU M 128 33.33 29.12 -35.01
N ILE M 129 32.68 28.47 -35.97
CA ILE M 129 33.27 27.38 -36.70
C ILE M 129 33.33 27.81 -38.16
N LYS M 130 34.45 27.52 -38.81
CA LYS M 130 34.68 27.94 -40.18
C LYS M 130 34.84 26.73 -41.09
N GLY M 131 34.42 26.90 -42.34
CA GLY M 131 34.60 25.90 -43.37
C GLY M 131 33.79 24.65 -43.15
N LEU M 132 32.46 24.75 -43.25
CA LEU M 132 31.59 23.65 -42.90
C LEU M 132 30.91 23.09 -44.14
N TRP M 133 30.85 21.76 -44.24
CA TRP M 133 30.02 21.09 -45.20
C TRP M 133 29.62 19.75 -44.58
N PRO M 134 28.38 19.31 -44.74
CA PRO M 134 27.92 18.12 -44.03
C PRO M 134 28.51 16.85 -44.60
N THR M 135 29.11 16.05 -43.73
CA THR M 135 29.70 14.79 -44.14
C THR M 135 28.63 13.78 -44.51
N ASN M 136 27.74 13.46 -43.57
CA ASN M 136 26.59 12.65 -43.89
C ASN M 136 25.32 13.27 -43.31
N VAL M 137 24.23 13.09 -44.04
CA VAL M 137 22.93 13.63 -43.67
C VAL M 137 21.92 12.51 -43.71
N GLY M 138 21.23 12.31 -42.61
CA GLY M 138 20.08 11.44 -42.64
C GLY M 138 20.15 10.38 -41.56
N GLU M 139 20.00 9.14 -42.01
CA GLU M 139 19.58 8.01 -41.17
C GLU M 139 18.36 8.42 -40.35
N LEU M 140 17.27 8.69 -41.05
CA LEU M 140 16.06 9.08 -40.37
C LEU M 140 15.29 7.84 -39.96
N GLN M 141 14.78 7.83 -38.75
CA GLN M 141 14.10 6.67 -38.20
C GLN M 141 12.61 6.97 -38.19
N LEU M 142 11.83 6.13 -38.86
CA LEU M 142 10.38 6.28 -38.90
C LEU M 142 9.72 4.91 -38.88
N ASP M 143 8.72 4.74 -38.01
CA ASP M 143 8.12 3.44 -37.75
C ASP M 143 6.71 3.63 -37.22
N TRP M 144 5.88 2.60 -37.40
CA TRP M 144 4.54 2.64 -36.84
C TRP M 144 4.55 2.30 -35.36
N ASP M 145 5.66 1.76 -34.87
CA ASP M 145 5.66 1.30 -33.49
C ASP M 145 6.01 2.40 -32.51
N SER M 146 6.96 3.27 -32.83
CA SER M 146 7.26 4.40 -31.95
C SER M 146 6.12 5.40 -32.02
N ASN M 147 5.53 5.69 -30.88
CA ASN M 147 4.28 6.42 -30.84
C ASN M 147 4.45 7.86 -30.38
N ASN M 148 5.00 8.08 -29.19
CA ASN M 148 5.01 9.42 -28.64
C ASN M 148 6.28 10.18 -28.93
N GLU M 149 7.14 9.66 -29.80
CA GLU M 149 8.41 10.30 -30.04
C GLU M 149 8.25 11.43 -31.06
N ILE M 150 9.29 12.24 -31.17
CA ILE M 150 9.34 13.25 -32.22
C ILE M 150 10.25 12.75 -33.34
N GLN M 151 10.00 13.22 -34.54
CA GLN M 151 10.80 12.82 -35.70
C GLN M 151 12.06 13.67 -35.77
N THR M 152 13.20 13.05 -35.58
CA THR M 152 14.47 13.76 -35.56
C THR M 152 15.54 12.94 -36.27
N PHE M 153 16.66 13.58 -36.56
CA PHE M 153 17.76 12.95 -37.28
C PHE M 153 19.04 13.70 -36.98
N GLU M 154 20.17 13.02 -37.20
CA GLU M 154 21.47 13.55 -36.86
C GLU M 154 22.32 13.70 -38.11
N VAL M 155 23.01 14.82 -38.22
CA VAL M 155 23.94 15.08 -39.33
C VAL M 155 25.31 15.38 -38.75
N THR M 156 26.35 15.10 -39.52
CA THR M 156 27.72 15.40 -39.12
C THR M 156 28.31 16.35 -40.15
N LEU M 157 29.08 17.33 -39.69
CA LEU M 157 29.52 18.41 -40.54
C LEU M 157 31.03 18.56 -40.42
N ALA M 158 31.74 18.34 -41.52
CA ALA M 158 33.19 18.46 -41.52
C ALA M 158 33.60 19.92 -41.37
N LEU M 159 34.70 20.17 -40.68
CA LEU M 159 35.13 21.53 -40.41
C LEU M 159 36.63 21.65 -40.59
N ASP M 160 37.07 22.84 -40.99
CA ASP M 160 38.51 23.08 -41.08
C ASP M 160 39.10 23.52 -39.76
N TYR M 161 38.49 24.52 -39.11
CA TYR M 161 38.97 25.00 -37.82
C TYR M 161 37.86 25.73 -37.08
N TRP M 162 37.93 25.78 -35.76
CA TRP M 162 37.00 26.55 -34.97
C TRP M 162 37.78 27.45 -34.02
N GLU M 163 37.37 28.71 -33.95
CA GLU M 163 38.07 29.69 -33.12
C GLU M 163 37.69 29.51 -31.67
N MET N 1 0.90 39.76 21.14
CA MET N 1 0.61 38.33 21.01
C MET N 1 -0.79 38.05 21.50
N PHE N 2 -1.72 37.95 20.54
CA PHE N 2 -3.13 37.81 20.84
C PHE N 2 -3.75 36.84 19.85
N VAL N 3 -4.96 36.40 20.17
CA VAL N 3 -5.62 35.44 19.29
C VAL N 3 -6.37 36.17 18.19
N ASP N 4 -6.62 37.46 18.38
CA ASP N 4 -7.19 38.27 17.32
C ASP N 4 -6.14 38.81 16.37
N ASP N 5 -4.88 38.44 16.59
CA ASP N 5 -3.80 39.01 15.78
C ASP N 5 -3.76 38.38 14.40
N VAL N 6 -4.31 37.17 14.27
CA VAL N 6 -4.29 36.50 12.97
C VAL N 6 -5.30 37.15 12.02
N THR N 7 -6.36 37.75 12.57
CA THR N 7 -7.31 38.48 11.73
C THR N 7 -6.70 39.78 11.22
N ARG N 8 -5.74 40.32 11.96
CA ARG N 8 -5.03 41.51 11.49
C ARG N 8 -4.11 41.16 10.33
N ALA N 9 -3.64 39.92 10.28
CA ALA N 9 -2.68 39.52 9.25
C ALA N 9 -3.33 39.43 7.88
N PHE N 10 -4.63 39.16 7.84
CA PHE N 10 -5.32 39.03 6.57
C PHE N 10 -6.11 40.29 6.25
N GLU N 11 -6.29 40.55 4.96
CA GLU N 11 -7.20 41.60 4.54
C GLU N 11 -8.63 41.18 4.80
N SER N 12 -9.45 42.14 5.25
CA SER N 12 -10.88 41.98 5.55
C SER N 12 -11.16 41.04 6.72
N GLY N 13 -10.11 40.58 7.41
CA GLY N 13 -10.29 39.76 8.61
C GLY N 13 -10.90 38.40 8.37
N ASP N 14 -10.81 37.90 7.14
CA ASP N 14 -11.57 36.71 6.78
C ASP N 14 -10.62 35.71 6.15
N PHE N 15 -11.08 34.46 6.04
CA PHE N 15 -10.31 33.36 5.48
C PHE N 15 -10.90 33.01 4.12
N ALA N 16 -10.04 32.60 3.20
CA ALA N 16 -10.53 32.06 1.94
C ALA N 16 -11.03 30.64 2.15
N ARG N 17 -12.07 30.27 1.42
CA ARG N 17 -12.68 28.96 1.60
C ARG N 17 -12.35 28.05 0.42
N PRO N 18 -12.36 26.73 0.63
CA PRO N 18 -12.11 25.83 -0.51
C PRO N 18 -13.25 25.77 -1.50
N ASN N 19 -14.45 26.10 -1.09
CA ASN N 19 -15.53 26.35 -2.05
C ASN N 19 -15.49 27.84 -2.40
N LEU N 20 -16.57 28.35 -2.99
CA LEU N 20 -16.71 29.77 -3.38
C LEU N 20 -15.71 30.13 -4.49
N PHE N 21 -15.55 29.23 -5.44
CA PHE N 21 -14.83 29.51 -6.67
C PHE N 21 -15.77 29.23 -7.83
N GLN N 22 -15.30 29.52 -9.03
CA GLN N 22 -16.07 29.25 -10.24
C GLN N 22 -15.12 29.32 -11.42
N VAL N 23 -15.10 28.27 -12.23
CA VAL N 23 -14.15 28.14 -13.32
C VAL N 23 -14.90 28.10 -14.64
N GLU N 24 -14.48 28.92 -15.60
CA GLU N 24 -15.14 28.98 -16.90
C GLU N 24 -14.12 28.72 -17.99
N ILE N 25 -14.58 28.07 -19.06
CA ILE N 25 -13.80 27.86 -20.27
C ILE N 25 -14.59 28.46 -21.42
N SER N 26 -13.96 29.36 -22.18
CA SER N 26 -14.65 30.05 -23.25
C SER N 26 -15.00 29.11 -24.39
N TYR N 27 -14.24 28.02 -24.53
CA TYR N 27 -14.55 27.05 -25.57
C TYR N 27 -15.78 26.23 -25.21
N LEU N 28 -15.99 25.96 -23.92
CA LEU N 28 -17.10 25.11 -23.53
C LEU N 28 -18.41 25.88 -23.54
N GLY N 29 -18.43 27.05 -22.91
CA GLY N 29 -19.62 27.88 -22.88
C GLY N 29 -20.00 28.30 -21.48
N GLN N 30 -21.04 29.15 -21.42
CA GLN N 30 -21.43 29.77 -20.16
C GLN N 30 -22.18 28.80 -19.26
N ASN N 31 -22.64 27.68 -19.81
CA ASN N 31 -23.37 26.72 -19.00
C ASN N 31 -22.42 25.72 -18.35
N PHE N 32 -21.20 25.60 -18.87
CA PHE N 32 -20.24 24.66 -18.28
C PHE N 32 -19.72 25.16 -16.94
N THR N 33 -19.75 26.47 -16.72
CA THR N 33 -19.12 27.02 -15.53
C THR N 33 -19.96 26.77 -14.29
N PHE N 34 -21.19 26.28 -14.46
CA PHE N 34 -21.99 25.83 -13.33
C PHE N 34 -21.79 24.34 -13.11
N GLN N 35 -21.15 23.67 -14.07
CA GLN N 35 -21.12 22.21 -14.05
C GLN N 35 -19.91 21.68 -13.30
N CYS N 36 -18.82 22.45 -13.24
CA CYS N 36 -17.59 21.93 -12.66
C CYS N 36 -17.66 21.92 -11.15
N LYS N 37 -17.68 20.71 -10.57
CA LYS N 37 -17.81 20.55 -9.14
C LYS N 37 -16.49 20.80 -8.41
N ALA N 38 -15.44 20.08 -8.80
CA ALA N 38 -14.20 20.11 -8.04
C ALA N 38 -13.01 20.07 -8.98
N THR N 39 -11.91 20.67 -8.52
CA THR N 39 -10.66 20.71 -9.27
C THR N 39 -9.52 21.00 -8.31
N ALA N 40 -8.36 21.32 -8.87
CA ALA N 40 -7.20 21.75 -8.10
C ALA N 40 -6.50 22.85 -8.87
N LEU N 41 -5.84 23.74 -8.16
CA LEU N 41 -5.00 24.72 -8.83
C LEU N 41 -3.68 24.08 -9.21
N PRO N 42 -3.13 24.41 -10.38
CA PRO N 42 -1.89 23.75 -10.81
C PRO N 42 -0.70 24.27 -10.01
N ALA N 43 0.18 23.34 -9.67
CA ALA N 43 1.34 23.68 -8.86
C ALA N 43 2.45 24.26 -9.73
N GLY N 44 3.44 24.85 -9.09
CA GLY N 44 4.64 25.29 -9.75
C GLY N 44 5.79 24.38 -9.39
N ILE N 45 6.10 23.46 -10.27
CA ILE N 45 7.05 22.37 -10.00
C ILE N 45 8.40 22.76 -10.59
N VAL N 46 9.41 22.85 -9.74
CA VAL N 46 10.78 23.11 -10.18
C VAL N 46 11.67 22.05 -9.59
N GLU N 47 12.35 21.31 -10.46
CA GLU N 47 13.27 20.27 -10.00
C GLU N 47 14.53 20.90 -9.42
N LYS N 48 15.23 20.13 -8.60
CA LYS N 48 16.41 20.62 -7.89
C LYS N 48 17.66 19.98 -8.49
N ILE N 49 18.74 20.73 -8.58
CA ILE N 49 20.02 20.22 -9.03
C ILE N 49 20.97 20.19 -7.82
N PRO N 50 21.19 19.04 -7.20
CA PRO N 50 22.28 18.94 -6.24
C PRO N 50 23.62 18.77 -6.93
N VAL N 51 24.60 19.56 -6.54
CA VAL N 51 25.92 19.55 -7.17
C VAL N 51 26.97 19.36 -6.10
N GLY N 52 27.89 18.41 -6.36
CA GLY N 52 28.90 18.04 -5.40
C GLY N 52 30.11 18.94 -5.49
N PHE N 53 30.41 19.61 -4.38
CA PHE N 53 31.68 20.29 -4.18
C PHE N 53 32.24 19.90 -2.83
N MET N 54 33.23 18.99 -2.84
CA MET N 54 34.05 18.65 -1.67
C MET N 54 33.20 18.16 -0.51
N ASN N 55 32.63 16.95 -0.68
CA ASN N 55 31.90 16.20 0.36
C ASN N 55 30.53 16.83 0.66
N ARG N 56 30.16 17.93 0.04
CA ARG N 56 28.92 18.59 0.40
C ARG N 56 28.15 18.94 -0.86
N LYS N 57 26.91 19.35 -0.68
CA LYS N 57 26.01 19.69 -1.78
C LYS N 57 25.45 21.08 -1.54
N ILE N 58 25.56 21.95 -2.54
CA ILE N 58 24.77 23.16 -2.60
C ILE N 58 23.72 22.94 -3.66
N ASN N 59 22.62 23.67 -3.58
CA ASN N 59 21.53 23.45 -4.51
C ASN N 59 21.28 24.68 -5.37
N VAL N 60 21.09 24.46 -6.67
CA VAL N 60 20.80 25.53 -7.61
C VAL N 60 19.47 25.18 -8.27
N ALA N 61 18.81 26.21 -8.80
CA ALA N 61 17.49 26.00 -9.38
C ALA N 61 17.59 25.25 -10.69
N GLY N 62 16.76 24.23 -10.82
CA GLY N 62 16.74 23.38 -12.00
C GLY N 62 15.87 23.94 -13.09
N ASP N 63 14.97 23.11 -13.61
CA ASP N 63 14.13 23.50 -14.71
C ASP N 63 12.67 23.32 -14.36
N ARG N 64 11.82 24.20 -14.89
CA ARG N 64 10.41 24.18 -14.56
C ARG N 64 9.69 23.11 -15.36
N THR N 65 8.85 22.34 -14.68
CA THR N 65 7.89 21.45 -15.32
C THR N 65 6.51 21.84 -14.83
N PHE N 66 5.48 21.35 -15.49
CA PHE N 66 4.11 21.68 -15.14
C PHE N 66 3.33 20.41 -14.83
N ASP N 67 2.70 20.40 -13.66
CA ASP N 67 1.86 19.28 -13.27
C ASP N 67 0.55 19.32 -14.04
N ASP N 68 -0.09 18.16 -14.17
CA ASP N 68 -1.31 18.07 -14.95
C ASP N 68 -2.47 18.66 -14.15
N TRP N 69 -3.50 19.13 -14.85
CA TRP N 69 -4.60 19.84 -14.22
C TRP N 69 -5.83 18.96 -14.17
N THR N 70 -6.24 18.58 -12.96
CA THR N 70 -7.30 17.60 -12.77
C THR N 70 -8.59 18.31 -12.41
N VAL N 71 -9.63 18.05 -13.20
CA VAL N 71 -10.94 18.67 -13.06
C VAL N 71 -11.99 17.57 -13.07
N THR N 72 -12.87 17.56 -12.08
CA THR N 72 -14.00 16.65 -12.08
C THR N 72 -15.30 17.44 -12.07
N VAL N 73 -16.19 17.08 -12.98
CA VAL N 73 -17.41 17.83 -13.24
C VAL N 73 -18.61 16.92 -13.02
N MET N 74 -19.79 17.53 -12.96
CA MET N 74 -21.03 16.77 -12.90
C MET N 74 -21.47 16.40 -14.31
N ASN N 75 -22.63 15.74 -14.40
CA ASN N 75 -23.13 15.25 -15.68
C ASN N 75 -24.65 15.33 -15.68
N ASP N 76 -25.21 15.87 -16.74
CA ASP N 76 -26.65 15.82 -16.91
C ASP N 76 -27.05 14.61 -17.74
N GLU N 77 -28.36 14.53 -18.02
CA GLU N 77 -28.93 13.35 -18.63
C GLU N 77 -28.50 13.20 -20.09
N ALA N 78 -28.41 14.31 -20.81
CA ALA N 78 -28.15 14.25 -22.24
C ALA N 78 -26.68 14.04 -22.57
N HIS N 79 -25.82 14.00 -21.54
CA HIS N 79 -24.38 13.78 -21.65
C HIS N 79 -23.64 14.79 -22.51
N ASP N 80 -24.18 16.01 -22.67
CA ASP N 80 -23.45 17.00 -23.45
C ASP N 80 -22.26 17.54 -22.67
N ALA N 81 -22.32 17.47 -21.34
CA ALA N 81 -21.21 17.91 -20.52
C ALA N 81 -19.99 17.00 -20.69
N ARG N 82 -20.22 15.74 -21.05
CA ARG N 82 -19.11 14.84 -21.32
C ARG N 82 -18.77 14.79 -22.81
N GLN N 83 -19.79 14.89 -23.67
CA GLN N 83 -19.56 14.86 -25.11
C GLN N 83 -18.74 16.05 -25.58
N LYS N 84 -18.90 17.18 -24.91
CA LYS N 84 -18.16 18.38 -25.32
C LYS N 84 -16.71 18.32 -24.86
N PHE N 85 -16.39 17.40 -23.95
CA PHE N 85 -14.98 17.07 -23.74
C PHE N 85 -14.47 16.14 -24.82
N VAL N 86 -15.29 15.18 -25.22
CA VAL N 86 -14.85 14.18 -26.20
C VAL N 86 -14.71 14.81 -27.58
N ASP N 87 -15.63 15.72 -27.93
CA ASP N 87 -15.51 16.43 -29.20
C ASP N 87 -14.30 17.35 -29.18
N TRP N 88 -14.00 17.95 -28.03
CA TRP N 88 -12.82 18.81 -27.93
C TRP N 88 -11.54 18.00 -27.94
N GLN N 89 -11.63 16.75 -27.49
CA GLN N 89 -10.44 15.90 -27.49
C GLN N 89 -10.30 15.17 -28.83
N SER N 90 -11.40 15.01 -29.56
CA SER N 90 -11.32 14.36 -30.87
C SER N 90 -10.76 15.30 -31.93
N ILE N 91 -10.72 16.60 -31.64
CA ILE N 91 -10.01 17.51 -32.53
C ILE N 91 -8.51 17.25 -32.48
N ALA N 92 -8.01 16.95 -31.28
CA ALA N 92 -6.59 16.67 -31.12
C ALA N 92 -6.20 15.34 -31.75
N ALA N 93 -6.76 14.25 -31.24
CA ALA N 93 -6.30 12.92 -31.62
C ALA N 93 -7.24 12.16 -32.54
N GLY N 94 -8.54 12.38 -32.46
CA GLY N 94 -9.47 11.69 -33.34
C GLY N 94 -9.85 10.32 -32.81
N GLN N 95 -11.10 9.95 -33.08
CA GLN N 95 -11.67 8.73 -32.51
C GLN N 95 -12.62 8.13 -33.53
N GLY N 96 -12.65 6.80 -33.57
CA GLY N 96 -13.51 6.10 -34.50
C GLY N 96 -12.73 5.25 -35.46
N ASN N 97 -13.45 4.73 -36.46
CA ASN N 97 -12.79 3.96 -37.50
C ASN N 97 -11.93 4.85 -38.38
N GLU N 98 -12.43 6.04 -38.71
CA GLU N 98 -11.62 7.00 -39.43
C GLU N 98 -10.58 7.61 -38.51
N ILE N 99 -9.48 8.03 -39.11
CA ILE N 99 -8.36 8.62 -38.38
C ILE N 99 -8.20 10.06 -38.82
N THR N 100 -8.03 10.97 -37.85
CA THR N 100 -7.85 12.38 -38.12
C THR N 100 -6.96 12.99 -37.05
N GLY N 101 -6.56 14.22 -37.29
CA GLY N 101 -5.75 14.95 -36.32
C GLY N 101 -6.16 16.41 -36.31
N GLY N 102 -5.39 17.19 -35.58
CA GLY N 102 -5.62 18.62 -35.51
C GLY N 102 -4.32 19.37 -35.28
N LYS N 103 -4.24 20.56 -35.83
CA LYS N 103 -3.08 21.40 -35.61
C LYS N 103 -3.15 21.99 -34.20
N PRO N 104 -2.00 22.25 -33.57
CA PRO N 104 -2.03 22.69 -32.16
C PRO N 104 -2.66 24.04 -31.93
N ALA N 105 -2.80 24.87 -32.96
CA ALA N 105 -3.55 26.10 -32.80
C ALA N 105 -5.06 25.84 -32.81
N GLU N 106 -5.47 24.63 -33.16
CA GLU N 106 -6.88 24.37 -33.37
C GLU N 106 -7.53 23.76 -32.13
N TYR N 107 -6.82 22.92 -31.39
CA TYR N 107 -7.42 22.26 -30.25
C TYR N 107 -6.97 22.79 -28.91
N LYS N 108 -5.84 23.48 -28.84
CA LYS N 108 -5.33 24.00 -27.57
C LYS N 108 -6.05 25.30 -27.25
N LYS N 109 -6.72 25.34 -26.11
CA LYS N 109 -7.51 26.50 -25.72
C LYS N 109 -7.03 27.01 -24.37
N SER N 110 -7.74 28.01 -23.86
CA SER N 110 -7.40 28.68 -22.61
C SER N 110 -8.56 28.58 -21.64
N ALA N 111 -8.29 28.83 -20.37
CA ALA N 111 -9.30 28.76 -19.33
C ALA N 111 -9.01 29.76 -18.22
N ILE N 112 -10.07 30.22 -17.58
CA ILE N 112 -9.98 31.16 -16.47
C ILE N 112 -10.69 30.56 -15.27
N VAL N 113 -9.95 30.34 -14.20
CA VAL N 113 -10.51 29.94 -12.92
C VAL N 113 -10.40 31.14 -11.99
N ARG N 114 -11.47 31.40 -11.24
CA ARG N 114 -11.51 32.54 -10.34
C ARG N 114 -12.17 32.16 -9.03
N GLN N 115 -11.64 32.69 -7.93
CA GLN N 115 -12.14 32.41 -6.60
C GLN N 115 -12.93 33.63 -6.13
N TYR N 116 -14.03 33.40 -5.45
CA TYR N 116 -14.84 34.50 -4.96
C TYR N 116 -14.52 34.80 -3.50
N ALA N 117 -14.88 35.99 -3.05
CA ALA N 117 -14.77 36.33 -1.65
C ALA N 117 -16.03 35.83 -0.95
N ARG N 118 -16.17 36.18 0.34
CA ARG N 118 -17.30 35.71 1.13
C ARG N 118 -18.59 36.36 0.64
N ASP N 119 -18.53 37.62 0.26
CA ASP N 119 -19.54 38.15 -0.63
C ASP N 119 -19.40 37.44 -1.97
N ALA N 120 -20.44 36.72 -2.37
CA ALA N 120 -20.32 35.80 -3.50
C ALA N 120 -20.23 36.55 -4.83
N LYS N 121 -20.72 37.80 -4.86
CA LYS N 121 -20.66 38.57 -6.10
C LYS N 121 -19.30 39.22 -6.33
N THR N 122 -18.37 39.09 -5.39
CA THR N 122 -17.06 39.71 -5.54
C THR N 122 -16.08 38.73 -6.15
N VAL N 123 -15.31 39.20 -7.12
CA VAL N 123 -14.26 38.39 -7.73
C VAL N 123 -12.92 38.85 -7.20
N THR N 124 -12.31 38.06 -6.30
CA THR N 124 -11.15 38.58 -5.59
C THR N 124 -9.85 38.18 -6.26
N LYS N 125 -9.85 37.12 -7.07
CA LYS N 125 -8.64 36.63 -7.69
C LYS N 125 -8.97 35.83 -8.94
N GLU N 126 -8.32 36.16 -10.05
CA GLU N 126 -8.49 35.45 -11.30
C GLU N 126 -7.17 34.80 -11.68
N ILE N 127 -7.22 33.51 -12.00
CA ILE N 127 -6.03 32.75 -12.39
C ILE N 127 -6.26 32.20 -13.80
N GLU N 128 -5.35 32.49 -14.70
CA GLU N 128 -5.48 32.11 -16.09
C GLU N 128 -4.54 30.97 -16.41
N ILE N 129 -5.05 29.98 -17.14
CA ILE N 129 -4.24 28.89 -17.64
C ILE N 129 -4.30 28.96 -19.16
N LYS N 130 -3.16 28.74 -19.80
CA LYS N 130 -3.05 28.86 -21.24
C LYS N 130 -2.65 27.51 -21.84
N GLY N 131 -3.11 27.29 -23.07
CA GLY N 131 -2.74 26.12 -23.84
C GLY N 131 -3.28 24.82 -23.28
N LEU N 132 -4.60 24.64 -23.32
CA LEU N 132 -5.21 23.50 -22.66
C LEU N 132 -5.78 22.53 -23.68
N TRP N 133 -5.56 21.25 -23.46
CA TRP N 133 -6.25 20.20 -24.18
C TRP N 133 -6.34 18.99 -23.25
N PRO N 134 -7.47 18.30 -23.22
CA PRO N 134 -7.67 17.25 -22.21
C PRO N 134 -6.82 16.02 -22.51
N THR N 135 -6.06 15.60 -21.50
CA THR N 135 -5.22 14.41 -21.66
C THR N 135 -6.07 13.16 -21.70
N ASN N 136 -6.85 12.91 -20.65
CA ASN N 136 -7.81 11.83 -20.70
C ASN N 136 -9.17 12.31 -20.20
N VAL N 137 -10.22 11.74 -20.80
CA VAL N 137 -11.59 12.09 -20.48
C VAL N 137 -12.34 10.81 -20.18
N GLY N 138 -12.97 10.75 -19.02
CA GLY N 138 -13.91 9.68 -18.78
C GLY N 138 -13.59 8.97 -17.47
N GLU N 139 -13.49 7.64 -17.61
CA GLU N 139 -13.65 6.69 -16.50
C GLU N 139 -14.91 7.04 -15.73
N LEU N 140 -16.05 6.89 -16.39
CA LEU N 140 -17.31 7.21 -15.75
C LEU N 140 -17.79 5.97 -15.01
N GLN N 141 -18.26 6.16 -13.80
CA GLN N 141 -18.69 5.06 -12.95
C GLN N 141 -20.20 5.04 -12.91
N LEU N 142 -20.80 3.92 -13.31
CA LEU N 142 -22.25 3.77 -13.28
C LEU N 142 -22.61 2.34 -12.90
N ASP N 143 -23.53 2.20 -11.95
CA ASP N 143 -23.84 0.91 -11.35
C ASP N 143 -25.25 0.94 -10.79
N TRP N 144 -25.85 -0.25 -10.67
CA TRP N 144 -27.17 -0.35 -10.04
C TRP N 144 -27.06 -0.31 -8.53
N ASP N 145 -25.85 -0.47 -8.00
CA ASP N 145 -25.73 -0.58 -6.55
C ASP N 145 -25.61 0.78 -5.88
N SER N 146 -24.87 1.72 -6.47
CA SER N 146 -24.79 3.06 -5.89
C SER N 146 -26.11 3.77 -6.12
N ASN N 147 -26.74 4.20 -5.04
CA ASN N 147 -28.12 4.66 -5.10
C ASN N 147 -28.24 6.18 -4.99
N ASN N 148 -27.73 6.78 -3.94
CA ASN N 148 -27.99 8.19 -3.71
C ASN N 148 -26.91 9.09 -4.26
N GLU N 149 -25.98 8.55 -5.04
CA GLU N 149 -24.87 9.36 -5.51
C GLU N 149 -25.28 10.14 -6.74
N ILE N 150 -24.43 11.10 -7.12
CA ILE N 150 -24.61 11.81 -8.38
C ILE N 150 -23.64 11.24 -9.40
N GLN N 151 -24.00 11.35 -10.67
CA GLN N 151 -23.16 10.84 -11.75
C GLN N 151 -22.11 11.88 -12.10
N THR N 152 -20.85 11.57 -11.84
CA THR N 152 -19.75 12.49 -12.07
C THR N 152 -18.55 11.75 -12.64
N PHE N 153 -17.59 12.53 -13.15
CA PHE N 153 -16.41 11.97 -13.77
C PHE N 153 -15.30 13.00 -13.74
N GLU N 154 -14.06 12.53 -13.87
CA GLU N 154 -12.89 13.38 -13.75
C GLU N 154 -12.12 13.38 -15.06
N VAL N 155 -11.67 14.55 -15.47
CA VAL N 155 -10.85 14.71 -16.66
C VAL N 155 -9.55 15.41 -16.26
N THR N 156 -8.48 15.17 -17.02
CA THR N 156 -7.21 15.83 -16.79
C THR N 156 -6.84 16.60 -18.05
N LEU N 157 -6.30 17.78 -17.89
CA LEU N 157 -6.10 18.71 -19.01
C LEU N 157 -4.65 19.18 -19.02
N ALA N 158 -3.92 18.83 -20.08
CA ALA N 158 -2.54 19.24 -20.21
C ALA N 158 -2.45 20.74 -20.43
N LEU N 159 -1.40 21.36 -19.90
CA LEU N 159 -1.27 22.80 -19.98
C LEU N 159 0.17 23.18 -20.29
N ASP N 160 0.35 24.30 -20.98
CA ASP N 160 1.70 24.78 -21.23
C ASP N 160 2.20 25.65 -20.08
N TYR N 161 1.42 26.63 -19.65
CA TYR N 161 1.80 27.50 -18.55
C TYR N 161 0.58 28.14 -17.93
N TRP N 162 0.67 28.53 -16.67
CA TRP N 162 -0.40 29.28 -16.01
C TRP N 162 0.18 30.52 -15.36
N GLU N 163 -0.47 31.65 -15.56
CA GLU N 163 0.02 32.90 -15.04
C GLU N 163 -0.29 33.03 -13.56
N MET O 1 -37.78 48.23 37.73
CA MET O 1 -37.77 46.78 37.95
C MET O 1 -39.08 46.34 38.57
N PHE O 2 -39.97 45.84 37.72
CA PHE O 2 -41.32 45.49 38.13
C PHE O 2 -41.72 44.21 37.44
N VAL O 3 -42.81 43.61 37.92
CA VAL O 3 -43.26 42.36 37.34
C VAL O 3 -44.17 42.63 36.15
N ASP O 4 -44.69 43.86 36.05
CA ASP O 4 -45.43 44.25 34.87
C ASP O 4 -44.52 44.75 33.75
N ASP O 5 -43.20 44.71 33.97
CA ASP O 5 -42.28 45.28 33.00
C ASP O 5 -42.14 44.36 31.79
N VAL O 6 -42.41 43.06 31.97
CA VAL O 6 -42.27 42.12 30.87
C VAL O 6 -43.41 42.32 29.87
N THR O 7 -44.57 42.80 30.32
CA THR O 7 -45.66 43.08 29.39
C THR O 7 -45.34 44.33 28.57
N ARG O 8 -44.51 45.22 29.09
CA ARG O 8 -44.09 46.37 28.33
C ARG O 8 -43.13 45.96 27.22
N ALA O 9 -42.40 44.87 27.43
CA ALA O 9 -41.39 44.43 26.47
C ALA O 9 -42.02 43.89 25.20
N PHE O 10 -43.23 43.36 25.30
CA PHE O 10 -43.89 42.79 24.14
C PHE O 10 -44.93 43.75 23.57
N GLU O 11 -45.18 43.64 22.27
CA GLU O 11 -46.29 44.37 21.68
C GLU O 11 -47.60 43.73 22.13
N SER O 12 -48.60 44.59 22.40
CA SER O 12 -49.96 44.22 22.81
C SER O 12 -50.02 43.54 24.18
N GLY O 13 -48.89 43.49 24.89
CA GLY O 13 -48.88 42.97 26.25
C GLY O 13 -49.19 41.49 26.37
N ASP O 14 -49.01 40.74 25.29
CA ASP O 14 -49.49 39.37 25.27
C ASP O 14 -48.36 38.45 24.82
N PHE O 15 -48.55 37.16 25.04
CA PHE O 15 -47.58 36.13 24.70
C PHE O 15 -48.09 35.35 23.50
N ALA O 16 -47.18 34.93 22.64
CA ALA O 16 -47.55 34.01 21.57
C ALA O 16 -47.74 32.61 22.13
N ARG O 17 -48.68 31.88 21.59
CA ARG O 17 -49.00 30.55 22.09
C ARG O 17 -48.51 29.46 21.14
N PRO O 18 -48.22 28.26 21.64
CA PRO O 18 -47.81 27.18 20.73
C PRO O 18 -48.92 26.66 19.85
N ASN O 19 -50.17 26.83 20.25
CA ASN O 19 -51.27 26.62 19.33
C ASN O 19 -51.56 27.96 18.63
N LEU O 20 -52.73 28.08 18.01
CA LEU O 20 -53.18 29.31 17.31
C LEU O 20 -52.29 29.59 16.10
N PHE O 21 -51.95 28.54 15.37
CA PHE O 21 -51.32 28.65 14.06
C PHE O 21 -52.19 27.91 13.08
N GLN O 22 -51.82 28.00 11.80
CA GLN O 22 -52.52 27.30 10.73
C GLN O 22 -51.63 27.28 9.52
N VAL O 23 -51.39 26.10 8.97
CA VAL O 23 -50.44 25.91 7.88
C VAL O 23 -51.19 25.40 6.66
N GLU O 24 -50.97 26.04 5.51
CA GLU O 24 -51.63 25.65 4.28
C GLU O 24 -50.60 25.35 3.21
N ILE O 25 -50.93 24.39 2.35
CA ILE O 25 -50.13 24.07 1.18
C ILE O 25 -51.04 24.19 -0.03
N SER O 26 -50.62 24.99 -1.01
CA SER O 26 -51.47 25.25 -2.17
C SER O 26 -51.62 24.02 -3.04
N TYR O 27 -50.65 23.10 -2.97
CA TYR O 27 -50.75 21.86 -3.73
C TYR O 27 -51.79 20.93 -3.12
N LEU O 28 -51.90 20.93 -1.80
CA LEU O 28 -52.81 19.99 -1.16
C LEU O 28 -54.26 20.46 -1.25
N GLY O 29 -54.52 21.71 -0.91
CA GLY O 29 -55.86 22.26 -1.00
C GLY O 29 -56.29 22.93 0.29
N GLN O 30 -57.49 23.53 0.22
CA GLN O 30 -57.99 24.33 1.32
C GLN O 30 -58.51 23.48 2.46
N ASN O 31 -58.73 22.20 2.22
CA ASN O 31 -59.22 21.32 3.26
C ASN O 31 -58.08 20.72 4.07
N PHE O 32 -56.86 20.73 3.53
CA PHE O 32 -55.72 20.18 4.25
C PHE O 32 -55.30 21.08 5.40
N THR O 33 -55.61 22.37 5.32
CA THR O 33 -55.09 23.30 6.30
C THR O 33 -55.85 23.19 7.62
N PHE O 34 -56.94 22.44 7.64
CA PHE O 34 -57.61 22.11 8.89
C PHE O 34 -57.10 20.80 9.44
N GLN O 35 -56.34 20.06 8.63
CA GLN O 35 -55.99 18.69 8.98
C GLN O 35 -54.70 18.61 9.75
N CYS O 36 -53.81 19.57 9.56
CA CYS O 36 -52.48 19.48 10.17
C CYS O 36 -52.54 19.80 11.65
N LYS O 37 -52.28 18.80 12.48
CA LYS O 37 -52.36 18.96 13.92
C LYS O 37 -51.12 19.63 14.49
N ALA O 38 -49.94 19.07 14.21
CA ALA O 38 -48.72 19.53 14.86
C ALA O 38 -47.56 19.52 13.88
N THR O 39 -46.61 20.40 14.12
CA THR O 39 -45.41 20.52 13.31
C THR O 39 -44.34 21.27 14.10
N ALA O 40 -43.29 21.67 13.41
CA ALA O 40 -42.24 22.50 13.99
C ALA O 40 -41.80 23.50 12.95
N LEU O 41 -41.32 24.65 13.39
CA LEU O 41 -40.73 25.59 12.46
C LEU O 41 -39.31 25.16 12.16
N PRO O 42 -38.84 25.30 10.91
CA PRO O 42 -37.51 24.84 10.57
C PRO O 42 -36.44 25.75 11.16
N ALA O 43 -35.38 25.14 11.65
CA ALA O 43 -34.31 25.89 12.27
C ALA O 43 -33.36 26.45 11.23
N GLY O 44 -32.50 27.38 11.66
CA GLY O 44 -31.44 27.88 10.84
C GLY O 44 -30.11 27.33 11.33
N ILE O 45 -29.63 26.30 10.66
CA ILE O 45 -28.47 25.54 11.11
C ILE O 45 -27.24 26.04 10.37
N VAL O 46 -26.26 26.53 11.11
CA VAL O 46 -24.99 26.95 10.54
C VAL O 46 -23.87 26.27 11.30
N GLU O 47 -23.07 25.49 10.59
CA GLU O 47 -21.94 24.81 11.21
C GLU O 47 -20.85 25.80 11.56
N LYS O 48 -19.98 25.41 12.48
CA LYS O 48 -18.93 26.27 12.98
C LYS O 48 -17.57 25.78 12.47
N ILE O 49 -16.68 26.71 12.13
CA ILE O 49 -15.31 26.36 11.74
C ILE O 49 -14.38 26.82 12.86
N PRO O 50 -13.91 25.92 13.71
CA PRO O 50 -12.82 26.27 14.61
C PRO O 50 -11.48 26.21 13.89
N VAL O 51 -10.68 27.26 14.02
CA VAL O 51 -9.40 27.37 13.33
C VAL O 51 -8.31 27.66 14.36
N GLY O 52 -7.22 26.88 14.27
CA GLY O 52 -6.15 26.97 15.22
C GLY O 52 -5.15 28.05 14.86
N PHE O 53 -4.98 29.00 15.76
CA PHE O 53 -3.89 29.96 15.71
C PHE O 53 -3.23 30.03 17.08
N MET O 54 -2.08 29.36 17.22
CA MET O 54 -1.20 29.49 18.37
C MET O 54 -1.91 29.12 19.68
N ASN O 55 -2.21 27.82 19.82
CA ASN O 55 -2.75 27.21 21.05
C ASN O 55 -4.21 27.59 21.28
N ARG O 56 -4.82 28.41 20.44
CA ARG O 56 -6.17 28.87 20.72
C ARG O 56 -7.01 28.76 19.46
N LYS O 57 -8.31 28.94 19.63
CA LYS O 57 -9.28 28.81 18.54
C LYS O 57 -10.12 30.07 18.48
N ILE O 58 -10.20 30.68 17.31
CA ILE O 58 -11.22 31.67 17.01
C ILE O 58 -12.22 30.97 16.10
N ASN O 59 -13.46 31.47 16.07
CA ASN O 59 -14.48 30.80 15.29
C ASN O 59 -15.00 31.73 14.19
N VAL O 60 -15.15 31.17 12.99
CA VAL O 60 -15.68 31.90 11.86
C VAL O 60 -16.91 31.15 11.37
N ALA O 61 -17.78 31.86 10.66
CA ALA O 61 -19.03 31.26 10.22
C ALA O 61 -18.79 30.25 9.13
N GLY O 62 -19.39 29.08 9.28
CA GLY O 62 -19.24 27.99 8.34
C GLY O 62 -20.22 28.09 7.20
N ASP O 63 -20.93 26.99 6.95
CA ASP O 63 -21.85 26.92 5.83
C ASP O 63 -23.24 26.54 6.32
N ARG O 64 -24.25 27.07 5.66
CA ARG O 64 -25.62 26.85 6.06
C ARG O 64 -26.12 25.50 5.58
N THR O 65 -26.75 24.75 6.47
CA THR O 65 -27.51 23.56 6.11
C THR O 65 -28.93 23.77 6.58
N PHE O 66 -29.85 22.93 6.12
CA PHE O 66 -31.25 23.05 6.47
C PHE O 66 -31.75 21.76 7.11
N ASP O 67 -32.34 21.90 8.28
CA ASP O 67 -32.92 20.76 8.98
C ASP O 67 -34.22 20.36 8.30
N ASP O 68 -34.59 19.09 8.49
CA ASP O 68 -35.79 18.58 7.83
C ASP O 68 -37.03 19.09 8.54
N TRP O 69 -38.14 19.15 7.81
CA TRP O 69 -39.36 19.76 8.33
C TRP O 69 -40.38 18.68 8.66
N THR O 70 -40.68 18.53 9.94
CA THR O 70 -41.50 17.43 10.42
C THR O 70 -42.92 17.92 10.68
N VAL O 71 -43.88 17.28 10.03
CA VAL O 71 -45.30 17.63 10.12
C VAL O 71 -46.09 16.37 10.42
N THR O 72 -46.93 16.42 11.45
CA THR O 72 -47.84 15.32 11.73
C THR O 72 -49.28 15.81 11.64
N VAL O 73 -50.09 15.07 10.89
CA VAL O 73 -51.44 15.47 10.55
C VAL O 73 -52.41 14.42 11.05
N MET O 74 -53.70 14.76 11.03
CA MET O 74 -54.75 13.82 11.34
C MET O 74 -55.12 13.03 10.08
N ASN O 75 -56.10 12.15 10.23
CA ASN O 75 -56.51 11.28 9.14
C ASN O 75 -58.01 11.04 9.21
N ASP O 76 -58.68 11.18 8.07
CA ASP O 76 -60.08 10.81 8.01
C ASP O 76 -60.24 9.38 7.51
N GLU O 77 -61.49 8.97 7.35
CA GLU O 77 -61.81 7.58 7.06
C GLU O 77 -61.38 7.19 5.66
N ALA O 78 -61.53 8.09 4.69
CA ALA O 78 -61.29 7.74 3.29
C ALA O 78 -59.81 7.76 2.94
N HIS O 79 -58.95 8.15 3.89
CA HIS O 79 -57.49 8.20 3.74
C HIS O 79 -57.00 9.11 2.63
N ASP O 80 -57.78 10.11 2.22
CA ASP O 80 -57.29 11.02 1.20
C ASP O 80 -56.23 11.96 1.75
N ALA O 81 -56.26 12.20 3.07
CA ALA O 81 -55.26 13.04 3.69
C ALA O 81 -53.88 12.38 3.66
N ARG O 82 -53.84 11.06 3.61
CA ARG O 82 -52.57 10.36 3.49
C ARG O 82 -52.24 10.02 2.04
N GLN O 83 -53.26 9.71 1.24
CA GLN O 83 -53.06 9.38 -0.16
C GLN O 83 -52.51 10.56 -0.95
N LYS O 84 -52.91 11.78 -0.55
CA LYS O 84 -52.44 12.95 -1.27
C LYS O 84 -51.01 13.31 -0.90
N PHE O 85 -50.48 12.72 0.18
CA PHE O 85 -49.03 12.75 0.37
C PHE O 85 -48.34 11.70 -0.50
N VAL O 86 -48.95 10.52 -0.62
CA VAL O 86 -48.32 9.43 -1.36
C VAL O 86 -48.33 9.73 -2.85
N ASP O 87 -49.42 10.32 -3.34
CA ASP O 87 -49.49 10.73 -4.74
C ASP O 87 -48.50 11.85 -5.02
N TRP O 88 -48.31 12.75 -4.06
CA TRP O 88 -47.35 13.83 -4.24
C TRP O 88 -45.92 13.32 -4.13
N GLN O 89 -45.73 12.22 -3.40
CA GLN O 89 -44.40 11.65 -3.28
C GLN O 89 -44.12 10.68 -4.43
N SER O 90 -45.17 10.13 -5.03
CA SER O 90 -44.97 9.21 -6.15
C SER O 90 -44.62 9.96 -7.43
N ILE O 91 -44.86 11.27 -7.45
CA ILE O 91 -44.38 12.07 -8.58
C ILE O 91 -42.86 12.14 -8.55
N ALA O 92 -42.28 12.24 -7.35
CA ALA O 92 -40.84 12.31 -7.23
C ALA O 92 -40.19 10.97 -7.56
N ALA O 93 -40.49 9.94 -6.78
CA ALA O 93 -39.77 8.68 -6.87
C ALA O 93 -40.53 7.55 -7.53
N GLY O 94 -41.85 7.52 -7.42
CA GLY O 94 -42.62 6.47 -8.05
C GLY O 94 -42.69 5.21 -7.20
N GLN O 95 -43.84 4.54 -7.29
CA GLN O 95 -44.13 3.41 -6.43
C GLN O 95 -44.94 2.39 -7.22
N GLY O 96 -44.70 1.12 -6.95
CA GLY O 96 -45.40 0.05 -7.62
C GLY O 96 -44.47 -0.82 -8.42
N ASN O 97 -45.07 -1.69 -9.23
CA ASN O 97 -44.27 -2.55 -10.10
C ASN O 97 -43.63 -1.74 -11.22
N GLU O 98 -44.38 -0.78 -11.77
CA GLU O 98 -43.80 0.11 -12.76
C GLU O 98 -42.90 1.12 -12.07
N ILE O 99 -41.91 1.61 -12.81
CA ILE O 99 -40.95 2.58 -12.31
C ILE O 99 -41.10 3.87 -13.07
N THR O 100 -41.12 4.99 -12.36
CA THR O 100 -41.24 6.30 -12.95
C THR O 100 -40.50 7.32 -12.11
N GLY O 101 -40.36 8.51 -12.65
CA GLY O 101 -39.72 9.60 -11.94
C GLY O 101 -40.43 10.91 -12.23
N GLY O 102 -39.83 11.98 -11.76
CA GLY O 102 -40.35 13.31 -12.01
C GLY O 102 -39.25 14.34 -12.02
N LYS O 103 -39.43 15.36 -12.85
CA LYS O 103 -38.47 16.44 -12.90
C LYS O 103 -38.65 17.32 -11.67
N PRO O 104 -37.57 17.96 -11.18
CA PRO O 104 -37.67 18.70 -9.91
C PRO O 104 -38.58 19.92 -9.97
N ALA O 105 -38.90 20.42 -11.15
CA ALA O 105 -39.90 21.49 -11.22
C ALA O 105 -41.31 20.93 -11.08
N GLU O 106 -41.46 19.60 -11.12
CA GLU O 106 -42.79 19.02 -11.17
C GLU O 106 -43.28 18.61 -9.79
N TYR O 107 -42.39 18.13 -8.92
CA TYR O 107 -42.83 17.65 -7.61
C TYR O 107 -42.49 18.57 -6.46
N LYS O 108 -41.52 19.47 -6.63
CA LYS O 108 -41.13 20.37 -5.56
C LYS O 108 -42.10 21.54 -5.50
N LYS O 109 -42.75 21.71 -4.35
CA LYS O 109 -43.76 22.74 -4.19
C LYS O 109 -43.38 23.65 -3.03
N SER O 110 -44.28 24.59 -2.72
CA SER O 110 -44.06 25.58 -1.68
C SER O 110 -45.18 25.47 -0.65
N ALA O 111 -44.95 26.08 0.51
CA ALA O 111 -45.91 26.04 1.60
C ALA O 111 -45.82 27.32 2.42
N ILE O 112 -46.95 27.70 3.02
CA ILE O 112 -47.05 28.87 3.87
C ILE O 112 -47.60 28.45 5.21
N VAL O 113 -46.82 28.64 6.26
CA VAL O 113 -47.27 28.46 7.64
C VAL O 113 -47.41 29.84 8.26
N ARG O 114 -48.50 30.05 8.98
CA ARG O 114 -48.76 31.34 9.59
C ARG O 114 -49.32 31.15 11.00
N GLN O 115 -48.89 32.02 11.91
CA GLN O 115 -49.31 31.98 13.30
C GLN O 115 -50.33 33.08 13.52
N TYR O 116 -51.36 32.80 14.31
CA TYR O 116 -52.38 33.80 14.57
C TYR O 116 -52.10 34.49 15.90
N ALA O 117 -52.70 35.66 16.08
CA ALA O 117 -52.66 36.34 17.37
C ALA O 117 -53.78 35.78 18.25
N ARG O 118 -53.96 36.39 19.43
CA ARG O 118 -54.96 35.91 20.36
C ARG O 118 -56.36 36.13 19.82
N ASP O 119 -56.57 37.25 19.15
CA ASP O 119 -57.68 37.34 18.23
C ASP O 119 -57.40 36.38 17.08
N ALA O 120 -58.28 35.39 16.92
CA ALA O 120 -57.99 34.27 16.04
C ALA O 120 -58.07 34.69 14.57
N LYS O 121 -58.80 35.75 14.27
CA LYS O 121 -58.94 36.21 12.90
C LYS O 121 -57.75 37.05 12.45
N THR O 122 -56.80 37.33 13.32
CA THR O 122 -55.66 38.16 12.95
C THR O 122 -54.49 37.28 12.52
N VAL O 123 -53.85 37.64 11.42
CA VAL O 123 -52.66 36.95 10.95
C VAL O 123 -51.44 37.79 11.29
N THR O 124 -50.68 37.38 12.29
CA THR O 124 -49.63 38.26 12.80
C THR O 124 -48.29 38.00 12.16
N LYS O 125 -48.08 36.80 11.62
CA LYS O 125 -46.79 36.42 11.05
C LYS O 125 -46.97 35.31 10.05
N GLU O 126 -46.42 35.48 8.85
CA GLU O 126 -46.44 34.47 7.79
C GLU O 126 -45.01 34.04 7.51
N ILE O 127 -44.79 32.73 7.50
CA ILE O 127 -43.48 32.16 7.21
C ILE O 127 -43.61 31.26 5.99
N GLU O 128 -42.78 31.51 4.99
CA GLU O 128 -42.85 30.78 3.73
C GLU O 128 -41.69 29.81 3.63
N ILE O 129 -42.00 28.60 3.17
CA ILE O 129 -40.98 27.60 2.89
C ILE O 129 -41.07 27.29 1.41
N LYS O 130 -39.91 27.17 0.77
CA LYS O 130 -39.84 26.95 -0.66
C LYS O 130 -39.18 25.62 -0.96
N GLY O 131 -39.60 25.02 -2.08
CA GLY O 131 -39.00 23.80 -2.58
C GLY O 131 -39.24 22.59 -1.70
N LEU O 132 -40.49 22.14 -1.62
CA LEU O 132 -40.85 21.09 -0.67
C LEU O 132 -41.20 19.82 -1.41
N TRP O 133 -40.71 18.68 -0.91
CA TRP O 133 -41.16 17.38 -1.33
C TRP O 133 -40.99 16.45 -0.14
N PRO O 134 -41.96 15.56 0.13
CA PRO O 134 -41.91 14.77 1.35
C PRO O 134 -40.83 13.69 1.30
N THR O 135 -39.98 13.70 2.32
CA THR O 135 -38.90 12.71 2.40
C THR O 135 -39.47 11.32 2.70
N ASN O 136 -40.17 11.19 3.82
CA ASN O 136 -40.88 9.95 4.09
C ASN O 136 -42.30 10.24 4.54
N VAL O 137 -43.21 9.35 4.17
CA VAL O 137 -44.62 9.48 4.47
C VAL O 137 -45.08 8.18 5.10
N GLY O 138 -45.66 8.27 6.29
CA GLY O 138 -46.36 7.13 6.83
C GLY O 138 -45.88 6.82 8.24
N GLU O 139 -45.50 5.55 8.41
CA GLU O 139 -45.43 4.89 9.70
C GLU O 139 -46.74 5.14 10.46
N LEU O 140 -47.83 4.61 9.91
CA LEU O 140 -49.12 4.81 10.55
C LEU O 140 -49.32 3.71 11.58
N GLN O 141 -49.80 4.09 12.75
CA GLN O 141 -49.96 3.15 13.85
C GLN O 141 -51.45 2.84 13.99
N LEU O 142 -51.80 1.56 13.89
CA LEU O 142 -53.18 1.13 14.05
C LEU O 142 -53.22 -0.21 14.77
N ASP O 143 -54.08 -0.31 15.78
CA ASP O 143 -54.11 -1.45 16.68
C ASP O 143 -55.49 -1.59 17.31
N TRP O 144 -55.81 -2.80 17.73
CA TRP O 144 -57.07 -3.01 18.45
C TRP O 144 -56.95 -2.59 19.90
N ASP O 145 -55.74 -2.37 20.38
CA ASP O 145 -55.58 -2.11 21.80
C ASP O 145 -55.73 -0.63 22.13
N SER O 146 -55.22 0.28 21.30
CA SER O 146 -55.43 1.70 21.55
C SER O 146 -56.87 2.05 21.24
N ASN O 147 -57.56 2.59 22.23
CA ASN O 147 -59.00 2.73 22.16
C ASN O 147 -59.44 4.17 21.91
N ASN O 148 -59.06 5.10 22.77
CA ASN O 148 -59.61 6.43 22.69
C ASN O 148 -58.76 7.38 21.87
N GLU O 149 -57.74 6.87 21.19
CA GLU O 149 -56.84 7.76 20.47
C GLU O 149 -57.42 8.12 19.12
N ILE O 150 -56.80 9.11 18.47
CA ILE O 150 -57.14 9.45 17.11
C ILE O 150 -56.08 8.86 16.17
N GLN O 151 -56.47 8.59 14.94
CA GLN O 151 -55.55 8.02 13.96
C GLN O 151 -54.76 9.14 13.31
N THR O 152 -53.45 9.16 13.55
CA THR O 152 -52.58 10.21 13.06
C THR O 152 -51.25 9.61 12.60
N PHE O 153 -50.50 10.42 11.87
CA PHE O 153 -49.22 9.98 11.32
C PHE O 153 -48.36 11.20 11.03
N GLU O 154 -47.05 10.97 10.94
CA GLU O 154 -46.09 12.05 10.79
C GLU O 154 -45.35 11.89 9.48
N VAL O 155 -45.15 13.00 8.77
CA VAL O 155 -44.40 13.04 7.52
C VAL O 155 -43.29 14.06 7.67
N THR O 156 -42.20 13.86 6.93
CA THR O 156 -41.10 14.80 6.92
C THR O 156 -40.91 15.30 5.49
N LEU O 157 -40.63 16.58 5.34
CA LEU O 157 -40.64 17.23 4.04
C LEU O 157 -39.33 17.97 3.83
N ALA O 158 -38.56 17.54 2.83
CA ALA O 158 -37.29 18.18 2.52
C ALA O 158 -37.52 19.57 1.95
N LEU O 159 -36.63 20.49 2.27
CA LEU O 159 -36.80 21.87 1.84
C LEU O 159 -35.49 22.45 1.37
N ASP O 160 -35.55 23.38 0.42
CA ASP O 160 -34.34 24.06 -0.01
C ASP O 160 -34.02 25.26 0.87
N TYR O 161 -34.99 26.13 1.11
CA TYR O 161 -34.79 27.29 1.96
C TYR O 161 -36.12 27.80 2.49
N TRP O 162 -36.10 28.49 3.62
CA TRP O 162 -37.28 29.14 4.15
C TRP O 162 -36.96 30.60 4.45
N GLU O 163 -37.85 31.49 4.04
CA GLU O 163 -37.63 32.90 4.23
C GLU O 163 -37.95 33.31 5.66
N MET P 1 42.50 -11.40 16.48
CA MET P 1 41.58 -11.40 15.35
C MET P 1 40.27 -10.78 15.74
N PHE P 2 40.10 -9.50 15.40
CA PHE P 2 38.96 -8.73 15.82
C PHE P 2 38.53 -7.84 14.68
N VAL P 3 37.33 -7.27 14.81
CA VAL P 3 36.81 -6.42 13.75
C VAL P 3 37.30 -5.00 13.94
N ASP P 4 37.76 -4.66 15.14
CA ASP P 4 38.39 -3.38 15.37
C ASP P 4 39.86 -3.38 15.00
N ASP P 5 40.38 -4.51 14.49
CA ASP P 5 41.80 -4.63 14.24
C ASP P 5 42.18 -3.87 12.97
N VAL P 6 41.23 -3.64 12.08
CA VAL P 6 41.53 -2.93 10.84
C VAL P 6 41.73 -1.44 11.12
N THR P 7 41.09 -0.92 12.17
CA THR P 7 41.32 0.48 12.54
C THR P 7 42.69 0.65 13.15
N ARG P 8 43.25 -0.41 13.74
CA ARG P 8 44.61 -0.35 14.25
C ARG P 8 45.62 -0.31 13.10
N ALA P 9 45.25 -0.88 11.96
CA ALA P 9 46.17 -0.96 10.83
C ALA P 9 46.42 0.40 10.20
N PHE P 10 45.45 1.29 10.30
CA PHE P 10 45.58 2.60 9.69
C PHE P 10 45.94 3.66 10.73
N GLU P 11 46.63 4.70 10.29
CA GLU P 11 46.86 5.84 11.15
C GLU P 11 45.55 6.61 11.33
N SER P 12 45.33 7.09 12.56
CA SER P 12 44.16 7.88 12.96
C SER P 12 42.84 7.10 12.91
N GLY P 13 42.92 5.80 12.64
CA GLY P 13 41.72 4.96 12.69
C GLY P 13 40.68 5.26 11.62
N ASP P 14 41.10 5.90 10.54
CA ASP P 14 40.13 6.42 9.59
C ASP P 14 40.50 5.96 8.19
N PHE P 15 39.55 6.10 7.27
CA PHE P 15 39.73 5.69 5.88
C PHE P 15 39.85 6.94 5.02
N ALA P 16 40.65 6.85 3.97
CA ALA P 16 40.69 7.92 2.99
C ALA P 16 39.46 7.84 2.10
N ARG P 17 38.95 8.98 1.69
CA ARG P 17 37.74 9.02 0.90
C ARG P 17 38.04 9.39 -0.56
N PRO P 18 37.19 8.97 -1.50
CA PRO P 18 37.44 9.36 -2.91
C PRO P 18 37.18 10.83 -3.18
N ASN P 19 36.36 11.48 -2.38
CA ASN P 19 36.31 12.94 -2.41
C ASN P 19 37.35 13.47 -1.43
N LEU P 20 37.24 14.75 -1.04
CA LEU P 20 38.15 15.40 -0.09
C LEU P 20 39.56 15.51 -0.65
N PHE P 21 39.66 15.84 -1.93
CA PHE P 21 40.91 16.18 -2.56
C PHE P 21 40.74 17.57 -3.16
N GLN P 22 41.82 18.10 -3.70
CA GLN P 22 41.81 19.40 -4.36
C GLN P 22 43.07 19.53 -5.19
N VAL P 23 42.91 19.82 -6.48
CA VAL P 23 44.02 19.84 -7.41
C VAL P 23 44.18 21.25 -7.97
N GLU P 24 45.41 21.77 -7.93
CA GLU P 24 45.69 23.11 -8.41
C GLU P 24 46.77 23.06 -9.48
N ILE P 25 46.66 23.96 -10.45
CA ILE P 25 47.67 24.16 -11.46
C ILE P 25 48.09 25.63 -11.41
N SER P 26 49.40 25.86 -11.26
CA SER P 26 49.89 27.23 -11.10
C SER P 26 49.73 28.03 -12.38
N TYR P 27 49.67 27.35 -13.52
CA TYR P 27 49.47 28.06 -14.79
C TYR P 27 48.02 28.53 -14.91
N LEU P 28 47.08 27.76 -14.39
CA LEU P 28 45.67 28.11 -14.56
C LEU P 28 45.26 29.22 -13.61
N GLY P 29 45.57 29.06 -12.32
CA GLY P 29 45.26 30.07 -11.33
C GLY P 29 44.53 29.49 -10.13
N GLN P 30 44.29 30.37 -9.16
CA GLN P 30 43.74 29.96 -7.88
C GLN P 30 42.25 29.68 -7.97
N ASN P 31 41.61 30.15 -9.05
CA ASN P 31 40.18 29.91 -9.19
C ASN P 31 39.89 28.59 -9.88
N PHE P 32 40.89 28.04 -10.59
CA PHE P 32 40.68 26.76 -11.27
C PHE P 32 40.61 25.61 -10.28
N THR P 33 41.20 25.76 -9.11
CA THR P 33 41.31 24.64 -8.20
C THR P 33 39.98 24.35 -7.50
N PHE P 34 39.00 25.24 -7.66
CA PHE P 34 37.66 24.96 -7.21
C PHE P 34 36.83 24.36 -8.33
N GLN P 35 37.36 24.38 -9.55
CA GLN P 35 36.57 24.04 -10.72
C GLN P 35 36.65 22.57 -11.05
N CYS P 36 37.76 21.92 -10.70
CA CYS P 36 37.97 20.54 -11.11
C CYS P 36 37.13 19.58 -10.30
N LYS P 37 36.16 18.95 -10.95
CA LYS P 37 35.23 18.06 -10.27
C LYS P 37 35.85 16.68 -10.04
N ALA P 38 36.34 16.05 -11.09
CA ALA P 38 36.77 14.66 -10.99
C ALA P 38 38.01 14.42 -11.84
N THR P 39 38.81 13.46 -11.40
CA THR P 39 40.02 13.07 -12.10
C THR P 39 40.43 11.67 -11.65
N ALA P 40 41.65 11.30 -12.00
CA ALA P 40 42.24 10.05 -11.56
C ALA P 40 43.71 10.29 -11.27
N LEU P 41 44.27 9.53 -10.35
CA LEU P 41 45.71 9.59 -10.14
C LEU P 41 46.41 8.76 -11.22
N PRO P 42 47.55 9.21 -11.73
CA PRO P 42 48.21 8.47 -12.80
C PRO P 42 48.86 7.20 -12.28
N ALA P 43 48.74 6.14 -13.06
CA ALA P 43 49.26 4.85 -12.66
C ALA P 43 50.74 4.77 -12.97
N GLY P 44 51.39 3.75 -12.40
CA GLY P 44 52.76 3.43 -12.71
C GLY P 44 52.81 2.17 -13.56
N ILE P 45 52.95 2.34 -14.86
CA ILE P 45 52.81 1.26 -15.82
C ILE P 45 54.21 0.77 -16.18
N VAL P 46 54.48 -0.50 -15.93
CA VAL P 46 55.73 -1.13 -16.31
C VAL P 46 55.41 -2.39 -17.08
N GLU P 47 55.89 -2.46 -18.32
CA GLU P 47 55.67 -3.64 -19.15
C GLU P 47 56.54 -4.79 -18.65
N LYS P 48 56.14 -6.00 -19.02
CA LYS P 48 56.81 -7.22 -18.56
C LYS P 48 57.56 -7.84 -19.72
N ILE P 49 58.73 -8.39 -19.45
CA ILE P 49 59.52 -9.13 -20.45
C ILE P 49 59.49 -10.61 -20.07
N PRO P 50 58.67 -11.42 -20.71
CA PRO P 50 58.81 -12.87 -20.56
C PRO P 50 59.94 -13.40 -21.42
N VAL P 51 60.82 -14.19 -20.83
CA VAL P 51 62.00 -14.71 -21.53
C VAL P 51 62.02 -16.23 -21.39
N GLY P 52 62.21 -16.91 -22.52
CA GLY P 52 62.17 -18.35 -22.57
C GLY P 52 63.50 -18.96 -22.22
N PHE P 53 63.50 -19.78 -21.16
CA PHE P 53 64.61 -20.67 -20.84
C PHE P 53 64.05 -22.05 -20.59
N MET P 54 64.18 -22.94 -21.57
CA MET P 54 63.93 -24.38 -21.43
C MET P 54 62.50 -24.65 -20.97
N ASN P 55 61.54 -24.39 -21.88
CA ASN P 55 60.11 -24.73 -21.73
C ASN P 55 59.41 -23.81 -20.71
N ARG P 56 60.12 -22.89 -20.07
CA ARG P 56 59.50 -22.11 -19.01
C ARG P 56 59.85 -20.64 -19.20
N LYS P 57 59.17 -19.79 -18.45
CA LYS P 57 59.35 -18.35 -18.54
C LYS P 57 59.64 -17.80 -17.15
N ILE P 58 60.71 -17.03 -17.02
CA ILE P 58 60.93 -16.17 -15.87
C ILE P 58 60.66 -14.76 -16.35
N ASN P 59 60.32 -13.87 -15.43
CA ASN P 59 59.97 -12.51 -15.83
C ASN P 59 60.93 -11.51 -15.24
N VAL P 60 61.35 -10.56 -16.06
CA VAL P 60 62.26 -9.49 -15.63
C VAL P 60 61.54 -8.18 -15.91
N ALA P 61 61.96 -7.13 -15.21
CA ALA P 61 61.30 -5.84 -15.34
C ALA P 61 61.61 -5.20 -16.68
N GLY P 62 60.57 -4.74 -17.35
CA GLY P 62 60.68 -4.13 -18.65
C GLY P 62 61.00 -2.66 -18.56
N ASP P 63 60.22 -1.85 -19.26
CA ASP P 63 60.46 -0.42 -19.33
C ASP P 63 59.23 0.34 -18.90
N ARG P 64 59.45 1.48 -18.25
CA ARG P 64 58.36 2.27 -17.72
C ARG P 64 57.70 3.10 -18.81
N THR P 65 56.38 3.08 -18.85
CA THR P 65 55.58 4.00 -19.65
C THR P 65 54.66 4.74 -18.71
N PHE P 66 54.06 5.81 -19.19
CA PHE P 66 53.17 6.63 -18.38
C PHE P 66 51.79 6.72 -19.02
N ASP P 67 50.77 6.38 -18.24
CA ASP P 67 49.40 6.48 -18.70
C ASP P 67 48.98 7.94 -18.73
N ASP P 68 47.97 8.23 -19.56
CA ASP P 68 47.53 9.60 -19.72
C ASP P 68 46.70 10.03 -18.52
N TRP P 69 46.66 11.33 -18.26
CA TRP P 69 46.02 11.84 -17.05
C TRP P 69 44.70 12.51 -17.42
N THR P 70 43.61 11.91 -16.96
CA THR P 70 42.27 12.33 -17.36
C THR P 70 41.64 13.17 -16.27
N VAL P 71 41.23 14.39 -16.62
CA VAL P 71 40.66 15.36 -15.70
C VAL P 71 39.37 15.89 -16.31
N THR P 72 38.28 15.85 -15.55
CA THR P 72 37.04 16.46 -15.98
C THR P 72 36.63 17.55 -15.00
N VAL P 73 36.31 18.72 -15.55
CA VAL P 73 36.09 19.93 -14.77
C VAL P 73 34.69 20.44 -15.06
N MET P 74 34.23 21.38 -14.23
CA MET P 74 32.98 22.06 -14.48
C MET P 74 33.21 23.24 -15.42
N ASN P 75 32.13 23.98 -15.69
CA ASN P 75 32.19 25.09 -16.64
C ASN P 75 31.25 26.18 -16.17
N ASP P 76 31.75 27.41 -16.18
CA ASP P 76 30.87 28.55 -15.91
C ASP P 76 30.36 29.13 -17.23
N GLU P 77 29.61 30.22 -17.09
CA GLU P 77 28.89 30.79 -18.23
C GLU P 77 29.84 31.42 -19.24
N ALA P 78 30.89 32.08 -18.76
CA ALA P 78 31.76 32.84 -19.65
C ALA P 78 32.77 31.96 -20.38
N HIS P 79 32.78 30.66 -20.08
CA HIS P 79 33.64 29.65 -20.71
C HIS P 79 35.13 29.91 -20.55
N ASP P 80 35.54 30.66 -19.53
CA ASP P 80 36.98 30.86 -19.35
C ASP P 80 37.64 29.61 -18.80
N ALA P 81 36.88 28.75 -18.13
CA ALA P 81 37.43 27.50 -17.62
C ALA P 81 37.79 26.56 -18.76
N ARG P 82 37.12 26.69 -19.90
CA ARG P 82 37.47 25.89 -21.06
C ARG P 82 38.44 26.62 -21.99
N GLN P 83 38.29 27.94 -22.11
CA GLN P 83 39.15 28.74 -22.98
C GLN P 83 40.59 28.71 -22.49
N LYS P 84 40.78 28.63 -21.17
CA LYS P 84 42.14 28.62 -20.64
C LYS P 84 42.80 27.27 -20.81
N PHE P 85 42.04 26.23 -21.15
CA PHE P 85 42.67 25.02 -21.67
C PHE P 85 43.02 25.18 -23.13
N VAL P 86 42.16 25.83 -23.90
CA VAL P 86 42.38 25.95 -25.34
C VAL P 86 43.53 26.90 -25.62
N ASP P 87 43.63 27.99 -24.84
CA ASP P 87 44.77 28.89 -24.97
C ASP P 87 46.06 28.22 -24.55
N TRP P 88 46.00 27.37 -23.53
CA TRP P 88 47.19 26.65 -23.10
C TRP P 88 47.56 25.55 -24.09
N GLN P 89 46.58 25.06 -24.83
CA GLN P 89 46.86 24.03 -25.82
C GLN P 89 47.25 24.66 -27.16
N SER P 90 46.82 25.90 -27.40
CA SER P 90 47.18 26.58 -28.64
C SER P 90 48.62 27.07 -28.60
N ILE P 91 49.23 27.14 -27.43
CA ILE P 91 50.66 27.42 -27.36
C ILE P 91 51.44 26.25 -27.93
N ALA P 92 50.99 25.03 -27.67
CA ALA P 92 51.68 23.85 -28.17
C ALA P 92 51.51 23.72 -29.68
N ALA P 93 50.27 23.55 -30.13
CA ALA P 93 50.02 23.19 -31.52
C ALA P 93 49.45 24.31 -32.38
N GLY P 94 48.70 25.23 -31.81
CA GLY P 94 48.16 26.33 -32.59
C GLY P 94 46.88 25.96 -33.31
N GLN P 95 45.99 26.95 -33.42
CA GLN P 95 44.65 26.72 -33.94
C GLN P 95 44.22 27.95 -34.72
N GLY P 96 43.48 27.72 -35.79
CA GLY P 96 43.00 28.80 -36.63
C GLY P 96 43.54 28.70 -38.04
N ASN P 97 43.30 29.78 -38.80
CA ASN P 97 43.82 29.83 -40.16
C ASN P 97 45.33 29.99 -40.14
N GLU P 98 45.84 30.82 -39.23
CA GLU P 98 47.28 30.93 -39.07
C GLU P 98 47.83 29.71 -38.35
N ILE P 99 49.09 29.39 -38.63
CA ILE P 99 49.76 28.24 -38.06
C ILE P 99 50.90 28.73 -37.18
N THR P 100 51.01 28.16 -35.99
CA THR P 100 52.06 28.50 -35.05
C THR P 100 52.43 27.29 -34.22
N GLY P 101 53.51 27.42 -33.47
CA GLY P 101 53.94 26.37 -32.57
C GLY P 101 54.48 26.95 -31.29
N GLY P 102 55.05 26.08 -30.48
CA GLY P 102 55.67 26.50 -29.23
C GLY P 102 56.80 25.58 -28.85
N LYS P 103 57.81 26.15 -28.21
CA LYS P 103 58.91 25.35 -27.73
C LYS P 103 58.47 24.59 -26.48
N PRO P 104 59.04 23.39 -26.23
CA PRO P 104 58.54 22.57 -25.13
C PRO P 104 58.77 23.17 -23.75
N ALA P 105 59.67 24.13 -23.61
CA ALA P 105 59.79 24.81 -22.33
C ALA P 105 58.69 25.84 -22.14
N GLU P 106 57.92 26.11 -23.20
CA GLU P 106 56.95 27.21 -23.14
C GLU P 106 55.56 26.72 -22.79
N TYR P 107 55.16 25.54 -23.26
CA TYR P 107 53.81 25.07 -23.02
C TYR P 107 53.71 23.96 -21.97
N LYS P 108 54.80 23.25 -21.69
CA LYS P 108 54.77 22.16 -20.73
C LYS P 108 54.87 22.73 -19.32
N LYS P 109 53.86 22.46 -18.50
CA LYS P 109 53.79 23.00 -17.15
C LYS P 109 53.70 21.87 -16.14
N SER P 110 53.54 22.26 -14.88
CA SER P 110 53.49 21.32 -13.77
C SER P 110 52.18 21.48 -13.02
N ALA P 111 51.84 20.50 -12.19
CA ALA P 111 50.61 20.51 -11.44
C ALA P 111 50.79 19.78 -10.12
N ILE P 112 50.03 20.21 -9.11
CA ILE P 112 50.04 19.61 -7.79
C ILE P 112 48.62 19.20 -7.44
N VAL P 113 48.43 17.89 -7.24
CA VAL P 113 47.18 17.36 -6.71
C VAL P 113 47.44 16.92 -5.28
N ARG P 114 46.51 17.24 -4.39
CA ARG P 114 46.66 16.91 -2.98
C ARG P 114 45.34 16.43 -2.41
N GLN P 115 45.42 15.43 -1.54
CA GLN P 115 44.24 14.84 -0.90
C GLN P 115 44.18 15.35 0.52
N TYR P 116 42.98 15.64 1.00
CA TYR P 116 42.82 16.13 2.36
C TYR P 116 42.44 14.98 3.29
N ALA P 117 42.65 15.20 4.58
CA ALA P 117 42.18 14.26 5.59
C ALA P 117 40.73 14.59 5.90
N ARG P 118 40.17 13.89 6.90
CA ARG P 118 38.76 14.09 7.26
C ARG P 118 38.54 15.47 7.84
N ASP P 119 39.49 15.95 8.63
CA ASP P 119 39.60 17.38 8.85
C ASP P 119 39.98 18.01 7.52
N ALA P 120 39.10 18.88 7.01
CA ALA P 120 39.24 19.35 5.63
C ALA P 120 40.41 20.32 5.49
N LYS P 121 40.82 20.95 6.59
CA LYS P 121 41.92 21.92 6.53
C LYS P 121 43.27 21.23 6.58
N THR P 122 43.32 19.91 6.72
CA THR P 122 44.60 19.22 6.81
C THR P 122 45.01 18.69 5.43
N VAL P 123 46.27 18.90 5.08
CA VAL P 123 46.80 18.38 3.82
C VAL P 123 47.66 17.17 4.14
N THR P 124 47.15 15.97 3.83
CA THR P 124 47.82 14.78 4.31
C THR P 124 48.78 14.20 3.29
N LYS P 125 48.60 14.51 2.01
CA LYS P 125 49.45 13.96 0.95
C LYS P 125 49.41 14.87 -0.26
N GLU P 126 50.60 15.21 -0.77
CA GLU P 126 50.74 16.02 -1.97
C GLU P 126 51.43 15.18 -3.05
N ILE P 127 50.85 15.15 -4.23
CA ILE P 127 51.39 14.41 -5.37
C ILE P 127 51.65 15.40 -6.49
N GLU P 128 52.88 15.40 -7.00
CA GLU P 128 53.29 16.34 -8.01
C GLU P 128 53.43 15.64 -9.35
N ILE P 129 52.92 16.28 -10.39
CA ILE P 129 53.08 15.81 -11.76
C ILE P 129 53.87 16.88 -12.50
N LYS P 130 54.82 16.43 -13.31
CA LYS P 130 55.71 17.33 -14.03
C LYS P 130 55.52 17.17 -15.54
N GLY P 131 55.72 18.28 -16.25
CA GLY P 131 55.71 18.27 -17.70
C GLY P 131 54.34 18.01 -18.30
N LEU P 132 53.41 18.93 -18.12
CA LEU P 132 52.03 18.69 -18.51
C LEU P 132 51.65 19.57 -19.68
N TRP P 133 50.95 18.99 -20.66
CA TRP P 133 50.29 19.74 -21.70
C TRP P 133 49.08 18.93 -22.13
N PRO P 134 47.94 19.57 -22.38
CA PRO P 134 46.71 18.82 -22.63
C PRO P 134 46.72 18.15 -24.00
N THR P 135 46.46 16.84 -24.00
CA THR P 135 46.41 16.09 -25.24
C THR P 135 45.18 16.46 -26.05
N ASN P 136 44.00 16.27 -25.47
CA ASN P 136 42.78 16.75 -26.11
C ASN P 136 41.92 17.49 -25.11
N VAL P 137 41.23 18.52 -25.60
CA VAL P 137 40.38 19.37 -24.80
C VAL P 137 39.02 19.43 -25.46
N GLY P 138 37.98 19.08 -24.72
CA GLY P 138 36.64 19.37 -25.19
C GLY P 138 35.78 18.13 -25.15
N GLU P 139 35.17 17.86 -26.31
CA GLU P 139 33.97 17.04 -26.43
C GLU P 139 32.94 17.50 -25.40
N LEU P 140 32.47 18.73 -25.57
CA LEU P 140 31.49 19.26 -24.65
C LEU P 140 30.11 18.84 -25.11
N GLN P 141 29.28 18.41 -24.18
CA GLN P 141 27.95 17.92 -24.49
C GLN P 141 26.93 18.97 -24.08
N LEU P 142 26.13 19.43 -25.04
CA LEU P 142 25.09 20.41 -24.77
C LEU P 142 23.86 20.11 -25.61
N ASP P 143 22.70 20.11 -24.97
CA ASP P 143 21.47 19.66 -25.60
C ASP P 143 20.27 20.30 -24.91
N TRP P 144 19.16 20.39 -25.63
CA TRP P 144 17.93 20.89 -25.02
C TRP P 144 17.25 19.82 -24.20
N ASP P 145 17.66 18.57 -24.36
CA ASP P 145 16.92 17.49 -23.70
C ASP P 145 17.42 17.24 -22.28
N SER P 146 18.73 17.31 -22.05
CA SER P 146 19.23 17.15 -20.69
C SER P 146 18.90 18.40 -19.90
N ASN P 147 18.17 18.22 -18.81
CA ASN P 147 17.57 19.35 -18.11
C ASN P 147 18.29 19.69 -16.81
N ASN P 148 18.41 18.74 -15.89
CA ASN P 148 18.91 19.08 -14.57
C ASN P 148 20.41 18.87 -14.43
N GLU P 149 21.10 18.60 -15.52
CA GLU P 149 22.52 18.30 -15.42
C GLU P 149 23.34 19.58 -15.34
N ILE P 150 24.60 19.44 -15.01
CA ILE P 150 25.53 20.55 -15.07
C ILE P 150 26.39 20.41 -16.33
N GLN P 151 26.86 21.55 -16.84
CA GLN P 151 27.67 21.55 -18.05
C GLN P 151 29.12 21.26 -17.67
N THR P 152 29.63 20.11 -18.12
CA THR P 152 30.98 19.68 -17.79
C THR P 152 31.63 19.04 -19.01
N PHE P 153 32.95 18.86 -18.92
CA PHE P 153 33.73 18.31 -20.01
C PHE P 153 35.01 17.72 -19.46
N GLU P 154 35.61 16.82 -20.22
CA GLU P 154 36.79 16.09 -19.79
C GLU P 154 37.96 16.41 -20.70
N VAL P 155 39.13 16.61 -20.10
CA VAL P 155 40.37 16.86 -20.83
C VAL P 155 41.38 15.81 -20.40
N THR P 156 42.33 15.50 -21.27
CA THR P 156 43.42 14.57 -20.97
C THR P 156 44.73 15.33 -21.13
N LEU P 157 45.66 15.08 -20.23
CA LEU P 157 46.88 15.87 -20.14
C LEU P 157 48.08 14.95 -20.16
N ALA P 158 48.91 15.06 -21.19
CA ALA P 158 50.11 14.24 -21.31
C ALA P 158 51.12 14.64 -20.25
N LEU P 159 51.88 13.67 -19.74
CA LEU P 159 52.82 13.94 -18.67
C LEU P 159 54.11 13.19 -18.91
N ASP P 160 55.21 13.76 -18.43
CA ASP P 160 56.49 13.07 -18.53
C ASP P 160 56.71 12.13 -17.36
N TYR P 161 56.53 12.62 -16.13
CA TYR P 161 56.69 11.79 -14.95
C TYR P 161 55.93 12.39 -13.77
N TRP P 162 55.56 11.57 -12.81
CA TRP P 162 54.95 12.05 -11.58
C TRP P 162 55.70 11.46 -10.39
N GLU P 163 56.01 12.31 -9.42
CA GLU P 163 56.76 11.88 -8.26
C GLU P 163 55.86 11.14 -7.28
N MET Q 1 13.79 7.00 42.42
CA MET Q 1 12.88 6.54 41.39
C MET Q 1 11.46 6.97 41.72
N PHE Q 2 11.03 8.05 41.09
CA PHE Q 2 9.76 8.67 41.39
C PHE Q 2 9.13 9.14 40.10
N VAL Q 3 7.84 9.48 40.18
CA VAL Q 3 7.13 9.92 38.98
C VAL Q 3 7.32 11.42 38.79
N ASP Q 4 7.72 12.12 39.85
CA ASP Q 4 8.08 13.52 39.73
C ASP Q 4 9.51 13.71 39.28
N ASP Q 5 10.23 12.63 39.02
CA ASP Q 5 11.65 12.74 38.70
C ASP Q 5 11.84 13.23 37.26
N VAL Q 6 10.84 13.03 36.40
CA VAL Q 6 10.96 13.47 35.02
C VAL Q 6 10.85 14.98 34.93
N THR Q 7 10.14 15.62 35.87
CA THR Q 7 10.08 17.07 35.89
C THR Q 7 11.39 17.66 36.34
N ARG Q 8 12.17 16.90 37.12
CA ARG Q 8 13.49 17.36 37.51
C ARG Q 8 14.45 17.33 36.32
N ALA Q 9 14.20 16.42 35.37
CA ALA Q 9 15.10 16.25 34.24
C ALA Q 9 15.04 17.44 33.28
N PHE Q 10 13.90 18.12 33.24
CA PHE Q 10 13.75 19.25 32.32
C PHE Q 10 13.90 20.56 33.07
N GLU Q 11 14.35 21.58 32.34
CA GLU Q 11 14.34 22.92 32.89
C GLU Q 11 12.90 23.43 32.97
N SER Q 12 12.61 24.16 34.06
CA SER Q 12 11.30 24.78 34.34
C SER Q 12 10.18 23.75 34.58
N GLY Q 13 10.52 22.47 34.61
CA GLY Q 13 9.54 21.44 34.93
C GLY Q 13 8.44 21.25 33.90
N ASP Q 14 8.68 21.69 32.67
CA ASP Q 14 7.62 21.76 31.69
C ASP Q 14 8.06 21.04 30.42
N PHE Q 15 7.08 20.76 29.56
CA PHE Q 15 7.32 20.08 28.30
C PHE Q 15 7.16 21.06 27.17
N ALA Q 16 7.95 20.88 26.12
CA ALA Q 16 7.74 21.67 24.91
C ALA Q 16 6.54 21.13 24.15
N ARG Q 17 5.79 22.01 23.51
CA ARG Q 17 4.58 21.62 22.82
C ARG Q 17 4.78 21.66 21.30
N PRO Q 18 4.02 20.87 20.53
CA PRO Q 18 4.15 20.94 19.08
C PRO Q 18 3.59 22.21 18.48
N ASN Q 19 2.67 22.87 19.15
CA ASN Q 19 2.31 24.23 18.79
C ASN Q 19 3.24 25.18 19.55
N LEU Q 20 2.87 26.47 19.62
CA LEU Q 20 3.63 27.52 20.33
C LEU Q 20 4.98 27.74 19.67
N PHE Q 21 4.98 27.77 18.34
CA PHE Q 21 6.13 28.21 17.56
C PHE Q 21 5.65 29.33 16.66
N GLN Q 22 6.60 29.93 15.94
CA GLN Q 22 6.30 30.99 15.00
C GLN Q 22 7.49 31.16 14.08
N VAL Q 23 7.25 31.09 12.77
CA VAL Q 23 8.32 31.11 11.78
C VAL Q 23 8.17 32.33 10.90
N GLU Q 24 9.26 33.08 10.74
CA GLU Q 24 9.25 34.29 9.93
C GLU Q 24 10.30 34.20 8.84
N ILE Q 25 9.98 34.79 7.70
CA ILE Q 25 10.92 34.94 6.59
C ILE Q 25 11.01 36.42 6.28
N SER Q 26 12.24 36.95 6.27
CA SER Q 26 12.44 38.38 6.07
C SER Q 26 12.09 38.79 4.66
N TYR Q 27 12.17 37.86 3.71
CA TYR Q 27 11.79 38.17 2.34
C TYR Q 27 10.28 38.31 2.20
N LEU Q 28 9.52 37.51 2.95
CA LEU Q 28 8.08 37.53 2.79
C LEU Q 28 7.46 38.73 3.49
N GLY Q 29 7.82 38.96 4.75
CA GLY Q 29 7.31 40.09 5.49
C GLY Q 29 6.74 39.69 6.84
N GLN Q 30 6.35 40.72 7.59
CA GLN Q 30 5.91 40.53 8.97
C GLN Q 30 4.50 39.95 9.04
N ASN Q 31 3.77 40.00 7.94
CA ASN Q 31 2.41 39.46 7.95
C ASN Q 31 2.40 37.97 7.62
N PHE Q 32 3.47 37.47 6.99
CA PHE Q 32 3.53 36.06 6.65
C PHE Q 32 3.71 35.19 7.88
N THR Q 33 4.30 35.74 8.93
CA THR Q 33 4.65 34.92 10.08
C THR Q 33 3.42 34.55 10.91
N PHE Q 34 2.27 35.16 10.61
CA PHE Q 34 1.02 34.73 11.20
C PHE Q 34 0.32 33.72 10.32
N GLN Q 35 0.81 33.56 9.09
CA GLN Q 35 0.08 32.79 8.10
C GLN Q 35 0.49 31.32 8.11
N CYS Q 36 1.70 31.02 8.54
CA CYS Q 36 2.19 29.65 8.44
C CYS Q 36 1.59 28.78 9.51
N LYS Q 37 0.75 27.83 9.09
CA LYS Q 37 0.06 26.96 10.03
C LYS Q 37 0.95 25.83 10.54
N ALA Q 38 1.54 25.05 9.63
CA ALA Q 38 2.25 23.86 10.03
C ALA Q 38 3.50 23.68 9.18
N THR Q 39 4.49 23.02 9.77
CA THR Q 39 5.75 22.72 9.11
C THR Q 39 6.45 21.59 9.85
N ALA Q 40 7.72 21.39 9.51
CA ALA Q 40 8.56 20.43 10.20
C ALA Q 40 9.95 21.04 10.33
N LEU Q 41 10.68 20.65 11.36
CA LEU Q 41 12.07 21.05 11.44
C LEU Q 41 12.91 20.13 10.56
N PRO Q 42 13.92 20.67 9.88
CA PRO Q 42 14.70 19.84 8.96
C PRO Q 42 15.61 18.88 9.73
N ALA Q 43 15.70 17.66 9.23
CA ALA Q 43 16.50 16.64 9.88
C ALA Q 43 17.96 16.77 9.51
N GLY Q 44 18.81 16.08 10.26
CA GLY Q 44 20.22 15.97 9.92
C GLY Q 44 20.51 14.58 9.41
N ILE Q 45 20.59 14.46 8.09
CA ILE Q 45 20.67 13.16 7.43
C ILE Q 45 22.13 12.89 7.10
N VAL Q 46 22.66 11.80 7.64
CA VAL Q 46 24.02 11.36 7.32
C VAL Q 46 23.96 9.90 6.89
N GLU Q 47 24.41 9.63 5.67
CA GLU Q 47 24.43 8.28 5.16
C GLU Q 47 25.52 7.48 5.85
N LYS Q 48 25.39 6.15 5.82
CA LYS Q 48 26.31 5.25 6.50
C LYS Q 48 27.16 4.51 5.47
N ILE Q 49 28.43 4.30 5.79
CA ILE Q 49 29.33 3.52 4.94
C ILE Q 49 29.61 2.20 5.65
N PRO Q 50 28.98 1.11 5.29
CA PRO Q 50 29.42 -0.20 5.77
C PRO Q 50 30.61 -0.69 4.97
N VAL Q 51 31.66 -1.12 5.68
CA VAL Q 51 32.91 -1.55 5.04
C VAL Q 51 33.25 -2.96 5.54
N GLY Q 52 33.56 -3.84 4.59
CA GLY Q 52 33.82 -5.23 4.88
C GLY Q 52 35.26 -5.46 5.28
N PHE Q 53 35.45 -5.97 6.49
CA PHE Q 53 36.72 -6.51 6.93
C PHE Q 53 36.47 -7.88 7.55
N MET Q 54 36.76 -8.94 6.80
CA MET Q 54 36.83 -10.32 7.30
C MET Q 54 35.49 -10.75 7.90
N ASN Q 55 34.48 -10.92 7.02
CA ASN Q 55 33.17 -11.48 7.34
C ASN Q 55 32.31 -10.50 8.15
N ARG Q 56 32.81 -9.33 8.52
CA ARG Q 56 32.06 -8.45 9.39
C ARG Q 56 32.09 -7.04 8.84
N LYS Q 57 31.26 -6.19 9.42
CA LYS Q 57 31.14 -4.80 8.98
C LYS Q 57 31.33 -3.89 10.18
N ILE Q 58 32.22 -2.91 10.04
CA ILE Q 58 32.26 -1.77 10.95
C ILE Q 58 31.69 -0.60 10.16
N ASN Q 59 31.19 0.40 10.87
CA ASN Q 59 30.55 1.52 10.18
C ASN Q 59 31.30 2.81 10.45
N VAL Q 60 31.50 3.60 9.41
CA VAL Q 60 32.16 4.89 9.51
C VAL Q 60 31.18 5.93 8.97
N ALA Q 61 31.39 7.18 9.38
CA ALA Q 61 30.46 8.23 9.00
C ALA Q 61 30.62 8.58 7.53
N GLY Q 62 29.48 8.65 6.84
CA GLY Q 62 29.45 8.93 5.43
C GLY Q 62 29.46 10.42 5.15
N ASP Q 63 28.51 10.86 4.33
CA ASP Q 63 28.43 12.23 3.91
C ASP Q 63 27.07 12.82 4.23
N ARG Q 64 27.07 14.11 4.57
CA ARG Q 64 25.85 14.77 4.97
C ARG Q 64 25.01 15.16 3.76
N THR Q 65 23.71 14.86 3.82
CA THR Q 65 22.74 15.38 2.88
C THR Q 65 21.70 16.13 3.68
N PHE Q 66 20.87 16.91 3.00
CA PHE Q 66 19.84 17.71 3.66
C PHE Q 66 18.48 17.35 3.11
N ASP Q 67 17.56 17.03 4.02
CA ASP Q 67 16.19 16.73 3.63
C ASP Q 67 15.46 18.02 3.29
N ASP Q 68 14.42 17.90 2.48
CA ASP Q 68 13.69 19.07 2.03
C ASP Q 68 12.80 19.60 3.15
N TRP Q 69 12.50 20.89 3.11
CA TRP Q 69 11.79 21.55 4.19
C TRP Q 69 10.35 21.83 3.77
N THR Q 70 9.41 21.16 4.43
CA THR Q 70 8.02 21.20 4.04
C THR Q 70 7.24 22.14 4.94
N VAL Q 71 6.58 23.11 4.33
CA VAL Q 71 5.83 24.15 5.03
C VAL Q 71 4.45 24.25 4.41
N THR Q 72 3.41 24.17 5.23
CA THR Q 72 2.06 24.40 4.75
C THR Q 72 1.44 25.59 5.47
N VAL Q 73 0.89 26.51 4.68
CA VAL Q 73 0.41 27.80 5.17
C VAL Q 73 -1.07 27.93 4.86
N MET Q 74 -1.69 28.93 5.47
CA MET Q 74 -3.07 29.27 5.16
C MET Q 74 -3.11 30.21 3.95
N ASN Q 75 -4.31 30.63 3.59
CA ASN Q 75 -4.51 31.45 2.40
C ASN Q 75 -5.65 32.43 2.66
N ASP Q 76 -5.42 33.69 2.33
CA ASP Q 76 -6.51 34.65 2.37
C ASP Q 76 -7.16 34.78 1.00
N GLU Q 77 -8.11 35.71 0.92
CA GLU Q 77 -8.96 35.82 -0.26
C GLU Q 77 -8.18 36.37 -1.46
N ALA Q 78 -7.28 37.32 -1.22
CA ALA Q 78 -6.60 37.99 -2.32
C ALA Q 78 -5.45 37.18 -2.89
N HIS Q 79 -5.16 36.01 -2.29
CA HIS Q 79 -4.12 35.07 -2.70
C HIS Q 79 -2.72 35.67 -2.72
N ASP Q 80 -2.45 36.71 -1.94
CA ASP Q 80 -1.08 37.23 -1.90
C ASP Q 80 -0.16 36.31 -1.13
N ALA Q 81 -0.72 35.50 -0.22
CA ALA Q 81 0.09 34.56 0.52
C ALA Q 81 0.63 33.46 -0.38
N ARG Q 82 -0.07 33.17 -1.48
CA ARG Q 82 0.42 32.19 -2.43
C ARG Q 82 1.18 32.85 -3.57
N GLN Q 83 0.76 34.05 -3.99
CA GLN Q 83 1.43 34.76 -5.07
C GLN Q 83 2.85 35.15 -4.69
N LYS Q 84 3.08 35.43 -3.40
CA LYS Q 84 4.40 35.82 -2.98
C LYS Q 84 5.35 34.63 -2.88
N PHE Q 85 4.80 33.41 -2.90
CA PHE Q 85 5.66 32.26 -3.16
C PHE Q 85 5.96 32.12 -4.64
N VAL Q 86 4.96 32.37 -5.49
CA VAL Q 86 5.14 32.18 -6.92
C VAL Q 86 6.06 33.25 -7.49
N ASP Q 87 5.94 34.49 -7.00
CA ASP Q 87 6.85 35.54 -7.43
C ASP Q 87 8.26 35.27 -6.95
N TRP Q 88 8.40 34.69 -5.75
CA TRP Q 88 9.72 34.35 -5.24
C TRP Q 88 10.29 33.14 -5.96
N GLN Q 89 9.43 32.29 -6.50
CA GLN Q 89 9.91 31.13 -7.24
C GLN Q 89 10.12 31.48 -8.71
N SER Q 90 9.45 32.52 -9.20
CA SER Q 90 9.64 32.93 -10.59
C SER Q 90 10.94 33.69 -10.78
N ILE Q 91 11.55 34.16 -9.69
CA ILE Q 91 12.87 34.73 -9.79
C ILE Q 91 13.88 33.64 -10.13
N ALA Q 92 13.70 32.46 -9.54
CA ALA Q 92 14.61 31.35 -9.81
C ALA Q 92 14.44 30.82 -11.22
N ALA Q 93 13.27 30.30 -11.53
CA ALA Q 93 13.07 29.57 -12.78
C ALA Q 93 12.27 30.31 -13.83
N GLY Q 94 11.34 31.18 -13.46
CA GLY Q 94 10.58 31.92 -14.43
C GLY Q 94 9.39 31.14 -14.95
N GLN Q 95 8.32 31.87 -15.24
CA GLN Q 95 7.05 31.26 -15.59
C GLN Q 95 6.36 32.15 -16.61
N GLY Q 96 5.66 31.52 -17.55
CA GLY Q 96 4.95 32.24 -18.58
C GLY Q 96 5.46 31.92 -19.96
N ASN Q 97 5.00 32.69 -20.93
CA ASN Q 97 5.47 32.52 -22.30
C ASN Q 97 6.92 32.99 -22.42
N GLU Q 98 7.26 34.10 -21.77
CA GLU Q 98 8.64 34.53 -21.74
C GLU Q 98 9.44 33.64 -20.80
N ILE Q 99 10.73 33.54 -21.08
CA ILE Q 99 11.65 32.72 -20.29
C ILE Q 99 12.68 33.62 -19.63
N THR Q 100 12.92 33.39 -18.35
CA THR Q 100 13.89 34.16 -17.59
C THR Q 100 14.52 33.28 -16.52
N GLY Q 101 15.56 33.81 -15.89
CA GLY Q 101 16.22 33.11 -14.82
C GLY Q 101 16.65 34.08 -13.74
N GLY Q 102 17.39 33.58 -12.79
CA GLY Q 102 17.94 34.40 -11.72
C GLY Q 102 19.24 33.85 -11.21
N LYS Q 103 20.12 34.75 -10.80
CA LYS Q 103 21.38 34.32 -10.21
C LYS Q 103 21.13 33.82 -8.79
N PRO Q 104 21.93 32.86 -8.31
CA PRO Q 104 21.64 32.25 -7.00
C PRO Q 104 21.76 33.20 -5.82
N ALA Q 105 22.45 34.33 -5.98
CA ALA Q 105 22.44 35.31 -4.90
C ALA Q 105 21.14 36.11 -4.89
N GLU Q 106 20.32 35.96 -5.93
CA GLU Q 106 19.15 36.82 -6.07
C GLU Q 106 17.89 36.16 -5.52
N TYR Q 107 17.75 34.85 -5.67
CA TYR Q 107 16.53 34.19 -5.23
C TYR Q 107 16.68 33.37 -3.95
N LYS Q 108 17.90 32.99 -3.58
CA LYS Q 108 18.12 32.19 -2.39
C LYS Q 108 18.11 33.09 -1.18
N LYS Q 109 17.20 32.84 -0.24
CA LYS Q 109 17.03 33.67 0.94
C LYS Q 109 17.20 32.82 2.19
N SER Q 110 16.99 33.47 3.34
CA SER Q 110 17.16 32.84 4.64
C SER Q 110 15.86 32.92 5.42
N ALA Q 111 15.74 32.12 6.47
CA ALA Q 111 14.54 32.06 7.28
C ALA Q 111 14.90 31.73 8.73
N ILE Q 112 14.08 32.23 9.65
CA ILE Q 112 14.25 31.99 11.07
C ILE Q 112 12.95 31.40 11.60
N VAL Q 113 13.03 30.18 12.12
CA VAL Q 113 11.93 29.54 12.84
C VAL Q 113 12.31 29.53 14.31
N ARG Q 114 11.35 29.87 15.17
CA ARG Q 114 11.58 29.93 16.60
C ARG Q 114 10.41 29.35 17.36
N GLN Q 115 10.71 28.62 18.43
CA GLN Q 115 9.69 28.00 19.26
C GLN Q 115 9.55 28.81 20.53
N TYR Q 116 8.31 28.97 21.00
CA TYR Q 116 8.09 29.72 22.22
C TYR Q 116 7.97 28.80 23.42
N ALA Q 117 8.15 29.37 24.60
CA ALA Q 117 7.90 28.62 25.83
C ALA Q 117 6.42 28.72 26.16
N ARG Q 118 6.05 28.19 27.33
CA ARG Q 118 4.63 28.18 27.72
C ARG Q 118 4.14 29.59 27.98
N ASP Q 119 4.97 30.43 28.57
CA ASP Q 119 4.78 31.87 28.43
C ASP Q 119 5.00 32.22 26.97
N ALA Q 120 3.95 32.73 26.33
CA ALA Q 120 3.97 32.87 24.87
C ALA Q 120 4.90 34.00 24.42
N LYS Q 121 5.19 34.95 25.32
CA LYS Q 121 6.06 36.06 24.96
C LYS Q 121 7.54 35.70 25.08
N THR Q 122 7.86 34.48 25.52
CA THR Q 122 9.25 34.10 25.68
C THR Q 122 9.73 33.35 24.44
N VAL Q 123 10.92 33.70 23.97
CA VAL Q 123 11.54 33.02 22.84
C VAL Q 123 12.63 32.11 23.37
N THR Q 124 12.38 30.81 23.38
CA THR Q 124 13.29 29.91 24.09
C THR Q 124 14.34 29.32 23.17
N LYS Q 125 14.08 29.27 21.87
CA LYS Q 125 15.00 28.65 20.92
C LYS Q 125 14.76 29.21 19.53
N GLU Q 126 15.83 29.64 18.88
CA GLU Q 126 15.78 30.15 17.51
C GLU Q 126 16.61 29.22 16.63
N ILE Q 127 16.02 28.79 15.51
CA ILE Q 127 16.69 27.92 14.55
C ILE Q 127 16.72 28.63 13.22
N GLU Q 128 17.91 28.75 12.64
CA GLU Q 128 18.10 29.48 11.40
C GLU Q 128 18.37 28.51 10.27
N ILE Q 129 17.72 28.77 9.13
CA ILE Q 129 17.95 28.02 7.92
C ILE Q 129 18.48 29.01 6.89
N LYS Q 130 19.49 28.58 6.14
CA LYS Q 130 20.15 29.43 5.17
C LYS Q 130 19.98 28.87 3.77
N GLY Q 131 19.94 29.79 2.80
CA GLY Q 131 19.90 29.42 1.40
C GLY Q 131 18.61 28.75 0.98
N LEU Q 132 17.51 29.49 0.99
CA LEU Q 132 16.20 28.89 0.76
C LEU Q 132 15.63 29.37 -0.56
N TRP Q 133 15.05 28.44 -1.32
CA TRP Q 133 14.23 28.76 -2.46
C TRP Q 133 13.20 27.65 -2.61
N PRO Q 134 11.96 27.96 -2.92
CA PRO Q 134 10.90 26.94 -2.90
C PRO Q 134 11.03 25.97 -4.07
N THR Q 135 11.05 24.68 -3.74
CA THR Q 135 11.14 23.65 -4.77
C THR Q 135 9.85 23.56 -5.56
N ASN Q 136 8.74 23.29 -4.88
CA ASN Q 136 7.45 23.35 -5.53
C ASN Q 136 6.46 24.13 -4.68
N VAL Q 137 5.56 24.84 -5.34
CA VAL Q 137 4.56 25.66 -4.70
C VAL Q 137 3.21 25.29 -5.28
N GLY Q 138 2.28 24.94 -4.41
CA GLY Q 138 0.90 24.84 -4.83
C GLY Q 138 0.31 23.49 -4.45
N GLU Q 139 -0.24 22.83 -5.47
CA GLU Q 139 -1.24 21.78 -5.31
C GLU Q 139 -2.33 22.27 -4.35
N LEU Q 140 -3.05 23.29 -4.77
CA LEU Q 140 -4.10 23.83 -3.93
C LEU Q 140 -5.37 23.05 -4.20
N GLN Q 141 -6.08 22.71 -3.13
CA GLN Q 141 -7.28 21.89 -3.24
C GLN Q 141 -8.48 22.79 -3.02
N LEU Q 142 -9.38 22.83 -4.00
CA LEU Q 142 -10.60 23.61 -3.90
C LEU Q 142 -11.76 22.88 -4.56
N ASP Q 143 -12.88 22.80 -3.86
CA ASP Q 143 -14.01 21.97 -4.28
C ASP Q 143 -15.29 22.52 -3.68
N TRP Q 144 -16.41 22.20 -4.32
CA TRP Q 144 -17.71 22.58 -3.78
C TRP Q 144 -18.14 21.62 -2.68
N ASP Q 145 -17.48 20.48 -2.57
CA ASP Q 145 -17.95 19.48 -1.63
C ASP Q 145 -17.39 19.69 -0.23
N SER Q 146 -16.12 20.06 -0.10
CA SER Q 146 -15.57 20.36 1.22
C SER Q 146 -16.15 21.67 1.72
N ASN Q 147 -16.81 21.62 2.87
CA ASN Q 147 -17.62 22.73 3.32
C ASN Q 147 -16.97 23.52 4.46
N ASN Q 148 -16.63 22.88 5.55
CA ASN Q 148 -16.20 23.61 6.72
C ASN Q 148 -14.69 23.76 6.81
N GLU Q 149 -13.97 23.37 5.77
CA GLU Q 149 -12.51 23.39 5.84
C GLU Q 149 -11.99 24.78 5.55
N ILE Q 150 -10.72 24.98 5.82
CA ILE Q 150 -10.04 26.21 5.44
C ILE Q 150 -9.20 25.94 4.19
N GLN Q 151 -8.98 26.98 3.40
CA GLN Q 151 -8.20 26.85 2.18
C GLN Q 151 -6.72 26.96 2.51
N THR Q 152 -5.99 25.86 2.31
CA THR Q 152 -4.58 25.81 2.64
C THR Q 152 -3.82 25.03 1.57
N PHE Q 153 -2.49 25.15 1.62
CA PHE Q 153 -1.64 24.51 0.63
C PHE Q 153 -0.25 24.35 1.22
N GLU Q 154 0.51 23.43 0.65
CA GLU Q 154 1.82 23.06 1.16
C GLU Q 154 2.88 23.38 0.12
N VAL Q 155 4.00 23.95 0.57
CA VAL Q 155 5.15 24.25 -0.27
C VAL Q 155 6.37 23.57 0.33
N THR Q 156 7.34 23.25 -0.52
CA THR Q 156 8.60 22.66 -0.07
C THR Q 156 9.72 23.59 -0.49
N LEU Q 157 10.70 23.76 0.38
CA LEU Q 157 11.73 24.78 0.19
C LEU Q 157 13.11 24.14 0.31
N ALA Q 158 13.87 24.17 -0.78
CA ALA Q 158 15.21 23.60 -0.77
C ALA Q 158 16.13 24.44 0.09
N LEU Q 159 17.08 23.79 0.76
CA LEU Q 159 17.97 24.50 1.68
C LEU Q 159 19.38 23.99 1.53
N ASP Q 160 20.35 24.88 1.78
CA ASP Q 160 21.75 24.44 1.77
C ASP Q 160 22.17 23.88 3.11
N TYR Q 161 21.91 24.61 4.20
CA TYR Q 161 22.27 24.14 5.53
C TYR Q 161 21.43 24.85 6.57
N TRP Q 162 21.25 24.23 7.73
CA TRP Q 162 20.57 24.87 8.85
C TRP Q 162 21.44 24.75 10.09
N GLU Q 163 21.58 25.86 10.82
CA GLU Q 163 22.43 25.87 11.99
C GLU Q 163 21.72 25.24 13.17
N MET R 1 -17.91 24.79 65.15
CA MET R 1 -18.71 23.91 64.31
C MET R 1 -20.18 24.11 64.63
N PHE R 2 -20.84 24.90 63.79
CA PHE R 2 -22.21 25.31 64.03
C PHE R 2 -22.94 25.32 62.70
N VAL R 3 -24.27 25.39 62.78
CA VAL R 3 -25.07 25.39 61.56
C VAL R 3 -25.21 26.80 61.02
N ASP R 4 -24.95 27.80 61.87
CA ASP R 4 -24.90 29.18 61.39
C ASP R 4 -23.55 29.55 60.82
N ASP R 5 -22.61 28.60 60.77
CA ASP R 5 -21.26 28.90 60.35
C ASP R 5 -21.18 29.07 58.84
N VAL R 6 -22.14 28.47 58.11
CA VAL R 6 -22.13 28.59 56.66
C VAL R 6 -22.56 29.98 56.22
N THR R 7 -23.38 30.65 57.03
CA THR R 7 -23.74 32.03 56.71
C THR R 7 -22.57 32.97 56.94
N ARG R 8 -21.65 32.59 57.82
CA ARG R 8 -20.44 33.39 58.01
C ARG R 8 -19.52 33.26 56.81
N ALA R 9 -19.59 32.13 56.11
CA ALA R 9 -18.69 31.88 54.99
C ALA R 9 -19.00 32.76 53.80
N PHE R 10 -20.26 33.17 53.67
CA PHE R 10 -20.66 33.98 52.53
C PHE R 10 -20.78 35.45 52.93
N GLU R 11 -20.57 36.34 51.97
CA GLU R 11 -20.86 37.75 52.20
C GLU R 11 -22.36 37.95 52.25
N SER R 12 -22.79 38.84 53.15
CA SER R 12 -24.20 39.23 53.38
C SER R 12 -25.07 38.09 53.90
N GLY R 13 -24.47 36.94 54.21
CA GLY R 13 -25.21 35.85 54.82
C GLY R 13 -26.25 35.20 53.93
N ASP R 14 -26.12 35.36 52.62
CA ASP R 14 -27.20 34.98 51.72
C ASP R 14 -26.63 34.10 50.63
N PHE R 15 -27.53 33.42 49.91
CA PHE R 15 -27.18 32.52 48.83
C PHE R 15 -27.55 33.15 47.51
N ALA R 16 -26.76 32.90 46.49
CA ALA R 16 -27.15 33.31 45.15
C ALA R 16 -28.21 32.37 44.61
N ARG R 17 -29.14 32.91 43.83
CA ARG R 17 -30.24 32.12 43.33
C ARG R 17 -30.07 31.84 41.83
N PRO R 18 -30.66 30.75 41.32
CA PRO R 18 -30.56 30.49 39.87
C PRO R 18 -31.39 31.45 39.04
N ASN R 19 -32.42 32.05 39.60
CA ASN R 19 -33.07 33.18 38.95
C ASN R 19 -32.36 34.46 39.41
N LEU R 20 -32.99 35.61 39.22
CA LEU R 20 -32.45 36.93 39.61
C LEU R 20 -31.19 37.27 38.82
N PHE R 21 -31.22 36.97 37.53
CA PHE R 21 -30.19 37.43 36.61
C PHE R 21 -30.90 38.19 35.51
N GLN R 22 -30.11 38.78 34.61
CA GLN R 22 -30.65 39.50 33.47
C GLN R 22 -29.53 39.68 32.46
N VAL R 23 -29.77 39.26 31.22
CA VAL R 23 -28.73 39.25 30.19
C VAL R 23 -29.15 40.18 29.06
N GLU R 24 -28.25 41.07 28.66
CA GLU R 24 -28.52 42.03 27.60
C GLU R 24 -27.49 41.88 26.49
N ILE R 25 -27.94 42.12 25.27
CA ILE R 25 -27.08 42.18 24.10
C ILE R 25 -27.30 43.53 23.44
N SER R 26 -26.21 44.28 23.24
CA SER R 26 -26.32 45.63 22.71
C SER R 26 -26.76 45.62 21.26
N TYR R 27 -26.51 44.52 20.55
CA TYR R 27 -26.96 44.41 19.17
C TYR R 27 -28.46 44.19 19.09
N LEU R 28 -29.02 43.48 20.06
CA LEU R 28 -30.45 43.16 19.99
C LEU R 28 -31.29 44.33 20.43
N GLY R 29 -30.98 44.93 21.57
CA GLY R 29 -31.70 46.08 22.07
C GLY R 29 -32.16 45.91 23.51
N GLN R 30 -32.75 46.99 24.02
CA GLN R 30 -33.11 47.04 25.43
C GLN R 30 -34.36 46.22 25.72
N ASN R 31 -35.11 45.86 24.69
CA ASN R 31 -36.32 45.07 24.91
C ASN R 31 -36.03 43.58 24.93
N PHE R 32 -34.88 43.18 24.37
CA PHE R 32 -34.52 41.76 24.35
C PHE R 32 -34.15 41.27 25.74
N THR R 33 -33.68 42.16 26.61
CA THR R 33 -33.15 41.72 27.88
C THR R 33 -34.26 41.33 28.85
N PHE R 34 -35.52 41.61 28.49
CA PHE R 34 -36.64 41.08 29.25
C PHE R 34 -37.13 39.78 28.66
N GLN R 35 -36.62 39.42 27.48
CA GLN R 35 -37.18 38.30 26.73
C GLN R 35 -36.49 37.00 27.06
N CYS R 36 -35.23 37.06 27.47
CA CYS R 36 -34.46 35.84 27.66
C CYS R 36 -34.86 35.13 28.95
N LYS R 37 -35.48 33.97 28.80
CA LYS R 37 -35.95 33.22 29.96
C LYS R 37 -34.84 32.46 30.66
N ALA R 38 -34.11 31.62 29.92
CA ALA R 38 -33.16 30.72 30.54
C ALA R 38 -31.91 30.60 29.68
N THR R 39 -30.79 30.32 30.35
CA THR R 39 -29.51 30.13 29.69
C THR R 39 -28.58 29.38 30.62
N ALA R 40 -27.30 29.37 30.26
CA ALA R 40 -26.27 28.79 31.10
C ALA R 40 -25.04 29.67 30.99
N LEU R 41 -24.23 29.69 32.04
CA LEU R 41 -22.95 30.37 31.94
C LEU R 41 -21.94 29.46 31.24
N PRO R 42 -21.08 30.02 30.39
CA PRO R 42 -20.15 29.17 29.66
C PRO R 42 -19.06 28.63 30.56
N ALA R 43 -18.71 27.37 30.35
CA ALA R 43 -17.72 26.71 31.17
C ALA R 43 -16.32 27.05 30.68
N GLY R 44 -15.33 26.74 31.51
CA GLY R 44 -13.94 26.84 31.13
C GLY R 44 -13.36 25.46 30.93
N ILE R 45 -13.28 25.04 29.68
CA ILE R 45 -12.93 23.67 29.32
C ILE R 45 -11.46 23.62 28.98
N VAL R 46 -10.69 22.82 29.71
CA VAL R 46 -9.28 22.61 29.43
C VAL R 46 -9.04 21.12 29.34
N GLU R 47 -8.55 20.66 28.20
CA GLU R 47 -8.25 19.24 28.02
C GLU R 47 -7.00 18.87 28.81
N LYS R 48 -6.86 17.58 29.08
CA LYS R 48 -5.76 17.07 29.90
C LYS R 48 -4.79 16.30 29.01
N ILE R 49 -3.49 16.43 29.29
CA ILE R 49 -2.47 15.66 28.59
C ILE R 49 -1.90 14.64 29.58
N PRO R 50 -2.30 13.38 29.51
CA PRO R 50 -1.58 12.35 30.24
C PRO R 50 -0.31 11.94 29.52
N VAL R 51 0.81 11.90 30.23
CA VAL R 51 2.11 11.60 29.65
C VAL R 51 2.74 10.45 30.42
N GLY R 52 3.22 9.45 29.69
CA GLY R 52 3.77 8.26 30.28
C GLY R 52 5.23 8.42 30.62
N PHE R 53 5.54 8.25 31.90
CA PHE R 53 6.90 8.10 32.39
C PHE R 53 6.96 6.91 33.32
N MET R 54 7.46 5.78 32.80
CA MET R 54 7.82 4.61 33.60
C MET R 54 6.61 4.06 34.37
N ASN R 55 5.66 3.50 33.62
CA ASN R 55 4.48 2.77 34.14
C ASN R 55 3.45 3.72 34.76
N ARG R 56 3.71 5.01 34.81
CA ARG R 56 2.79 5.90 35.51
C ARG R 56 2.52 7.13 34.65
N LYS R 57 1.53 7.91 35.05
CA LYS R 57 1.11 9.09 34.32
C LYS R 57 1.12 10.29 35.26
N ILE R 58 1.78 11.36 34.85
CA ILE R 58 1.60 12.67 35.46
C ILE R 58 0.78 13.48 34.47
N ASN R 59 0.09 14.50 34.95
CA ASN R 59 -0.78 15.27 34.07
C ASN R 59 -0.32 16.71 33.99
N VAL R 60 -0.30 17.25 32.78
CA VAL R 60 0.08 18.64 32.55
C VAL R 60 -1.11 19.30 31.84
N ALA R 61 -1.16 20.62 31.93
CA ALA R 61 -2.30 21.35 31.38
C ALA R 61 -2.24 21.35 29.86
N GLY R 62 -3.37 21.02 29.24
CA GLY R 62 -3.48 20.94 27.81
C GLY R 62 -3.79 22.29 27.19
N ASP R 63 -4.82 22.32 26.36
CA ASP R 63 -5.18 23.52 25.64
C ASP R 63 -6.64 23.87 25.90
N ARG R 64 -6.91 25.17 25.93
CA ARG R 64 -8.25 25.66 26.25
C ARG R 64 -9.16 25.56 25.04
N THR R 65 -10.36 25.03 25.25
CA THR R 65 -11.44 25.11 24.28
C THR R 65 -12.61 25.79 24.94
N PHE R 66 -13.59 26.22 24.15
CA PHE R 66 -14.75 26.92 24.66
C PHE R 66 -16.01 26.17 24.30
N ASP R 67 -16.84 25.89 25.32
CA ASP R 67 -18.11 25.24 25.10
C ASP R 67 -19.10 26.25 24.51
N ASP R 68 -20.11 25.72 23.82
CA ASP R 68 -21.07 26.58 23.16
C ASP R 68 -22.03 27.18 24.18
N TRP R 69 -22.60 28.33 23.85
CA TRP R 69 -23.42 29.07 24.80
C TRP R 69 -24.89 28.94 24.43
N THR R 70 -25.66 28.28 25.28
CA THR R 70 -27.04 27.92 24.97
C THR R 70 -27.98 28.88 25.69
N VAL R 71 -28.84 29.54 24.91
CA VAL R 71 -29.79 30.53 25.40
C VAL R 71 -31.16 30.19 24.85
N THR R 72 -32.16 30.11 25.73
CA THR R 72 -33.53 29.94 25.29
C THR R 72 -34.37 31.12 25.76
N VAL R 73 -35.13 31.69 24.83
CA VAL R 73 -35.84 32.93 25.03
C VAL R 73 -37.33 32.69 24.78
N MET R 74 -38.14 33.66 25.18
CA MET R 74 -39.56 33.64 24.89
C MET R 74 -39.81 34.22 23.51
N ASN R 75 -41.08 34.29 23.14
CA ASN R 75 -41.47 34.75 21.81
C ASN R 75 -42.78 35.51 21.90
N ASP R 76 -42.84 36.67 21.28
CA ASP R 76 -44.10 37.38 21.16
C ASP R 76 -44.78 37.04 19.84
N GLU R 77 -45.91 37.71 19.61
CA GLU R 77 -46.78 37.37 18.48
C GLU R 77 -46.14 37.75 17.16
N ALA R 78 -45.46 38.89 17.11
CA ALA R 78 -44.96 39.41 15.84
C ALA R 78 -43.67 38.73 15.41
N HIS R 79 -43.12 37.83 16.24
CA HIS R 79 -41.91 37.04 15.98
C HIS R 79 -40.67 37.88 15.74
N ASP R 80 -40.62 39.12 16.25
CA ASP R 80 -39.40 39.90 16.07
C ASP R 80 -38.29 39.40 16.99
N ALA R 81 -38.66 38.74 18.09
CA ALA R 81 -37.65 38.18 18.98
C ALA R 81 -36.91 37.02 18.32
N ARG R 82 -37.54 36.35 17.36
CA ARG R 82 -36.86 35.30 16.63
C ARG R 82 -36.28 35.81 15.33
N GLN R 83 -36.95 36.75 14.67
CA GLN R 83 -36.46 37.31 13.41
C GLN R 83 -35.15 38.06 13.60
N LYS R 84 -34.97 38.67 14.77
CA LYS R 84 -33.75 39.41 15.01
C LYS R 84 -32.58 38.49 15.32
N PHE R 85 -32.85 37.22 15.62
CA PHE R 85 -31.78 36.24 15.58
C PHE R 85 -31.47 35.81 14.15
N VAL R 86 -32.51 35.65 13.33
CA VAL R 86 -32.31 35.17 11.98
C VAL R 86 -31.65 36.23 11.12
N ASP R 87 -32.02 37.50 11.32
CA ASP R 87 -31.36 38.58 10.61
C ASP R 87 -29.91 38.72 11.05
N TRP R 88 -29.65 38.49 12.33
CA TRP R 88 -28.27 38.55 12.82
C TRP R 88 -27.47 37.35 12.36
N GLN R 89 -28.14 36.24 12.09
CA GLN R 89 -27.44 35.06 11.61
C GLN R 89 -27.31 35.08 10.09
N SER R 90 -28.21 35.81 9.41
CA SER R 90 -28.12 35.91 7.96
C SER R 90 -27.01 36.85 7.52
N ILE R 91 -26.51 37.68 8.44
CA ILE R 91 -25.32 38.47 8.12
C ILE R 91 -24.12 37.55 7.98
N ALA R 92 -24.04 36.53 8.84
CA ALA R 92 -22.92 35.61 8.77
C ALA R 92 -22.99 34.73 7.54
N ALA R 93 -24.03 33.92 7.42
CA ALA R 93 -24.08 32.89 6.40
C ALA R 93 -25.04 33.18 5.24
N GLY R 94 -26.11 33.91 5.48
CA GLY R 94 -27.04 34.22 4.41
C GLY R 94 -28.04 33.11 4.15
N GLN R 95 -29.25 33.52 3.78
CA GLN R 95 -30.37 32.60 3.65
C GLN R 95 -31.25 33.07 2.50
N GLY R 96 -31.80 32.10 1.78
CA GLY R 96 -32.66 32.41 0.66
C GLY R 96 -32.10 31.87 -0.64
N ASN R 97 -32.75 32.28 -1.73
CA ASN R 97 -32.26 31.89 -3.05
C ASN R 97 -30.95 32.58 -3.37
N GLU R 98 -30.83 33.86 -3.01
CA GLU R 98 -29.57 34.56 -3.17
C GLU R 98 -28.60 34.11 -2.10
N ILE R 99 -27.31 34.20 -2.42
CA ILE R 99 -26.24 33.79 -1.54
C ILE R 99 -25.41 35.01 -1.17
N THR R 100 -25.10 35.16 0.12
CA THR R 100 -24.32 36.27 0.62
C THR R 100 -23.50 35.81 1.81
N GLY R 101 -22.58 36.67 2.24
CA GLY R 101 -21.79 36.40 3.41
C GLY R 101 -21.55 37.68 4.19
N GLY R 102 -20.70 37.57 5.20
CA GLY R 102 -20.34 38.72 6.00
C GLY R 102 -18.94 38.58 6.55
N LYS R 103 -18.26 39.71 6.69
CA LYS R 103 -16.94 39.70 7.27
C LYS R 103 -17.06 39.50 8.79
N PRO R 104 -16.07 38.88 9.42
CA PRO R 104 -16.20 38.55 10.85
C PRO R 104 -16.26 39.75 11.77
N ALA R 105 -15.84 40.94 11.32
CA ALA R 105 -16.04 42.12 12.13
C ALA R 105 -17.48 42.62 12.04
N GLU R 106 -18.26 42.06 11.11
CA GLU R 106 -19.59 42.61 10.85
C GLU R 106 -20.67 41.86 11.62
N TYR R 107 -20.54 40.54 11.79
CA TYR R 107 -21.58 39.78 12.44
C TYR R 107 -21.24 39.34 13.86
N LYS R 108 -19.97 39.31 14.23
CA LYS R 108 -19.58 38.87 15.57
C LYS R 108 -19.75 40.03 16.54
N LYS R 109 -20.57 39.82 17.55
CA LYS R 109 -20.89 40.86 18.52
C LYS R 109 -20.54 40.40 19.92
N SER R 110 -20.87 41.23 20.90
CA SER R 110 -20.56 40.98 22.30
C SER R 110 -21.84 40.97 23.11
N ALA R 111 -21.76 40.44 24.33
CA ALA R 111 -22.91 40.35 25.21
C ALA R 111 -22.47 40.45 26.66
N ILE R 112 -23.38 40.97 27.49
CA ILE R 112 -23.15 41.12 28.92
C ILE R 112 -24.27 40.43 29.65
N VAL R 113 -23.93 39.41 30.43
CA VAL R 113 -24.85 38.75 31.35
C VAL R 113 -24.48 39.16 32.76
N ARG R 114 -25.48 39.50 33.58
CA ARG R 114 -25.24 39.95 34.93
C ARG R 114 -26.25 39.34 35.88
N GLN R 115 -25.80 38.96 37.06
CA GLN R 115 -26.64 38.36 38.08
C GLN R 115 -26.94 39.41 39.13
N TYR R 116 -28.17 39.43 39.63
CA TYR R 116 -28.53 40.39 40.66
C TYR R 116 -28.44 39.77 42.04
N ALA R 117 -28.36 40.63 43.05
CA ALA R 117 -28.43 40.16 44.43
C ALA R 117 -29.90 40.03 44.82
N ARG R 118 -30.15 39.74 46.10
CA ARG R 118 -31.51 39.54 46.57
C ARG R 118 -32.30 40.84 46.53
N ASP R 119 -31.66 41.94 46.85
CA ASP R 119 -32.14 43.23 46.40
C ASP R 119 -32.02 43.26 44.89
N ALA R 120 -33.16 43.39 44.20
CA ALA R 120 -33.19 43.18 42.76
C ALA R 120 -32.52 44.33 42.01
N LYS R 121 -32.44 45.50 42.63
CA LYS R 121 -31.82 46.65 41.99
C LYS R 121 -30.31 46.63 42.09
N THR R 122 -29.72 45.65 42.78
CA THR R 122 -28.28 45.60 42.93
C THR R 122 -27.67 44.69 41.87
N VAL R 123 -26.58 45.16 41.26
CA VAL R 123 -25.85 44.36 40.27
C VAL R 123 -24.59 43.85 40.94
N THR R 124 -24.56 42.56 41.27
CA THR R 124 -23.47 42.07 42.11
C THR R 124 -22.33 41.49 41.28
N LYS R 125 -22.59 41.08 40.04
CA LYS R 125 -21.58 40.45 39.21
C LYS R 125 -21.94 40.60 37.74
N GLU R 126 -21.00 41.08 36.94
CA GLU R 126 -21.17 41.21 35.50
C GLU R 126 -20.17 40.29 34.80
N ILE R 127 -20.67 39.50 33.86
CA ILE R 127 -19.85 38.58 33.09
C ILE R 127 -19.99 38.94 31.62
N GLU R 128 -18.85 39.17 30.96
CA GLU R 128 -18.83 39.60 29.58
C GLU R 128 -18.39 38.46 28.68
N ILE R 129 -19.09 38.30 27.57
CA ILE R 129 -18.72 37.35 26.54
C ILE R 129 -18.42 38.15 25.28
N LYS R 130 -17.36 37.76 24.60
CA LYS R 130 -16.90 38.48 23.42
C LYS R 130 -16.97 37.58 22.19
N GLY R 131 -17.21 38.20 21.04
CA GLY R 131 -17.19 37.52 19.77
C GLY R 131 -18.32 36.52 19.59
N LEU R 132 -19.56 36.99 19.50
CA LEU R 132 -20.71 36.11 19.51
C LEU R 132 -21.39 36.13 18.14
N TRP R 133 -21.76 34.95 17.66
CA TRP R 133 -22.65 34.81 16.52
C TRP R 133 -23.42 33.51 16.71
N PRO R 134 -24.72 33.49 16.41
CA PRO R 134 -25.52 32.30 16.73
C PRO R 134 -25.21 31.14 15.81
N THR R 135 -24.91 29.99 16.42
CA THR R 135 -24.62 28.80 15.66
C THR R 135 -25.87 28.25 14.99
N ASN R 136 -26.89 27.93 15.78
CA ASN R 136 -28.18 27.58 15.22
C ASN R 136 -29.29 28.32 15.94
N VAL R 137 -30.33 28.65 15.18
CA VAL R 137 -31.47 29.38 15.67
C VAL R 137 -32.72 28.63 15.28
N GLY R 138 -33.55 28.31 16.27
CA GLY R 138 -34.87 27.83 15.96
C GLY R 138 -35.16 26.53 16.68
N GLU R 139 -35.57 25.54 15.88
CA GLU R 139 -36.33 24.39 16.35
C GLU R 139 -37.48 24.85 17.22
N LEU R 140 -38.41 25.58 16.63
CA LEU R 140 -39.54 26.08 17.38
C LEU R 140 -40.62 25.01 17.39
N GLN R 141 -41.23 24.79 18.54
CA GLN R 141 -42.23 23.76 18.70
C GLN R 141 -43.59 24.41 18.79
N LEU R 142 -44.49 24.04 17.88
CA LEU R 142 -45.84 24.57 17.88
C LEU R 142 -46.83 23.48 17.48
N ASP R 143 -47.90 23.34 18.24
CA ASP R 143 -48.83 22.23 18.10
C ASP R 143 -50.19 22.62 18.64
N TRP R 144 -51.24 21.95 18.15
CA TRP R 144 -52.57 22.18 18.68
C TRP R 144 -52.78 21.45 19.99
N ASP R 145 -51.89 20.52 20.32
CA ASP R 145 -52.13 19.69 21.49
C ASP R 145 -51.61 20.35 22.77
N SER R 146 -50.44 20.99 22.74
CA SER R 146 -49.96 21.68 23.91
C SER R 146 -50.79 22.94 24.13
N ASN R 147 -51.40 23.04 25.30
CA ASN R 147 -52.42 24.03 25.53
C ASN R 147 -51.94 25.19 26.40
N ASN R 148 -51.46 24.90 27.60
CA ASN R 148 -51.17 25.98 28.54
C ASN R 148 -49.73 26.43 28.49
N GLU R 149 -48.96 25.96 27.52
CA GLU R 149 -47.54 26.29 27.50
C GLU R 149 -47.33 27.65 26.87
N ILE R 150 -46.12 28.16 27.01
CA ILE R 150 -45.72 29.37 26.31
C ILE R 150 -44.86 28.99 25.11
N GLN R 151 -44.88 29.84 24.09
CA GLN R 151 -44.11 29.58 22.89
C GLN R 151 -42.68 30.06 23.08
N THR R 152 -41.74 29.12 23.10
CA THR R 152 -40.34 29.43 23.34
C THR R 152 -39.45 28.59 22.44
N PHE R 153 -38.19 28.98 22.36
CA PHE R 153 -37.23 28.31 21.51
C PHE R 153 -35.82 28.57 22.03
N GLU R 154 -34.89 27.72 21.64
CA GLU R 154 -33.52 27.77 22.14
C GLU R 154 -32.56 28.03 20.99
N VAL R 155 -31.59 28.91 21.23
CA VAL R 155 -30.55 29.22 20.27
C VAL R 155 -29.20 28.96 20.92
N THR R 156 -28.19 28.66 20.12
CA THR R 156 -26.84 28.46 20.61
C THR R 156 -25.94 29.48 19.92
N LEU R 157 -25.00 30.04 20.66
CA LEU R 157 -24.22 31.17 20.17
C LEU R 157 -22.73 30.87 20.35
N ALA R 158 -22.01 30.78 19.25
CA ALA R 158 -20.58 30.52 19.30
C ALA R 158 -19.84 31.72 19.89
N LEU R 159 -18.77 31.45 20.62
CA LEU R 159 -18.05 32.51 21.30
C LEU R 159 -16.55 32.29 21.18
N ASP R 160 -15.79 33.38 21.16
CA ASP R 160 -14.34 33.25 21.16
C ASP R 160 -13.78 33.11 22.56
N TYR R 161 -14.18 34.02 23.47
CA TYR R 161 -13.71 33.97 24.85
C TYR R 161 -14.68 34.72 25.75
N TRP R 162 -14.71 34.38 27.03
CA TRP R 162 -15.48 35.10 28.01
C TRP R 162 -14.60 35.47 29.18
N GLU R 163 -14.68 36.71 29.63
CA GLU R 163 -13.84 37.19 30.71
C GLU R 163 -14.38 36.72 32.05
#